data_2O6Y
#
_entry.id   2O6Y
#
_cell.length_a   87.925
_cell.length_b   155.626
_cell.length_c   164.352
_cell.angle_alpha   90.00
_cell.angle_beta   94.13
_cell.angle_gamma   90.00
#
_symmetry.space_group_name_H-M   'P 1 21 1'
#
loop_
_entity.id
_entity.type
_entity.pdbx_description
1 polymer 'Putative histidine ammonia-lyase'
2 water water
#
_entity_poly.entity_id   1
_entity_poly.type   'polypeptide(L)'
_entity_poly.pdbx_seq_one_letter_code
;MLAMSPPKPAVELDRHIDLDQAHAVASGGARIVLAPPARDRCRASEARLGAVIREARHVYGLTTGFGPLANRLISGENVR
TLQANLVHHLASGVGPVLDWTTARAMVLARLVSIAQGASGASEGTIARLIDLLNSELAPAVPSRGTVG(MDO)DLTPLAH
MVLCLQGRGDFLDRDGTRLDGAEGLRRGRLQPLDLSHRDALALVNGTSAMTGIALVNAHACRHLGNWAVALTALLAECLR
GRTEAWAAALSDLRPHPGQKDAAARLRARVDGSARVVRHVIAERRLDAGDIGTEPEAGQDAYSLRCAPQVLGAGFDTLAW
HDRVLTIELNAVTDNPVFPPDGSVPALHGGNFMGQHVALTSDALATAVTVLAGLAERQIARLTDERLNRGLPPFLHRGPA
GLNSGFMGAQVTATALLAEMRATGPASIHSISTNAANQDVVSLGTIAARLCREKIDRWAEILAILALCLAQAAELRCGSG
LDGVSPAGKKLVQALREQFPPLETDRPLGQEIAALATHLLQQSPV
;
_entity_poly.pdbx_strand_id   A,B,C,D,E,F,G,H
#
# COMPACT_ATOMS: atom_id res chain seq x y z
N PRO A 7 40.74 -20.11 52.41
CA PRO A 7 39.77 -19.02 52.69
C PRO A 7 39.37 -18.28 51.42
N LYS A 8 38.90 -19.03 50.43
CA LYS A 8 38.48 -18.51 49.14
C LYS A 8 38.39 -16.99 49.04
N PRO A 9 39.27 -16.38 48.24
CA PRO A 9 39.33 -14.92 48.05
C PRO A 9 37.98 -14.36 47.60
N ALA A 10 37.80 -13.06 47.76
CA ALA A 10 36.57 -12.41 47.38
C ALA A 10 36.82 -11.15 46.54
N VAL A 11 36.10 -11.03 45.43
CA VAL A 11 36.21 -9.87 44.56
C VAL A 11 34.99 -9.01 44.78
N GLU A 12 35.21 -7.79 45.28
CA GLU A 12 34.11 -6.87 45.53
C GLU A 12 33.90 -6.02 44.28
N LEU A 13 32.73 -6.18 43.69
CA LEU A 13 32.38 -5.45 42.48
C LEU A 13 31.64 -4.15 42.77
N ASP A 14 32.20 -3.05 42.30
CA ASP A 14 31.56 -1.74 42.45
C ASP A 14 31.33 -1.25 41.02
N ARG A 15 32.36 -0.68 40.42
CA ARG A 15 32.26 -0.19 39.05
C ARG A 15 33.26 -0.88 38.13
N HIS A 16 34.52 -0.94 38.56
CA HIS A 16 35.59 -1.52 37.74
C HIS A 16 36.21 -2.80 38.27
N ILE A 17 36.48 -3.72 37.35
CA ILE A 17 37.12 -4.99 37.68
C ILE A 17 38.14 -5.26 36.58
N ASP A 18 39.34 -5.71 36.94
CA ASP A 18 40.36 -5.98 35.94
C ASP A 18 40.23 -7.40 35.38
N LEU A 19 40.98 -7.68 34.32
CA LEU A 19 40.92 -8.99 33.69
C LEU A 19 41.30 -10.15 34.61
N ASP A 20 42.30 -9.94 35.47
CA ASP A 20 42.71 -11.00 36.39
C ASP A 20 41.61 -11.31 37.39
N GLN A 21 40.99 -10.27 37.95
CA GLN A 21 39.90 -10.46 38.91
C GLN A 21 38.74 -11.17 38.22
N ALA A 22 38.46 -10.77 36.99
CA ALA A 22 37.37 -11.37 36.24
C ALA A 22 37.60 -12.86 36.03
N HIS A 23 38.82 -13.23 35.66
CA HIS A 23 39.11 -14.64 35.45
C HIS A 23 39.09 -15.40 36.77
N ALA A 24 39.50 -14.74 37.84
CA ALA A 24 39.51 -15.38 39.16
C ALA A 24 38.08 -15.81 39.52
N VAL A 25 37.11 -14.95 39.24
CA VAL A 25 35.73 -15.26 39.53
C VAL A 25 35.19 -16.31 38.56
N ALA A 26 35.43 -16.09 37.26
CA ALA A 26 34.96 -17.02 36.24
C ALA A 26 35.49 -18.43 36.45
N SER A 27 36.73 -18.55 36.90
CA SER A 27 37.35 -19.85 37.12
C SER A 27 37.02 -20.44 38.49
N GLY A 28 36.25 -19.70 39.29
CA GLY A 28 35.88 -20.19 40.61
C GLY A 28 36.98 -20.06 41.65
N GLY A 29 38.04 -19.32 41.32
CA GLY A 29 39.13 -19.14 42.25
C GLY A 29 38.83 -18.06 43.27
N ALA A 30 37.75 -17.32 43.03
CA ALA A 30 37.35 -16.24 43.93
C ALA A 30 35.85 -16.06 43.92
N ARG A 31 35.30 -15.66 45.06
CA ARG A 31 33.88 -15.41 45.18
C ARG A 31 33.63 -13.99 44.69
N ILE A 32 32.38 -13.65 44.46
CA ILE A 32 32.06 -12.30 44.02
C ILE A 32 31.00 -11.69 44.93
N VAL A 33 31.22 -10.44 45.30
CA VAL A 33 30.28 -9.74 46.16
C VAL A 33 30.03 -8.36 45.58
N LEU A 34 28.78 -7.91 45.65
CA LEU A 34 28.42 -6.61 45.13
C LEU A 34 28.63 -5.57 46.22
N ALA A 35 29.44 -4.56 45.92
CA ALA A 35 29.73 -3.50 46.88
C ALA A 35 28.46 -2.71 47.19
N PRO A 36 28.38 -2.12 48.39
CA PRO A 36 27.21 -1.34 48.80
C PRO A 36 26.78 -0.29 47.76
N PRO A 37 27.72 0.53 47.27
CA PRO A 37 27.35 1.54 46.28
C PRO A 37 26.78 0.94 44.99
N ALA A 38 27.25 -0.25 44.63
CA ALA A 38 26.74 -0.91 43.42
C ALA A 38 25.32 -1.38 43.68
N ARG A 39 25.10 -1.95 44.85
CA ARG A 39 23.77 -2.43 45.22
C ARG A 39 22.79 -1.27 45.18
N ASP A 40 23.21 -0.11 45.67
CA ASP A 40 22.34 1.06 45.68
C ASP A 40 22.07 1.59 44.28
N ARG A 41 23.11 1.63 43.44
CA ARG A 41 22.93 2.10 42.07
C ARG A 41 21.94 1.20 41.37
N CYS A 42 22.06 -0.10 41.62
CA CYS A 42 21.16 -1.06 40.99
C CYS A 42 19.73 -0.93 41.49
N ARG A 43 19.55 -0.70 42.79
CA ARG A 43 18.21 -0.53 43.33
C ARG A 43 17.55 0.69 42.71
N ALA A 44 18.33 1.74 42.51
CA ALA A 44 17.81 2.97 41.92
C ALA A 44 17.38 2.71 40.47
N SER A 45 18.18 1.93 39.74
CA SER A 45 17.86 1.63 38.35
C SER A 45 16.61 0.76 38.28
N GLU A 46 16.49 -0.17 39.22
CA GLU A 46 15.33 -1.05 39.28
C GLU A 46 14.07 -0.19 39.39
N ALA A 47 14.16 0.84 40.23
CA ALA A 47 13.03 1.75 40.44
C ALA A 47 12.74 2.55 39.17
N ARG A 48 13.79 2.92 38.44
CA ARG A 48 13.61 3.67 37.20
C ARG A 48 12.87 2.84 36.17
N LEU A 49 13.18 1.55 36.11
CA LEU A 49 12.50 0.66 35.16
C LEU A 49 11.03 0.60 35.57
N GLY A 50 10.79 0.57 36.88
CA GLY A 50 9.43 0.52 37.37
C GLY A 50 8.65 1.76 36.96
N ALA A 51 9.30 2.91 37.00
CA ALA A 51 8.68 4.18 36.63
C ALA A 51 8.41 4.23 35.13
N VAL A 52 9.35 3.71 34.33
CA VAL A 52 9.18 3.70 32.88
C VAL A 52 7.95 2.89 32.50
N ILE A 53 7.73 1.77 33.19
CA ILE A 53 6.60 0.90 32.94
C ILE A 53 5.31 1.57 33.43
N ARG A 54 5.39 2.15 34.62
CA ARG A 54 4.27 2.84 35.24
C ARG A 54 3.78 4.00 34.38
N GLU A 55 4.71 4.71 33.76
CA GLU A 55 4.39 5.87 32.92
C GLU A 55 4.10 5.51 31.47
N ALA A 56 4.18 4.22 31.14
CA ALA A 56 3.90 3.75 29.77
C ALA A 56 4.79 4.41 28.73
N ARG A 57 6.07 4.56 29.04
CA ARG A 57 7.00 5.18 28.10
C ARG A 57 7.24 4.24 26.92
N HIS A 58 7.42 4.81 25.73
CA HIS A 58 7.68 4.03 24.53
C HIS A 58 9.10 3.48 24.63
N VAL A 59 9.23 2.22 25.03
CA VAL A 59 10.54 1.61 25.19
C VAL A 59 10.63 0.22 24.58
N TYR A 60 11.72 -0.02 23.86
CA TYR A 60 11.97 -1.31 23.20
C TYR A 60 11.94 -2.46 24.21
N GLY A 61 11.09 -3.46 23.94
CA GLY A 61 11.01 -4.62 24.83
C GLY A 61 10.05 -4.51 25.98
N LEU A 62 9.52 -3.31 26.21
CA LEU A 62 8.57 -3.08 27.29
C LEU A 62 7.21 -2.72 26.70
N THR A 63 7.22 -2.01 25.59
CA THR A 63 5.98 -1.61 24.92
C THR A 63 6.08 -1.82 23.42
N THR A 64 7.05 -2.63 22.98
CA THR A 64 7.22 -2.90 21.55
C THR A 64 7.68 -4.32 21.29
N GLY A 65 7.50 -4.77 20.04
CA GLY A 65 7.96 -6.09 19.65
C GLY A 65 9.46 -6.01 19.47
N PHE A 66 10.08 -7.07 18.95
CA PHE A 66 11.52 -7.09 18.78
C PHE A 66 11.98 -7.03 17.33
N GLY A 67 13.20 -6.53 17.12
CA GLY A 67 13.74 -6.42 15.78
C GLY A 67 12.82 -5.56 14.93
N PRO A 68 12.56 -5.96 13.68
CA PRO A 68 11.69 -5.20 12.76
C PRO A 68 10.24 -5.16 13.26
N LEU A 69 9.93 -6.04 14.22
CA LEU A 69 8.58 -6.11 14.77
C LEU A 69 8.36 -5.07 15.86
N ALA A 70 9.36 -4.23 16.09
CA ALA A 70 9.28 -3.19 17.10
C ALA A 70 8.21 -2.15 16.73
N ASN A 71 7.76 -2.18 15.48
CA ASN A 71 6.74 -1.23 15.05
C ASN A 71 5.37 -1.65 15.58
N ARG A 72 5.32 -2.85 16.16
CA ARG A 72 4.08 -3.35 16.76
C ARG A 72 4.13 -2.96 18.23
N LEU A 73 3.29 -2.03 18.64
CA LEU A 73 3.28 -1.61 20.04
C LEU A 73 2.49 -2.58 20.89
N ILE A 74 2.98 -2.83 22.11
CA ILE A 74 2.36 -3.78 23.03
C ILE A 74 1.76 -3.17 24.29
N SER A 75 0.59 -3.66 24.68
CA SER A 75 -0.08 -3.16 25.87
C SER A 75 0.56 -3.77 27.13
N GLY A 76 0.57 -3.01 28.21
CA GLY A 76 1.16 -3.48 29.45
C GLY A 76 0.74 -4.84 29.97
N GLU A 77 -0.51 -5.22 29.74
CA GLU A 77 -0.97 -6.51 30.23
C GLU A 77 -0.39 -7.72 29.50
N ASN A 78 0.32 -7.47 28.40
CA ASN A 78 0.91 -8.56 27.63
C ASN A 78 2.43 -8.62 27.69
N VAL A 79 3.04 -7.80 28.55
CA VAL A 79 4.49 -7.75 28.66
C VAL A 79 5.13 -9.05 29.17
N ARG A 80 4.51 -9.70 30.15
CA ARG A 80 5.05 -10.96 30.66
C ARG A 80 5.19 -11.96 29.51
N THR A 81 4.14 -12.03 28.68
CA THR A 81 4.16 -12.93 27.52
C THR A 81 5.19 -12.47 26.49
N LEU A 82 5.27 -11.16 26.28
CA LEU A 82 6.20 -10.58 25.34
C LEU A 82 7.64 -10.99 25.65
N GLN A 83 8.04 -10.82 26.91
CA GLN A 83 9.41 -11.16 27.30
C GLN A 83 9.65 -12.66 27.39
N ALA A 84 8.60 -13.43 27.67
CA ALA A 84 8.74 -14.87 27.75
C ALA A 84 9.05 -15.41 26.35
N ASN A 85 8.35 -14.89 25.35
CA ASN A 85 8.58 -15.34 23.98
C ASN A 85 9.88 -14.81 23.40
N LEU A 86 10.39 -13.73 23.99
CA LEU A 86 11.67 -13.16 23.56
C LEU A 86 12.73 -14.24 23.83
N VAL A 87 12.73 -14.76 25.04
CA VAL A 87 13.67 -15.79 25.43
C VAL A 87 13.46 -17.03 24.56
N HIS A 88 12.19 -17.33 24.29
CA HIS A 88 11.84 -18.48 23.49
C HIS A 88 12.35 -18.44 22.05
N HIS A 89 12.02 -17.37 21.31
CA HIS A 89 12.45 -17.31 19.92
C HIS A 89 13.96 -17.20 19.75
N LEU A 90 14.65 -16.70 20.76
CA LEU A 90 16.09 -16.54 20.69
C LEU A 90 16.88 -17.81 21.01
N ALA A 91 16.23 -18.76 21.67
CA ALA A 91 16.91 -20.01 22.06
C ALA A 91 17.04 -21.00 20.89
N SER A 92 17.68 -20.55 19.82
CA SER A 92 17.88 -21.37 18.64
C SER A 92 19.34 -21.78 18.48
N GLY A 93 20.11 -21.69 19.56
CA GLY A 93 21.53 -22.04 19.49
C GLY A 93 21.84 -23.51 19.26
N VAL A 94 22.99 -23.77 18.64
CA VAL A 94 23.43 -25.14 18.36
C VAL A 94 24.94 -25.23 18.58
N GLY A 95 25.46 -26.46 18.49
CA GLY A 95 26.89 -26.65 18.65
C GLY A 95 27.30 -27.02 20.06
N PRO A 96 28.58 -27.39 20.24
CA PRO A 96 29.05 -27.76 21.58
C PRO A 96 28.87 -26.61 22.55
N VAL A 97 28.60 -26.93 23.81
CA VAL A 97 28.40 -25.88 24.80
C VAL A 97 29.71 -25.18 25.14
N LEU A 98 29.61 -23.95 25.62
CA LEU A 98 30.78 -23.19 26.02
C LEU A 98 31.32 -23.92 27.24
N ASP A 99 32.65 -23.94 27.42
CA ASP A 99 33.19 -24.64 28.58
C ASP A 99 32.80 -23.93 29.87
N TRP A 100 32.90 -24.66 30.97
CA TRP A 100 32.55 -24.17 32.30
C TRP A 100 33.03 -22.75 32.60
N THR A 101 34.33 -22.52 32.47
CA THR A 101 34.90 -21.20 32.76
C THR A 101 34.36 -20.10 31.86
N THR A 102 34.28 -20.38 30.56
CA THR A 102 33.80 -19.39 29.60
C THR A 102 32.32 -19.03 29.80
N ALA A 103 31.49 -20.03 30.07
CA ALA A 103 30.08 -19.79 30.30
C ALA A 103 29.92 -18.92 31.54
N ARG A 104 30.73 -19.16 32.56
CA ARG A 104 30.66 -18.37 33.78
C ARG A 104 31.20 -16.97 33.51
N ALA A 105 32.18 -16.85 32.61
CA ALA A 105 32.74 -15.56 32.26
C ALA A 105 31.64 -14.71 31.59
N MET A 106 30.76 -15.37 30.84
CA MET A 106 29.66 -14.69 30.16
C MET A 106 28.70 -14.14 31.21
N VAL A 107 28.37 -14.96 32.20
CA VAL A 107 27.46 -14.55 33.27
C VAL A 107 28.05 -13.34 33.98
N LEU A 108 29.36 -13.40 34.25
CA LEU A 108 30.05 -12.31 34.91
C LEU A 108 30.02 -11.03 34.08
N ALA A 109 30.24 -11.16 32.77
CA ALA A 109 30.24 -9.99 31.90
C ALA A 109 28.88 -9.27 31.97
N ARG A 110 27.80 -10.04 31.97
CA ARG A 110 26.47 -9.44 32.04
C ARG A 110 26.30 -8.75 33.40
N LEU A 111 26.76 -9.39 34.47
CA LEU A 111 26.66 -8.84 35.82
C LEU A 111 27.42 -7.52 35.95
N VAL A 112 28.62 -7.45 35.40
CA VAL A 112 29.42 -6.23 35.48
C VAL A 112 28.71 -5.08 34.78
N SER A 113 28.04 -5.36 33.65
CA SER A 113 27.33 -4.32 32.94
C SER A 113 26.19 -3.82 33.83
N ILE A 114 25.43 -4.77 34.37
CA ILE A 114 24.30 -4.46 35.25
C ILE A 114 24.72 -3.64 36.46
N ALA A 115 25.90 -3.94 37.00
CA ALA A 115 26.41 -3.26 38.18
C ALA A 115 26.63 -1.76 37.98
N GLN A 116 26.66 -1.30 36.73
CA GLN A 116 26.86 0.11 36.46
C GLN A 116 25.58 0.91 36.77
N GLY A 117 24.49 0.19 36.99
CA GLY A 117 23.23 0.82 37.35
C GLY A 117 22.43 1.51 36.25
N ALA A 118 22.39 0.90 35.07
CA ALA A 118 21.64 1.48 33.96
C ALA A 118 20.80 0.43 33.23
N SER A 119 20.71 -0.77 33.81
CA SER A 119 19.97 -1.87 33.18
C SER A 119 18.59 -2.18 33.74
N GLY A 120 18.28 -1.67 34.92
CA GLY A 120 16.97 -1.91 35.52
C GLY A 120 16.75 -3.28 36.14
N ALA A 121 17.80 -4.09 36.23
CA ALA A 121 17.70 -5.43 36.80
C ALA A 121 17.25 -5.41 38.27
N SER A 122 16.33 -6.29 38.62
CA SER A 122 15.83 -6.37 39.99
C SER A 122 16.86 -7.04 40.90
N GLU A 123 16.73 -6.84 42.21
CA GLU A 123 17.65 -7.44 43.16
C GLU A 123 17.71 -8.96 43.00
N GLY A 124 16.55 -9.58 42.75
CA GLY A 124 16.51 -11.02 42.60
C GLY A 124 17.30 -11.49 41.40
N THR A 125 17.16 -10.79 40.28
CA THR A 125 17.87 -11.14 39.06
C THR A 125 19.37 -11.08 39.29
N ILE A 126 19.83 -10.01 39.93
CA ILE A 126 21.25 -9.83 40.23
C ILE A 126 21.70 -10.96 41.15
N ALA A 127 20.86 -11.30 42.12
CA ALA A 127 21.18 -12.37 43.06
C ALA A 127 21.35 -13.71 42.37
N ARG A 128 20.56 -13.96 41.33
CA ARG A 128 20.65 -15.22 40.60
C ARG A 128 21.99 -15.34 39.88
N LEU A 129 22.51 -14.21 39.40
CA LEU A 129 23.79 -14.20 38.70
C LEU A 129 24.93 -14.38 39.70
N ILE A 130 24.83 -13.70 40.83
CA ILE A 130 25.84 -13.80 41.87
C ILE A 130 25.87 -15.22 42.43
N ASP A 131 24.69 -15.77 42.70
CA ASP A 131 24.60 -17.14 43.23
C ASP A 131 25.26 -18.13 42.29
N LEU A 132 25.05 -17.99 40.98
CA LEU A 132 25.64 -18.90 40.00
C LEU A 132 27.16 -18.81 40.07
N LEU A 133 27.69 -17.59 40.08
CA LEU A 133 29.13 -17.39 40.12
C LEU A 133 29.77 -17.89 41.40
N ASN A 134 29.04 -17.85 42.50
CA ASN A 134 29.58 -18.33 43.76
C ASN A 134 29.39 -19.82 43.94
N SER A 135 28.72 -20.45 42.97
CA SER A 135 28.48 -21.88 43.01
C SER A 135 29.58 -22.57 42.21
N GLU A 136 29.53 -23.90 42.14
CA GLU A 136 30.52 -24.67 41.40
C GLU A 136 29.98 -25.01 40.01
N LEU A 137 28.88 -24.37 39.62
CA LEU A 137 28.25 -24.66 38.34
C LEU A 137 28.36 -23.56 37.30
N ALA A 138 27.95 -23.90 36.08
CA ALA A 138 27.94 -22.98 34.96
C ALA A 138 26.75 -23.38 34.09
N PRO A 139 26.10 -22.41 33.45
CA PRO A 139 24.96 -22.79 32.60
C PRO A 139 25.52 -23.50 31.35
N ALA A 140 24.76 -24.46 30.82
CA ALA A 140 25.19 -25.17 29.62
C ALA A 140 24.55 -24.44 28.45
N VAL A 141 25.37 -23.67 27.72
CA VAL A 141 24.85 -22.91 26.60
C VAL A 141 25.53 -23.24 25.28
N PRO A 142 24.75 -23.43 24.21
CA PRO A 142 25.34 -23.74 22.91
C PRO A 142 26.27 -22.61 22.46
N SER A 143 27.36 -22.97 21.82
CA SER A 143 28.33 -21.98 21.38
C SER A 143 28.01 -21.20 20.12
N ARG A 144 27.17 -21.77 19.24
CA ARG A 144 26.84 -21.11 17.99
C ARG A 144 25.41 -20.58 17.90
N GLY A 145 25.21 -19.59 17.05
CA GLY A 145 23.89 -19.03 16.85
C GLY A 145 23.82 -17.52 16.80
N THR A 146 24.72 -16.85 17.50
CA THR A 146 24.73 -15.39 17.54
C THR A 146 25.63 -14.72 16.51
N VAL A 147 25.21 -13.53 16.06
CA VAL A 147 26.00 -12.77 15.10
C VAL A 147 26.67 -11.60 15.85
N GLY A 148 26.58 -11.64 17.17
CA GLY A 148 27.21 -10.62 18.00
C GLY A 148 26.66 -9.22 17.88
N ASP A 150 24.93 -10.58 21.88
CA ASP A 150 24.95 -12.04 22.11
C ASP A 150 23.64 -12.57 22.68
N LEU A 151 22.54 -12.28 22.00
CA LEU A 151 21.22 -12.69 22.49
C LEU A 151 20.95 -14.19 22.58
N THR A 152 21.36 -14.95 21.58
CA THR A 152 21.09 -16.40 21.60
C THR A 152 21.71 -17.11 22.82
N PRO A 153 23.03 -16.99 23.03
CA PRO A 153 23.59 -17.67 24.19
C PRO A 153 23.03 -17.19 25.54
N LEU A 154 22.73 -15.89 25.62
CA LEU A 154 22.17 -15.34 26.85
C LEU A 154 20.74 -15.82 27.08
N ALA A 155 20.00 -16.07 26.01
CA ALA A 155 18.63 -16.57 26.13
C ALA A 155 18.71 -17.98 26.71
N HIS A 156 19.68 -18.75 26.23
CA HIS A 156 19.86 -20.10 26.72
C HIS A 156 20.26 -20.05 28.19
N MET A 157 21.04 -19.03 28.57
CA MET A 157 21.47 -18.86 29.95
C MET A 157 20.23 -18.63 30.82
N VAL A 158 19.32 -17.79 30.36
CA VAL A 158 18.10 -17.50 31.10
C VAL A 158 17.32 -18.79 31.35
N LEU A 159 17.15 -19.60 30.32
CA LEU A 159 16.42 -20.85 30.46
C LEU A 159 17.10 -21.73 31.51
N CYS A 160 18.43 -21.79 31.47
CA CYS A 160 19.17 -22.60 32.44
C CYS A 160 18.91 -22.11 33.85
N LEU A 161 19.00 -20.81 34.06
CA LEU A 161 18.78 -20.23 35.39
C LEU A 161 17.36 -20.42 35.90
N GLN A 162 16.43 -20.71 35.01
CA GLN A 162 15.04 -20.93 35.39
C GLN A 162 14.80 -22.42 35.64
N GLY A 163 15.84 -23.21 35.42
CA GLY A 163 15.75 -24.64 35.62
C GLY A 163 15.21 -25.36 34.39
N ARG A 164 15.19 -24.65 33.26
CA ARG A 164 14.69 -25.20 32.01
C ARG A 164 15.83 -25.46 31.02
N GLY A 165 17.04 -25.58 31.55
CA GLY A 165 18.20 -25.83 30.73
C GLY A 165 19.25 -26.53 31.57
N ASP A 166 20.19 -27.22 30.93
CA ASP A 166 21.25 -27.94 31.64
C ASP A 166 22.31 -27.05 32.28
N PHE A 167 23.06 -27.65 33.19
CA PHE A 167 24.16 -26.99 33.88
C PHE A 167 25.41 -27.84 33.70
N LEU A 168 26.56 -27.27 33.96
CA LEU A 168 27.83 -27.99 33.84
C LEU A 168 28.61 -27.89 35.14
N ASP A 169 29.28 -28.98 35.52
CA ASP A 169 30.10 -28.95 36.72
C ASP A 169 31.51 -28.62 36.22
N ARG A 170 32.46 -28.44 37.12
CA ARG A 170 33.82 -28.11 36.71
C ARG A 170 34.42 -29.05 35.67
N ASP A 171 33.97 -30.30 35.67
CA ASP A 171 34.49 -31.29 34.72
C ASP A 171 33.75 -31.35 33.38
N GLY A 172 32.73 -30.53 33.23
CA GLY A 172 31.98 -30.52 31.98
C GLY A 172 30.83 -31.50 31.95
N THR A 173 30.66 -32.28 33.02
CA THR A 173 29.56 -33.24 33.07
C THR A 173 28.27 -32.45 33.17
N ARG A 174 27.28 -32.82 32.38
CA ARG A 174 26.01 -32.10 32.37
C ARG A 174 24.96 -32.58 33.35
N LEU A 175 24.27 -31.61 33.96
CA LEU A 175 23.20 -31.85 34.92
C LEU A 175 21.94 -31.21 34.34
N ASP A 176 20.78 -31.82 34.59
CA ASP A 176 19.55 -31.22 34.07
C ASP A 176 19.20 -30.00 34.92
N GLY A 177 18.24 -29.22 34.45
CA GLY A 177 17.84 -28.01 35.17
C GLY A 177 17.58 -28.18 36.65
N ALA A 178 16.72 -29.14 37.00
CA ALA A 178 16.38 -29.39 38.40
C ALA A 178 17.60 -29.74 39.25
N GLU A 179 18.43 -30.63 38.74
CA GLU A 179 19.63 -31.05 39.47
C GLU A 179 20.59 -29.89 39.67
N GLY A 180 20.69 -29.02 38.67
CA GLY A 180 21.57 -27.87 38.77
C GLY A 180 21.14 -26.93 39.90
N LEU A 181 19.86 -26.59 39.91
CA LEU A 181 19.34 -25.70 40.94
C LEU A 181 19.52 -26.34 42.32
N ARG A 182 19.34 -27.66 42.37
CA ARG A 182 19.47 -28.40 43.62
C ARG A 182 20.91 -28.45 44.12
N ARG A 183 21.79 -29.04 43.31
CA ARG A 183 23.20 -29.17 43.67
C ARG A 183 23.87 -27.85 43.95
N GLY A 184 23.49 -26.81 43.20
CA GLY A 184 24.10 -25.51 43.41
C GLY A 184 23.37 -24.67 44.43
N ARG A 185 22.27 -25.20 44.96
CA ARG A 185 21.46 -24.50 45.95
C ARG A 185 21.12 -23.13 45.38
N LEU A 186 20.53 -23.14 44.19
CA LEU A 186 20.14 -21.92 43.51
C LEU A 186 18.63 -21.78 43.48
N GLN A 187 18.17 -20.54 43.38
CA GLN A 187 16.74 -20.25 43.31
C GLN A 187 16.41 -20.09 41.83
N PRO A 188 15.22 -20.52 41.40
CA PRO A 188 14.87 -20.38 39.98
C PRO A 188 14.70 -18.90 39.63
N LEU A 189 15.24 -18.50 38.49
CA LEU A 189 15.15 -17.12 38.03
C LEU A 189 13.71 -16.69 37.77
N ASP A 190 13.31 -15.57 38.38
CA ASP A 190 11.97 -15.02 38.23
C ASP A 190 12.05 -13.67 37.53
N LEU A 191 11.45 -13.56 36.35
CA LEU A 191 11.48 -12.31 35.59
C LEU A 191 10.17 -11.53 35.69
N SER A 192 9.48 -11.66 36.82
CA SER A 192 8.21 -10.96 37.03
C SER A 192 8.30 -9.44 36.99
N HIS A 193 9.49 -8.90 37.24
CA HIS A 193 9.68 -7.45 37.23
C HIS A 193 9.82 -6.90 35.82
N ARG A 194 9.73 -7.77 34.82
CA ARG A 194 9.85 -7.37 33.42
C ARG A 194 11.25 -6.86 33.09
N ASP A 195 12.25 -7.45 33.72
CA ASP A 195 13.64 -7.07 33.51
C ASP A 195 14.42 -8.09 32.69
N ALA A 196 13.73 -8.78 31.80
CA ALA A 196 14.36 -9.79 30.95
C ALA A 196 15.46 -9.20 30.07
N LEU A 197 15.27 -7.95 29.63
CA LEU A 197 16.25 -7.32 28.76
C LEU A 197 17.55 -6.99 29.48
N ALA A 198 17.56 -7.16 30.80
CA ALA A 198 18.78 -6.90 31.56
C ALA A 198 19.67 -8.14 31.46
N LEU A 199 19.08 -9.27 31.10
CA LEU A 199 19.82 -10.52 30.97
C LEU A 199 20.14 -10.89 29.53
N VAL A 200 19.20 -10.60 28.63
CA VAL A 200 19.37 -10.89 27.21
C VAL A 200 19.73 -9.56 26.56
N ASN A 201 21.03 -9.25 26.59
CA ASN A 201 21.49 -7.98 26.06
C ASN A 201 23.01 -7.92 26.04
N GLY A 202 23.54 -6.93 25.32
CA GLY A 202 24.98 -6.71 25.29
C GLY A 202 25.88 -7.71 24.60
N THR A 203 27.16 -7.60 24.92
CA THR A 203 28.20 -8.44 24.32
C THR A 203 28.83 -9.40 25.32
N SER A 204 28.02 -9.86 26.27
CA SER A 204 28.50 -10.75 27.33
C SER A 204 29.22 -12.03 26.93
N ALA A 205 28.73 -12.70 25.89
CA ALA A 205 29.37 -13.96 25.48
C ALA A 205 30.75 -13.75 24.86
N MET A 206 30.84 -12.85 23.87
CA MET A 206 32.13 -12.62 23.24
C MET A 206 33.13 -12.06 24.25
N THR A 207 32.64 -11.23 25.17
CA THR A 207 33.50 -10.64 26.20
C THR A 207 33.99 -11.72 27.16
N GLY A 208 33.11 -12.65 27.52
CA GLY A 208 33.51 -13.72 28.41
C GLY A 208 34.55 -14.61 27.74
N ILE A 209 34.30 -14.96 26.49
CA ILE A 209 35.24 -15.78 25.74
C ILE A 209 36.58 -15.08 25.62
N ALA A 210 36.56 -13.78 25.31
CA ALA A 210 37.79 -13.02 25.15
C ALA A 210 38.59 -12.85 26.44
N LEU A 211 37.91 -12.72 27.58
CA LEU A 211 38.66 -12.56 28.82
C LEU A 211 39.38 -13.85 29.19
N VAL A 212 38.81 -14.99 28.79
CA VAL A 212 39.46 -16.28 29.04
C VAL A 212 40.64 -16.38 28.07
N ASN A 213 40.46 -15.86 26.85
CA ASN A 213 41.55 -15.88 25.88
C ASN A 213 42.72 -15.05 26.41
N ALA A 214 42.41 -13.89 26.98
CA ALA A 214 43.43 -13.00 27.51
C ALA A 214 44.27 -13.68 28.58
N HIS A 215 43.61 -14.39 29.48
CA HIS A 215 44.30 -15.09 30.56
C HIS A 215 45.21 -16.19 30.02
N ALA A 216 44.66 -16.98 29.10
CA ALA A 216 45.41 -18.07 28.50
C ALA A 216 46.65 -17.56 27.76
N CYS A 217 46.49 -16.46 27.03
CA CYS A 217 47.60 -15.91 26.28
C CYS A 217 48.71 -15.37 27.17
N ARG A 218 48.37 -14.92 28.37
CA ARG A 218 49.39 -14.42 29.27
C ARG A 218 50.30 -15.58 29.65
N HIS A 219 49.70 -16.70 30.01
CA HIS A 219 50.49 -17.87 30.38
C HIS A 219 51.26 -18.44 29.21
N LEU A 220 50.63 -18.55 28.04
CA LEU A 220 51.34 -19.09 26.89
C LEU A 220 52.49 -18.17 26.48
N GLY A 221 52.30 -16.87 26.67
CA GLY A 221 53.37 -15.93 26.34
C GLY A 221 54.55 -16.16 27.26
N ASN A 222 54.28 -16.49 28.52
CA ASN A 222 55.36 -16.75 29.46
C ASN A 222 56.10 -18.01 29.06
N TRP A 223 55.36 -19.01 28.60
CA TRP A 223 55.99 -20.25 28.15
C TRP A 223 56.80 -19.99 26.88
N ALA A 224 56.25 -19.18 25.97
CA ALA A 224 56.95 -18.87 24.73
C ALA A 224 58.32 -18.26 25.04
N VAL A 225 58.36 -17.36 26.03
CA VAL A 225 59.59 -16.73 26.44
C VAL A 225 60.51 -17.74 27.13
N ALA A 226 59.95 -18.49 28.07
CA ALA A 226 60.72 -19.48 28.82
C ALA A 226 61.35 -20.54 27.92
N LEU A 227 60.60 -20.99 26.92
CA LEU A 227 61.12 -22.01 26.02
C LEU A 227 62.13 -21.46 25.02
N THR A 228 61.98 -20.20 24.63
CA THR A 228 62.94 -19.58 23.72
C THR A 228 64.27 -19.49 24.45
N ALA A 229 64.21 -19.13 25.73
CA ALA A 229 65.40 -19.01 26.56
C ALA A 229 66.10 -20.35 26.72
N LEU A 230 65.31 -21.39 27.01
CA LEU A 230 65.88 -22.72 27.18
C LEU A 230 66.46 -23.20 25.85
N LEU A 231 65.84 -22.80 24.75
CA LEU A 231 66.33 -23.19 23.44
C LEU A 231 67.74 -22.62 23.26
N ALA A 232 67.96 -21.40 23.71
CA ALA A 232 69.27 -20.77 23.60
C ALA A 232 70.29 -21.55 24.41
N GLU A 233 69.88 -22.07 25.57
CA GLU A 233 70.79 -22.83 26.41
C GLU A 233 71.12 -24.19 25.82
N CYS A 234 70.28 -24.67 24.90
CA CYS A 234 70.51 -25.96 24.27
C CYS A 234 71.29 -25.86 22.95
N LEU A 235 71.32 -24.66 22.38
CA LEU A 235 72.00 -24.44 21.10
C LEU A 235 73.11 -23.38 21.17
N ARG A 236 73.61 -23.10 22.38
CA ARG A 236 74.65 -22.09 22.55
C ARG A 236 74.22 -20.76 21.93
N GLY A 237 73.00 -20.35 22.21
CA GLY A 237 72.48 -19.10 21.66
C GLY A 237 73.24 -17.87 22.13
N ARG A 238 73.26 -16.84 21.29
CA ARG A 238 73.94 -15.59 21.60
C ARG A 238 73.00 -14.61 22.28
N THR A 239 73.38 -14.14 23.46
CA THR A 239 72.55 -13.21 24.21
C THR A 239 72.66 -11.75 23.79
N GLU A 240 73.67 -11.39 23.00
CA GLU A 240 73.79 -9.99 22.61
C GLU A 240 72.60 -9.51 21.80
N ALA A 241 71.93 -10.44 21.12
CA ALA A 241 70.76 -10.09 20.31
C ALA A 241 69.60 -9.67 21.21
N TRP A 242 69.68 -10.05 22.49
CA TRP A 242 68.63 -9.71 23.44
C TRP A 242 68.99 -8.54 24.35
N ALA A 243 70.07 -7.85 24.00
CA ALA A 243 70.56 -6.71 24.77
C ALA A 243 69.54 -5.58 24.88
N ALA A 244 69.52 -4.92 26.04
CA ALA A 244 68.60 -3.81 26.28
C ALA A 244 68.86 -2.66 25.32
N ALA A 245 70.11 -2.50 24.91
CA ALA A 245 70.47 -1.42 23.99
C ALA A 245 69.67 -1.48 22.69
N LEU A 246 69.40 -2.70 22.21
CA LEU A 246 68.63 -2.87 20.99
C LEU A 246 67.18 -2.45 21.19
N SER A 247 66.64 -2.77 22.37
CA SER A 247 65.27 -2.42 22.70
C SER A 247 65.13 -0.89 22.71
N ASP A 248 66.13 -0.22 23.29
CA ASP A 248 66.09 1.23 23.37
C ASP A 248 66.13 1.90 22.01
N LEU A 249 66.80 1.25 21.04
CA LEU A 249 66.90 1.80 19.70
C LEU A 249 65.59 1.66 18.92
N ARG A 250 64.77 0.68 19.30
CA ARG A 250 63.48 0.43 18.66
C ARG A 250 62.52 0.17 19.82
N PRO A 251 62.14 1.25 20.53
CA PRO A 251 61.27 1.27 21.72
C PRO A 251 59.83 0.76 21.74
N HIS A 252 59.56 -0.37 21.08
CA HIS A 252 58.21 -0.93 21.15
C HIS A 252 58.12 -1.57 22.54
N PRO A 253 57.12 -1.21 23.35
CA PRO A 253 56.98 -1.76 24.70
C PRO A 253 57.04 -3.29 24.79
N GLY A 254 56.30 -3.96 23.90
CA GLY A 254 56.29 -5.40 23.90
C GLY A 254 57.65 -6.01 23.63
N GLN A 255 58.43 -5.37 22.77
CA GLN A 255 59.75 -5.87 22.43
C GLN A 255 60.70 -5.67 23.61
N LYS A 256 60.62 -4.49 24.22
CA LYS A 256 61.46 -4.17 25.37
C LYS A 256 61.22 -5.20 26.46
N ASP A 257 59.94 -5.49 26.71
CA ASP A 257 59.53 -6.46 27.73
C ASP A 257 60.02 -7.87 27.36
N ALA A 258 59.80 -8.28 26.12
CA ALA A 258 60.22 -9.60 25.67
C ALA A 258 61.72 -9.81 25.86
N ALA A 259 62.51 -8.83 25.46
CA ALA A 259 63.96 -8.92 25.59
C ALA A 259 64.38 -9.02 27.06
N ALA A 260 63.78 -8.16 27.89
CA ALA A 260 64.09 -8.16 29.32
C ALA A 260 63.76 -9.50 29.95
N ARG A 261 62.60 -10.06 29.60
CA ARG A 261 62.19 -11.34 30.14
C ARG A 261 63.10 -12.48 29.67
N LEU A 262 63.56 -12.39 28.42
CA LEU A 262 64.45 -13.41 27.89
C LEU A 262 65.78 -13.37 28.64
N ARG A 263 66.31 -12.17 28.85
CA ARG A 263 67.58 -12.02 29.57
C ARG A 263 67.47 -12.59 30.98
N ALA A 264 66.34 -12.34 31.63
CA ALA A 264 66.12 -12.82 32.99
C ALA A 264 66.08 -14.35 33.04
N ARG A 265 65.49 -14.96 32.02
CA ARG A 265 65.40 -16.43 31.98
C ARG A 265 66.76 -17.10 31.92
N VAL A 266 67.69 -16.53 31.16
CA VAL A 266 69.02 -17.11 31.02
C VAL A 266 70.06 -16.57 32.00
N ASP A 267 69.61 -15.75 32.96
CA ASP A 267 70.54 -15.21 33.94
C ASP A 267 71.15 -16.38 34.71
N GLY A 268 72.46 -16.39 34.84
CA GLY A 268 73.13 -17.47 35.56
C GLY A 268 73.51 -18.65 34.69
N SER A 269 73.13 -18.60 33.42
CA SER A 269 73.45 -19.68 32.50
C SER A 269 74.89 -19.62 32.02
N ALA A 270 75.52 -20.79 31.91
CA ALA A 270 76.89 -20.90 31.42
C ALA A 270 76.85 -21.61 30.07
N ARG A 271 75.63 -21.86 29.59
CA ARG A 271 75.42 -22.54 28.32
C ARG A 271 75.18 -21.60 27.14
N VAL A 272 74.94 -20.33 27.43
CA VAL A 272 74.70 -19.35 26.37
C VAL A 272 75.99 -18.59 26.08
N VAL A 273 76.08 -18.02 24.88
CA VAL A 273 77.25 -17.24 24.48
C VAL A 273 76.93 -15.77 24.75
N ARG A 274 77.70 -15.15 25.64
CA ARG A 274 77.46 -13.74 25.99
C ARG A 274 78.43 -12.76 25.36
N HIS A 275 79.47 -13.26 24.70
CA HIS A 275 80.45 -12.38 24.08
C HIS A 275 79.85 -11.58 22.93
N VAL A 276 80.15 -10.28 22.91
CA VAL A 276 79.68 -9.39 21.84
C VAL A 276 80.71 -9.55 20.73
N ILE A 277 80.29 -10.07 19.58
CA ILE A 277 81.22 -10.30 18.48
C ILE A 277 82.04 -9.09 18.02
N ALA A 278 81.44 -7.90 18.04
CA ALA A 278 82.14 -6.70 17.59
C ALA A 278 83.32 -6.30 18.47
N GLU A 279 83.45 -6.93 19.63
CA GLU A 279 84.56 -6.62 20.54
C GLU A 279 85.85 -7.20 19.99
N ARG A 280 85.73 -8.31 19.28
CA ARG A 280 86.86 -9.02 18.69
C ARG A 280 87.52 -8.27 17.53
N ARG A 281 88.85 -8.19 17.57
CA ARG A 281 89.61 -7.52 16.51
C ARG A 281 90.21 -8.64 15.66
N LEU A 282 89.99 -8.57 14.35
CA LEU A 282 90.48 -9.60 13.44
C LEU A 282 91.84 -9.31 12.83
N ASP A 283 92.63 -10.37 12.62
CA ASP A 283 93.95 -10.24 12.00
C ASP A 283 93.95 -10.92 10.64
N ALA A 284 95.12 -10.99 10.01
CA ALA A 284 95.27 -11.60 8.70
C ALA A 284 94.95 -13.10 8.68
N GLY A 285 95.39 -13.80 9.72
CA GLY A 285 95.16 -15.24 9.79
C GLY A 285 93.74 -15.67 10.12
N ASP A 286 92.84 -14.71 10.29
CA ASP A 286 91.45 -15.03 10.62
C ASP A 286 90.58 -15.18 9.37
N ILE A 287 90.93 -14.47 8.31
CA ILE A 287 90.16 -14.52 7.07
C ILE A 287 89.99 -15.94 6.56
N GLY A 288 88.74 -16.33 6.33
CA GLY A 288 88.44 -17.67 5.85
C GLY A 288 87.02 -18.05 6.20
N THR A 289 86.77 -19.35 6.30
CA THR A 289 85.43 -19.83 6.64
C THR A 289 85.40 -20.40 8.06
N GLU A 290 84.60 -19.78 8.91
CA GLU A 290 84.45 -20.22 10.30
C GLU A 290 83.39 -21.31 10.38
N PRO A 291 83.43 -22.12 11.44
CA PRO A 291 82.45 -23.20 11.63
C PRO A 291 81.01 -22.70 11.75
N GLU A 292 80.84 -21.52 12.34
CA GLU A 292 79.51 -20.95 12.52
C GLU A 292 79.50 -19.44 12.31
N ALA A 293 78.34 -18.92 11.93
CA ALA A 293 78.19 -17.48 11.72
C ALA A 293 78.18 -16.77 13.07
N GLY A 294 78.41 -15.47 13.03
CA GLY A 294 78.43 -14.69 14.27
C GLY A 294 77.06 -14.35 14.82
N GLN A 295 76.01 -14.78 14.13
CA GLN A 295 74.64 -14.51 14.58
C GLN A 295 73.77 -15.76 14.45
N ASP A 296 72.81 -15.91 15.36
CA ASP A 296 71.90 -17.06 15.33
C ASP A 296 70.82 -16.89 14.27
N ALA A 297 70.12 -17.97 14.01
CA ALA A 297 69.02 -17.94 13.05
C ALA A 297 67.94 -17.08 13.69
N TYR A 298 67.01 -16.60 12.89
CA TYR A 298 65.95 -15.73 13.39
C TYR A 298 65.09 -16.25 14.54
N SER A 299 64.86 -17.57 14.61
CA SER A 299 64.03 -18.11 15.68
C SER A 299 64.61 -17.83 17.07
N LEU A 300 65.85 -17.36 17.12
CA LEU A 300 66.49 -17.00 18.37
C LEU A 300 66.84 -15.51 18.35
N ARG A 301 67.56 -15.09 17.32
CA ARG A 301 67.98 -13.70 17.19
C ARG A 301 66.85 -12.69 17.10
N CYS A 302 65.74 -13.07 16.47
CA CYS A 302 64.62 -12.14 16.34
C CYS A 302 63.46 -12.43 17.28
N ALA A 303 63.72 -13.21 18.33
CA ALA A 303 62.67 -13.54 19.28
C ALA A 303 62.07 -12.29 19.95
N PRO A 304 62.91 -11.32 20.36
CA PRO A 304 62.34 -10.12 20.99
C PRO A 304 61.35 -9.39 20.09
N GLN A 305 61.70 -9.29 18.81
CA GLN A 305 60.89 -8.61 17.82
C GLN A 305 59.58 -9.35 17.48
N VAL A 306 59.64 -10.67 17.33
CA VAL A 306 58.46 -11.45 17.01
C VAL A 306 57.55 -11.56 18.25
N LEU A 307 58.12 -11.98 19.38
CA LEU A 307 57.34 -12.10 20.59
C LEU A 307 56.81 -10.72 20.99
N GLY A 308 57.66 -9.71 20.83
CA GLY A 308 57.29 -8.35 21.17
C GLY A 308 56.06 -7.83 20.42
N ALA A 309 55.99 -8.13 19.13
CA ALA A 309 54.86 -7.70 18.32
C ALA A 309 53.59 -8.41 18.81
N GLY A 310 53.74 -9.69 19.16
CA GLY A 310 52.61 -10.43 19.67
C GLY A 310 52.15 -9.85 20.99
N PHE A 311 53.10 -9.50 21.86
CA PHE A 311 52.75 -8.94 23.16
C PHE A 311 52.06 -7.58 23.04
N ASP A 312 52.47 -6.78 22.05
CA ASP A 312 51.83 -5.48 21.88
C ASP A 312 50.41 -5.67 21.35
N THR A 313 50.19 -6.74 20.60
CA THR A 313 48.85 -7.02 20.09
C THR A 313 47.98 -7.43 21.27
N LEU A 314 48.50 -8.28 22.15
CA LEU A 314 47.74 -8.71 23.31
C LEU A 314 47.44 -7.51 24.22
N ALA A 315 48.39 -6.58 24.31
CA ALA A 315 48.19 -5.40 25.15
C ALA A 315 47.03 -4.55 24.62
N TRP A 316 46.96 -4.40 23.29
CA TRP A 316 45.88 -3.63 22.69
C TRP A 316 44.56 -4.36 22.94
N HIS A 317 44.56 -5.67 22.71
CA HIS A 317 43.39 -6.50 22.92
C HIS A 317 42.88 -6.34 24.36
N ASP A 318 43.79 -6.39 25.33
CA ASP A 318 43.41 -6.25 26.72
C ASP A 318 42.90 -4.86 27.09
N ARG A 319 43.45 -3.81 26.48
CA ARG A 319 42.99 -2.45 26.76
C ARG A 319 41.55 -2.30 26.31
N VAL A 320 41.27 -2.74 25.09
CA VAL A 320 39.92 -2.65 24.54
C VAL A 320 38.96 -3.53 25.33
N LEU A 321 39.39 -4.76 25.63
CA LEU A 321 38.55 -5.68 26.37
C LEU A 321 38.22 -5.18 27.77
N THR A 322 39.17 -4.51 28.41
CA THR A 322 38.93 -3.99 29.75
C THR A 322 37.82 -2.94 29.72
N ILE A 323 37.79 -2.13 28.67
CA ILE A 323 36.76 -1.12 28.54
C ILE A 323 35.40 -1.80 28.31
N GLU A 324 35.41 -2.80 27.42
CA GLU A 324 34.19 -3.53 27.09
C GLU A 324 33.61 -4.25 28.29
N LEU A 325 34.45 -4.95 29.04
CA LEU A 325 34.01 -5.69 30.21
C LEU A 325 33.31 -4.79 31.23
N ASN A 326 33.89 -3.61 31.45
CA ASN A 326 33.36 -2.67 32.43
C ASN A 326 32.34 -1.67 31.89
N ALA A 327 31.91 -1.88 30.66
CA ALA A 327 30.95 -0.97 30.05
C ALA A 327 29.53 -1.52 30.12
N VAL A 328 28.58 -0.69 29.69
CA VAL A 328 27.18 -1.09 29.64
C VAL A 328 26.91 -1.23 28.13
N THR A 329 26.72 -2.47 27.68
CA THR A 329 26.47 -2.73 26.27
C THR A 329 25.00 -3.00 26.00
N ASP A 330 24.16 -2.66 26.97
CA ASP A 330 22.71 -2.87 26.89
C ASP A 330 21.97 -1.90 25.97
N ASN A 331 20.81 -2.34 25.52
CA ASN A 331 19.90 -1.52 24.73
C ASN A 331 18.52 -2.09 24.96
N PRO A 332 17.58 -1.25 25.44
CA PRO A 332 17.79 0.16 25.75
C PRO A 332 18.50 0.30 27.10
N VAL A 333 18.78 1.54 27.48
CA VAL A 333 19.44 1.80 28.76
C VAL A 333 18.67 2.89 29.48
N PHE A 334 18.76 2.89 30.80
CA PHE A 334 18.06 3.88 31.63
C PHE A 334 19.08 4.76 32.32
N PRO A 335 19.31 5.97 31.76
CA PRO A 335 20.27 6.95 32.30
C PRO A 335 20.15 7.18 33.81
N PRO A 336 21.22 6.87 34.55
CA PRO A 336 21.21 7.05 36.01
C PRO A 336 20.99 8.52 36.42
N ASP A 337 21.36 9.46 35.54
CA ASP A 337 21.19 10.87 35.86
C ASP A 337 19.76 11.36 35.70
N GLY A 338 18.88 10.49 35.23
CA GLY A 338 17.47 10.83 35.06
C GLY A 338 17.17 11.83 33.97
N SER A 339 18.14 12.09 33.09
CA SER A 339 17.96 13.05 32.00
C SER A 339 16.76 12.71 31.11
N VAL A 340 16.69 11.45 30.69
CA VAL A 340 15.58 10.96 29.86
C VAL A 340 15.17 9.61 30.42
N PRO A 341 13.93 9.17 30.14
CA PRO A 341 13.46 7.88 30.65
C PRO A 341 14.32 6.71 30.20
N ALA A 342 14.74 6.75 28.95
CA ALA A 342 15.57 5.68 28.39
C ALA A 342 16.20 6.13 27.08
N LEU A 343 17.33 5.50 26.74
CA LEU A 343 18.02 5.82 25.51
C LEU A 343 18.02 4.56 24.63
N HIS A 344 17.90 4.76 23.33
CA HIS A 344 17.90 3.66 22.37
C HIS A 344 19.06 3.88 21.40
N GLY A 345 19.93 2.87 21.28
CA GLY A 345 21.06 2.98 20.39
C GLY A 345 21.59 1.61 20.01
N GLY A 346 22.90 1.51 19.81
CA GLY A 346 23.47 0.24 19.41
C GLY A 346 24.73 -0.20 20.14
N ASN A 347 24.78 0.00 21.46
CA ASN A 347 25.96 -0.39 22.22
C ASN A 347 26.18 -1.90 22.31
N PHE A 348 25.25 -2.67 21.76
CA PHE A 348 25.34 -4.12 21.74
C PHE A 348 26.16 -4.61 20.54
N MET A 349 26.52 -3.68 19.64
CA MET A 349 27.30 -4.05 18.45
C MET A 349 28.73 -4.37 18.86
N GLY A 350 29.08 -5.65 18.85
CA GLY A 350 30.40 -6.07 19.30
C GLY A 350 31.56 -5.97 18.33
N GLN A 351 31.66 -4.85 17.63
CA GLN A 351 32.76 -4.70 16.67
C GLN A 351 34.13 -4.58 17.34
N HIS A 352 34.19 -4.04 18.55
CA HIS A 352 35.49 -3.91 19.21
C HIS A 352 36.11 -5.26 19.55
N VAL A 353 35.33 -6.16 20.15
CA VAL A 353 35.84 -7.48 20.48
C VAL A 353 36.09 -8.27 19.19
N ALA A 354 35.28 -8.02 18.17
CA ALA A 354 35.46 -8.72 16.91
C ALA A 354 36.83 -8.41 16.30
N LEU A 355 37.17 -7.12 16.20
CA LEU A 355 38.44 -6.72 15.62
C LEU A 355 39.66 -7.07 16.47
N THR A 356 39.55 -6.94 17.79
CA THR A 356 40.68 -7.27 18.64
C THR A 356 40.89 -8.79 18.69
N SER A 357 39.80 -9.55 18.66
CA SER A 357 39.92 -11.01 18.68
C SER A 357 40.58 -11.48 17.39
N ASP A 358 40.21 -10.89 16.26
CA ASP A 358 40.80 -11.26 14.98
C ASP A 358 42.28 -10.90 14.95
N ALA A 359 42.64 -9.75 15.51
CA ALA A 359 44.04 -9.32 15.54
C ALA A 359 44.86 -10.24 16.44
N LEU A 360 44.31 -10.59 17.59
CA LEU A 360 45.00 -11.49 18.51
C LEU A 360 45.17 -12.87 17.88
N ALA A 361 44.15 -13.32 17.15
CA ALA A 361 44.22 -14.63 16.50
C ALA A 361 45.41 -14.67 15.53
N THR A 362 45.62 -13.59 14.79
CA THR A 362 46.73 -13.51 13.86
C THR A 362 48.05 -13.56 14.62
N ALA A 363 48.14 -12.82 15.71
CA ALA A 363 49.36 -12.80 16.52
C ALA A 363 49.65 -14.18 17.09
N VAL A 364 48.61 -14.86 17.56
CA VAL A 364 48.78 -16.20 18.11
C VAL A 364 49.31 -17.14 17.04
N THR A 365 48.80 -17.02 15.83
CA THR A 365 49.25 -17.88 14.74
C THR A 365 50.72 -17.59 14.41
N VAL A 366 51.11 -16.32 14.47
CA VAL A 366 52.49 -15.94 14.22
C VAL A 366 53.43 -16.50 15.28
N LEU A 367 53.04 -16.38 16.55
CA LEU A 367 53.87 -16.88 17.64
C LEU A 367 53.90 -18.40 17.65
N ALA A 368 52.81 -19.05 17.26
CA ALA A 368 52.79 -20.51 17.20
C ALA A 368 53.75 -20.93 16.11
N GLY A 369 53.84 -20.12 15.05
CA GLY A 369 54.76 -20.42 13.96
C GLY A 369 56.19 -20.40 14.45
N LEU A 370 56.48 -19.43 15.32
CA LEU A 370 57.83 -19.29 15.89
C LEU A 370 58.17 -20.56 16.67
N ALA A 371 57.28 -20.96 17.56
CA ALA A 371 57.49 -22.16 18.37
C ALA A 371 57.66 -23.39 17.46
N GLU A 372 56.86 -23.47 16.40
CA GLU A 372 56.94 -24.61 15.49
C GLU A 372 58.29 -24.66 14.79
N ARG A 373 58.83 -23.50 14.42
CA ARG A 373 60.14 -23.46 13.75
C ARG A 373 61.27 -23.73 14.75
N GLN A 374 61.04 -23.39 16.02
CA GLN A 374 62.04 -23.66 17.04
C GLN A 374 62.14 -25.17 17.23
N ILE A 375 61.00 -25.85 17.15
CA ILE A 375 60.98 -27.31 17.28
C ILE A 375 61.69 -27.91 16.06
N ALA A 376 61.39 -27.36 14.88
CA ALA A 376 61.98 -27.84 13.63
C ALA A 376 63.51 -27.73 13.61
N ARG A 377 64.03 -26.68 14.24
CA ARG A 377 65.48 -26.47 14.29
C ARG A 377 66.14 -27.37 15.34
N LEU A 378 65.52 -27.43 16.51
CA LEU A 378 66.04 -28.22 17.62
C LEU A 378 66.14 -29.72 17.33
N THR A 379 65.20 -30.22 16.53
CA THR A 379 65.15 -31.64 16.20
C THR A 379 65.91 -32.05 14.94
N ASP A 380 66.42 -31.08 14.21
CA ASP A 380 67.15 -31.32 12.96
C ASP A 380 68.64 -31.52 13.24
N GLU A 381 69.14 -32.74 13.03
CA GLU A 381 70.54 -33.02 13.30
C GLU A 381 71.53 -32.15 12.53
N ARG A 382 71.08 -31.58 11.42
CA ARG A 382 71.95 -30.72 10.62
C ARG A 382 71.98 -29.30 11.17
N LEU A 383 70.99 -28.96 11.99
CA LEU A 383 70.89 -27.62 12.54
C LEU A 383 71.00 -27.50 14.06
N ASN A 384 70.87 -28.61 14.78
CA ASN A 384 70.90 -28.56 16.24
C ASN A 384 72.27 -28.67 16.90
N ARG A 385 73.32 -28.37 16.14
CA ARG A 385 74.68 -28.37 16.66
C ARG A 385 75.13 -29.57 17.50
N GLY A 386 75.06 -30.76 16.93
CA GLY A 386 75.53 -31.94 17.65
C GLY A 386 74.54 -32.79 18.42
N LEU A 387 73.29 -32.35 18.55
CA LEU A 387 72.30 -33.14 19.27
C LEU A 387 71.79 -34.27 18.38
N PRO A 388 71.31 -35.35 19.00
CA PRO A 388 70.80 -36.50 18.24
C PRO A 388 69.64 -36.11 17.35
N PRO A 389 69.48 -36.79 16.21
CA PRO A 389 68.36 -36.45 15.33
C PRO A 389 67.04 -36.68 16.07
N PHE A 390 66.21 -35.65 16.12
CA PHE A 390 64.92 -35.71 16.79
C PHE A 390 65.04 -36.02 18.28
N LEU A 391 66.21 -35.71 18.82
CA LEU A 391 66.51 -35.89 20.24
C LEU A 391 66.22 -37.29 20.77
N HIS A 392 66.45 -38.31 19.96
CA HIS A 392 66.19 -39.68 20.39
C HIS A 392 67.27 -40.17 21.37
N ARG A 393 66.91 -41.21 22.12
CA ARG A 393 67.83 -41.86 23.02
C ARG A 393 67.77 -43.31 22.58
N GLY A 394 68.76 -44.11 22.97
CA GLY A 394 68.78 -45.49 22.54
C GLY A 394 69.37 -45.50 21.13
N PRO A 395 69.48 -46.65 20.47
CA PRO A 395 70.04 -46.74 19.11
C PRO A 395 69.26 -45.95 18.06
N ALA A 396 69.98 -45.16 17.27
CA ALA A 396 69.36 -44.36 16.21
C ALA A 396 68.70 -45.29 15.20
N GLY A 397 67.61 -44.86 14.59
CA GLY A 397 66.92 -45.70 13.63
C GLY A 397 65.94 -46.59 14.36
N LEU A 398 66.43 -47.39 15.29
CA LEU A 398 65.56 -48.25 16.08
C LEU A 398 64.67 -47.32 16.90
N ASN A 399 65.19 -46.13 17.17
CA ASN A 399 64.47 -45.10 17.93
C ASN A 399 64.45 -43.81 17.10
N SER A 400 63.29 -43.16 17.07
CA SER A 400 63.13 -41.92 16.31
C SER A 400 62.86 -40.72 17.21
N GLY A 401 62.74 -40.97 18.51
CA GLY A 401 62.50 -39.88 19.45
C GLY A 401 61.23 -39.07 19.22
N PHE A 402 61.41 -37.77 19.03
CA PHE A 402 60.30 -36.85 18.82
C PHE A 402 60.00 -36.60 17.35
N MET A 403 60.43 -37.49 16.47
CA MET A 403 60.21 -37.31 15.04
C MET A 403 58.71 -37.17 14.73
N GLY A 404 57.90 -38.01 15.35
CA GLY A 404 56.46 -37.95 15.11
C GLY A 404 55.86 -36.66 15.68
N ALA A 405 56.23 -36.33 16.92
CA ALA A 405 55.73 -35.14 17.58
C ALA A 405 56.07 -33.86 16.82
N GLN A 406 57.22 -33.85 16.15
CA GLN A 406 57.64 -32.68 15.38
C GLN A 406 56.70 -32.46 14.22
N VAL A 407 56.31 -33.53 13.55
CA VAL A 407 55.38 -33.43 12.43
C VAL A 407 54.01 -33.01 12.94
N THR A 408 53.63 -33.52 14.11
CA THR A 408 52.34 -33.17 14.69
C THR A 408 52.29 -31.67 14.94
N ALA A 409 53.40 -31.09 15.40
CA ALA A 409 53.43 -29.65 15.65
C ALA A 409 53.18 -28.89 14.36
N THR A 410 53.78 -29.36 13.26
CA THR A 410 53.60 -28.73 11.97
C THR A 410 52.14 -28.82 11.52
N ALA A 411 51.54 -29.99 11.73
CA ALA A 411 50.15 -30.21 11.35
C ALA A 411 49.21 -29.29 12.11
N LEU A 412 49.48 -29.10 13.40
CA LEU A 412 48.64 -28.22 14.22
C LEU A 412 48.73 -26.79 13.72
N LEU A 413 49.94 -26.35 13.39
CA LEU A 413 50.14 -24.99 12.88
C LEU A 413 49.45 -24.80 11.53
N ALA A 414 49.58 -25.78 10.64
CA ALA A 414 48.95 -25.68 9.32
C ALA A 414 47.45 -25.51 9.45
N GLU A 415 46.84 -26.24 10.38
CA GLU A 415 45.41 -26.15 10.59
C GLU A 415 45.03 -24.76 11.10
N MET A 416 45.86 -24.20 11.97
CA MET A 416 45.60 -22.85 12.51
C MET A 416 45.53 -21.85 11.36
N ARG A 417 46.46 -21.96 10.43
CA ARG A 417 46.53 -21.06 9.30
C ARG A 417 45.32 -21.07 8.37
N ALA A 418 44.60 -22.19 8.33
CA ALA A 418 43.46 -22.32 7.44
C ALA A 418 42.28 -21.43 7.79
N THR A 419 42.23 -20.94 9.03
CA THR A 419 41.13 -20.10 9.46
C THR A 419 41.57 -18.65 9.62
N GLY A 420 40.85 -17.74 8.97
CA GLY A 420 41.19 -16.33 9.05
C GLY A 420 40.25 -15.54 9.93
N PRO A 421 40.26 -14.19 9.82
CA PRO A 421 39.42 -13.29 10.60
C PRO A 421 37.94 -13.56 10.40
N ALA A 422 37.16 -13.44 11.47
CA ALA A 422 35.72 -13.68 11.37
C ALA A 422 34.97 -12.42 10.98
N SER A 423 35.50 -11.26 11.41
CA SER A 423 34.88 -9.95 11.19
C SER A 423 34.53 -9.53 9.77
N ILE A 424 35.29 -10.01 8.79
CA ILE A 424 35.06 -9.61 7.41
C ILE A 424 33.87 -10.28 6.74
N HIS A 425 33.20 -11.16 7.47
CA HIS A 425 32.08 -11.91 6.90
C HIS A 425 30.68 -11.45 7.24
N SER A 426 30.51 -10.16 7.54
CA SER A 426 29.19 -9.65 7.87
C SER A 426 28.21 -9.87 6.72
N ILE A 427 27.02 -10.33 7.08
CA ILE A 427 25.95 -10.60 6.12
C ILE A 427 24.67 -9.95 6.66
N SER A 428 23.98 -9.22 5.81
CA SER A 428 22.72 -8.57 6.20
C SER A 428 21.70 -9.63 6.61
N THR A 429 21.09 -9.46 7.77
CA THR A 429 20.12 -10.44 8.24
C THR A 429 18.97 -9.77 9.00
N ASN A 430 18.07 -10.58 9.55
CA ASN A 430 16.90 -10.06 10.29
C ASN A 430 16.07 -9.15 9.39
N ALA A 431 15.71 -9.65 8.21
CA ALA A 431 14.91 -8.89 7.24
C ALA A 431 15.61 -7.55 6.93
N ALA A 432 16.93 -7.62 6.83
CA ALA A 432 17.78 -6.47 6.52
C ALA A 432 17.87 -5.41 7.64
N ASN A 433 17.23 -5.66 8.77
CA ASN A 433 17.29 -4.73 9.91
C ASN A 433 18.70 -4.74 10.48
N GLN A 434 19.28 -5.94 10.60
CA GLN A 434 20.64 -6.06 11.09
C GLN A 434 21.48 -6.15 9.82
N ASP A 435 21.55 -5.05 9.07
CA ASP A 435 22.29 -5.08 7.82
C ASP A 435 23.81 -5.18 7.93
N VAL A 436 24.33 -4.94 9.14
CA VAL A 436 25.76 -5.11 9.41
C VAL A 436 25.82 -5.76 10.79
N VAL A 437 26.66 -6.79 10.93
CA VAL A 437 26.80 -7.50 12.20
C VAL A 437 28.28 -7.68 12.52
N SER A 438 28.62 -7.74 13.80
CA SER A 438 30.02 -7.84 14.21
C SER A 438 30.68 -9.20 14.14
N LEU A 439 29.92 -10.25 14.43
CA LEU A 439 30.44 -11.62 14.44
C LEU A 439 31.54 -11.73 15.50
N GLY A 440 31.47 -10.88 16.51
CA GLY A 440 32.47 -10.87 17.57
C GLY A 440 32.59 -12.15 18.37
N THR A 441 31.47 -12.84 18.57
CA THR A 441 31.46 -14.08 19.33
C THR A 441 32.24 -15.13 18.55
N ILE A 442 31.97 -15.19 17.26
CA ILE A 442 32.66 -16.14 16.40
C ILE A 442 34.15 -15.80 16.39
N ALA A 443 34.47 -14.51 16.29
CA ALA A 443 35.87 -14.07 16.29
C ALA A 443 36.60 -14.55 17.54
N ALA A 444 35.97 -14.33 18.70
CA ALA A 444 36.57 -14.74 19.96
C ALA A 444 36.74 -16.26 20.03
N ARG A 445 35.75 -16.99 19.52
CA ARG A 445 35.82 -18.45 19.54
C ARG A 445 36.91 -18.99 18.62
N LEU A 446 37.08 -18.37 17.44
CA LEU A 446 38.11 -18.82 16.51
C LEU A 446 39.48 -18.54 17.13
N CYS A 447 39.59 -17.43 17.85
CA CYS A 447 40.84 -17.08 18.49
C CYS A 447 41.16 -18.12 19.57
N ARG A 448 40.14 -18.54 20.31
CA ARG A 448 40.33 -19.55 21.35
C ARG A 448 40.87 -20.85 20.78
N GLU A 449 40.33 -21.28 19.64
CA GLU A 449 40.81 -22.52 19.03
C GLU A 449 42.29 -22.41 18.68
N LYS A 450 42.70 -21.24 18.20
CA LYS A 450 44.10 -21.05 17.83
C LYS A 450 44.97 -21.08 19.09
N ILE A 451 44.45 -20.50 20.17
CA ILE A 451 45.18 -20.49 21.44
C ILE A 451 45.36 -21.94 21.91
N ASP A 452 44.35 -22.78 21.72
CA ASP A 452 44.47 -24.18 22.13
C ASP A 452 45.54 -24.90 21.31
N ARG A 453 45.62 -24.60 20.02
CA ARG A 453 46.63 -25.24 19.16
C ARG A 453 48.03 -24.76 19.56
N TRP A 454 48.14 -23.48 19.88
CA TRP A 454 49.42 -22.90 20.29
C TRP A 454 49.92 -23.61 21.54
N ALA A 455 49.00 -23.89 22.46
CA ALA A 455 49.36 -24.57 23.71
C ALA A 455 49.93 -25.96 23.43
N GLU A 456 49.35 -26.67 22.47
CA GLU A 456 49.82 -28.01 22.11
C GLU A 456 51.20 -27.94 21.46
N ILE A 457 51.41 -26.92 20.62
CA ILE A 457 52.70 -26.76 19.97
C ILE A 457 53.76 -26.43 21.02
N LEU A 458 53.43 -25.55 21.97
CA LEU A 458 54.37 -25.20 23.02
C LEU A 458 54.67 -26.42 23.90
N ALA A 459 53.67 -27.25 24.12
CA ALA A 459 53.85 -28.46 24.93
C ALA A 459 54.89 -29.35 24.27
N ILE A 460 54.78 -29.52 22.96
CA ILE A 460 55.73 -30.35 22.23
C ILE A 460 57.13 -29.76 22.36
N LEU A 461 57.24 -28.45 22.21
CA LEU A 461 58.53 -27.77 22.32
C LEU A 461 59.11 -27.96 23.73
N ALA A 462 58.24 -27.92 24.73
CA ALA A 462 58.66 -28.08 26.13
C ALA A 462 59.24 -29.48 26.36
N LEU A 463 58.54 -30.49 25.86
CA LEU A 463 59.01 -31.87 26.02
C LEU A 463 60.31 -32.07 25.27
N CYS A 464 60.42 -31.46 24.09
CA CYS A 464 61.64 -31.57 23.31
C CYS A 464 62.82 -30.93 24.04
N LEU A 465 62.58 -29.74 24.60
CA LEU A 465 63.63 -29.01 25.32
C LEU A 465 64.09 -29.70 26.60
N ALA A 466 63.16 -30.36 27.29
CA ALA A 466 63.53 -31.06 28.53
C ALA A 466 64.53 -32.16 28.16
N GLN A 467 64.24 -32.87 27.08
CA GLN A 467 65.10 -33.94 26.60
C GLN A 467 66.43 -33.38 26.08
N ALA A 468 66.34 -32.31 25.29
CA ALA A 468 67.53 -31.70 24.72
C ALA A 468 68.48 -31.15 25.79
N ALA A 469 67.90 -30.59 26.85
CA ALA A 469 68.71 -30.04 27.93
C ALA A 469 69.51 -31.15 28.61
N GLU A 470 68.87 -32.30 28.81
CA GLU A 470 69.53 -33.43 29.46
C GLU A 470 70.57 -34.07 28.53
N LEU A 471 70.31 -34.07 27.23
CA LEU A 471 71.24 -34.64 26.26
C LEU A 471 72.48 -33.76 26.15
N ARG A 472 72.27 -32.45 26.17
CA ARG A 472 73.36 -31.50 26.05
C ARG A 472 74.16 -31.29 27.33
N CYS A 473 73.47 -31.15 28.45
CA CYS A 473 74.11 -30.88 29.73
C CYS A 473 74.09 -32.00 30.75
N GLY A 474 73.63 -33.18 30.35
CA GLY A 474 73.56 -34.30 31.27
C GLY A 474 72.33 -34.20 32.16
N SER A 475 71.99 -35.29 32.82
CA SER A 475 70.83 -35.31 33.70
C SER A 475 70.93 -34.25 34.79
N GLY A 476 72.16 -33.87 35.14
CA GLY A 476 72.36 -32.88 36.18
C GLY A 476 72.17 -31.45 35.70
N LEU A 477 71.98 -31.28 34.40
CA LEU A 477 71.78 -29.96 33.79
C LEU A 477 72.91 -29.00 34.15
N ASP A 478 74.14 -29.43 33.94
CA ASP A 478 75.31 -28.60 34.25
C ASP A 478 75.40 -27.38 33.34
N GLY A 479 75.53 -26.22 33.96
CA GLY A 479 75.64 -24.98 33.20
C GLY A 479 74.31 -24.32 32.89
N VAL A 480 73.22 -25.03 33.14
CA VAL A 480 71.88 -24.50 32.87
C VAL A 480 71.48 -23.48 33.94
N SER A 481 70.85 -22.39 33.49
CA SER A 481 70.39 -21.33 34.37
C SER A 481 69.46 -21.85 35.45
N PRO A 482 69.33 -21.11 36.56
CA PRO A 482 68.44 -21.53 37.65
C PRO A 482 67.00 -21.65 37.15
N ALA A 483 66.58 -20.70 36.31
CA ALA A 483 65.22 -20.71 35.76
C ALA A 483 65.04 -21.94 34.89
N GLY A 484 66.03 -22.21 34.04
CA GLY A 484 65.96 -23.37 33.16
C GLY A 484 65.88 -24.67 33.94
N LYS A 485 66.73 -24.81 34.96
CA LYS A 485 66.73 -26.01 35.78
C LYS A 485 65.37 -26.22 36.44
N LYS A 486 64.81 -25.16 37.01
CA LYS A 486 63.53 -25.24 37.68
C LYS A 486 62.41 -25.73 36.75
N LEU A 487 62.41 -25.21 35.52
CA LEU A 487 61.40 -25.59 34.53
C LEU A 487 61.50 -27.06 34.16
N VAL A 488 62.71 -27.51 33.81
CA VAL A 488 62.93 -28.89 33.43
C VAL A 488 62.60 -29.84 34.59
N GLN A 489 63.06 -29.50 35.79
CA GLN A 489 62.80 -30.35 36.94
C GLN A 489 61.30 -30.43 37.20
N ALA A 490 60.60 -29.31 37.02
CA ALA A 490 59.16 -29.26 37.22
C ALA A 490 58.45 -30.19 36.23
N LEU A 491 58.91 -30.18 34.99
CA LEU A 491 58.32 -31.03 33.96
C LEU A 491 58.59 -32.50 34.25
N ARG A 492 59.82 -32.80 34.63
CA ARG A 492 60.24 -34.17 34.93
C ARG A 492 59.47 -34.81 36.08
N GLU A 493 58.79 -34.00 36.87
CA GLU A 493 58.01 -34.52 37.98
C GLU A 493 56.78 -35.25 37.47
N GLN A 494 56.33 -34.91 36.26
CA GLN A 494 55.15 -35.54 35.68
C GLN A 494 55.43 -36.20 34.32
N PHE A 495 56.47 -35.75 33.64
CA PHE A 495 56.81 -36.30 32.33
C PHE A 495 58.23 -36.88 32.30
N PRO A 496 58.33 -38.21 32.29
CA PRO A 496 59.61 -38.93 32.26
C PRO A 496 60.43 -38.70 31.00
N PRO A 497 61.76 -38.91 31.08
CA PRO A 497 62.62 -38.73 29.92
C PRO A 497 62.22 -39.73 28.84
N LEU A 498 62.58 -39.45 27.59
CA LEU A 498 62.26 -40.35 26.50
C LEU A 498 63.52 -41.19 26.24
N GLU A 499 63.69 -42.25 27.03
CA GLU A 499 64.86 -43.12 26.90
C GLU A 499 64.68 -44.07 25.72
N THR A 500 63.42 -44.26 25.33
CA THR A 500 63.07 -45.11 24.21
C THR A 500 61.72 -44.62 23.70
N ASP A 501 61.46 -44.78 22.42
CA ASP A 501 60.20 -44.31 21.83
C ASP A 501 58.95 -44.83 22.54
N ARG A 502 57.97 -43.94 22.71
CA ARG A 502 56.71 -44.28 23.34
C ARG A 502 55.66 -43.28 22.85
N PRO A 503 54.38 -43.65 22.89
CA PRO A 503 53.32 -42.73 22.44
C PRO A 503 53.37 -41.46 23.27
N LEU A 504 53.33 -40.32 22.60
CA LEU A 504 53.41 -39.03 23.28
C LEU A 504 52.12 -38.22 23.24
N GLY A 505 51.14 -38.68 22.47
CA GLY A 505 49.88 -37.96 22.34
C GLY A 505 49.19 -37.54 23.63
N GLN A 506 49.01 -38.48 24.55
CA GLN A 506 48.34 -38.15 25.81
C GLN A 506 49.15 -37.20 26.67
N GLU A 507 50.48 -37.32 26.61
CA GLU A 507 51.36 -36.45 27.38
C GLU A 507 51.32 -35.03 26.82
N ILE A 508 51.28 -34.91 25.50
CA ILE A 508 51.23 -33.60 24.85
C ILE A 508 49.94 -32.89 25.26
N ALA A 509 48.83 -33.62 25.21
CA ALA A 509 47.54 -33.07 25.58
C ALA A 509 47.48 -32.67 27.06
N ALA A 510 48.03 -33.51 27.92
CA ALA A 510 48.04 -33.23 29.35
C ALA A 510 48.86 -31.98 29.66
N LEU A 511 50.04 -31.87 29.06
CA LEU A 511 50.90 -30.72 29.30
C LEU A 511 50.27 -29.45 28.76
N ALA A 512 49.61 -29.55 27.61
CA ALA A 512 48.98 -28.38 27.01
C ALA A 512 47.94 -27.79 27.96
N THR A 513 47.17 -28.64 28.62
CA THR A 513 46.16 -28.19 29.56
C THR A 513 46.81 -27.39 30.68
N HIS A 514 47.99 -27.82 31.10
CA HIS A 514 48.72 -27.14 32.16
C HIS A 514 49.24 -25.77 31.70
N LEU A 515 49.83 -25.71 30.52
CA LEU A 515 50.39 -24.47 30.00
C LEU A 515 49.37 -23.33 29.90
N LEU A 516 48.12 -23.67 29.63
CA LEU A 516 47.07 -22.66 29.51
C LEU A 516 46.65 -22.04 30.82
N GLN A 517 46.98 -22.69 31.93
CA GLN A 517 46.57 -22.19 33.24
C GLN A 517 47.69 -21.77 34.20
N GLN A 518 48.92 -22.19 33.91
CA GLN A 518 50.05 -21.84 34.77
C GLN A 518 51.30 -21.49 33.98
N SER A 519 52.11 -20.59 34.53
CA SER A 519 53.35 -20.16 33.90
C SER A 519 54.56 -20.79 34.55
N PRO A 520 55.70 -20.85 33.82
CA PRO A 520 56.93 -21.44 34.34
C PRO A 520 57.57 -20.56 35.39
N VAL A 521 57.27 -20.85 36.64
CA VAL A 521 57.84 -20.09 37.75
C VAL A 521 58.16 -21.01 38.92
N PRO B 7 18.29 -60.16 7.24
CA PRO B 7 19.66 -60.27 7.80
C PRO B 7 20.44 -58.97 7.55
N LYS B 8 21.64 -59.12 6.99
CA LYS B 8 22.49 -57.96 6.69
C LYS B 8 23.21 -58.15 5.35
N PRO B 9 23.16 -57.13 4.49
CA PRO B 9 23.81 -57.17 3.17
C PRO B 9 25.31 -57.43 3.32
N ALA B 10 25.90 -58.02 2.29
CA ALA B 10 27.32 -58.33 2.33
C ALA B 10 28.08 -57.76 1.14
N VAL B 11 29.22 -57.17 1.41
CA VAL B 11 30.06 -56.60 0.37
C VAL B 11 31.28 -57.50 0.20
N GLU B 12 31.40 -58.12 -0.96
CA GLU B 12 32.53 -58.99 -1.24
C GLU B 12 33.61 -58.19 -1.93
N LEU B 13 34.70 -57.97 -1.20
CA LEU B 13 35.81 -57.19 -1.71
C LEU B 13 36.82 -58.00 -2.52
N ASP B 14 37.06 -57.56 -3.75
CA ASP B 14 38.02 -58.21 -4.62
C ASP B 14 39.04 -57.14 -5.00
N ARG B 15 38.71 -56.34 -6.01
CA ARG B 15 39.58 -55.26 -6.46
C ARG B 15 38.92 -53.91 -6.31
N HIS B 16 37.71 -53.78 -6.84
CA HIS B 16 36.98 -52.52 -6.80
C HIS B 16 35.75 -52.49 -5.90
N ILE B 17 35.56 -51.37 -5.24
CA ILE B 17 34.43 -51.14 -4.36
C ILE B 17 33.98 -49.70 -4.63
N ASP B 18 32.68 -49.47 -4.79
CA ASP B 18 32.22 -48.10 -5.04
C ASP B 18 31.98 -47.35 -3.73
N LEU B 19 31.73 -46.05 -3.82
CA LEU B 19 31.51 -45.25 -2.62
C LEU B 19 30.32 -45.64 -1.76
N ASP B 20 29.24 -46.11 -2.38
CA ASP B 20 28.07 -46.51 -1.60
C ASP B 20 28.36 -47.78 -0.80
N GLN B 21 29.03 -48.73 -1.43
CA GLN B 21 29.40 -49.98 -0.76
C GLN B 21 30.32 -49.67 0.40
N ALA B 22 31.30 -48.81 0.15
CA ALA B 22 32.26 -48.43 1.17
C ALA B 22 31.56 -47.81 2.37
N HIS B 23 30.62 -46.91 2.13
CA HIS B 23 29.92 -46.29 3.23
C HIS B 23 29.02 -47.29 3.94
N ALA B 24 28.47 -48.24 3.18
CA ALA B 24 27.60 -49.26 3.76
C ALA B 24 28.38 -50.05 4.81
N VAL B 25 29.61 -50.42 4.46
CA VAL B 25 30.46 -51.18 5.37
C VAL B 25 30.90 -50.30 6.54
N ALA B 26 31.37 -49.09 6.23
CA ALA B 26 31.81 -48.18 7.28
C ALA B 26 30.71 -47.85 8.29
N SER B 27 29.47 -47.72 7.82
CA SER B 27 28.36 -47.39 8.71
C SER B 27 27.74 -48.62 9.38
N GLY B 28 28.26 -49.80 9.06
CA GLY B 28 27.75 -51.02 9.66
C GLY B 28 26.50 -51.57 9.00
N GLY B 29 26.09 -50.93 7.91
CA GLY B 29 24.90 -51.38 7.20
C GLY B 29 25.12 -52.69 6.46
N ALA B 30 26.37 -52.96 6.11
CA ALA B 30 26.73 -54.18 5.39
C ALA B 30 27.96 -54.83 6.00
N ARG B 31 28.04 -56.15 5.90
CA ARG B 31 29.19 -56.88 6.40
C ARG B 31 30.18 -56.95 5.24
N ILE B 32 31.42 -57.29 5.53
CA ILE B 32 32.41 -57.37 4.46
C ILE B 32 33.11 -58.72 4.44
N VAL B 33 33.42 -59.18 3.23
CA VAL B 33 34.09 -60.45 3.03
C VAL B 33 35.14 -60.29 1.94
N LEU B 34 36.28 -60.94 2.12
CA LEU B 34 37.33 -60.87 1.12
C LEU B 34 37.09 -61.97 0.09
N ALA B 35 37.00 -61.58 -1.18
CA ALA B 35 36.76 -62.56 -2.25
C ALA B 35 37.96 -63.50 -2.38
N PRO B 36 37.71 -64.77 -2.76
CA PRO B 36 38.78 -65.75 -2.91
C PRO B 36 39.99 -65.26 -3.73
N PRO B 37 39.74 -64.61 -4.88
CA PRO B 37 40.83 -64.12 -5.70
C PRO B 37 41.71 -63.11 -4.94
N ALA B 38 41.07 -62.29 -4.12
CA ALA B 38 41.78 -61.29 -3.33
C ALA B 38 42.59 -61.97 -2.22
N ARG B 39 41.97 -62.96 -1.59
CA ARG B 39 42.63 -63.70 -0.51
C ARG B 39 43.91 -64.33 -1.06
N ASP B 40 43.84 -64.83 -2.29
CA ASP B 40 44.99 -65.46 -2.92
C ASP B 40 46.08 -64.46 -3.29
N ARG B 41 45.68 -63.30 -3.79
CA ARG B 41 46.65 -62.28 -4.16
C ARG B 41 47.40 -61.82 -2.91
N CYS B 42 46.68 -61.75 -1.80
CA CYS B 42 47.28 -61.32 -0.55
C CYS B 42 48.21 -62.38 0.05
N ARG B 43 47.85 -63.65 -0.12
CA ARG B 43 48.71 -64.72 0.39
C ARG B 43 50.00 -64.70 -0.40
N ALA B 44 49.88 -64.42 -1.71
CA ALA B 44 51.03 -64.35 -2.58
C ALA B 44 51.94 -63.20 -2.18
N SER B 45 51.33 -62.06 -1.82
CA SER B 45 52.09 -60.89 -1.41
C SER B 45 52.75 -61.15 -0.06
N GLU B 46 52.06 -61.89 0.80
CA GLU B 46 52.57 -62.23 2.12
C GLU B 46 53.86 -63.03 1.94
N ALA B 47 53.87 -63.88 0.92
CA ALA B 47 55.03 -64.72 0.63
C ALA B 47 56.19 -63.87 0.11
N ARG B 48 55.88 -62.83 -0.67
CA ARG B 48 56.92 -61.97 -1.21
C ARG B 48 57.61 -61.20 -0.10
N LEU B 49 56.83 -60.70 0.86
CA LEU B 49 57.40 -59.96 1.98
C LEU B 49 58.37 -60.87 2.72
N GLY B 50 57.95 -62.11 2.94
CA GLY B 50 58.79 -63.07 3.63
C GLY B 50 60.13 -63.24 2.95
N ALA B 51 60.09 -63.38 1.62
CA ALA B 51 61.31 -63.55 0.84
C ALA B 51 62.19 -62.30 0.93
N VAL B 52 61.57 -61.13 0.77
CA VAL B 52 62.30 -59.87 0.84
C VAL B 52 63.06 -59.78 2.18
N ILE B 53 62.41 -60.21 3.25
CA ILE B 53 63.03 -60.17 4.57
C ILE B 53 64.16 -61.18 4.70
N ARG B 54 63.92 -62.39 4.19
CA ARG B 54 64.91 -63.46 4.26
C ARG B 54 66.16 -63.10 3.48
N GLU B 55 65.98 -62.45 2.33
CA GLU B 55 67.08 -62.05 1.47
C GLU B 55 67.79 -60.78 1.95
N ALA B 56 67.29 -60.21 3.04
CA ALA B 56 67.88 -59.00 3.62
C ALA B 56 67.98 -57.86 2.62
N ARG B 57 66.94 -57.68 1.81
CA ARG B 57 66.90 -56.62 0.82
C ARG B 57 66.87 -55.25 1.51
N HIS B 58 67.44 -54.26 0.86
CA HIS B 58 67.46 -52.90 1.40
C HIS B 58 66.06 -52.34 1.18
N VAL B 59 65.23 -52.37 2.22
CA VAL B 59 63.86 -51.89 2.14
C VAL B 59 63.46 -51.02 3.32
N TYR B 60 62.85 -49.88 3.03
CA TYR B 60 62.39 -48.94 4.06
C TYR B 60 61.48 -49.63 5.07
N GLY B 61 61.79 -49.47 6.36
CA GLY B 61 60.95 -50.06 7.39
C GLY B 61 61.24 -51.51 7.72
N LEU B 62 62.10 -52.15 6.93
CA LEU B 62 62.45 -53.54 7.18
C LEU B 62 63.93 -53.62 7.58
N THR B 63 64.76 -52.82 6.92
CA THR B 63 66.19 -52.80 7.22
C THR B 63 66.73 -51.39 7.33
N THR B 64 65.84 -50.42 7.50
CA THR B 64 66.25 -49.02 7.63
C THR B 64 65.40 -48.28 8.66
N GLY B 65 65.91 -47.14 9.09
CA GLY B 65 65.17 -46.31 10.03
C GLY B 65 64.09 -45.59 9.26
N PHE B 66 63.37 -44.71 9.92
CA PHE B 66 62.28 -43.98 9.27
C PHE B 66 62.60 -42.52 8.98
N GLY B 67 61.93 -41.97 7.96
CA GLY B 67 62.17 -40.59 7.59
C GLY B 67 63.62 -40.37 7.25
N PRO B 68 64.23 -39.27 7.72
CA PRO B 68 65.63 -38.96 7.44
C PRO B 68 66.58 -39.97 8.09
N LEU B 69 66.06 -40.75 9.03
CA LEU B 69 66.86 -41.75 9.73
C LEU B 69 66.98 -43.03 8.90
N ALA B 70 66.46 -43.00 7.68
CA ALA B 70 66.51 -44.16 6.81
C ALA B 70 67.95 -44.48 6.39
N ASN B 71 68.87 -43.56 6.64
CA ASN B 71 70.26 -43.80 6.29
C ASN B 71 70.91 -44.66 7.36
N ARG B 72 70.13 -44.99 8.39
CA ARG B 72 70.59 -45.86 9.46
C ARG B 72 70.06 -47.25 9.12
N LEU B 73 70.94 -48.15 8.69
CA LEU B 73 70.52 -49.50 8.34
C LEU B 73 70.30 -50.31 9.62
N ILE B 74 69.37 -51.26 9.57
CA ILE B 74 69.02 -52.07 10.73
C ILE B 74 69.22 -53.56 10.48
N SER B 75 69.79 -54.25 11.47
CA SER B 75 70.00 -55.70 11.37
C SER B 75 68.66 -56.41 11.49
N GLY B 76 68.51 -57.51 10.76
CA GLY B 76 67.27 -58.27 10.79
C GLY B 76 66.82 -58.69 12.17
N GLU B 77 67.78 -58.89 13.07
CA GLU B 77 67.48 -59.31 14.43
C GLU B 77 66.75 -58.25 15.26
N ASN B 78 66.69 -57.02 14.75
CA ASN B 78 66.02 -55.94 15.48
C ASN B 78 64.80 -55.37 14.77
N VAL B 79 64.27 -56.08 13.79
CA VAL B 79 63.10 -55.61 13.05
C VAL B 79 61.83 -55.52 13.90
N ARG B 80 61.66 -56.45 14.84
CA ARG B 80 60.49 -56.43 15.71
C ARG B 80 60.50 -55.13 16.51
N THR B 81 61.66 -54.77 17.04
CA THR B 81 61.81 -53.54 17.80
C THR B 81 61.65 -52.32 16.91
N LEU B 82 62.24 -52.38 15.73
CA LEU B 82 62.16 -51.29 14.77
C LEU B 82 60.70 -50.93 14.47
N GLN B 83 59.90 -51.94 14.16
CA GLN B 83 58.49 -51.69 13.83
C GLN B 83 57.63 -51.35 15.04
N ALA B 84 58.02 -51.84 16.22
CA ALA B 84 57.27 -51.54 17.43
C ALA B 84 57.45 -50.07 17.76
N ASN B 85 58.68 -49.56 17.61
CA ASN B 85 58.95 -48.16 17.90
C ASN B 85 58.39 -47.24 16.84
N LEU B 86 58.12 -47.78 15.65
CA LEU B 86 57.54 -46.99 14.57
C LEU B 86 56.16 -46.53 15.05
N VAL B 87 55.38 -47.49 15.52
CA VAL B 87 54.03 -47.21 16.02
C VAL B 87 54.11 -46.28 17.22
N HIS B 88 55.12 -46.49 18.06
CA HIS B 88 55.31 -45.68 19.26
C HIS B 88 55.59 -44.20 18.99
N HIS B 89 56.58 -43.91 18.15
CA HIS B 89 56.91 -42.51 17.89
C HIS B 89 55.85 -41.79 17.07
N LEU B 90 55.03 -42.53 16.33
CA LEU B 90 53.99 -41.93 15.51
C LEU B 90 52.71 -41.60 16.28
N ALA B 91 52.53 -42.28 17.42
CA ALA B 91 51.32 -42.09 18.23
C ALA B 91 51.36 -40.79 19.03
N SER B 92 51.50 -39.67 18.34
CA SER B 92 51.56 -38.36 18.97
C SER B 92 50.32 -37.54 18.67
N GLY B 93 49.25 -38.21 18.24
CA GLY B 93 48.02 -37.52 17.90
C GLY B 93 47.29 -36.87 19.07
N VAL B 94 46.56 -35.80 18.78
CA VAL B 94 45.78 -35.08 19.78
C VAL B 94 44.46 -34.64 19.17
N GLY B 95 43.58 -34.09 20.02
CA GLY B 95 42.29 -33.61 19.54
C GLY B 95 41.17 -34.62 19.67
N PRO B 96 39.92 -34.21 19.39
CA PRO B 96 38.78 -35.12 19.48
C PRO B 96 38.95 -36.33 18.57
N VAL B 97 38.45 -37.48 18.98
CA VAL B 97 38.57 -38.68 18.17
C VAL B 97 37.67 -38.62 16.94
N LEU B 98 38.06 -39.35 15.91
CA LEU B 98 37.26 -39.40 14.69
C LEU B 98 35.98 -40.12 15.08
N ASP B 99 34.85 -39.72 14.49
CA ASP B 99 33.59 -40.38 14.83
C ASP B 99 33.62 -41.84 14.40
N TRP B 100 32.71 -42.62 14.99
CA TRP B 100 32.59 -44.05 14.73
C TRP B 100 32.66 -44.44 13.25
N THR B 101 31.77 -43.86 12.44
CA THR B 101 31.73 -44.17 11.02
C THR B 101 33.01 -43.80 10.29
N THR B 102 33.55 -42.63 10.59
CA THR B 102 34.77 -42.16 9.95
C THR B 102 35.99 -43.01 10.30
N ALA B 103 36.13 -43.39 11.56
CA ALA B 103 37.25 -44.21 11.98
C ALA B 103 37.19 -45.57 11.27
N ARG B 104 35.98 -46.10 11.14
CA ARG B 104 35.80 -47.37 10.47
C ARG B 104 36.08 -47.21 8.97
N ALA B 105 35.74 -46.04 8.42
CA ALA B 105 35.99 -45.79 7.00
C ALA B 105 37.50 -45.78 6.75
N MET B 106 38.26 -45.32 7.75
CA MET B 106 39.71 -45.29 7.65
C MET B 106 40.25 -46.72 7.61
N VAL B 107 39.73 -47.56 8.49
CA VAL B 107 40.15 -48.96 8.54
C VAL B 107 39.86 -49.61 7.19
N LEU B 108 38.67 -49.34 6.66
CA LEU B 108 38.26 -49.89 5.37
C LEU B 108 39.21 -49.43 4.25
N ALA B 109 39.56 -48.15 4.25
CA ALA B 109 40.45 -47.63 3.21
C ALA B 109 41.78 -48.37 3.22
N ARG B 110 42.32 -48.64 4.40
CA ARG B 110 43.60 -49.36 4.49
C ARG B 110 43.41 -50.78 3.96
N LEU B 111 42.30 -51.41 4.32
CA LEU B 111 41.99 -52.77 3.87
C LEU B 111 41.87 -52.86 2.35
N VAL B 112 41.18 -51.91 1.73
CA VAL B 112 41.02 -51.95 0.28
C VAL B 112 42.37 -51.86 -0.41
N SER B 113 43.27 -51.05 0.12
CA SER B 113 44.61 -50.92 -0.46
C SER B 113 45.32 -52.26 -0.38
N ILE B 114 45.30 -52.86 0.81
CA ILE B 114 45.93 -54.14 1.05
C ILE B 114 45.37 -55.24 0.15
N ALA B 115 44.05 -55.21 -0.05
CA ALA B 115 43.38 -56.21 -0.89
C ALA B 115 43.90 -56.29 -2.32
N GLN B 116 44.60 -55.25 -2.77
CA GLN B 116 45.13 -55.25 -4.12
C GLN B 116 46.30 -56.23 -4.23
N GLY B 117 46.83 -56.64 -3.08
CA GLY B 117 47.92 -57.61 -3.05
C GLY B 117 49.32 -57.12 -3.33
N ALA B 118 49.70 -55.97 -2.77
CA ALA B 118 51.04 -55.42 -2.98
C ALA B 118 51.61 -54.87 -1.68
N SER B 119 50.92 -55.15 -0.57
CA SER B 119 51.34 -54.66 0.73
C SER B 119 52.08 -55.67 1.60
N GLY B 120 51.94 -56.95 1.28
CA GLY B 120 52.61 -58.00 2.04
C GLY B 120 51.96 -58.34 3.36
N ALA B 121 50.78 -57.77 3.63
CA ALA B 121 50.06 -58.03 4.87
C ALA B 121 49.74 -59.51 5.05
N SER B 122 49.89 -60.00 6.28
CA SER B 122 49.62 -61.41 6.57
C SER B 122 48.12 -61.65 6.71
N GLU B 123 47.72 -62.91 6.63
CA GLU B 123 46.31 -63.27 6.75
C GLU B 123 45.72 -62.79 8.07
N GLY B 124 46.48 -62.94 9.15
CA GLY B 124 45.99 -62.50 10.45
C GLY B 124 45.73 -61.00 10.47
N THR B 125 46.66 -60.24 9.93
CA THR B 125 46.53 -58.78 9.89
C THR B 125 45.27 -58.39 9.12
N ILE B 126 45.06 -59.01 7.97
CA ILE B 126 43.87 -58.73 7.16
C ILE B 126 42.61 -59.10 7.93
N ALA B 127 42.65 -60.24 8.62
CA ALA B 127 41.50 -60.71 9.39
C ALA B 127 41.14 -59.75 10.52
N ARG B 128 42.15 -59.10 11.11
CA ARG B 128 41.90 -58.16 12.20
C ARG B 128 41.13 -56.94 11.68
N LEU B 129 41.44 -56.51 10.47
CA LEU B 129 40.76 -55.35 9.89
C LEU B 129 39.32 -55.73 9.54
N ILE B 130 39.16 -56.90 8.93
CA ILE B 130 37.84 -57.39 8.55
C ILE B 130 36.98 -57.58 9.79
N ASP B 131 37.55 -58.19 10.84
CA ASP B 131 36.81 -58.40 12.08
C ASP B 131 36.29 -57.09 12.65
N LEU B 132 37.15 -56.07 12.68
CA LEU B 132 36.75 -54.76 13.20
C LEU B 132 35.56 -54.24 12.41
N LEU B 133 35.66 -54.29 11.09
CA LEU B 133 34.60 -53.81 10.21
C LEU B 133 33.30 -54.59 10.37
N ASN B 134 33.40 -55.86 10.71
CA ASN B 134 32.17 -56.65 10.88
C ASN B 134 31.61 -56.53 12.29
N SER B 135 32.39 -55.99 13.20
CA SER B 135 31.94 -55.79 14.59
C SER B 135 31.17 -54.47 14.64
N GLU B 136 30.67 -54.14 15.83
CA GLU B 136 29.92 -52.91 16.04
C GLU B 136 30.84 -51.83 16.62
N LEU B 137 32.15 -52.07 16.57
CA LEU B 137 33.10 -51.14 17.13
C LEU B 137 33.96 -50.39 16.12
N ALA B 138 34.66 -49.38 16.62
CA ALA B 138 35.57 -48.58 15.81
C ALA B 138 36.70 -48.19 16.74
N PRO B 139 37.91 -48.03 16.19
CA PRO B 139 39.04 -47.64 17.04
C PRO B 139 38.88 -46.17 17.40
N ALA B 140 39.30 -45.80 18.62
CA ALA B 140 39.23 -44.41 19.07
C ALA B 140 40.55 -43.76 18.71
N VAL B 141 40.55 -42.97 17.63
CA VAL B 141 41.78 -42.33 17.17
C VAL B 141 41.69 -40.81 17.13
N PRO B 142 42.72 -40.11 17.66
CA PRO B 142 42.71 -38.65 17.65
C PRO B 142 42.67 -38.13 16.22
N SER B 143 41.93 -37.04 16.01
CA SER B 143 41.78 -36.47 14.68
C SER B 143 42.94 -35.62 14.16
N ARG B 144 43.75 -35.06 15.06
CA ARG B 144 44.85 -34.20 14.63
C ARG B 144 46.25 -34.80 14.81
N GLY B 145 47.18 -34.34 13.98
CA GLY B 145 48.55 -34.81 14.08
C GLY B 145 49.26 -35.13 12.79
N THR B 146 48.50 -35.55 11.78
CA THR B 146 49.11 -35.91 10.50
C THR B 146 49.12 -34.78 9.47
N VAL B 147 50.14 -34.80 8.61
CA VAL B 147 50.26 -33.80 7.56
C VAL B 147 49.85 -34.44 6.24
N GLY B 148 49.29 -35.64 6.33
CA GLY B 148 48.82 -36.35 5.15
C GLY B 148 49.90 -36.74 4.15
N ASP B 150 48.91 -40.69 6.15
CA ASP B 150 48.21 -40.58 7.43
C ASP B 150 48.77 -41.51 8.51
N LEU B 151 50.07 -41.39 8.77
CA LEU B 151 50.74 -42.25 9.73
C LEU B 151 50.28 -42.16 11.17
N THR B 152 50.10 -40.96 11.69
CA THR B 152 49.70 -40.79 13.09
C THR B 152 48.37 -41.45 13.43
N PRO B 153 47.28 -41.15 12.70
CA PRO B 153 46.02 -41.80 13.03
C PRO B 153 46.06 -43.32 12.85
N LEU B 154 46.83 -43.79 11.90
CA LEU B 154 46.94 -45.23 11.66
C LEU B 154 47.75 -45.90 12.75
N ALA B 155 48.73 -45.19 13.30
CA ALA B 155 49.54 -45.75 14.38
C ALA B 155 48.62 -45.92 15.59
N HIS B 156 47.77 -44.93 15.82
CA HIS B 156 46.83 -45.01 16.95
C HIS B 156 45.86 -46.16 16.72
N MET B 157 45.51 -46.40 15.46
CA MET B 157 44.61 -47.49 15.11
C MET B 157 45.26 -48.82 15.48
N VAL B 158 46.54 -48.95 15.14
CA VAL B 158 47.28 -50.18 15.46
C VAL B 158 47.26 -50.44 16.95
N LEU B 159 47.54 -49.41 17.75
CA LEU B 159 47.53 -49.57 19.20
C LEU B 159 46.16 -50.06 19.68
N CYS B 160 45.10 -49.49 19.11
CA CYS B 160 43.75 -49.89 19.50
C CYS B 160 43.52 -51.37 19.19
N LEU B 161 43.90 -51.79 17.99
CA LEU B 161 43.72 -53.17 17.56
C LEU B 161 44.55 -54.16 18.37
N GLN B 162 45.54 -53.65 19.10
CA GLN B 162 46.38 -54.49 19.93
C GLN B 162 45.86 -54.46 21.36
N GLY B 163 44.77 -53.73 21.58
CA GLY B 163 44.19 -53.62 22.91
C GLY B 163 44.88 -52.59 23.77
N ARG B 164 45.72 -51.77 23.16
CA ARG B 164 46.47 -50.73 23.86
C ARG B 164 45.87 -49.36 23.60
N GLY B 165 44.64 -49.34 23.11
CA GLY B 165 43.94 -48.10 22.82
C GLY B 165 42.45 -48.30 22.95
N ASP B 166 41.71 -47.22 23.15
CA ASP B 166 40.27 -47.29 23.31
C ASP B 166 39.51 -47.60 22.03
N PHE B 167 38.26 -48.01 22.20
CA PHE B 167 37.35 -48.32 21.10
C PHE B 167 36.14 -47.45 21.29
N LEU B 168 35.32 -47.34 20.25
CA LEU B 168 34.10 -46.55 20.31
C LEU B 168 32.92 -47.41 19.88
N ASP B 169 31.78 -47.23 20.53
CA ASP B 169 30.59 -47.96 20.13
C ASP B 169 29.86 -47.00 19.20
N ARG B 170 28.75 -47.43 18.62
CA ARG B 170 28.00 -46.57 17.69
C ARG B 170 27.63 -45.20 18.26
N ASP B 171 27.48 -45.11 19.58
CA ASP B 171 27.10 -43.86 20.23
C ASP B 171 28.26 -42.92 20.53
N GLY B 172 29.49 -43.41 20.39
CA GLY B 172 30.64 -42.57 20.67
C GLY B 172 31.19 -42.81 22.07
N THR B 173 30.55 -43.70 22.82
CA THR B 173 31.02 -44.00 24.17
C THR B 173 32.28 -44.85 24.04
N ARG B 174 33.29 -44.52 24.82
CA ARG B 174 34.57 -45.24 24.76
C ARG B 174 34.70 -46.46 25.65
N LEU B 175 35.39 -47.47 25.12
CA LEU B 175 35.64 -48.72 25.81
C LEU B 175 37.15 -48.88 25.84
N ASP B 176 37.71 -49.38 26.94
CA ASP B 176 39.16 -49.57 26.98
C ASP B 176 39.53 -50.70 26.04
N GLY B 177 40.81 -50.78 25.68
CA GLY B 177 41.27 -51.80 24.77
C GLY B 177 40.81 -53.22 25.04
N ALA B 178 41.03 -53.69 26.27
CA ALA B 178 40.63 -55.04 26.65
C ALA B 178 39.14 -55.29 26.47
N GLU B 179 38.33 -54.32 26.90
CA GLU B 179 36.88 -54.44 26.79
C GLU B 179 36.43 -54.49 25.33
N GLY B 180 37.10 -53.73 24.48
CA GLY B 180 36.77 -53.71 23.07
C GLY B 180 37.02 -55.04 22.38
N LEU B 181 38.20 -55.61 22.59
CA LEU B 181 38.54 -56.89 21.97
C LEU B 181 37.57 -57.96 22.45
N ARG B 182 37.19 -57.85 23.72
CA ARG B 182 36.27 -58.80 24.35
C ARG B 182 34.87 -58.69 23.75
N ARG B 183 34.27 -57.51 23.88
CA ARG B 183 32.92 -57.26 23.39
C ARG B 183 32.76 -57.58 21.91
N GLY B 184 33.68 -57.07 21.09
CA GLY B 184 33.59 -57.31 19.65
C GLY B 184 34.20 -58.60 19.17
N ARG B 185 34.64 -59.44 20.11
CA ARG B 185 35.27 -60.72 19.76
C ARG B 185 36.38 -60.51 18.73
N LEU B 186 37.31 -59.63 19.08
CA LEU B 186 38.44 -59.34 18.22
C LEU B 186 39.70 -59.91 18.84
N GLN B 187 40.60 -60.43 18.00
CA GLN B 187 41.85 -60.98 18.51
C GLN B 187 42.89 -59.86 18.47
N PRO B 188 43.75 -59.80 19.49
CA PRO B 188 44.77 -58.76 19.51
C PRO B 188 45.64 -58.83 18.26
N LEU B 189 45.90 -57.67 17.66
CA LEU B 189 46.70 -57.59 16.45
C LEU B 189 48.13 -58.09 16.72
N ASP B 190 48.60 -58.99 15.86
CA ASP B 190 49.94 -59.54 15.99
C ASP B 190 50.77 -59.22 14.76
N LEU B 191 51.82 -58.42 14.94
CA LEU B 191 52.68 -58.00 13.84
C LEU B 191 53.98 -58.80 13.75
N SER B 192 53.95 -60.04 14.22
CA SER B 192 55.14 -60.88 14.20
C SER B 192 55.69 -61.12 12.80
N HIS B 193 54.85 -60.97 11.77
CA HIS B 193 55.30 -61.18 10.41
C HIS B 193 56.04 -59.98 9.82
N ARG B 194 56.24 -58.95 10.64
CA ARG B 194 56.94 -57.74 10.21
C ARG B 194 56.20 -56.99 9.10
N ASP B 195 54.88 -57.03 9.16
CA ASP B 195 54.04 -56.36 8.17
C ASP B 195 53.37 -55.11 8.75
N ALA B 196 54.06 -54.44 9.66
CA ALA B 196 53.54 -53.24 10.29
C ALA B 196 53.32 -52.11 9.29
N LEU B 197 54.16 -52.04 8.26
CA LEU B 197 54.00 -50.99 7.25
C LEU B 197 52.76 -51.17 6.38
N ALA B 198 52.11 -52.32 6.51
CA ALA B 198 50.90 -52.58 5.73
C ALA B 198 49.75 -51.85 6.44
N LEU B 199 49.92 -51.59 7.73
CA LEU B 199 48.89 -50.90 8.51
C LEU B 199 49.15 -49.43 8.71
N VAL B 200 50.42 -49.05 8.82
CA VAL B 200 50.80 -47.65 9.01
C VAL B 200 51.34 -47.17 7.67
N ASN B 201 50.42 -46.76 6.80
CA ASN B 201 50.82 -46.33 5.46
C ASN B 201 49.64 -45.74 4.71
N GLY B 202 49.95 -45.12 3.58
CA GLY B 202 48.91 -44.57 2.72
C GLY B 202 48.10 -43.38 3.18
N THR B 203 46.99 -43.17 2.47
CA THR B 203 46.10 -42.04 2.73
C THR B 203 44.76 -42.47 3.31
N SER B 204 44.76 -43.53 4.11
CA SER B 204 43.55 -44.09 4.69
C SER B 204 42.63 -43.16 5.48
N ALA B 205 43.19 -42.29 6.30
CA ALA B 205 42.38 -41.40 7.12
C ALA B 205 41.66 -40.34 6.30
N MET B 206 42.39 -39.63 5.45
CA MET B 206 41.76 -38.60 4.64
C MET B 206 40.75 -39.23 3.67
N THR B 207 41.07 -40.43 3.19
CA THR B 207 40.16 -41.11 2.26
C THR B 207 38.89 -41.53 3.00
N GLY B 208 39.05 -42.01 4.24
CA GLY B 208 37.88 -42.40 5.02
C GLY B 208 37.00 -41.21 5.32
N ILE B 209 37.62 -40.11 5.74
CA ILE B 209 36.87 -38.89 6.05
C ILE B 209 36.14 -38.40 4.80
N ALA B 210 36.83 -38.40 3.66
CA ALA B 210 36.25 -37.96 2.40
C ALA B 210 35.09 -38.83 1.92
N LEU B 211 35.16 -40.14 2.14
CA LEU B 211 34.07 -40.98 1.68
C LEU B 211 32.81 -40.73 2.50
N VAL B 212 32.98 -40.36 3.76
CA VAL B 212 31.84 -40.05 4.61
C VAL B 212 31.30 -38.69 4.15
N ASN B 213 32.21 -37.79 3.77
CA ASN B 213 31.80 -36.47 3.28
C ASN B 213 30.97 -36.66 2.01
N ALA B 214 31.42 -37.55 1.13
CA ALA B 214 30.72 -37.79 -0.13
C ALA B 214 29.28 -38.25 0.09
N HIS B 215 29.10 -39.16 1.04
CA HIS B 215 27.78 -39.69 1.34
C HIS B 215 26.87 -38.61 1.91
N ALA B 216 27.39 -37.83 2.85
CA ALA B 216 26.61 -36.76 3.46
C ALA B 216 26.17 -35.71 2.45
N CYS B 217 27.07 -35.36 1.53
CA CYS B 217 26.75 -34.35 0.52
C CYS B 217 25.67 -34.83 -0.43
N ARG B 218 25.62 -36.13 -0.71
CA ARG B 218 24.59 -36.63 -1.60
C ARG B 218 23.23 -36.37 -0.97
N HIS B 219 23.10 -36.68 0.31
CA HIS B 219 21.85 -36.44 1.01
C HIS B 219 21.54 -34.96 1.16
N LEU B 220 22.53 -34.15 1.54
CA LEU B 220 22.26 -32.73 1.69
C LEU B 220 21.88 -32.10 0.35
N GLY B 221 22.48 -32.61 -0.73
CA GLY B 221 22.16 -32.09 -2.06
C GLY B 221 20.70 -32.37 -2.39
N ASN B 222 20.22 -33.55 -1.99
CA ASN B 222 18.82 -33.90 -2.23
C ASN B 222 17.90 -32.97 -1.43
N TRP B 223 18.31 -32.64 -0.21
CA TRP B 223 17.52 -31.74 0.60
C TRP B 223 17.56 -30.33 0.01
N ALA B 224 18.72 -29.91 -0.49
CA ALA B 224 18.85 -28.58 -1.09
C ALA B 224 17.86 -28.44 -2.24
N VAL B 225 17.72 -29.49 -3.03
CA VAL B 225 16.80 -29.53 -4.17
C VAL B 225 15.35 -29.54 -3.70
N ALA B 226 15.05 -30.44 -2.77
CA ALA B 226 13.69 -30.57 -2.25
C ALA B 226 13.21 -29.29 -1.58
N LEU B 227 14.09 -28.62 -0.85
CA LEU B 227 13.69 -27.39 -0.17
C LEU B 227 13.57 -26.19 -1.12
N THR B 228 14.38 -26.17 -2.18
CA THR B 228 14.28 -25.10 -3.18
C THR B 228 12.91 -25.26 -3.85
N ALA B 229 12.54 -26.50 -4.13
CA ALA B 229 11.25 -26.79 -4.77
C ALA B 229 10.11 -26.37 -3.87
N LEU B 230 10.19 -26.72 -2.58
CA LEU B 230 9.13 -26.34 -1.65
C LEU B 230 9.08 -24.83 -1.52
N LEU B 231 10.24 -24.18 -1.60
CA LEU B 231 10.29 -22.71 -1.51
C LEU B 231 9.48 -22.12 -2.66
N ALA B 232 9.61 -22.71 -3.85
CA ALA B 232 8.86 -22.23 -5.00
C ALA B 232 7.36 -22.36 -4.75
N GLU B 233 6.97 -23.45 -4.09
CA GLU B 233 5.55 -23.66 -3.81
C GLU B 233 5.02 -22.69 -2.76
N CYS B 234 5.92 -22.10 -1.97
CA CYS B 234 5.50 -21.16 -0.94
C CYS B 234 5.57 -19.71 -1.40
N LEU B 235 6.30 -19.46 -2.48
CA LEU B 235 6.46 -18.10 -3.00
C LEU B 235 6.00 -17.92 -4.44
N ARG B 236 5.10 -18.78 -4.90
CA ARG B 236 4.60 -18.71 -6.28
C ARG B 236 5.76 -18.63 -7.28
N GLY B 237 6.74 -19.53 -7.09
CA GLY B 237 7.91 -19.54 -7.96
C GLY B 237 7.59 -19.92 -9.40
N ARG B 238 8.38 -19.38 -10.33
CA ARG B 238 8.18 -19.63 -11.75
C ARG B 238 8.98 -20.84 -12.23
N THR B 239 8.28 -21.88 -12.65
CA THR B 239 8.94 -23.10 -13.10
C THR B 239 9.64 -23.01 -14.45
N GLU B 240 9.32 -22.00 -15.26
CA GLU B 240 9.96 -21.91 -16.56
C GLU B 240 11.47 -21.73 -16.47
N ALA B 241 11.95 -21.22 -15.33
CA ALA B 241 13.39 -21.04 -15.15
C ALA B 241 14.09 -22.39 -15.03
N TRP B 242 13.33 -23.42 -14.71
CA TRP B 242 13.89 -24.76 -14.54
C TRP B 242 13.63 -25.66 -15.75
N ALA B 243 13.27 -25.04 -16.87
CA ALA B 243 12.97 -25.78 -18.10
C ALA B 243 14.16 -26.55 -18.62
N ALA B 244 13.89 -27.73 -19.18
CA ALA B 244 14.93 -28.58 -19.75
C ALA B 244 15.61 -27.86 -20.92
N ALA B 245 14.85 -27.06 -21.65
CA ALA B 245 15.40 -26.34 -22.80
C ALA B 245 16.60 -25.48 -22.41
N LEU B 246 16.54 -24.89 -21.20
CA LEU B 246 17.64 -24.05 -20.72
C LEU B 246 18.87 -24.90 -20.42
N SER B 247 18.64 -26.10 -19.88
CA SER B 247 19.74 -27.00 -19.57
C SER B 247 20.48 -27.37 -20.85
N ASP B 248 19.72 -27.67 -21.90
CA ASP B 248 20.32 -28.05 -23.17
C ASP B 248 21.21 -26.95 -23.76
N LEU B 249 20.83 -25.70 -23.54
CA LEU B 249 21.59 -24.57 -24.04
C LEU B 249 22.94 -24.37 -23.32
N ARG B 250 23.02 -24.83 -22.07
CA ARG B 250 24.25 -24.72 -21.28
C ARG B 250 24.37 -26.08 -20.59
N PRO B 251 24.75 -27.11 -21.37
CA PRO B 251 24.91 -28.51 -20.97
C PRO B 251 25.85 -29.01 -19.88
N HIS B 252 25.92 -28.32 -18.74
CA HIS B 252 26.73 -28.81 -17.64
C HIS B 252 25.90 -29.95 -17.05
N PRO B 253 26.48 -31.14 -16.88
CA PRO B 253 25.72 -32.28 -16.34
C PRO B 253 25.04 -31.99 -15.00
N GLY B 254 25.76 -31.34 -14.10
CA GLY B 254 25.19 -31.04 -12.80
C GLY B 254 23.98 -30.14 -12.87
N GLN B 255 24.01 -29.17 -13.78
CA GLN B 255 22.90 -28.25 -13.95
C GLN B 255 21.68 -28.95 -14.53
N LYS B 256 21.92 -29.79 -15.54
CA LYS B 256 20.82 -30.51 -16.17
C LYS B 256 20.14 -31.38 -15.12
N ASP B 257 20.94 -32.03 -14.29
CA ASP B 257 20.43 -32.89 -13.24
C ASP B 257 19.65 -32.10 -12.19
N ALA B 258 20.21 -30.98 -11.74
CA ALA B 258 19.54 -30.16 -10.75
C ALA B 258 18.19 -29.68 -11.26
N ALA B 259 18.15 -29.19 -12.50
CA ALA B 259 16.90 -28.70 -13.08
C ALA B 259 15.87 -29.83 -13.20
N ALA B 260 16.29 -30.99 -13.68
CA ALA B 260 15.37 -32.12 -13.82
C ALA B 260 14.81 -32.53 -12.46
N ARG B 261 15.68 -32.56 -11.45
CA ARG B 261 15.26 -32.94 -10.11
C ARG B 261 14.29 -31.91 -9.50
N LEU B 262 14.51 -30.64 -9.80
CA LEU B 262 13.62 -29.59 -9.29
C LEU B 262 12.25 -29.72 -9.94
N ARG B 263 12.22 -29.93 -11.26
CA ARG B 263 10.95 -30.08 -11.97
C ARG B 263 10.16 -31.25 -11.40
N ALA B 264 10.84 -32.35 -11.13
CA ALA B 264 10.19 -33.53 -10.57
C ALA B 264 9.58 -33.26 -9.21
N ARG B 265 10.28 -32.49 -8.37
CA ARG B 265 9.79 -32.18 -7.03
C ARG B 265 8.47 -31.41 -7.04
N VAL B 266 8.31 -30.49 -7.99
CA VAL B 266 7.10 -29.69 -8.04
C VAL B 266 6.02 -30.23 -8.99
N ASP B 267 6.27 -31.42 -9.54
CA ASP B 267 5.29 -32.03 -10.43
C ASP B 267 4.00 -32.20 -9.63
N GLY B 268 2.88 -31.77 -10.21
CA GLY B 268 1.61 -31.89 -9.52
C GLY B 268 1.24 -30.72 -8.64
N SER B 269 2.12 -29.72 -8.56
CA SER B 269 1.83 -28.55 -7.74
C SER B 269 0.93 -27.56 -8.46
N ALA B 270 0.03 -26.93 -7.70
CA ALA B 270 -0.86 -25.92 -8.24
C ALA B 270 -0.47 -24.58 -7.61
N ARG B 271 0.63 -24.61 -6.85
CA ARG B 271 1.12 -23.42 -6.16
C ARG B 271 2.22 -22.66 -6.89
N VAL B 272 2.84 -23.31 -7.87
CA VAL B 272 3.90 -22.66 -8.65
C VAL B 272 3.29 -22.05 -9.91
N VAL B 273 4.02 -21.10 -10.52
CA VAL B 273 3.57 -20.46 -11.75
C VAL B 273 4.27 -21.17 -12.90
N ARG B 274 3.48 -21.80 -13.77
CA ARG B 274 4.05 -22.56 -14.89
C ARG B 274 4.00 -21.87 -16.25
N HIS B 275 3.37 -20.70 -16.30
CA HIS B 275 3.26 -20.00 -17.58
C HIS B 275 4.58 -19.43 -18.06
N VAL B 276 4.80 -19.50 -19.37
CA VAL B 276 6.01 -18.97 -19.99
C VAL B 276 5.63 -17.53 -20.31
N ILE B 277 6.28 -16.55 -19.67
CA ILE B 277 5.91 -15.17 -19.89
C ILE B 277 5.98 -14.69 -21.34
N ALA B 278 6.92 -15.22 -22.11
CA ALA B 278 7.08 -14.80 -23.50
C ALA B 278 5.90 -15.19 -24.40
N GLU B 279 4.98 -16.02 -23.90
CA GLU B 279 3.84 -16.41 -24.71
C GLU B 279 2.82 -15.27 -24.75
N ARG B 280 2.88 -14.40 -23.74
CA ARG B 280 1.97 -13.26 -23.62
C ARG B 280 2.25 -12.16 -24.64
N ARG B 281 1.21 -11.76 -25.37
CA ARG B 281 1.33 -10.68 -26.35
C ARG B 281 0.81 -9.43 -25.66
N LEU B 282 1.64 -8.39 -25.62
CA LEU B 282 1.27 -7.15 -24.98
C LEU B 282 0.58 -6.17 -25.93
N ASP B 283 -0.28 -5.34 -25.38
CA ASP B 283 -0.96 -4.31 -26.18
C ASP B 283 -0.78 -3.00 -25.41
N ALA B 284 -1.24 -1.90 -25.99
CA ALA B 284 -1.09 -0.58 -25.35
C ALA B 284 -1.60 -0.53 -23.92
N GLY B 285 -2.68 -1.24 -23.65
CA GLY B 285 -3.25 -1.23 -22.32
C GLY B 285 -2.42 -1.93 -21.26
N ASP B 286 -1.41 -2.68 -21.68
CA ASP B 286 -0.56 -3.39 -20.75
C ASP B 286 0.64 -2.57 -20.27
N ILE B 287 0.97 -1.52 -21.00
CA ILE B 287 2.12 -0.68 -20.66
C ILE B 287 1.90 0.08 -19.34
N GLY B 288 2.70 -0.28 -18.35
CA GLY B 288 2.61 0.35 -17.05
C GLY B 288 3.45 -0.45 -16.06
N THR B 289 3.14 -0.32 -14.78
CA THR B 289 3.90 -1.05 -13.75
C THR B 289 3.08 -2.20 -13.19
N GLU B 290 3.64 -3.40 -13.27
CA GLU B 290 2.97 -4.60 -12.75
C GLU B 290 3.43 -4.84 -11.32
N PRO B 291 2.61 -5.53 -10.52
CA PRO B 291 2.93 -5.83 -9.12
C PRO B 291 4.26 -6.56 -8.92
N GLU B 292 4.53 -7.55 -9.76
CA GLU B 292 5.77 -8.32 -9.66
C GLU B 292 6.50 -8.38 -11.00
N ALA B 293 7.81 -8.60 -10.94
CA ALA B 293 8.60 -8.71 -12.16
C ALA B 293 8.26 -10.07 -12.77
N GLY B 294 8.57 -10.25 -14.05
CA GLY B 294 8.27 -11.51 -14.71
C GLY B 294 9.22 -12.65 -14.42
N GLN B 295 10.24 -12.40 -13.62
CA GLN B 295 11.21 -13.44 -13.25
C GLN B 295 11.49 -13.38 -11.76
N ASP B 296 11.80 -14.53 -11.16
CA ASP B 296 12.09 -14.60 -9.74
C ASP B 296 13.50 -14.13 -9.39
N ALA B 297 13.72 -13.88 -8.11
CA ALA B 297 15.03 -13.47 -7.62
C ALA B 297 15.92 -14.69 -7.85
N TYR B 298 17.23 -14.49 -7.83
CA TYR B 298 18.17 -15.57 -8.10
C TYR B 298 18.11 -16.81 -7.23
N SER B 299 17.72 -16.68 -5.96
CA SER B 299 17.67 -17.84 -5.08
C SER B 299 16.69 -18.92 -5.57
N LEU B 300 15.87 -18.56 -6.54
CA LEU B 300 14.94 -19.51 -7.14
C LEU B 300 15.30 -19.70 -8.61
N ARG B 301 15.35 -18.58 -9.33
CA ARG B 301 15.65 -18.60 -10.76
C ARG B 301 16.98 -19.23 -11.15
N CYS B 302 18.01 -18.99 -10.34
CA CYS B 302 19.33 -19.53 -10.67
C CYS B 302 19.70 -20.77 -9.86
N ALA B 303 18.72 -21.42 -9.27
CA ALA B 303 18.98 -22.61 -8.47
C ALA B 303 19.64 -23.73 -9.30
N PRO B 304 19.18 -23.97 -10.52
CA PRO B 304 19.81 -25.03 -11.32
C PRO B 304 21.30 -24.78 -11.53
N GLN B 305 21.65 -23.52 -11.77
CA GLN B 305 23.02 -23.13 -12.03
C GLN B 305 23.91 -23.17 -10.79
N VAL B 306 23.38 -22.74 -9.65
CA VAL B 306 24.16 -22.75 -8.41
C VAL B 306 24.28 -24.19 -7.91
N LEU B 307 23.16 -24.87 -7.76
CA LEU B 307 23.19 -26.26 -7.30
C LEU B 307 23.98 -27.12 -8.28
N GLY B 308 23.79 -26.87 -9.57
CA GLY B 308 24.48 -27.64 -10.59
C GLY B 308 25.99 -27.56 -10.52
N ALA B 309 26.51 -26.38 -10.22
CA ALA B 309 27.95 -26.18 -10.11
C ALA B 309 28.46 -26.96 -8.90
N GLY B 310 27.67 -26.97 -7.83
CA GLY B 310 28.05 -27.71 -6.64
C GLY B 310 28.03 -29.20 -6.94
N PHE B 311 27.03 -29.64 -7.69
CA PHE B 311 26.94 -31.06 -8.03
C PHE B 311 28.11 -31.50 -8.92
N ASP B 312 28.53 -30.65 -9.85
CA ASP B 312 29.65 -31.02 -10.70
C ASP B 312 30.93 -31.08 -9.89
N THR B 313 31.03 -30.26 -8.85
CA THR B 313 32.20 -30.29 -7.99
C THR B 313 32.21 -31.61 -7.22
N LEU B 314 31.05 -32.01 -6.70
CA LEU B 314 30.92 -33.26 -5.96
C LEU B 314 31.25 -34.44 -6.88
N ALA B 315 30.81 -34.35 -8.14
CA ALA B 315 31.08 -35.43 -9.10
C ALA B 315 32.58 -35.61 -9.30
N TRP B 316 33.31 -34.50 -9.41
CA TRP B 316 34.76 -34.55 -9.61
C TRP B 316 35.39 -35.16 -8.36
N HIS B 317 34.99 -34.65 -7.20
CA HIS B 317 35.48 -35.13 -5.91
C HIS B 317 35.30 -36.64 -5.83
N ASP B 318 34.11 -37.13 -6.19
CA ASP B 318 33.83 -38.55 -6.12
C ASP B 318 34.61 -39.39 -7.13
N ARG B 319 34.88 -38.84 -8.31
CA ARG B 319 35.66 -39.56 -9.32
C ARG B 319 37.08 -39.78 -8.81
N VAL B 320 37.67 -38.72 -8.29
CA VAL B 320 39.03 -38.77 -7.76
C VAL B 320 39.08 -39.68 -6.53
N LEU B 321 38.08 -39.54 -5.65
CA LEU B 321 38.04 -40.35 -4.44
C LEU B 321 37.88 -41.83 -4.74
N THR B 322 37.09 -42.16 -5.76
CA THR B 322 36.89 -43.56 -6.11
C THR B 322 38.21 -44.20 -6.52
N ILE B 323 39.04 -43.44 -7.25
CA ILE B 323 40.33 -43.94 -7.68
C ILE B 323 41.24 -44.11 -6.46
N GLU B 324 41.25 -43.10 -5.58
CA GLU B 324 42.07 -43.14 -4.39
C GLU B 324 41.71 -44.30 -3.47
N LEU B 325 40.42 -44.50 -3.23
CA LEU B 325 39.95 -45.58 -2.34
C LEU B 325 40.39 -46.95 -2.83
N ASN B 326 40.36 -47.16 -4.14
CA ASN B 326 40.72 -48.44 -4.73
C ASN B 326 42.17 -48.59 -5.14
N ALA B 327 43.00 -47.61 -4.77
CA ALA B 327 44.41 -47.64 -5.12
C ALA B 327 45.26 -48.16 -3.99
N VAL B 328 46.54 -48.37 -4.29
CA VAL B 328 47.51 -48.80 -3.29
C VAL B 328 48.34 -47.55 -3.03
N THR B 329 48.15 -46.94 -1.86
CA THR B 329 48.90 -45.73 -1.52
C THR B 329 50.07 -46.04 -0.58
N ASP B 330 50.45 -47.31 -0.55
CA ASP B 330 51.56 -47.80 0.29
C ASP B 330 52.96 -47.46 -0.22
N ASN B 331 53.90 -47.43 0.71
CA ASN B 331 55.31 -47.24 0.43
C ASN B 331 56.07 -47.85 1.60
N PRO B 332 56.96 -48.82 1.32
CA PRO B 332 57.27 -49.33 -0.01
C PRO B 332 56.15 -50.27 -0.49
N VAL B 333 56.28 -50.76 -1.73
CA VAL B 333 55.30 -51.68 -2.29
C VAL B 333 56.02 -52.88 -2.90
N PHE B 334 55.33 -54.00 -2.93
CA PHE B 334 55.91 -55.23 -3.47
C PHE B 334 55.15 -55.66 -4.71
N PRO B 335 55.69 -55.32 -5.90
CA PRO B 335 55.08 -55.64 -7.20
C PRO B 335 54.65 -57.10 -7.34
N PRO B 336 53.36 -57.33 -7.62
CA PRO B 336 52.81 -58.68 -7.78
C PRO B 336 53.51 -59.48 -8.89
N ASP B 337 53.93 -58.79 -9.97
CA ASP B 337 54.58 -59.49 -11.06
C ASP B 337 55.98 -60.02 -10.71
N GLY B 338 56.55 -59.49 -9.64
CA GLY B 338 57.86 -59.94 -9.21
C GLY B 338 59.02 -59.35 -10.01
N SER B 339 58.76 -58.25 -10.71
CA SER B 339 59.78 -57.59 -11.51
C SER B 339 60.97 -57.17 -10.65
N VAL B 340 60.67 -56.61 -9.48
CA VAL B 340 61.68 -56.17 -8.53
C VAL B 340 61.23 -56.56 -7.13
N PRO B 341 62.17 -56.71 -6.18
CA PRO B 341 61.80 -57.08 -4.81
C PRO B 341 60.81 -56.10 -4.19
N ALA B 342 61.01 -54.81 -4.47
CA ALA B 342 60.14 -53.78 -3.93
C ALA B 342 60.40 -52.45 -4.61
N LEU B 343 59.42 -51.55 -4.55
CA LEU B 343 59.55 -50.24 -5.14
C LEU B 343 59.38 -49.17 -4.06
N HIS B 344 60.20 -48.12 -4.15
CA HIS B 344 60.13 -47.01 -3.20
C HIS B 344 59.74 -45.75 -3.96
N GLY B 345 58.66 -45.12 -3.49
CA GLY B 345 58.19 -43.90 -4.12
C GLY B 345 57.40 -43.05 -3.16
N GLY B 346 56.41 -42.33 -3.67
CA GLY B 346 55.62 -41.48 -2.80
C GLY B 346 54.11 -41.53 -2.99
N ASN B 347 53.55 -42.72 -3.19
CA ASN B 347 52.10 -42.83 -3.38
C ASN B 347 51.27 -42.51 -2.14
N PHE B 348 51.96 -42.20 -1.05
CA PHE B 348 51.29 -41.85 0.20
C PHE B 348 50.96 -40.35 0.27
N MET B 349 51.46 -39.60 -0.72
CA MET B 349 51.22 -38.15 -0.78
C MET B 349 49.76 -37.90 -1.16
N GLY B 350 48.97 -37.47 -0.19
CA GLY B 350 47.55 -37.25 -0.43
C GLY B 350 47.12 -35.94 -1.06
N GLN B 351 47.82 -35.49 -2.09
CA GLN B 351 47.47 -34.23 -2.72
C GLN B 351 46.13 -34.28 -3.46
N HIS B 352 45.75 -35.44 -3.97
CA HIS B 352 44.47 -35.56 -4.67
C HIS B 352 43.28 -35.32 -3.76
N VAL B 353 43.25 -35.98 -2.60
CA VAL B 353 42.14 -35.79 -1.67
C VAL B 353 42.22 -34.38 -1.07
N ALA B 354 43.41 -33.85 -0.93
CA ALA B 354 43.57 -32.50 -0.39
C ALA B 354 42.90 -31.48 -1.30
N LEU B 355 43.22 -31.52 -2.58
CA LEU B 355 42.64 -30.57 -3.53
C LEU B 355 41.15 -30.75 -3.78
N THR B 356 40.68 -31.99 -3.83
CA THR B 356 39.26 -32.21 -4.05
C THR B 356 38.45 -31.85 -2.81
N SER B 357 38.99 -32.11 -1.61
CA SER B 357 38.29 -31.76 -0.39
C SER B 357 38.16 -30.24 -0.27
N ASP B 358 39.23 -29.52 -0.61
CA ASP B 358 39.19 -28.06 -0.55
C ASP B 358 38.18 -27.52 -1.56
N ALA B 359 38.12 -28.12 -2.73
CA ALA B 359 37.19 -27.68 -3.77
C ALA B 359 35.75 -27.95 -3.33
N LEU B 360 35.52 -29.13 -2.75
CA LEU B 360 34.19 -29.48 -2.27
C LEU B 360 33.79 -28.55 -1.12
N ALA B 361 34.73 -28.19 -0.26
CA ALA B 361 34.45 -27.31 0.87
C ALA B 361 33.92 -25.97 0.36
N THR B 362 34.54 -25.46 -0.70
CA THR B 362 34.11 -24.19 -1.27
C THR B 362 32.69 -24.34 -1.82
N ALA B 363 32.44 -25.44 -2.54
CA ALA B 363 31.12 -25.69 -3.10
C ALA B 363 30.07 -25.78 -2.00
N VAL B 364 30.41 -26.45 -0.90
CA VAL B 364 29.47 -26.59 0.21
C VAL B 364 29.15 -25.22 0.81
N THR B 365 30.16 -24.36 0.92
CA THR B 365 29.95 -23.03 1.47
C THR B 365 29.04 -22.21 0.55
N VAL B 366 29.23 -22.37 -0.76
CA VAL B 366 28.40 -21.66 -1.73
C VAL B 366 26.94 -22.12 -1.64
N LEU B 367 26.72 -23.43 -1.58
CA LEU B 367 25.36 -23.96 -1.49
C LEU B 367 24.71 -23.61 -0.15
N ALA B 368 25.52 -23.57 0.92
CA ALA B 368 24.96 -23.20 2.22
C ALA B 368 24.53 -21.74 2.15
N GLY B 369 25.26 -20.94 1.37
CA GLY B 369 24.91 -19.54 1.21
C GLY B 369 23.57 -19.40 0.51
N LEU B 370 23.33 -20.27 -0.46
CA LEU B 370 22.06 -20.26 -1.19
C LEU B 370 20.92 -20.56 -0.22
N ALA B 371 21.06 -21.60 0.60
CA ALA B 371 20.04 -21.96 1.56
C ALA B 371 19.79 -20.83 2.56
N GLU B 372 20.87 -20.20 3.00
CA GLU B 372 20.76 -19.10 3.96
C GLU B 372 19.99 -17.92 3.37
N ARG B 373 20.22 -17.63 2.08
CA ARG B 373 19.51 -16.53 1.43
C ARG B 373 18.05 -16.92 1.18
N GLN B 374 17.79 -18.21 1.00
CA GLN B 374 16.41 -18.66 0.80
C GLN B 374 15.65 -18.43 2.10
N ILE B 375 16.30 -18.70 3.23
CA ILE B 375 15.67 -18.48 4.53
C ILE B 375 15.42 -16.98 4.71
N ALA B 376 16.44 -16.18 4.38
CA ALA B 376 16.34 -14.73 4.53
C ALA B 376 15.19 -14.13 3.73
N ARG B 377 14.92 -14.70 2.57
CA ARG B 377 13.83 -14.22 1.71
C ARG B 377 12.47 -14.68 2.22
N LEU B 378 12.36 -15.96 2.53
CA LEU B 378 11.12 -16.55 3.02
C LEU B 378 10.59 -15.92 4.30
N THR B 379 11.50 -15.50 5.18
CA THR B 379 11.11 -14.92 6.47
C THR B 379 10.94 -13.40 6.49
N ASP B 380 11.25 -12.75 5.38
CA ASP B 380 11.16 -11.29 5.27
C ASP B 380 9.78 -10.89 4.75
N GLU B 381 8.98 -10.23 5.58
CA GLU B 381 7.62 -9.83 5.19
C GLU B 381 7.56 -8.94 3.94
N ARG B 382 8.65 -8.26 3.63
CA ARG B 382 8.69 -7.40 2.45
C ARG B 382 9.00 -8.19 1.18
N LEU B 383 9.54 -9.40 1.34
CA LEU B 383 9.91 -10.23 0.21
C LEU B 383 9.17 -11.56 0.08
N ASN B 384 8.47 -11.98 1.14
CA ASN B 384 7.79 -13.27 1.08
C ASN B 384 6.37 -13.31 0.55
N ARG B 385 5.99 -12.26 -0.17
CA ARG B 385 4.69 -12.18 -0.80
C ARG B 385 3.45 -12.49 0.04
N GLY B 386 3.31 -11.79 1.16
CA GLY B 386 2.13 -11.96 1.99
C GLY B 386 2.19 -12.86 3.21
N LEU B 387 3.30 -13.55 3.43
CA LEU B 387 3.42 -14.42 4.60
C LEU B 387 3.77 -13.57 5.82
N PRO B 388 3.42 -14.07 7.02
CA PRO B 388 3.72 -13.32 8.25
C PRO B 388 5.21 -13.08 8.43
N PRO B 389 5.59 -11.98 9.10
CA PRO B 389 7.02 -11.72 9.30
C PRO B 389 7.62 -12.87 10.12
N PHE B 390 8.69 -13.45 9.59
CA PHE B 390 9.40 -14.57 10.24
C PHE B 390 8.50 -15.78 10.47
N LEU B 391 7.43 -15.87 9.67
CA LEU B 391 6.48 -16.98 9.71
C LEU B 391 5.92 -17.28 11.10
N HIS B 392 5.67 -16.24 11.88
CA HIS B 392 5.13 -16.44 13.22
C HIS B 392 3.65 -16.75 13.18
N ARG B 393 3.16 -17.28 14.29
CA ARG B 393 1.76 -17.57 14.48
C ARG B 393 1.46 -16.90 15.80
N GLY B 394 0.19 -16.62 16.06
CA GLY B 394 -0.16 -15.93 17.28
C GLY B 394 -0.03 -14.44 16.99
N PRO B 395 -0.32 -13.55 17.95
CA PRO B 395 -0.21 -12.12 17.72
C PRO B 395 1.22 -11.67 17.38
N ALA B 396 1.37 -10.84 16.35
CA ALA B 396 2.67 -10.34 15.94
C ALA B 396 3.24 -9.46 17.05
N GLY B 397 4.55 -9.50 17.23
CA GLY B 397 5.16 -8.70 18.28
C GLY B 397 5.26 -9.58 19.51
N LEU B 398 4.12 -10.07 19.98
CA LEU B 398 4.13 -10.96 21.14
C LEU B 398 4.84 -12.24 20.72
N ASN B 399 4.82 -12.51 19.42
CA ASN B 399 5.47 -13.68 18.84
C ASN B 399 6.39 -13.22 17.70
N SER B 400 7.55 -13.84 17.58
CA SER B 400 8.52 -13.50 16.54
C SER B 400 8.82 -14.69 15.63
N GLY B 401 8.21 -15.83 15.92
CA GLY B 401 8.41 -17.01 15.11
C GLY B 401 9.84 -17.49 14.93
N PHE B 402 10.29 -17.55 13.68
CA PHE B 402 11.63 -18.01 13.36
C PHE B 402 12.65 -16.88 13.27
N MET B 403 12.35 -15.73 13.87
CA MET B 403 13.27 -14.60 13.81
C MET B 403 14.65 -14.94 14.35
N GLY B 404 14.70 -15.68 15.46
CA GLY B 404 15.98 -16.06 16.03
C GLY B 404 16.69 -17.10 15.18
N ALA B 405 15.94 -18.10 14.72
CA ALA B 405 16.51 -19.16 13.89
C ALA B 405 17.11 -18.61 12.59
N GLN B 406 16.51 -17.56 12.05
CA GLN B 406 17.00 -16.96 10.81
C GLN B 406 18.39 -16.36 11.03
N VAL B 407 18.57 -15.68 12.16
CA VAL B 407 19.86 -15.08 12.46
C VAL B 407 20.88 -16.20 12.73
N THR B 408 20.43 -17.27 13.37
CA THR B 408 21.32 -18.39 13.65
C THR B 408 21.86 -18.95 12.34
N ALA B 409 21.02 -19.06 11.32
CA ALA B 409 21.46 -19.58 10.03
C ALA B 409 22.56 -18.69 9.46
N THR B 410 22.40 -17.38 9.59
CA THR B 410 23.39 -16.43 9.09
C THR B 410 24.71 -16.61 9.85
N ALA B 411 24.61 -16.77 11.17
CA ALA B 411 25.79 -16.95 12.02
C ALA B 411 26.56 -18.21 11.62
N LEU B 412 25.84 -19.29 11.32
CA LEU B 412 26.48 -20.54 10.92
C LEU B 412 27.20 -20.37 9.59
N LEU B 413 26.57 -19.67 8.66
CA LEU B 413 27.21 -19.44 7.36
C LEU B 413 28.45 -18.57 7.50
N ALA B 414 28.35 -17.49 8.27
CA ALA B 414 29.49 -16.60 8.46
C ALA B 414 30.69 -17.36 9.02
N GLU B 415 30.42 -18.29 9.94
CA GLU B 415 31.50 -19.08 10.52
C GLU B 415 32.16 -19.97 9.47
N MET B 416 31.34 -20.58 8.61
CA MET B 416 31.84 -21.44 7.53
C MET B 416 32.82 -20.67 6.66
N ARG B 417 32.47 -19.43 6.35
CA ARG B 417 33.30 -18.59 5.49
C ARG B 417 34.66 -18.23 6.04
N ALA B 418 34.80 -18.29 7.37
CA ALA B 418 36.07 -17.92 7.99
C ALA B 418 37.20 -18.90 7.73
N THR B 419 36.85 -20.12 7.36
CA THR B 419 37.87 -21.14 7.10
C THR B 419 38.03 -21.39 5.61
N GLY B 420 39.27 -21.33 5.14
CA GLY B 420 39.55 -21.54 3.72
C GLY B 420 40.22 -22.88 3.46
N PRO B 421 40.80 -23.04 2.26
CA PRO B 421 41.48 -24.27 1.85
C PRO B 421 42.63 -24.62 2.79
N ALA B 422 42.83 -25.91 3.02
CA ALA B 422 43.91 -26.36 3.88
C ALA B 422 45.19 -26.60 3.07
N SER B 423 45.02 -27.01 1.82
CA SER B 423 46.14 -27.35 0.93
C SER B 423 47.23 -26.33 0.71
N ILE B 424 46.90 -25.04 0.79
CA ILE B 424 47.88 -24.00 0.54
C ILE B 424 48.86 -23.74 1.67
N HIS B 425 48.71 -24.46 2.78
CA HIS B 425 49.57 -24.23 3.94
C HIS B 425 50.70 -25.23 4.18
N SER B 426 51.23 -25.79 3.10
CA SER B 426 52.32 -26.75 3.25
C SER B 426 53.52 -26.08 3.89
N ILE B 427 54.14 -26.79 4.83
CA ILE B 427 55.30 -26.30 5.55
C ILE B 427 56.32 -27.44 5.58
N SER B 428 57.57 -27.11 5.23
CA SER B 428 58.65 -28.09 5.23
C SER B 428 58.85 -28.62 6.65
N THR B 429 58.87 -29.94 6.81
CA THR B 429 59.02 -30.52 8.12
C THR B 429 59.82 -31.82 8.07
N ASN B 430 59.96 -32.49 9.22
CA ASN B 430 60.73 -33.74 9.27
C ASN B 430 62.18 -33.49 8.84
N ALA B 431 62.81 -32.47 9.44
CA ALA B 431 64.19 -32.10 9.12
C ALA B 431 64.35 -31.83 7.62
N ALA B 432 63.33 -31.20 7.04
CA ALA B 432 63.28 -30.85 5.63
C ALA B 432 63.09 -32.02 4.66
N ASN B 433 62.98 -33.24 5.19
CA ASN B 433 62.78 -34.42 4.36
C ASN B 433 61.39 -34.36 3.72
N GLN B 434 60.39 -33.99 4.52
CA GLN B 434 59.04 -33.84 4.00
C GLN B 434 58.93 -32.35 3.68
N ASP B 435 59.66 -31.88 2.67
CA ASP B 435 59.61 -30.45 2.37
C ASP B 435 58.32 -29.93 1.76
N VAL B 436 57.47 -30.84 1.31
CA VAL B 436 56.13 -30.50 0.81
C VAL B 436 55.21 -31.55 1.40
N VAL B 437 54.05 -31.13 1.91
CA VAL B 437 53.08 -32.07 2.49
C VAL B 437 51.70 -31.71 1.96
N SER B 438 50.80 -32.70 1.89
CA SER B 438 49.47 -32.45 1.32
C SER B 438 48.43 -31.83 2.24
N LEU B 439 48.48 -32.17 3.53
CA LEU B 439 47.51 -31.67 4.51
C LEU B 439 46.11 -32.15 4.11
N GLY B 440 46.06 -33.26 3.39
CA GLY B 440 44.79 -33.79 2.93
C GLY B 440 43.81 -34.19 4.02
N THR B 441 44.33 -34.67 5.15
CA THR B 441 43.49 -35.08 6.26
C THR B 441 42.82 -33.84 6.84
N ILE B 442 43.58 -32.76 6.98
CA ILE B 442 43.05 -31.51 7.50
C ILE B 442 42.01 -30.99 6.51
N ALA B 443 42.33 -31.04 5.22
CA ALA B 443 41.40 -30.60 4.18
C ALA B 443 40.07 -31.32 4.26
N ALA B 444 40.11 -32.64 4.40
CA ALA B 444 38.88 -33.43 4.48
C ALA B 444 38.10 -33.12 5.75
N ARG B 445 38.80 -32.90 6.85
CA ARG B 445 38.16 -32.58 8.12
C ARG B 445 37.49 -31.21 8.09
N LEU B 446 38.14 -30.23 7.47
CA LEU B 446 37.57 -28.89 7.39
C LEU B 446 36.31 -28.92 6.51
N CYS B 447 36.34 -29.76 5.48
CA CYS B 447 35.20 -29.91 4.60
C CYS B 447 34.06 -30.53 5.40
N ARG B 448 34.37 -31.51 6.25
CA ARG B 448 33.35 -32.15 7.06
C ARG B 448 32.66 -31.13 7.97
N GLU B 449 33.43 -30.22 8.56
CA GLU B 449 32.82 -29.22 9.43
C GLU B 449 31.84 -28.34 8.66
N LYS B 450 32.20 -27.97 7.44
CA LYS B 450 31.32 -27.14 6.62
C LYS B 450 30.06 -27.91 6.27
N ILE B 451 30.20 -29.20 6.00
CA ILE B 451 29.05 -30.05 5.67
C ILE B 451 28.10 -30.07 6.86
N ASP B 452 28.65 -30.15 8.07
CA ASP B 452 27.80 -30.16 9.27
C ASP B 452 27.05 -28.84 9.42
N ARG B 453 27.71 -27.73 9.11
CA ARG B 453 27.05 -26.42 9.22
C ARG B 453 25.94 -26.32 8.17
N TRP B 454 26.22 -26.83 6.97
CA TRP B 454 25.25 -26.81 5.88
C TRP B 454 23.99 -27.58 6.29
N ALA B 455 24.16 -28.71 6.97
CA ALA B 455 23.03 -29.50 7.42
C ALA B 455 22.16 -28.71 8.41
N GLU B 456 22.78 -27.93 9.29
CA GLU B 456 22.05 -27.14 10.26
C GLU B 456 21.27 -26.02 9.55
N ILE B 457 21.89 -25.40 8.56
CA ILE B 457 21.23 -24.33 7.81
C ILE B 457 20.02 -24.89 7.06
N LEU B 458 20.21 -26.05 6.42
CA LEU B 458 19.13 -26.71 5.70
C LEU B 458 18.02 -27.12 6.65
N ALA B 459 18.38 -27.53 7.86
CA ALA B 459 17.39 -27.93 8.86
C ALA B 459 16.51 -26.72 9.20
N ILE B 460 17.12 -25.56 9.36
CA ILE B 460 16.37 -24.36 9.66
C ILE B 460 15.43 -24.03 8.49
N LEU B 461 15.95 -24.15 7.27
CA LEU B 461 15.14 -23.88 6.09
C LEU B 461 13.96 -24.85 6.01
N ALA B 462 14.18 -26.11 6.35
CA ALA B 462 13.12 -27.11 6.31
C ALA B 462 12.02 -26.78 7.32
N LEU B 463 12.42 -26.41 8.54
CA LEU B 463 11.43 -26.08 9.55
C LEU B 463 10.65 -24.83 9.14
N CYS B 464 11.34 -23.87 8.53
CA CYS B 464 10.67 -22.66 8.08
C CYS B 464 9.66 -22.98 7.00
N LEU B 465 10.06 -23.83 6.05
CA LEU B 465 9.19 -24.20 4.94
C LEU B 465 7.98 -25.00 5.36
N ALA B 466 8.12 -25.87 6.36
CA ALA B 466 6.99 -26.64 6.83
C ALA B 466 5.93 -25.66 7.34
N GLN B 467 6.38 -24.65 8.08
CA GLN B 467 5.49 -23.63 8.62
C GLN B 467 4.89 -22.76 7.51
N ALA B 468 5.75 -22.31 6.60
CA ALA B 468 5.32 -21.46 5.48
C ALA B 468 4.28 -22.17 4.61
N ALA B 469 4.48 -23.46 4.39
CA ALA B 469 3.56 -24.22 3.56
C ALA B 469 2.18 -24.26 4.18
N GLU B 470 2.11 -24.40 5.49
CA GLU B 470 0.83 -24.44 6.18
C GLU B 470 0.19 -23.05 6.26
N LEU B 471 1.02 -22.02 6.40
CA LEU B 471 0.50 -20.66 6.46
C LEU B 471 -0.08 -20.24 5.11
N ARG B 472 0.59 -20.65 4.04
CA ARG B 472 0.16 -20.30 2.69
C ARG B 472 -0.99 -21.16 2.17
N CYS B 473 -0.91 -22.46 2.42
CA CYS B 473 -1.91 -23.40 1.90
C CYS B 473 -2.84 -24.06 2.91
N GLY B 474 -2.72 -23.70 4.18
CA GLY B 474 -3.57 -24.30 5.20
C GLY B 474 -2.96 -25.61 5.67
N SER B 475 -3.40 -26.10 6.82
CA SER B 475 -2.88 -27.34 7.37
C SER B 475 -3.02 -28.51 6.41
N GLY B 476 -4.01 -28.43 5.52
CA GLY B 476 -4.23 -29.49 4.55
C GLY B 476 -3.31 -29.41 3.34
N LEU B 477 -2.48 -28.36 3.31
CA LEU B 477 -1.53 -28.15 2.22
C LEU B 477 -2.21 -28.24 0.86
N ASP B 478 -3.30 -27.49 0.70
CA ASP B 478 -4.04 -27.49 -0.55
C ASP B 478 -3.22 -26.92 -1.71
N GLY B 479 -3.10 -27.70 -2.78
CA GLY B 479 -2.35 -27.26 -3.93
C GLY B 479 -0.89 -27.65 -3.94
N VAL B 480 -0.39 -28.12 -2.80
CA VAL B 480 1.02 -28.52 -2.71
C VAL B 480 1.24 -29.84 -3.43
N SER B 481 2.39 -29.95 -4.09
CA SER B 481 2.78 -31.14 -4.84
C SER B 481 2.81 -32.37 -3.94
N PRO B 482 2.67 -33.57 -4.54
CA PRO B 482 2.70 -34.81 -3.75
C PRO B 482 4.01 -34.94 -2.98
N ALA B 483 5.13 -34.61 -3.64
CA ALA B 483 6.44 -34.68 -3.01
C ALA B 483 6.52 -33.68 -1.87
N GLY B 484 5.99 -32.48 -2.09
CA GLY B 484 6.02 -31.45 -1.07
C GLY B 484 5.18 -31.86 0.14
N LYS B 485 4.01 -32.44 -0.12
CA LYS B 485 3.13 -32.88 0.95
C LYS B 485 3.80 -33.97 1.79
N LYS B 486 4.43 -34.92 1.11
CA LYS B 486 5.11 -36.02 1.80
C LYS B 486 6.24 -35.53 2.69
N LEU B 487 6.99 -34.54 2.19
CA LEU B 487 8.10 -34.00 2.95
C LEU B 487 7.61 -33.30 4.22
N VAL B 488 6.61 -32.43 4.07
CA VAL B 488 6.08 -31.71 5.23
C VAL B 488 5.43 -32.67 6.23
N GLN B 489 4.66 -33.63 5.72
CA GLN B 489 4.00 -34.59 6.59
C GLN B 489 5.03 -35.38 7.39
N ALA B 490 6.12 -35.76 6.75
CA ALA B 490 7.17 -36.52 7.42
C ALA B 490 7.83 -35.68 8.51
N LEU B 491 8.06 -34.40 8.22
CA LEU B 491 8.67 -33.50 9.19
C LEU B 491 7.76 -33.34 10.39
N ARG B 492 6.47 -33.17 10.13
CA ARG B 492 5.48 -32.98 11.17
C ARG B 492 5.27 -34.19 12.07
N GLU B 493 5.80 -35.34 11.65
CA GLU B 493 5.69 -36.54 12.46
C GLU B 493 6.56 -36.41 13.69
N GLN B 494 7.62 -35.60 13.58
CA GLN B 494 8.54 -35.40 14.69
C GLN B 494 8.66 -33.94 15.15
N PHE B 495 8.38 -33.01 14.24
CA PHE B 495 8.50 -31.59 14.55
C PHE B 495 7.15 -30.87 14.40
N PRO B 496 6.53 -30.48 15.53
CA PRO B 496 5.25 -29.78 15.59
C PRO B 496 5.26 -28.39 14.99
N PRO B 497 4.08 -27.89 14.58
CA PRO B 497 4.00 -26.54 14.00
C PRO B 497 4.37 -25.52 15.07
N LEU B 498 4.82 -24.34 14.66
CA LEU B 498 5.17 -23.30 15.61
C LEU B 498 3.94 -22.41 15.82
N GLU B 499 3.07 -22.82 16.73
CA GLU B 499 1.85 -22.07 17.01
C GLU B 499 2.12 -20.87 17.89
N THR B 500 3.19 -20.96 18.67
CA THR B 500 3.63 -19.90 19.56
C THR B 500 5.14 -20.10 19.70
N ASP B 501 5.88 -19.02 19.97
CA ASP B 501 7.32 -19.12 20.09
C ASP B 501 7.78 -20.16 21.11
N ARG B 502 8.84 -20.88 20.76
CA ARG B 502 9.43 -21.89 21.64
C ARG B 502 10.89 -22.09 21.22
N PRO B 503 11.73 -22.61 22.13
CA PRO B 503 13.14 -22.83 21.79
C PRO B 503 13.26 -23.81 20.63
N LEU B 504 14.03 -23.44 19.61
CA LEU B 504 14.20 -24.29 18.43
C LEU B 504 15.55 -24.96 18.32
N GLY B 505 16.50 -24.54 19.15
CA GLY B 505 17.84 -25.11 19.10
C GLY B 505 17.96 -26.61 19.05
N GLN B 506 17.32 -27.31 19.98
CA GLN B 506 17.41 -28.77 20.00
C GLN B 506 16.76 -29.42 18.79
N GLU B 507 15.68 -28.83 18.30
CA GLU B 507 15.00 -29.37 17.13
C GLU B 507 15.86 -29.19 15.89
N ILE B 508 16.50 -28.04 15.77
CA ILE B 508 17.38 -27.78 14.63
C ILE B 508 18.50 -28.81 14.62
N ALA B 509 19.11 -29.04 15.78
CA ALA B 509 20.19 -30.01 15.89
C ALA B 509 19.72 -31.42 15.56
N ALA B 510 18.54 -31.79 16.05
CA ALA B 510 18.00 -33.12 15.79
C ALA B 510 17.73 -33.34 14.31
N LEU B 511 17.11 -32.36 13.66
CA LEU B 511 16.80 -32.50 12.25
C LEU B 511 18.07 -32.54 11.42
N ALA B 512 19.07 -31.73 11.78
CA ALA B 512 20.33 -31.72 11.05
C ALA B 512 20.96 -33.11 11.01
N THR B 513 20.90 -33.82 12.13
CA THR B 513 21.45 -35.17 12.20
C THR B 513 20.76 -36.09 11.19
N HIS B 514 19.45 -35.89 11.02
CA HIS B 514 18.66 -36.69 10.09
C HIS B 514 18.99 -36.38 8.63
N LEU B 515 19.11 -35.10 8.29
CA LEU B 515 19.41 -34.68 6.93
C LEU B 515 20.71 -35.26 6.39
N LEU B 516 21.69 -35.43 7.27
CA LEU B 516 22.99 -35.96 6.87
C LEU B 516 22.96 -37.44 6.51
N GLN B 517 21.95 -38.16 6.99
CA GLN B 517 21.85 -39.60 6.76
C GLN B 517 20.73 -40.09 5.86
N GLN B 518 19.72 -39.26 5.61
CA GLN B 518 18.60 -39.68 4.78
C GLN B 518 18.11 -38.56 3.89
N SER B 519 17.55 -38.93 2.74
CA SER B 519 17.03 -37.97 1.79
C SER B 519 15.50 -37.95 1.80
N PRO B 520 14.90 -36.86 1.31
CA PRO B 520 13.44 -36.76 1.28
C PRO B 520 12.86 -37.55 0.12
N VAL B 521 12.20 -38.66 0.44
CA VAL B 521 11.59 -39.51 -0.58
C VAL B 521 10.27 -40.07 -0.05
N LYS C 8 48.57 -16.61 -41.92
CA LYS C 8 47.92 -16.76 -40.58
C LYS C 8 46.82 -17.80 -40.63
N PRO C 9 46.90 -18.84 -39.79
CA PRO C 9 45.90 -19.90 -39.74
C PRO C 9 44.51 -19.33 -39.50
N ALA C 10 43.48 -20.10 -39.84
CA ALA C 10 42.12 -19.65 -39.65
C ALA C 10 41.30 -20.67 -38.87
N VAL C 11 40.54 -20.19 -37.89
CA VAL C 11 39.69 -21.05 -37.10
C VAL C 11 38.27 -20.86 -37.60
N GLU C 12 37.67 -21.91 -38.14
CA GLU C 12 36.31 -21.81 -38.64
C GLU C 12 35.35 -22.16 -37.51
N LEU C 13 34.57 -21.19 -37.09
CA LEU C 13 33.61 -21.40 -36.02
C LEU C 13 32.24 -21.82 -36.52
N ASP C 14 31.79 -23.00 -36.10
CA ASP C 14 30.47 -23.49 -36.45
C ASP C 14 29.73 -23.60 -35.13
N ARG C 15 29.91 -24.73 -34.44
CA ARG C 15 29.26 -24.94 -33.16
C ARG C 15 30.24 -25.06 -31.99
N HIS C 16 31.30 -25.83 -32.21
CA HIS C 16 32.29 -26.08 -31.16
C HIS C 16 33.71 -25.60 -31.48
N ILE C 17 34.39 -25.10 -30.46
CA ILE C 17 35.76 -24.64 -30.59
C ILE C 17 36.48 -25.11 -29.33
N ASP C 18 37.69 -25.64 -29.46
CA ASP C 18 38.40 -26.10 -28.27
C ASP C 18 39.21 -24.96 -27.66
N LEU C 19 39.72 -25.17 -26.45
CA LEU C 19 40.48 -24.14 -25.76
C LEU C 19 41.70 -23.63 -26.52
N ASP C 20 42.42 -24.52 -27.21
CA ASP C 20 43.59 -24.09 -27.97
C ASP C 20 43.20 -23.16 -29.11
N GLN C 21 42.15 -23.51 -29.84
CA GLN C 21 41.67 -22.68 -30.94
C GLN C 21 41.23 -21.32 -30.40
N ALA C 22 40.54 -21.33 -29.27
CA ALA C 22 40.06 -20.09 -28.68
C ALA C 22 41.23 -19.17 -28.32
N HIS C 23 42.27 -19.73 -27.72
CA HIS C 23 43.41 -18.91 -27.36
C HIS C 23 44.16 -18.42 -28.61
N ALA C 24 44.19 -19.23 -29.65
CA ALA C 24 44.87 -18.84 -30.89
C ALA C 24 44.21 -17.58 -31.45
N VAL C 25 42.88 -17.55 -31.44
CA VAL C 25 42.16 -16.38 -31.95
C VAL C 25 42.32 -15.18 -31.01
N ALA C 26 42.16 -15.42 -29.71
CA ALA C 26 42.29 -14.35 -28.73
C ALA C 26 43.67 -13.71 -28.74
N SER C 27 44.71 -14.52 -28.96
CA SER C 27 46.08 -14.03 -28.97
C SER C 27 46.52 -13.49 -30.33
N GLY C 28 45.63 -13.55 -31.32
CA GLY C 28 45.96 -13.05 -32.64
C GLY C 28 46.79 -13.98 -33.51
N GLY C 29 46.97 -15.20 -33.05
CA GLY C 29 47.75 -16.17 -33.82
C GLY C 29 46.95 -16.77 -34.97
N ALA C 30 45.62 -16.63 -34.90
CA ALA C 30 44.75 -17.16 -35.94
C ALA C 30 43.59 -16.22 -36.23
N ARG C 31 43.15 -16.22 -37.48
CA ARG C 31 42.01 -15.40 -37.87
C ARG C 31 40.78 -16.22 -37.51
N ILE C 32 39.62 -15.57 -37.50
CA ILE C 32 38.40 -16.30 -37.19
C ILE C 32 37.39 -16.09 -38.31
N VAL C 33 36.70 -17.17 -38.65
CA VAL C 33 35.70 -17.13 -39.70
C VAL C 33 34.47 -17.88 -39.20
N LEU C 34 33.29 -17.34 -39.52
CA LEU C 34 32.05 -17.98 -39.09
C LEU C 34 31.59 -18.89 -40.22
N ALA C 35 31.52 -20.18 -39.95
CA ALA C 35 31.12 -21.18 -40.94
C ALA C 35 29.70 -20.92 -41.46
N PRO C 36 29.41 -21.33 -42.71
CA PRO C 36 28.08 -21.12 -43.29
C PRO C 36 26.93 -21.60 -42.41
N PRO C 37 27.04 -22.82 -41.84
CA PRO C 37 25.95 -23.32 -40.99
C PRO C 37 25.64 -22.38 -39.82
N ALA C 38 26.69 -21.79 -39.24
CA ALA C 38 26.52 -20.87 -38.12
C ALA C 38 25.88 -19.59 -38.61
N ARG C 39 26.30 -19.10 -39.77
CA ARG C 39 25.72 -17.88 -40.32
C ARG C 39 24.24 -18.11 -40.59
N ASP C 40 23.89 -19.31 -41.06
CA ASP C 40 22.50 -19.63 -41.35
C ASP C 40 21.68 -19.70 -40.06
N ARG C 41 22.22 -20.35 -39.04
CA ARG C 41 21.50 -20.44 -37.76
C ARG C 41 21.30 -19.06 -37.17
N CYS C 42 22.32 -18.22 -37.29
CA CYS C 42 22.23 -16.87 -36.73
C CYS C 42 21.22 -16.02 -37.49
N ARG C 43 21.14 -16.19 -38.81
CA ARG C 43 20.17 -15.42 -39.57
C ARG C 43 18.76 -15.85 -39.15
N ALA C 44 18.59 -17.13 -38.89
CA ALA C 44 17.29 -17.65 -38.46
C ALA C 44 16.92 -17.08 -37.10
N SER C 45 17.90 -16.94 -36.21
CA SER C 45 17.65 -16.40 -34.88
C SER C 45 17.33 -14.92 -34.97
N GLU C 46 17.98 -14.23 -35.90
CA GLU C 46 17.75 -12.80 -36.10
C GLU C 46 16.28 -12.61 -36.50
N ALA C 47 15.80 -13.50 -37.35
CA ALA C 47 14.41 -13.45 -37.80
C ALA C 47 13.47 -13.72 -36.64
N ARG C 48 13.84 -14.65 -35.77
CA ARG C 48 13.00 -14.97 -34.61
C ARG C 48 12.88 -13.76 -33.68
N LEU C 49 13.99 -13.05 -33.47
CA LEU C 49 13.94 -11.87 -32.61
C LEU C 49 13.01 -10.84 -33.25
N GLY C 50 13.11 -10.70 -34.57
CA GLY C 50 12.26 -9.76 -35.28
C GLY C 50 10.79 -10.05 -35.05
N ALA C 51 10.43 -11.33 -35.10
CA ALA C 51 9.05 -11.75 -34.90
C ALA C 51 8.61 -11.52 -33.46
N VAL C 52 9.51 -11.80 -32.51
CA VAL C 52 9.19 -11.60 -31.11
C VAL C 52 8.84 -10.14 -30.86
N ILE C 53 9.61 -9.24 -31.48
CA ILE C 53 9.38 -7.81 -31.35
C ILE C 53 8.08 -7.39 -32.04
N ARG C 54 7.84 -7.89 -33.25
CA ARG C 54 6.62 -7.56 -33.98
C ARG C 54 5.37 -8.00 -33.22
N GLU C 55 5.45 -9.18 -32.62
CA GLU C 55 4.34 -9.76 -31.88
C GLU C 55 4.15 -9.17 -30.48
N ALA C 56 5.07 -8.29 -30.08
CA ALA C 56 5.01 -7.63 -28.78
C ALA C 56 5.00 -8.61 -27.62
N ARG C 57 5.76 -9.69 -27.76
CA ARG C 57 5.84 -10.68 -26.70
C ARG C 57 6.48 -10.07 -25.45
N HIS C 58 6.05 -10.54 -24.29
CA HIS C 58 6.59 -10.06 -23.02
C HIS C 58 7.98 -10.66 -22.85
N VAL C 59 9.00 -9.88 -23.13
CA VAL C 59 10.37 -10.36 -23.04
C VAL C 59 11.30 -9.36 -22.36
N TYR C 60 12.10 -9.86 -21.42
CA TYR C 60 13.07 -9.05 -20.68
C TYR C 60 14.00 -8.28 -21.65
N GLY C 61 14.09 -6.97 -21.47
CA GLY C 61 14.97 -6.18 -22.32
C GLY C 61 14.38 -5.68 -23.62
N LEU C 62 13.24 -6.25 -24.01
CA LEU C 62 12.57 -5.83 -25.24
C LEU C 62 11.29 -5.07 -24.90
N THR C 63 10.62 -5.49 -23.84
CA THR C 63 9.38 -4.85 -23.41
C THR C 63 9.33 -4.64 -21.90
N THR C 64 10.49 -4.71 -21.24
CA THR C 64 10.56 -4.54 -19.80
C THR C 64 11.82 -3.79 -19.38
N GLY C 65 11.80 -3.28 -18.15
CA GLY C 65 12.97 -2.60 -17.60
C GLY C 65 13.93 -3.69 -17.16
N PHE C 66 15.01 -3.32 -16.48
CA PHE C 66 16.01 -4.27 -16.05
C PHE C 66 16.06 -4.53 -14.55
N GLY C 67 16.55 -5.71 -14.18
CA GLY C 67 16.61 -6.07 -12.78
C GLY C 67 15.23 -5.99 -12.17
N PRO C 68 15.09 -5.45 -10.95
CA PRO C 68 13.80 -5.32 -10.27
C PRO C 68 12.86 -4.38 -11.01
N LEU C 69 13.41 -3.59 -11.93
CA LEU C 69 12.62 -2.64 -12.69
C LEU C 69 11.94 -3.33 -13.88
N ALA C 70 12.09 -4.64 -13.96
CA ALA C 70 11.47 -5.39 -15.05
C ALA C 70 9.95 -5.36 -14.91
N ASN C 71 9.44 -4.92 -13.77
CA ASN C 71 8.00 -4.86 -13.59
C ASN C 71 7.43 -3.64 -14.32
N ARG C 72 8.32 -2.81 -14.85
CA ARG C 72 7.89 -1.64 -15.62
C ARG C 72 7.91 -2.09 -17.08
N LEU C 73 6.73 -2.23 -17.68
CA LEU C 73 6.65 -2.64 -19.08
C LEU C 73 6.88 -1.45 -19.99
N ILE C 74 7.61 -1.68 -21.07
CA ILE C 74 7.98 -0.63 -22.01
C ILE C 74 7.32 -0.72 -23.39
N SER C 75 6.92 0.42 -23.92
CA SER C 75 6.29 0.47 -25.24
C SER C 75 7.36 0.38 -26.33
N GLY C 76 7.05 -0.33 -27.39
CA GLY C 76 7.99 -0.50 -28.49
C GLY C 76 8.72 0.72 -28.99
N GLU C 77 8.07 1.87 -28.99
CA GLU C 77 8.69 3.10 -29.48
C GLU C 77 9.86 3.57 -28.60
N ASN C 78 9.95 3.05 -27.39
CA ASN C 78 11.00 3.47 -26.47
C ASN C 78 12.12 2.46 -26.26
N VAL C 79 12.12 1.37 -27.03
CA VAL C 79 13.13 0.33 -26.88
C VAL C 79 14.55 0.79 -27.18
N ARG C 80 14.72 1.67 -28.16
CA ARG C 80 16.06 2.14 -28.48
C ARG C 80 16.66 2.84 -27.27
N THR C 81 15.87 3.71 -26.64
CA THR C 81 16.33 4.42 -25.45
C THR C 81 16.57 3.42 -24.33
N LEU C 82 15.65 2.47 -24.19
CA LEU C 82 15.74 1.42 -23.18
C LEU C 82 17.09 0.71 -23.24
N GLN C 83 17.45 0.22 -24.42
CA GLN C 83 18.70 -0.50 -24.58
C GLN C 83 19.93 0.40 -24.54
N ALA C 84 19.78 1.66 -24.92
CA ALA C 84 20.91 2.58 -24.86
C ALA C 84 21.23 2.85 -23.40
N ASN C 85 20.20 3.03 -22.58
CA ASN C 85 20.44 3.29 -21.17
C ASN C 85 20.88 2.05 -20.41
N LEU C 86 20.61 0.88 -20.97
CA LEU C 86 21.06 -0.36 -20.34
C LEU C 86 22.59 -0.31 -20.33
N VAL C 87 23.16 -0.02 -21.50
CA VAL C 87 24.61 0.08 -21.63
C VAL C 87 25.16 1.18 -20.73
N HIS C 88 24.45 2.30 -20.69
CA HIS C 88 24.86 3.43 -19.86
C HIS C 88 24.94 3.13 -18.36
N HIS C 89 23.86 2.60 -17.79
CA HIS C 89 23.87 2.34 -16.35
C HIS C 89 24.82 1.23 -15.93
N LEU C 90 25.16 0.36 -16.87
CA LEU C 90 26.06 -0.75 -16.56
C LEU C 90 27.55 -0.40 -16.65
N ALA C 91 27.87 0.69 -17.33
CA ALA C 91 29.26 1.11 -17.50
C ALA C 91 29.84 1.85 -16.29
N SER C 92 29.81 1.17 -15.15
CA SER C 92 30.31 1.72 -13.89
C SER C 92 31.58 1.00 -13.46
N GLY C 93 32.22 0.32 -14.41
CA GLY C 93 33.44 -0.40 -14.10
C GLY C 93 34.63 0.46 -13.74
N VAL C 94 35.52 -0.10 -12.93
CA VAL C 94 36.74 0.59 -12.49
C VAL C 94 37.91 -0.40 -12.45
N GLY C 95 39.12 0.12 -12.23
CA GLY C 95 40.29 -0.73 -12.14
C GLY C 95 41.08 -0.86 -13.43
N PRO C 96 42.25 -1.50 -13.37
CA PRO C 96 43.11 -1.68 -14.55
C PRO C 96 42.30 -2.39 -15.63
N VAL C 97 42.57 -2.07 -16.89
CA VAL C 97 41.85 -2.72 -17.97
C VAL C 97 42.34 -4.15 -18.13
N LEU C 98 41.47 -5.01 -18.67
CA LEU C 98 41.86 -6.39 -18.91
C LEU C 98 42.96 -6.31 -19.96
N ASP C 99 43.91 -7.24 -19.92
CA ASP C 99 44.97 -7.21 -20.92
C ASP C 99 44.41 -7.51 -22.30
N TRP C 100 45.18 -7.15 -23.32
CA TRP C 100 44.80 -7.32 -24.72
C TRP C 100 44.23 -8.70 -25.05
N THR C 101 44.97 -9.76 -24.72
CA THR C 101 44.53 -11.12 -25.01
C THR C 101 43.24 -11.50 -24.27
N THR C 102 43.15 -11.13 -23.00
CA THR C 102 41.97 -11.45 -22.20
C THR C 102 40.73 -10.70 -22.67
N ALA C 103 40.87 -9.42 -23.01
CA ALA C 103 39.73 -8.64 -23.48
C ALA C 103 39.21 -9.26 -24.79
N ARG C 104 40.14 -9.68 -25.65
CA ARG C 104 39.74 -10.30 -26.91
C ARG C 104 39.09 -11.67 -26.64
N ALA C 105 39.57 -12.37 -25.62
CA ALA C 105 39.00 -13.67 -25.27
C ALA C 105 37.55 -13.50 -24.85
N MET C 106 37.25 -12.36 -24.21
CA MET C 106 35.89 -12.06 -23.76
C MET C 106 35.01 -11.84 -24.98
N VAL C 107 35.51 -11.07 -25.94
CA VAL C 107 34.77 -10.82 -27.18
C VAL C 107 34.49 -12.16 -27.86
N LEU C 108 35.50 -13.03 -27.92
CA LEU C 108 35.33 -14.34 -28.55
C LEU C 108 34.28 -15.18 -27.82
N ALA C 109 34.32 -15.19 -26.49
CA ALA C 109 33.35 -15.96 -25.73
C ALA C 109 31.92 -15.54 -26.04
N ARG C 110 31.68 -14.24 -26.18
CA ARG C 110 30.34 -13.77 -26.51
C ARG C 110 29.97 -14.25 -27.91
N LEU C 111 30.91 -14.15 -28.83
CA LEU C 111 30.67 -14.59 -30.21
C LEU C 111 30.33 -16.08 -30.30
N VAL C 112 31.05 -16.92 -29.57
CA VAL C 112 30.78 -18.34 -29.59
C VAL C 112 29.37 -18.65 -29.10
N SER C 113 28.92 -17.93 -28.07
CA SER C 113 27.58 -18.13 -27.55
C SER C 113 26.58 -17.77 -28.64
N ILE C 114 26.79 -16.62 -29.26
CA ILE C 114 25.91 -16.14 -30.33
C ILE C 114 25.86 -17.11 -31.50
N ALA C 115 27.00 -17.70 -31.82
CA ALA C 115 27.10 -18.64 -32.94
C ALA C 115 26.19 -19.86 -32.82
N GLN C 116 25.72 -20.15 -31.61
CA GLN C 116 24.84 -21.30 -31.42
C GLN C 116 23.47 -21.02 -32.02
N GLY C 117 23.17 -19.75 -32.27
CA GLY C 117 21.91 -19.39 -32.89
C GLY C 117 20.66 -19.23 -32.03
N ALA C 118 20.83 -18.74 -30.81
CA ALA C 118 19.69 -18.55 -29.92
C ALA C 118 19.69 -17.17 -29.27
N SER C 119 20.55 -16.27 -29.77
CA SER C 119 20.68 -14.92 -29.21
C SER C 119 19.98 -13.80 -29.98
N GLY C 120 19.62 -14.06 -31.24
CA GLY C 120 18.96 -13.04 -32.03
C GLY C 120 19.84 -11.94 -32.59
N ALA C 121 21.15 -12.08 -32.43
CA ALA C 121 22.11 -11.08 -32.93
C ALA C 121 22.03 -10.87 -34.44
N SER C 122 22.08 -9.62 -34.87
CA SER C 122 22.01 -9.31 -36.29
C SER C 122 23.33 -9.59 -36.98
N GLU C 123 23.27 -9.73 -38.29
CA GLU C 123 24.46 -10.00 -39.06
C GLU C 123 25.52 -8.92 -38.82
N GLY C 124 25.09 -7.67 -38.71
CA GLY C 124 26.03 -6.57 -38.47
C GLY C 124 26.72 -6.68 -37.12
N THR C 125 25.96 -7.02 -36.09
CA THR C 125 26.51 -7.16 -34.75
C THR C 125 27.58 -8.26 -34.73
N ILE C 126 27.27 -9.37 -35.38
CA ILE C 126 28.21 -10.49 -35.46
C ILE C 126 29.48 -10.04 -36.20
N ALA C 127 29.30 -9.30 -37.28
CA ALA C 127 30.44 -8.83 -38.06
C ALA C 127 31.35 -7.92 -37.25
N ARG C 128 30.78 -7.15 -36.33
CA ARG C 128 31.57 -6.25 -35.50
C ARG C 128 32.49 -7.04 -34.57
N LEU C 129 31.98 -8.15 -34.04
CA LEU C 129 32.78 -8.98 -33.15
C LEU C 129 33.87 -9.69 -33.93
N ILE C 130 33.53 -10.20 -35.11
CA ILE C 130 34.50 -10.89 -35.95
C ILE C 130 35.59 -9.91 -36.39
N ASP C 131 35.20 -8.70 -36.80
CA ASP C 131 36.16 -7.69 -37.22
C ASP C 131 37.17 -7.37 -36.12
N LEU C 132 36.67 -7.21 -34.90
CA LEU C 132 37.55 -6.90 -33.77
C LEU C 132 38.58 -8.01 -33.61
N LEU C 133 38.11 -9.27 -33.62
CA LEU C 133 39.01 -10.41 -33.46
C LEU C 133 40.01 -10.55 -34.58
N ASN C 134 39.66 -10.12 -35.78
CA ASN C 134 40.60 -10.22 -36.88
C ASN C 134 41.55 -9.02 -36.96
N SER C 135 41.26 -7.98 -36.17
CA SER C 135 42.12 -6.80 -36.12
C SER C 135 43.22 -7.07 -35.10
N GLU C 136 44.10 -6.10 -34.90
CA GLU C 136 45.17 -6.23 -33.94
C GLU C 136 44.81 -5.46 -32.67
N LEU C 137 43.53 -5.13 -32.53
CA LEU C 137 43.07 -4.37 -31.37
C LEU C 137 42.21 -5.15 -30.40
N ALA C 138 42.01 -4.57 -29.23
CA ALA C 138 41.18 -5.15 -28.18
C ALA C 138 40.46 -3.99 -27.51
N PRO C 139 39.24 -4.22 -27.02
CA PRO C 139 38.54 -3.11 -26.36
C PRO C 139 39.21 -2.89 -25.01
N ALA C 140 39.26 -1.64 -24.55
CA ALA C 140 39.86 -1.31 -23.25
C ALA C 140 38.71 -1.35 -22.25
N VAL C 141 38.64 -2.42 -21.47
CA VAL C 141 37.57 -2.60 -20.51
C VAL C 141 38.07 -2.74 -19.08
N PRO C 142 37.48 -1.97 -18.15
CA PRO C 142 37.92 -2.06 -16.75
C PRO C 142 37.72 -3.48 -16.22
N SER C 143 38.64 -3.94 -15.38
CA SER C 143 38.57 -5.29 -14.85
C SER C 143 37.61 -5.53 -13.70
N ARG C 144 37.27 -4.48 -12.95
CA ARG C 144 36.37 -4.63 -11.80
C ARG C 144 34.98 -4.03 -11.97
N GLY C 145 34.03 -4.58 -11.24
CA GLY C 145 32.67 -4.06 -11.31
C GLY C 145 31.57 -5.09 -11.38
N THR C 146 31.86 -6.26 -11.94
CA THR C 146 30.85 -7.29 -12.08
C THR C 146 30.85 -8.33 -10.98
N VAL C 147 29.65 -8.87 -10.68
CA VAL C 147 29.53 -9.92 -9.67
C VAL C 147 29.33 -11.26 -10.38
N GLY C 148 29.50 -11.26 -11.70
CA GLY C 148 29.37 -12.47 -12.48
C GLY C 148 28.00 -13.10 -12.55
N ASP C 150 28.36 -11.18 -16.66
CA ASP C 150 29.43 -10.17 -16.79
C ASP C 150 28.99 -8.92 -17.53
N LEU C 151 27.89 -8.33 -17.06
CA LEU C 151 27.31 -7.16 -17.72
C LEU C 151 28.16 -5.90 -17.77
N THR C 152 28.82 -5.55 -16.67
CA THR C 152 29.64 -4.34 -16.65
C THR C 152 30.76 -4.35 -17.69
N PRO C 153 31.64 -5.36 -17.67
CA PRO C 153 32.70 -5.33 -18.70
C PRO C 153 32.17 -5.39 -20.12
N LEU C 154 31.07 -6.10 -20.34
CA LEU C 154 30.50 -6.21 -21.67
C LEU C 154 29.87 -4.89 -22.11
N ALA C 155 29.32 -4.13 -21.16
CA ALA C 155 28.73 -2.84 -21.50
C ALA C 155 29.86 -1.91 -21.94
N HIS C 156 31.00 -2.01 -21.26
CA HIS C 156 32.15 -1.19 -21.61
C HIS C 156 32.62 -1.61 -23.01
N MET C 157 32.56 -2.91 -23.29
CA MET C 157 32.95 -3.41 -24.61
C MET C 157 32.06 -2.78 -25.67
N VAL C 158 30.75 -2.74 -25.43
CA VAL C 158 29.84 -2.16 -26.39
C VAL C 158 30.19 -0.70 -26.68
N LEU C 159 30.47 0.07 -25.62
CA LEU C 159 30.82 1.47 -25.81
C LEU C 159 32.08 1.59 -26.67
N CYS C 160 33.05 0.72 -26.42
CA CYS C 160 34.29 0.72 -27.20
C CYS C 160 33.99 0.46 -28.67
N LEU C 161 33.18 -0.56 -28.94
CA LEU C 161 32.83 -0.91 -30.32
C LEU C 161 32.03 0.17 -31.03
N GLN C 162 31.45 1.10 -30.26
CA GLN C 162 30.68 2.20 -30.85
C GLN C 162 31.58 3.42 -31.00
N GLY C 163 32.85 3.27 -30.63
CA GLY C 163 33.79 4.37 -30.73
C GLY C 163 33.71 5.33 -29.55
N ARG C 164 33.04 4.88 -28.49
CA ARG C 164 32.87 5.69 -27.28
C ARG C 164 33.70 5.15 -26.12
N GLY C 165 34.70 4.34 -26.43
CA GLY C 165 35.57 3.78 -25.42
C GLY C 165 36.92 3.52 -26.05
N ASP C 166 37.97 3.44 -25.24
CA ASP C 166 39.31 3.21 -25.75
C ASP C 166 39.55 1.79 -26.25
N PHE C 167 40.64 1.63 -27.00
CA PHE C 167 41.07 0.35 -27.53
C PHE C 167 42.51 0.15 -27.09
N LEU C 168 42.98 -1.09 -27.16
CA LEU C 168 44.36 -1.39 -26.80
C LEU C 168 45.04 -2.04 -28.00
N ASP C 169 46.28 -1.68 -28.23
CA ASP C 169 47.04 -2.29 -29.32
C ASP C 169 47.73 -3.47 -28.63
N ARG C 170 48.37 -4.36 -29.39
CA ARG C 170 49.03 -5.52 -28.78
C ARG C 170 49.93 -5.20 -27.58
N ASP C 171 50.60 -4.05 -27.62
CA ASP C 171 51.51 -3.65 -26.56
C ASP C 171 50.83 -3.09 -25.32
N GLY C 172 49.52 -2.88 -25.40
CA GLY C 172 48.80 -2.34 -24.27
C GLY C 172 48.65 -0.84 -24.35
N THR C 173 49.24 -0.23 -25.37
CA THR C 173 49.14 1.20 -25.54
C THR C 173 47.68 1.51 -25.88
N ARG C 174 47.14 2.56 -25.27
CA ARG C 174 45.75 2.91 -25.49
C ARG C 174 45.51 3.91 -26.61
N LEU C 175 44.41 3.68 -27.33
CA LEU C 175 43.99 4.52 -28.44
C LEU C 175 42.56 4.96 -28.11
N ASP C 176 42.20 6.19 -28.47
CA ASP C 176 40.83 6.63 -28.19
C ASP C 176 39.88 5.91 -29.15
N GLY C 177 38.59 5.97 -28.83
CA GLY C 177 37.58 5.31 -29.65
C GLY C 177 37.67 5.56 -31.14
N ALA C 178 37.74 6.84 -31.53
CA ALA C 178 37.80 7.20 -32.94
C ALA C 178 39.03 6.63 -33.63
N GLU C 179 40.18 6.72 -32.96
CA GLU C 179 41.43 6.20 -33.51
C GLU C 179 41.36 4.69 -33.64
N GLY C 180 40.74 4.06 -32.65
CA GLY C 180 40.60 2.62 -32.67
C GLY C 180 39.83 2.13 -33.88
N LEU C 181 38.68 2.74 -34.14
CA LEU C 181 37.86 2.35 -35.29
C LEU C 181 38.63 2.57 -36.59
N ARG C 182 39.37 3.67 -36.66
CA ARG C 182 40.16 3.98 -37.84
C ARG C 182 41.31 3.01 -38.06
N ARG C 183 42.17 2.88 -37.05
CA ARG C 183 43.33 2.00 -37.14
C ARG C 183 42.98 0.53 -37.35
N GLY C 184 41.91 0.07 -36.69
CA GLY C 184 41.53 -1.31 -36.84
C GLY C 184 40.60 -1.58 -38.01
N ARG C 185 40.19 -0.52 -38.70
CA ARG C 185 39.26 -0.64 -39.82
C ARG C 185 37.99 -1.33 -39.33
N LEU C 186 37.42 -0.76 -38.29
CA LEU C 186 36.20 -1.29 -37.68
C LEU C 186 35.04 -0.33 -37.90
N GLN C 187 33.86 -0.88 -38.17
CA GLN C 187 32.70 -0.02 -38.35
C GLN C 187 32.03 0.13 -36.98
N PRO C 188 31.46 1.30 -36.70
CA PRO C 188 30.80 1.51 -35.40
C PRO C 188 29.62 0.56 -35.22
N LEU C 189 29.52 -0.01 -34.03
CA LEU C 189 28.45 -0.93 -33.69
C LEU C 189 27.08 -0.24 -33.72
N ASP C 190 26.15 -0.82 -34.48
CA ASP C 190 24.78 -0.29 -34.61
C ASP C 190 23.79 -1.29 -34.04
N LEU C 191 23.09 -0.89 -32.98
CA LEU C 191 22.12 -1.77 -32.34
C LEU C 191 20.66 -1.47 -32.68
N SER C 192 20.43 -0.95 -33.88
CA SER C 192 19.09 -0.60 -34.33
C SER C 192 18.12 -1.79 -34.39
N HIS C 193 18.65 -3.00 -34.46
CA HIS C 193 17.81 -4.19 -34.52
C HIS C 193 17.29 -4.60 -33.14
N ARG C 194 17.69 -3.85 -32.11
CA ARG C 194 17.29 -4.11 -30.73
C ARG C 194 17.90 -5.41 -30.20
N ASP C 195 19.11 -5.70 -30.66
CA ASP C 195 19.82 -6.91 -30.25
C ASP C 195 20.93 -6.63 -29.24
N ALA C 196 20.77 -5.57 -28.46
CA ALA C 196 21.75 -5.21 -27.46
C ALA C 196 22.00 -6.32 -26.43
N LEU C 197 20.95 -7.05 -26.06
CA LEU C 197 21.13 -8.11 -25.07
C LEU C 197 21.95 -9.27 -25.61
N ALA C 198 22.20 -9.31 -26.91
CA ALA C 198 23.03 -10.38 -27.45
C ALA C 198 24.49 -10.08 -27.13
N LEU C 199 24.78 -8.82 -26.81
CA LEU C 199 26.15 -8.41 -26.49
C LEU C 199 26.39 -8.22 -24.99
N VAL C 200 25.37 -7.76 -24.28
CA VAL C 200 25.47 -7.54 -22.84
C VAL C 200 24.74 -8.71 -22.21
N ASN C 201 25.44 -9.82 -22.04
CA ASN C 201 24.82 -11.02 -21.50
C ASN C 201 25.86 -12.11 -21.23
N GLY C 202 25.43 -13.14 -20.51
CA GLY C 202 26.29 -14.26 -20.25
C GLY C 202 27.50 -14.11 -19.37
N THR C 203 28.39 -15.10 -19.49
CA THR C 203 29.61 -15.18 -18.69
C THR C 203 30.90 -14.98 -19.50
N SER C 204 30.81 -14.16 -20.54
CA SER C 204 31.94 -13.92 -21.44
C SER C 204 33.26 -13.47 -20.83
N ALA C 205 33.21 -12.55 -19.86
CA ALA C 205 34.45 -12.07 -19.26
C ALA C 205 35.15 -13.13 -18.44
N MET C 206 34.44 -13.77 -17.50
CA MET C 206 35.09 -14.79 -16.69
C MET C 206 35.55 -15.95 -17.56
N THR C 207 34.79 -16.26 -18.61
CA THR C 207 35.18 -17.34 -19.51
C THR C 207 36.44 -16.97 -20.29
N GLY C 208 36.52 -15.73 -20.75
CA GLY C 208 37.70 -15.30 -21.48
C GLY C 208 38.93 -15.32 -20.58
N ILE C 209 38.77 -14.84 -19.35
CA ILE C 209 39.88 -14.82 -18.41
C ILE C 209 40.33 -16.25 -18.12
N ALA C 210 39.36 -17.14 -17.91
CA ALA C 210 39.66 -18.53 -17.60
C ALA C 210 40.31 -19.29 -18.75
N LEU C 211 39.95 -18.99 -20.00
CA LEU C 211 40.58 -19.71 -21.09
C LEU C 211 42.03 -19.26 -21.24
N VAL C 212 42.34 -18.02 -20.87
CA VAL C 212 43.72 -17.55 -20.94
C VAL C 212 44.47 -18.23 -19.78
N ASN C 213 43.81 -18.40 -18.64
CA ASN C 213 44.42 -19.08 -17.50
C ASN C 213 44.76 -20.51 -17.89
N ALA C 214 43.83 -21.18 -18.57
CA ALA C 214 44.05 -22.58 -18.99
C ALA C 214 45.29 -22.72 -19.86
N HIS C 215 45.45 -21.83 -20.82
CA HIS C 215 46.60 -21.87 -21.72
C HIS C 215 47.91 -21.65 -20.97
N ALA C 216 47.92 -20.66 -20.09
CA ALA C 216 49.11 -20.35 -19.31
C ALA C 216 49.50 -21.52 -18.42
N CYS C 217 48.51 -22.16 -17.79
CA CYS C 217 48.79 -23.28 -16.91
C CYS C 217 49.37 -24.49 -17.64
N ARG C 218 48.99 -24.67 -18.89
CA ARG C 218 49.54 -25.80 -19.65
C ARG C 218 51.03 -25.60 -19.80
N HIS C 219 51.43 -24.38 -20.17
CA HIS C 219 52.85 -24.07 -20.34
C HIS C 219 53.60 -24.13 -19.01
N LEU C 220 53.06 -23.52 -17.97
CA LEU C 220 53.75 -23.56 -16.68
C LEU C 220 53.87 -24.99 -16.16
N GLY C 221 52.86 -25.81 -16.45
CA GLY C 221 52.90 -27.20 -16.02
C GLY C 221 54.04 -27.91 -16.72
N ASN C 222 54.25 -27.59 -17.99
CA ASN C 222 55.36 -28.21 -18.73
C ASN C 222 56.69 -27.77 -18.14
N TRP C 223 56.77 -26.52 -17.70
CA TRP C 223 58.00 -26.04 -17.08
C TRP C 223 58.19 -26.69 -15.72
N ALA C 224 57.12 -26.85 -14.96
CA ALA C 224 57.22 -27.48 -13.64
C ALA C 224 57.80 -28.87 -13.78
N VAL C 225 57.36 -29.60 -14.81
CA VAL C 225 57.85 -30.94 -15.06
C VAL C 225 59.32 -30.90 -15.51
N ALA C 226 59.61 -30.05 -16.48
CA ALA C 226 60.96 -29.92 -17.01
C ALA C 226 61.98 -29.51 -15.95
N LEU C 227 61.59 -28.62 -15.05
CA LEU C 227 62.51 -28.16 -14.02
C LEU C 227 62.68 -29.18 -12.89
N THR C 228 61.64 -29.97 -12.62
CA THR C 228 61.74 -31.01 -11.59
C THR C 228 62.75 -32.04 -12.11
N ALA C 229 62.67 -32.32 -13.40
CA ALA C 229 63.56 -33.28 -14.03
C ALA C 229 65.01 -32.77 -14.00
N LEU C 230 65.21 -31.51 -14.36
CA LEU C 230 66.55 -30.94 -14.34
C LEU C 230 67.07 -30.90 -12.91
N LEU C 231 66.16 -30.72 -11.95
CA LEU C 231 66.55 -30.71 -10.54
C LEU C 231 67.15 -32.07 -10.19
N ALA C 232 66.51 -33.13 -10.67
CA ALA C 232 66.99 -34.48 -10.40
C ALA C 232 68.39 -34.67 -11.00
N GLU C 233 68.65 -34.05 -12.15
CA GLU C 233 69.96 -34.18 -12.78
C GLU C 233 71.02 -33.38 -12.05
N CYS C 234 70.60 -32.41 -11.24
CA CYS C 234 71.55 -31.59 -10.49
C CYS C 234 71.77 -32.11 -9.08
N LEU C 235 70.86 -32.94 -8.58
CA LEU C 235 70.96 -33.47 -7.22
C LEU C 235 71.03 -34.99 -7.17
N ARG C 236 71.41 -35.63 -8.28
CA ARG C 236 71.50 -37.08 -8.35
C ARG C 236 70.19 -37.73 -7.88
N GLY C 237 69.08 -37.23 -8.40
CA GLY C 237 67.78 -37.75 -8.02
C GLY C 237 67.54 -39.20 -8.43
N ARG C 238 66.71 -39.89 -7.68
CA ARG C 238 66.38 -41.29 -7.93
C ARG C 238 65.14 -41.43 -8.82
N THR C 239 65.32 -42.00 -10.01
CA THR C 239 64.23 -42.18 -10.95
C THR C 239 63.24 -43.30 -10.61
N GLU C 240 63.61 -44.20 -9.70
CA GLU C 240 62.68 -45.28 -9.39
C GLU C 240 61.38 -44.75 -8.81
N ALA C 241 61.42 -43.57 -8.18
CA ALA C 241 60.21 -42.98 -7.62
C ALA C 241 59.25 -42.57 -8.72
N TRP C 242 59.76 -42.42 -9.93
CA TRP C 242 58.93 -42.02 -11.07
C TRP C 242 58.53 -43.19 -11.96
N ALA C 243 58.75 -44.41 -11.47
CA ALA C 243 58.43 -45.62 -12.21
C ALA C 243 56.95 -45.75 -12.58
N ALA C 244 56.71 -46.27 -13.78
CA ALA C 244 55.35 -46.45 -14.27
C ALA C 244 54.57 -47.41 -13.37
N ALA C 245 55.27 -48.39 -12.79
CA ALA C 245 54.63 -49.36 -11.92
C ALA C 245 53.92 -48.68 -10.74
N LEU C 246 54.49 -47.59 -10.24
CA LEU C 246 53.87 -46.89 -9.13
C LEU C 246 52.61 -46.18 -9.59
N SER C 247 52.64 -45.65 -10.81
CA SER C 247 51.48 -44.96 -11.37
C SER C 247 50.32 -45.94 -11.48
N ASP C 248 50.62 -47.15 -11.96
CA ASP C 248 49.59 -48.17 -12.12
C ASP C 248 48.95 -48.58 -10.81
N LEU C 249 49.70 -48.50 -9.71
CA LEU C 249 49.18 -48.87 -8.41
C LEU C 249 48.21 -47.81 -7.85
N ARG C 250 48.39 -46.57 -8.28
CA ARG C 250 47.53 -45.46 -7.86
C ARG C 250 47.25 -44.68 -9.15
N PRO C 251 46.38 -45.26 -10.01
CA PRO C 251 45.95 -44.77 -11.32
C PRO C 251 45.26 -43.43 -11.55
N HIS C 252 45.73 -42.37 -10.90
CA HIS C 252 45.16 -41.05 -11.16
C HIS C 252 45.76 -40.65 -12.51
N PRO C 253 44.92 -40.22 -13.46
CA PRO C 253 45.41 -39.82 -14.79
C PRO C 253 46.53 -38.78 -14.75
N GLY C 254 46.33 -37.74 -13.95
CA GLY C 254 47.32 -36.68 -13.85
C GLY C 254 48.65 -37.15 -13.33
N GLN C 255 48.62 -38.08 -12.38
CA GLN C 255 49.85 -38.62 -11.80
C GLN C 255 50.59 -39.48 -12.81
N LYS C 256 49.85 -40.34 -13.52
CA LYS C 256 50.46 -41.21 -14.51
C LYS C 256 51.13 -40.35 -15.57
N ASP C 257 50.44 -39.32 -16.01
CA ASP C 257 50.95 -38.40 -17.02
C ASP C 257 52.21 -37.69 -16.51
N ALA C 258 52.13 -37.17 -15.29
CA ALA C 258 53.27 -36.46 -14.71
C ALA C 258 54.52 -37.35 -14.63
N ALA C 259 54.33 -38.57 -14.13
CA ALA C 259 55.44 -39.51 -14.00
C ALA C 259 56.03 -39.85 -15.37
N ALA C 260 55.18 -40.12 -16.34
CA ALA C 260 55.65 -40.45 -17.69
C ALA C 260 56.44 -39.28 -18.29
N ARG C 261 55.94 -38.06 -18.10
CA ARG C 261 56.62 -36.88 -18.63
C ARG C 261 57.95 -36.66 -17.93
N LEU C 262 58.02 -36.97 -16.65
CA LEU C 262 59.26 -36.82 -15.90
C LEU C 262 60.29 -37.81 -16.41
N ARG C 263 59.87 -39.06 -16.61
CA ARG C 263 60.78 -40.08 -17.11
C ARG C 263 61.34 -39.67 -18.48
N ALA C 264 60.46 -39.14 -19.32
CA ALA C 264 60.87 -38.71 -20.66
C ALA C 264 61.91 -37.59 -20.61
N ARG C 265 61.73 -36.64 -19.70
CA ARG C 265 62.67 -35.53 -19.58
C ARG C 265 64.08 -35.99 -19.23
N VAL C 266 64.20 -36.99 -18.35
CA VAL C 266 65.51 -37.47 -17.94
C VAL C 266 66.03 -38.66 -18.74
N ASP C 267 65.36 -38.98 -19.83
CA ASP C 267 65.82 -40.10 -20.67
C ASP C 267 67.18 -39.71 -21.24
N GLY C 268 68.14 -40.64 -21.17
CA GLY C 268 69.47 -40.36 -21.69
C GLY C 268 70.40 -39.69 -20.70
N SER C 269 69.89 -39.40 -19.50
CA SER C 269 70.71 -38.76 -18.47
C SER C 269 71.60 -39.76 -17.76
N ALA C 270 72.82 -39.32 -17.43
CA ALA C 270 73.77 -40.15 -16.72
C ALA C 270 74.01 -39.52 -15.35
N ARG C 271 73.24 -38.48 -15.06
CA ARG C 271 73.36 -37.75 -13.81
C ARG C 271 72.34 -38.18 -12.75
N VAL C 272 71.33 -38.92 -13.15
CA VAL C 272 70.32 -39.39 -12.20
C VAL C 272 70.70 -40.80 -11.73
N VAL C 273 70.08 -41.23 -10.63
CA VAL C 273 70.33 -42.56 -10.07
C VAL C 273 69.17 -43.44 -10.51
N ARG C 274 69.45 -44.50 -11.27
CA ARG C 274 68.39 -45.38 -11.77
C ARG C 274 68.28 -46.73 -11.05
N HIS C 275 69.21 -47.03 -10.18
CA HIS C 275 69.18 -48.29 -9.46
C HIS C 275 67.98 -48.41 -8.53
N VAL C 276 67.39 -49.60 -8.49
CA VAL C 276 66.25 -49.86 -7.61
C VAL C 276 66.90 -50.32 -6.29
N ILE C 277 66.73 -49.54 -5.22
CA ILE C 277 67.37 -49.89 -3.95
C ILE C 277 67.07 -51.28 -3.39
N ALA C 278 65.86 -51.78 -3.59
CA ALA C 278 65.47 -53.09 -3.07
C ALA C 278 66.26 -54.24 -3.69
N GLU C 279 67.00 -53.96 -4.75
CA GLU C 279 67.80 -54.99 -5.41
C GLU C 279 69.00 -55.36 -4.54
N ARG C 280 69.48 -54.39 -3.77
CA ARG C 280 70.63 -54.58 -2.89
C ARG C 280 70.37 -55.51 -1.70
N ARG C 281 71.23 -56.53 -1.58
CA ARG C 281 71.14 -57.48 -0.47
C ARG C 281 72.15 -57.00 0.58
N LEU C 282 71.69 -56.80 1.82
CA LEU C 282 72.57 -56.32 2.88
C LEU C 282 73.33 -57.39 3.66
N ASP C 283 74.53 -57.03 4.10
CA ASP C 283 75.38 -57.91 4.90
C ASP C 283 75.52 -57.32 6.30
N ALA C 284 75.91 -58.15 7.26
CA ALA C 284 76.06 -57.69 8.64
C ALA C 284 77.05 -56.52 8.72
N GLY C 285 78.04 -56.54 7.84
CA GLY C 285 79.05 -55.49 7.84
C GLY C 285 78.56 -54.14 7.34
N ASP C 286 77.44 -54.14 6.61
CA ASP C 286 76.88 -52.91 6.08
C ASP C 286 76.05 -52.14 7.11
N ILE C 287 75.67 -52.81 8.18
CA ILE C 287 74.86 -52.20 9.23
C ILE C 287 75.56 -51.02 9.90
N GLY C 288 74.92 -49.86 9.82
CA GLY C 288 75.47 -48.65 10.39
C GLY C 288 74.81 -47.46 9.72
N THR C 289 75.47 -46.30 9.75
CA THR C 289 74.93 -45.10 9.14
C THR C 289 75.59 -44.81 7.80
N GLU C 290 74.79 -44.79 6.74
CA GLU C 290 75.30 -44.50 5.40
C GLU C 290 75.24 -43.00 5.13
N PRO C 291 76.05 -42.52 4.18
CA PRO C 291 76.08 -41.09 3.84
C PRO C 291 74.73 -40.50 3.47
N GLU C 292 73.96 -41.22 2.65
CA GLU C 292 72.66 -40.73 2.24
C GLU C 292 71.56 -41.78 2.39
N ALA C 293 70.32 -41.32 2.53
CA ALA C 293 69.19 -42.21 2.67
C ALA C 293 68.86 -42.78 1.29
N GLY C 294 68.16 -43.91 1.27
CA GLY C 294 67.80 -44.56 0.02
C GLY C 294 66.70 -43.91 -0.79
N GLN C 295 66.06 -42.90 -0.24
CA GLN C 295 64.98 -42.19 -0.95
C GLN C 295 65.22 -40.69 -0.89
N ASP C 296 64.74 -39.98 -1.91
CA ASP C 296 64.90 -38.52 -1.97
C ASP C 296 63.84 -37.83 -1.12
N ALA C 297 64.08 -36.55 -0.87
CA ALA C 297 63.12 -35.73 -0.12
C ALA C 297 61.88 -35.64 -1.02
N TYR C 298 60.76 -35.24 -0.45
CA TYR C 298 59.50 -35.17 -1.20
C TYR C 298 59.45 -34.27 -2.43
N SER C 299 60.24 -33.19 -2.45
CA SER C 299 60.22 -32.27 -3.60
C SER C 299 60.65 -32.95 -4.89
N LEU C 300 61.19 -34.16 -4.78
CA LEU C 300 61.59 -34.94 -5.95
C LEU C 300 60.81 -36.26 -5.97
N ARG C 301 60.85 -36.98 -4.85
CA ARG C 301 60.18 -38.27 -4.76
C ARG C 301 58.67 -38.22 -4.96
N CYS C 302 58.03 -37.17 -4.46
CA CYS C 302 56.58 -37.05 -4.57
C CYS C 302 56.11 -36.10 -5.68
N ALA C 303 57.02 -35.78 -6.61
CA ALA C 303 56.66 -34.88 -7.70
C ALA C 303 55.49 -35.40 -8.53
N PRO C 304 55.48 -36.70 -8.87
CA PRO C 304 54.36 -37.22 -9.67
C PRO C 304 53.01 -37.01 -8.99
N GLN C 305 52.98 -37.24 -7.68
CA GLN C 305 51.76 -37.10 -6.89
C GLN C 305 51.30 -35.65 -6.73
N VAL C 306 52.25 -34.75 -6.50
CA VAL C 306 51.89 -33.33 -6.34
C VAL C 306 51.52 -32.71 -7.69
N LEU C 307 52.40 -32.85 -8.66
CA LEU C 307 52.11 -32.31 -10.00
C LEU C 307 50.83 -32.93 -10.56
N GLY C 308 50.69 -34.24 -10.37
CA GLY C 308 49.53 -34.95 -10.88
C GLY C 308 48.20 -34.47 -10.34
N ALA C 309 48.16 -34.13 -9.05
CA ALA C 309 46.92 -33.64 -8.46
C ALA C 309 46.61 -32.29 -9.09
N GLY C 310 47.65 -31.51 -9.34
CA GLY C 310 47.46 -30.20 -9.97
C GLY C 310 46.94 -30.40 -11.39
N PHE C 311 47.52 -31.36 -12.10
CA PHE C 311 47.10 -31.62 -13.47
C PHE C 311 45.65 -32.11 -13.56
N ASP C 312 45.24 -32.93 -12.58
CA ASP C 312 43.87 -33.41 -12.59
C ASP C 312 42.90 -32.26 -12.29
N THR C 313 43.36 -31.29 -11.50
CA THR C 313 42.52 -30.14 -11.19
C THR C 313 42.37 -29.31 -12.48
N LEU C 314 43.47 -29.13 -13.20
CA LEU C 314 43.42 -28.36 -14.45
C LEU C 314 42.54 -29.07 -15.48
N ALA C 315 42.59 -30.40 -15.49
CA ALA C 315 41.78 -31.17 -16.42
C ALA C 315 40.28 -30.95 -16.15
N TRP C 316 39.92 -30.91 -14.87
CA TRP C 316 38.52 -30.68 -14.49
C TRP C 316 38.12 -29.27 -14.91
N HIS C 317 38.98 -28.31 -14.59
CA HIS C 317 38.77 -26.90 -14.93
C HIS C 317 38.53 -26.78 -16.43
N ASP C 318 39.38 -27.44 -17.21
CA ASP C 318 39.25 -27.37 -18.66
C ASP C 318 38.01 -28.06 -19.19
N ARG C 319 37.57 -29.15 -18.56
CA ARG C 319 36.35 -29.82 -19.03
C ARG C 319 35.15 -28.88 -18.86
N VAL C 320 35.05 -28.31 -17.66
CA VAL C 320 33.95 -27.41 -17.34
C VAL C 320 34.00 -26.16 -18.22
N LEU C 321 35.18 -25.61 -18.39
CA LEU C 321 35.34 -24.41 -19.21
C LEU C 321 34.99 -24.65 -20.68
N THR C 322 35.32 -25.83 -21.19
CA THR C 322 35.01 -26.14 -22.58
C THR C 322 33.50 -26.12 -22.79
N ILE C 323 32.75 -26.65 -21.83
CA ILE C 323 31.29 -26.64 -21.93
C ILE C 323 30.78 -25.20 -21.85
N GLU C 324 31.31 -24.44 -20.89
CA GLU C 324 30.90 -23.05 -20.73
C GLU C 324 31.18 -22.20 -21.96
N LEU C 325 32.38 -22.32 -22.52
CA LEU C 325 32.76 -21.56 -23.69
C LEU C 325 31.84 -21.80 -24.88
N ASN C 326 31.44 -23.06 -25.06
CA ASN C 326 30.59 -23.44 -26.18
C ASN C 326 29.09 -23.42 -25.89
N ALA C 327 28.73 -22.90 -24.73
CA ALA C 327 27.33 -22.83 -24.32
C ALA C 327 26.71 -21.47 -24.63
N VAL C 328 25.40 -21.39 -24.43
CA VAL C 328 24.67 -20.14 -24.60
C VAL C 328 24.34 -19.74 -23.17
N THR C 329 25.00 -18.71 -22.68
CA THR C 329 24.77 -18.26 -21.31
C THR C 329 23.86 -17.04 -21.26
N ASP C 330 23.20 -16.76 -22.38
CA ASP C 330 22.29 -15.63 -22.52
C ASP C 330 20.96 -15.76 -21.77
N ASN C 331 20.36 -14.61 -21.48
CA ASN C 331 19.03 -14.52 -20.89
C ASN C 331 18.47 -13.16 -21.30
N PRO C 332 17.31 -13.14 -21.96
CA PRO C 332 16.51 -14.31 -22.34
C PRO C 332 17.17 -14.99 -23.54
N VAL C 333 16.57 -16.10 -23.97
CA VAL C 333 17.09 -16.85 -25.10
C VAL C 333 15.93 -17.22 -26.01
N PHE C 334 16.21 -17.36 -27.30
CA PHE C 334 15.17 -17.66 -28.27
C PHE C 334 15.37 -19.05 -28.87
N PRO C 335 14.59 -20.02 -28.39
CA PRO C 335 14.64 -21.42 -28.85
C PRO C 335 14.60 -21.59 -30.36
N PRO C 336 15.66 -22.19 -30.94
CA PRO C 336 15.72 -22.40 -32.38
C PRO C 336 14.57 -23.27 -32.90
N ASP C 337 14.04 -24.16 -32.06
CA ASP C 337 12.95 -25.05 -32.49
C ASP C 337 11.60 -24.34 -32.54
N GLY C 338 11.56 -23.11 -32.03
CA GLY C 338 10.33 -22.34 -32.05
C GLY C 338 9.25 -22.80 -31.08
N SER C 339 9.62 -23.66 -30.12
CA SER C 339 8.67 -24.18 -29.14
C SER C 339 7.95 -23.05 -28.41
N VAL C 340 8.71 -22.08 -27.93
CA VAL C 340 8.15 -20.92 -27.23
C VAL C 340 8.87 -19.71 -27.81
N PRO C 341 8.26 -18.52 -27.74
CA PRO C 341 8.89 -17.32 -28.29
C PRO C 341 10.25 -17.01 -27.65
N ALA C 342 10.34 -17.20 -26.33
CA ALA C 342 11.57 -16.94 -25.61
C ALA C 342 11.54 -17.63 -24.26
N LEU C 343 12.72 -17.91 -23.72
CA LEU C 343 12.84 -18.55 -22.41
C LEU C 343 13.53 -17.58 -21.47
N HIS C 344 13.09 -17.57 -20.22
CA HIS C 344 13.66 -16.70 -19.20
C HIS C 344 14.16 -17.58 -18.07
N GLY C 345 15.44 -17.46 -17.75
CA GLY C 345 16.02 -18.25 -16.69
C GLY C 345 17.31 -17.62 -16.18
N GLY C 346 18.25 -18.44 -15.74
CA GLY C 346 19.48 -17.89 -15.21
C GLY C 346 20.80 -18.48 -15.69
N ASN C 347 20.91 -18.75 -16.98
CA ASN C 347 22.14 -19.33 -17.51
C ASN C 347 23.36 -18.40 -17.47
N PHE C 348 23.15 -17.17 -17.01
CA PHE C 348 24.21 -16.17 -16.89
C PHE C 348 24.92 -16.29 -15.55
N MET C 349 24.39 -17.14 -14.66
CA MET C 349 25.00 -17.33 -13.34
C MET C 349 26.30 -18.11 -13.50
N GLY C 350 27.43 -17.42 -13.33
CA GLY C 350 28.72 -18.05 -13.53
C GLY C 350 29.32 -18.88 -12.42
N GLN C 351 28.50 -19.70 -11.78
CA GLN C 351 28.99 -20.51 -10.67
C GLN C 351 30.00 -21.58 -11.09
N HIS C 352 29.86 -22.11 -12.30
CA HIS C 352 30.80 -23.13 -12.76
C HIS C 352 32.22 -22.60 -12.91
N VAL C 353 32.38 -21.45 -13.54
CA VAL C 353 33.71 -20.87 -13.71
C VAL C 353 34.23 -20.40 -12.35
N ALA C 354 33.33 -19.94 -11.49
CA ALA C 354 33.74 -19.48 -10.17
C ALA C 354 34.38 -20.62 -9.39
N LEU C 355 33.68 -21.76 -9.31
CA LEU C 355 34.20 -22.89 -8.56
C LEU C 355 35.44 -23.53 -9.17
N THR C 356 35.50 -23.63 -10.49
CA THR C 356 36.68 -24.23 -11.11
C THR C 356 37.87 -23.28 -11.03
N SER C 357 37.62 -21.97 -11.12
CA SER C 357 38.72 -21.01 -11.02
C SER C 357 39.32 -21.05 -9.62
N ASP C 358 38.46 -21.11 -8.60
CA ASP C 358 38.94 -21.17 -7.23
C ASP C 358 39.74 -22.45 -6.99
N ALA C 359 39.26 -23.56 -7.54
CA ALA C 359 39.95 -24.84 -7.36
C ALA C 359 41.30 -24.81 -8.06
N LEU C 360 41.35 -24.23 -9.26
CA LEU C 360 42.61 -24.13 -9.99
C LEU C 360 43.58 -23.22 -9.25
N ALA C 361 43.05 -22.14 -8.68
CA ALA C 361 43.90 -21.22 -7.94
C ALA C 361 44.60 -21.94 -6.79
N THR C 362 43.87 -22.82 -6.10
CA THR C 362 44.46 -23.57 -5.00
C THR C 362 45.56 -24.47 -5.54
N ALA C 363 45.28 -25.17 -6.64
CA ALA C 363 46.26 -26.07 -7.25
C ALA C 363 47.52 -25.31 -7.67
N VAL C 364 47.34 -24.13 -8.25
CA VAL C 364 48.48 -23.33 -8.68
C VAL C 364 49.34 -22.94 -7.49
N THR C 365 48.69 -22.60 -6.38
CA THR C 365 49.42 -22.20 -5.17
C THR C 365 50.21 -23.40 -4.63
N VAL C 366 49.61 -24.59 -4.69
CA VAL C 366 50.28 -25.80 -4.22
C VAL C 366 51.49 -26.10 -5.09
N LEU C 367 51.34 -26.00 -6.41
CA LEU C 367 52.46 -26.29 -7.30
C LEU C 367 53.56 -25.23 -7.22
N ALA C 368 53.16 -23.98 -6.97
CA ALA C 368 54.14 -22.92 -6.82
C ALA C 368 54.94 -23.20 -5.55
N GLY C 369 54.26 -23.78 -4.56
CA GLY C 369 54.91 -24.12 -3.30
C GLY C 369 55.97 -25.17 -3.53
N LEU C 370 55.68 -26.12 -4.41
CA LEU C 370 56.63 -27.17 -4.74
C LEU C 370 57.86 -26.55 -5.40
N ALA C 371 57.65 -25.68 -6.39
CA ALA C 371 58.77 -25.04 -7.06
C ALA C 371 59.61 -24.22 -6.07
N GLU C 372 58.94 -23.54 -5.15
CA GLU C 372 59.64 -22.72 -4.16
C GLU C 372 60.52 -23.57 -3.24
N ARG C 373 60.03 -24.74 -2.85
CA ARG C 373 60.82 -25.62 -1.98
C ARG C 373 61.95 -26.26 -2.77
N GLN C 374 61.77 -26.44 -4.08
CA GLN C 374 62.83 -27.01 -4.90
C GLN C 374 63.97 -26.00 -4.96
N ILE C 375 63.62 -24.72 -5.04
CA ILE C 375 64.64 -23.67 -5.06
C ILE C 375 65.36 -23.65 -3.72
N ALA C 376 64.57 -23.73 -2.64
CA ALA C 376 65.11 -23.71 -1.28
C ALA C 376 66.08 -24.85 -1.01
N ARG C 377 65.84 -25.99 -1.63
CA ARG C 377 66.70 -27.16 -1.44
C ARG C 377 67.96 -27.05 -2.30
N LEU C 378 67.77 -26.66 -3.56
CA LEU C 378 68.87 -26.53 -4.49
C LEU C 378 69.92 -25.50 -4.08
N THR C 379 69.48 -24.41 -3.45
CA THR C 379 70.38 -23.34 -3.03
C THR C 379 70.98 -23.47 -1.63
N ASP C 380 70.56 -24.49 -0.90
CA ASP C 380 71.04 -24.73 0.47
C ASP C 380 72.26 -25.65 0.46
N GLU C 381 73.43 -25.10 0.81
CA GLU C 381 74.66 -25.90 0.81
C GLU C 381 74.60 -27.15 1.68
N ARG C 382 73.69 -27.16 2.66
CA ARG C 382 73.55 -28.32 3.53
C ARG C 382 72.66 -29.39 2.90
N LEU C 383 71.90 -29.01 1.88
CA LEU C 383 70.99 -29.94 1.23
C LEU C 383 71.23 -30.20 -0.25
N ASN C 384 72.06 -29.39 -0.89
CA ASN C 384 72.29 -29.56 -2.33
C ASN C 384 73.43 -30.50 -2.74
N ARG C 385 73.84 -31.35 -1.81
CA ARG C 385 74.89 -32.34 -2.08
C ARG C 385 76.18 -31.87 -2.74
N GLY C 386 76.84 -30.89 -2.15
CA GLY C 386 78.11 -30.43 -2.69
C GLY C 386 78.14 -29.18 -3.54
N LEU C 387 76.99 -28.65 -3.91
CA LEU C 387 76.96 -27.44 -4.72
C LEU C 387 77.25 -26.22 -3.85
N PRO C 388 77.78 -25.14 -4.47
CA PRO C 388 78.09 -23.93 -3.72
C PRO C 388 76.86 -23.32 -3.07
N PRO C 389 77.02 -22.63 -1.93
CA PRO C 389 75.87 -22.03 -1.27
C PRO C 389 75.23 -21.00 -2.21
N PHE C 390 73.93 -21.16 -2.45
CA PHE C 390 73.19 -20.26 -3.31
C PHE C 390 73.72 -20.23 -4.74
N LEU C 391 74.43 -21.30 -5.10
CA LEU C 391 74.98 -21.46 -6.44
C LEU C 391 75.82 -20.29 -6.93
N HIS C 392 76.55 -19.65 -6.03
CA HIS C 392 77.37 -18.51 -6.40
C HIS C 392 78.63 -18.95 -7.14
N ARG C 393 79.22 -17.99 -7.84
CA ARG C 393 80.47 -18.20 -8.53
C ARG C 393 81.36 -17.08 -8.01
N GLY C 394 82.67 -17.21 -8.19
CA GLY C 394 83.56 -16.19 -7.67
C GLY C 394 83.79 -16.47 -6.20
N PRO C 395 84.53 -15.62 -5.48
CA PRO C 395 84.79 -15.82 -4.05
C PRO C 395 83.52 -15.82 -3.18
N ALA C 396 83.39 -16.82 -2.31
CA ALA C 396 82.24 -16.92 -1.42
C ALA C 396 82.29 -15.77 -0.42
N GLY C 397 81.11 -15.27 -0.03
CA GLY C 397 81.07 -14.16 0.90
C GLY C 397 81.06 -12.89 0.07
N LEU C 398 82.06 -12.75 -0.78
CA LEU C 398 82.13 -11.57 -1.64
C LEU C 398 80.98 -11.69 -2.64
N ASN C 399 80.57 -12.93 -2.90
CA ASN C 399 79.47 -13.23 -3.82
C ASN C 399 78.44 -14.09 -3.10
N SER C 400 77.16 -13.77 -3.30
CA SER C 400 76.08 -14.51 -2.66
C SER C 400 75.21 -15.26 -3.67
N GLY C 401 75.52 -15.08 -4.95
CA GLY C 401 74.77 -15.75 -6.01
C GLY C 401 73.28 -15.47 -6.05
N PHE C 402 72.49 -16.52 -5.96
CA PHE C 402 71.03 -16.44 -6.01
C PHE C 402 70.38 -16.30 -4.63
N MET C 403 71.15 -15.88 -3.64
CA MET C 403 70.61 -15.75 -2.28
C MET C 403 69.42 -14.79 -2.24
N GLY C 404 69.52 -13.68 -2.95
CA GLY C 404 68.43 -12.72 -2.98
C GLY C 404 67.22 -13.26 -3.72
N ALA C 405 67.46 -13.87 -4.88
CA ALA C 405 66.39 -14.44 -5.69
C ALA C 405 65.61 -15.54 -4.95
N GLN C 406 66.32 -16.32 -4.13
CA GLN C 406 65.68 -17.40 -3.38
C GLN C 406 64.66 -16.81 -2.41
N VAL C 407 65.04 -15.72 -1.74
CA VAL C 407 64.12 -15.07 -0.79
C VAL C 407 62.95 -14.47 -1.55
N THR C 408 63.21 -13.93 -2.73
CA THR C 408 62.16 -13.34 -3.55
C THR C 408 61.11 -14.39 -3.91
N ALA C 409 61.56 -15.60 -4.23
CA ALA C 409 60.63 -16.68 -4.57
C ALA C 409 59.72 -16.97 -3.37
N THR C 410 60.28 -16.97 -2.17
CA THR C 410 59.52 -17.21 -0.96
C THR C 410 58.49 -16.10 -0.76
N ALA C 411 58.92 -14.87 -0.99
CA ALA C 411 58.03 -13.72 -0.83
C ALA C 411 56.85 -13.80 -1.80
N LEU C 412 57.13 -14.21 -3.03
CA LEU C 412 56.07 -14.33 -4.04
C LEU C 412 55.05 -15.39 -3.61
N LEU C 413 55.54 -16.52 -3.11
CA LEU C 413 54.66 -17.59 -2.67
C LEU C 413 53.80 -17.15 -1.48
N ALA C 414 54.43 -16.49 -0.51
CA ALA C 414 53.72 -16.04 0.68
C ALA C 414 52.57 -15.12 0.28
N GLU C 415 52.82 -14.26 -0.71
CA GLU C 415 51.77 -13.35 -1.16
C GLU C 415 50.62 -14.13 -1.81
N MET C 416 50.95 -15.15 -2.58
CA MET C 416 49.92 -15.97 -3.23
C MET C 416 48.99 -16.56 -2.18
N ARG C 417 49.57 -17.05 -1.10
CA ARG C 417 48.80 -17.68 -0.04
C ARG C 417 47.82 -16.78 0.71
N ALA C 418 48.05 -15.47 0.65
CA ALA C 418 47.19 -14.52 1.36
C ALA C 418 45.80 -14.38 0.75
N THR C 419 45.66 -14.76 -0.52
CA THR C 419 44.37 -14.65 -1.19
C THR C 419 43.73 -16.01 -1.36
N GLY C 420 42.48 -16.13 -0.92
CA GLY C 420 41.75 -17.38 -1.02
C GLY C 420 40.67 -17.38 -2.09
N PRO C 421 39.74 -18.34 -2.04
CA PRO C 421 38.65 -18.46 -2.99
C PRO C 421 37.75 -17.23 -3.02
N ALA C 422 37.29 -16.87 -4.21
CA ALA C 422 36.41 -15.70 -4.34
C ALA C 422 34.93 -16.10 -4.19
N SER C 423 34.61 -17.32 -4.58
CA SER C 423 33.24 -17.83 -4.57
C SER C 423 32.48 -17.80 -3.27
N ILE C 424 33.17 -17.88 -2.14
CA ILE C 424 32.49 -17.90 -0.85
C ILE C 424 32.01 -16.55 -0.35
N HIS C 425 32.26 -15.49 -1.11
CA HIS C 425 31.88 -14.15 -0.67
C HIS C 425 30.64 -13.54 -1.28
N SER C 426 29.69 -14.38 -1.67
CA SER C 426 28.46 -13.88 -2.25
C SER C 426 27.73 -12.96 -1.27
N ILE C 427 27.24 -11.85 -1.79
CA ILE C 427 26.52 -10.85 -1.01
C ILE C 427 25.26 -10.47 -1.80
N SER C 428 24.11 -10.48 -1.13
CA SER C 428 22.85 -10.13 -1.75
C SER C 428 22.92 -8.68 -2.22
N THR C 429 22.56 -8.44 -3.48
CA THR C 429 22.65 -7.09 -4.02
C THR C 429 21.52 -6.82 -5.02
N ASN C 430 21.53 -5.65 -5.64
CA ASN C 430 20.49 -5.28 -6.61
C ASN C 430 19.10 -5.30 -5.93
N ALA C 431 19.00 -4.61 -4.80
CA ALA C 431 17.75 -4.55 -4.04
C ALA C 431 17.25 -5.95 -3.70
N ALA C 432 18.21 -6.83 -3.40
CA ALA C 432 17.96 -8.24 -3.04
C ALA C 432 17.50 -9.13 -4.18
N ASN C 433 17.41 -8.60 -5.39
CA ASN C 433 17.00 -9.39 -6.55
C ASN C 433 18.10 -10.38 -6.88
N GLN C 434 19.35 -9.92 -6.81
CA GLN C 434 20.50 -10.79 -7.06
C GLN C 434 20.94 -11.22 -5.66
N ASP C 435 20.11 -12.03 -5.00
CA ASP C 435 20.44 -12.42 -3.63
C ASP C 435 21.59 -13.40 -3.47
N VAL C 436 21.99 -14.03 -4.56
CA VAL C 436 23.16 -14.91 -4.60
C VAL C 436 23.87 -14.55 -5.91
N VAL C 437 25.19 -14.41 -5.86
CA VAL C 437 25.97 -14.08 -7.05
C VAL C 437 27.19 -14.99 -7.12
N SER C 438 27.69 -15.24 -8.32
CA SER C 438 28.82 -16.17 -8.48
C SER C 438 30.22 -15.64 -8.21
N LEU C 439 30.46 -14.37 -8.53
CA LEU C 439 31.77 -13.75 -8.37
C LEU C 439 32.79 -14.50 -9.24
N GLY C 440 32.31 -15.12 -10.31
CA GLY C 440 33.19 -15.89 -11.19
C GLY C 440 34.29 -15.11 -11.87
N THR C 441 34.02 -13.85 -12.21
CA THR C 441 34.99 -13.00 -12.86
C THR C 441 36.14 -12.71 -11.89
N ILE C 442 35.78 -12.43 -10.64
CA ILE C 442 36.78 -12.16 -9.61
C ILE C 442 37.60 -13.43 -9.39
N ALA C 443 36.92 -14.57 -9.32
CA ALA C 443 37.62 -15.84 -9.11
C ALA C 443 38.66 -16.09 -10.20
N ALA C 444 38.27 -15.88 -11.45
CA ALA C 444 39.18 -16.09 -12.57
C ALA C 444 40.36 -15.12 -12.52
N ARG C 445 40.08 -13.87 -12.14
CA ARG C 445 41.14 -12.87 -12.05
C ARG C 445 42.12 -13.17 -10.91
N LEU C 446 41.62 -13.65 -9.79
CA LEU C 446 42.49 -13.98 -8.66
C LEU C 446 43.37 -15.18 -9.05
N CYS C 447 42.81 -16.10 -9.83
CA CYS C 447 43.55 -17.26 -10.28
C CYS C 447 44.66 -16.79 -11.24
N ARG C 448 44.35 -15.82 -12.09
CA ARG C 448 45.35 -15.28 -13.01
C ARG C 448 46.53 -14.68 -12.26
N GLU C 449 46.27 -13.95 -11.19
CA GLU C 449 47.35 -13.35 -10.41
C GLU C 449 48.27 -14.41 -9.85
N LYS C 450 47.69 -15.51 -9.38
CA LYS C 450 48.47 -16.60 -8.82
C LYS C 450 49.30 -17.26 -9.92
N ILE C 451 48.72 -17.38 -11.11
CA ILE C 451 49.45 -17.97 -12.23
C ILE C 451 50.66 -17.08 -12.55
N ASP C 452 50.49 -15.76 -12.51
CA ASP C 452 51.60 -14.86 -12.79
C ASP C 452 52.72 -15.01 -11.76
N ARG C 453 52.36 -15.21 -10.50
CA ARG C 453 53.36 -15.39 -9.44
C ARG C 453 54.07 -16.73 -9.65
N TRP C 454 53.32 -17.77 -10.03
CA TRP C 454 53.90 -19.09 -10.27
C TRP C 454 54.95 -19.00 -11.37
N ALA C 455 54.66 -18.23 -12.42
CA ALA C 455 55.59 -18.06 -13.53
C ALA C 455 56.91 -17.45 -13.07
N GLU C 456 56.81 -16.49 -12.14
CA GLU C 456 58.00 -15.83 -11.62
C GLU C 456 58.82 -16.77 -10.75
N ILE C 457 58.14 -17.59 -9.94
CA ILE C 457 58.82 -18.55 -9.09
C ILE C 457 59.52 -19.58 -9.98
N LEU C 458 58.84 -20.04 -11.02
CA LEU C 458 59.43 -21.00 -11.94
C LEU C 458 60.62 -20.39 -12.68
N ALA C 459 60.54 -19.09 -12.97
CA ALA C 459 61.63 -18.41 -13.66
C ALA C 459 62.88 -18.41 -12.79
N ILE C 460 62.70 -18.18 -11.50
CA ILE C 460 63.82 -18.18 -10.58
C ILE C 460 64.43 -19.59 -10.52
N LEU C 461 63.57 -20.60 -10.44
CA LEU C 461 64.02 -21.98 -10.38
C LEU C 461 64.79 -22.33 -11.67
N ALA C 462 64.31 -21.86 -12.80
CA ALA C 462 64.97 -22.12 -14.08
C ALA C 462 66.36 -21.51 -14.13
N LEU C 463 66.50 -20.26 -13.68
CA LEU C 463 67.80 -19.60 -13.69
C LEU C 463 68.76 -20.30 -12.72
N CYS C 464 68.23 -20.74 -11.58
CA CYS C 464 69.04 -21.45 -10.58
C CYS C 464 69.54 -22.77 -11.16
N LEU C 465 68.65 -23.50 -11.84
CA LEU C 465 69.00 -24.78 -12.41
C LEU C 465 70.02 -24.69 -13.55
N ALA C 466 69.92 -23.64 -14.36
CA ALA C 466 70.89 -23.47 -15.45
C ALA C 466 72.27 -23.33 -14.82
N GLN C 467 72.36 -22.55 -13.74
CA GLN C 467 73.64 -22.35 -13.04
C GLN C 467 74.09 -23.64 -12.36
N ALA C 468 73.18 -24.29 -11.65
CA ALA C 468 73.50 -25.53 -10.94
C ALA C 468 73.97 -26.63 -11.88
N ALA C 469 73.35 -26.72 -13.05
CA ALA C 469 73.73 -27.75 -14.02
C ALA C 469 75.16 -27.52 -14.49
N GLU C 470 75.53 -26.27 -14.70
CA GLU C 470 76.89 -25.95 -15.16
C GLU C 470 77.91 -26.15 -14.03
N LEU C 471 77.50 -25.86 -12.81
CA LEU C 471 78.40 -26.02 -11.66
C LEU C 471 78.64 -27.51 -11.40
N ARG C 472 77.61 -28.32 -11.57
CA ARG C 472 77.71 -29.75 -11.33
C ARG C 472 78.34 -30.53 -12.48
N CYS C 473 77.95 -30.21 -13.70
CA CYS C 473 78.43 -30.93 -14.87
C CYS C 473 79.37 -30.18 -15.80
N GLY C 474 79.76 -28.97 -15.42
CA GLY C 474 80.64 -28.19 -16.27
C GLY C 474 79.85 -27.50 -17.37
N SER C 475 80.43 -26.48 -17.98
CA SER C 475 79.75 -25.74 -19.04
C SER C 475 79.29 -26.65 -20.18
N GLY C 476 79.96 -27.78 -20.36
CA GLY C 476 79.60 -28.72 -21.41
C GLY C 476 78.42 -29.60 -21.04
N LEU C 477 77.96 -29.47 -19.80
CA LEU C 477 76.83 -30.24 -19.29
C LEU C 477 77.01 -31.74 -19.51
N ASP C 478 78.16 -32.27 -19.13
CA ASP C 478 78.44 -33.69 -19.29
C ASP C 478 77.50 -34.55 -18.47
N GLY C 479 76.93 -35.57 -19.12
CA GLY C 479 76.03 -36.48 -18.43
C GLY C 479 74.58 -36.02 -18.41
N VAL C 480 74.34 -34.76 -18.77
CA VAL C 480 72.99 -34.22 -18.78
C VAL C 480 72.18 -34.75 -19.96
N SER C 481 70.90 -35.03 -19.71
CA SER C 481 70.01 -35.54 -20.74
C SER C 481 69.90 -34.60 -21.93
N PRO C 482 69.49 -35.12 -23.09
CA PRO C 482 69.35 -34.28 -24.28
C PRO C 482 68.32 -33.17 -24.01
N ALA C 483 67.25 -33.51 -23.31
CA ALA C 483 66.20 -32.54 -23.00
C ALA C 483 66.73 -31.47 -22.06
N GLY C 484 67.49 -31.89 -21.06
CA GLY C 484 68.07 -30.95 -20.11
C GLY C 484 69.05 -30.03 -20.79
N LYS C 485 69.90 -30.59 -21.66
CA LYS C 485 70.89 -29.80 -22.38
C LYS C 485 70.20 -28.75 -23.24
N LYS C 486 69.17 -29.17 -23.97
CA LYS C 486 68.44 -28.27 -24.84
C LYS C 486 67.79 -27.12 -24.08
N LEU C 487 67.27 -27.41 -22.89
CA LEU C 487 66.63 -26.39 -22.08
C LEU C 487 67.65 -25.36 -21.59
N VAL C 488 68.76 -25.84 -21.04
CA VAL C 488 69.79 -24.94 -20.55
C VAL C 488 70.41 -24.09 -21.66
N GLN C 489 70.70 -24.71 -22.80
CA GLN C 489 71.28 -23.99 -23.92
C GLN C 489 70.32 -22.91 -24.41
N ALA C 490 69.03 -23.22 -24.42
CA ALA C 490 68.03 -22.26 -24.86
C ALA C 490 68.00 -21.07 -23.91
N LEU C 491 68.07 -21.35 -22.61
CA LEU C 491 68.06 -20.29 -21.61
C LEU C 491 69.31 -19.42 -21.75
N ARG C 492 70.45 -20.08 -21.95
CA ARG C 492 71.71 -19.38 -22.09
C ARG C 492 71.82 -18.48 -23.32
N GLU C 493 70.89 -18.62 -24.25
CA GLU C 493 70.94 -17.78 -25.44
C GLU C 493 70.57 -16.34 -25.06
N GLN C 494 69.75 -16.20 -24.01
CA GLN C 494 69.31 -14.88 -23.55
C GLN C 494 69.72 -14.55 -22.12
N PHE C 495 70.01 -15.57 -21.33
CA PHE C 495 70.38 -15.36 -19.93
C PHE C 495 71.77 -15.91 -19.63
N PRO C 496 72.77 -15.02 -19.50
CA PRO C 496 74.15 -15.37 -19.20
C PRO C 496 74.35 -16.03 -17.85
N PRO C 497 75.42 -16.82 -17.70
CA PRO C 497 75.68 -17.49 -16.42
C PRO C 497 75.97 -16.42 -15.38
N LEU C 498 75.82 -16.77 -14.10
CA LEU C 498 76.08 -15.83 -13.03
C LEU C 498 77.51 -16.07 -12.54
N GLU C 499 78.46 -15.37 -13.15
CA GLU C 499 79.87 -15.53 -12.78
C GLU C 499 80.24 -14.63 -11.62
N THR C 500 79.43 -13.59 -11.41
CA THR C 500 79.62 -12.64 -10.33
C THR C 500 78.24 -12.04 -10.08
N ASP C 501 77.94 -11.70 -8.83
CA ASP C 501 76.62 -11.14 -8.49
C ASP C 501 76.20 -9.97 -9.38
N ARG C 502 74.92 -9.95 -9.73
CA ARG C 502 74.34 -8.90 -10.55
C ARG C 502 72.85 -8.85 -10.29
N PRO C 503 72.19 -7.72 -10.59
CA PRO C 503 70.74 -7.61 -10.38
C PRO C 503 70.01 -8.61 -11.27
N LEU C 504 69.12 -9.39 -10.67
CA LEU C 504 68.38 -10.41 -11.40
C LEU C 504 66.90 -10.11 -11.62
N GLY C 505 66.39 -9.06 -10.98
CA GLY C 505 64.99 -8.71 -11.11
C GLY C 505 64.44 -8.63 -12.52
N GLN C 506 65.09 -7.87 -13.39
CA GLN C 506 64.61 -7.73 -14.75
C GLN C 506 64.68 -9.04 -15.55
N GLU C 507 65.70 -9.85 -15.27
CA GLU C 507 65.83 -11.13 -15.96
C GLU C 507 64.72 -12.08 -15.52
N ILE C 508 64.42 -12.09 -14.23
CA ILE C 508 63.36 -12.95 -13.69
C ILE C 508 62.04 -12.56 -14.37
N ALA C 509 61.78 -11.25 -14.43
CA ALA C 509 60.55 -10.75 -15.04
C ALA C 509 60.47 -11.12 -16.52
N ALA C 510 61.57 -10.96 -17.25
CA ALA C 510 61.60 -11.27 -18.67
C ALA C 510 61.37 -12.75 -18.93
N LEU C 511 62.01 -13.61 -18.14
CA LEU C 511 61.84 -15.04 -18.31
C LEU C 511 60.42 -15.49 -17.97
N ALA C 512 59.85 -14.91 -16.92
CA ALA C 512 58.49 -15.26 -16.52
C ALA C 512 57.50 -15.02 -17.66
N THR C 513 57.68 -13.91 -18.37
CA THR C 513 56.81 -13.59 -19.50
C THR C 513 56.88 -14.69 -20.55
N HIS C 514 58.08 -15.25 -20.73
CA HIS C 514 58.28 -16.32 -21.70
C HIS C 514 57.64 -17.64 -21.28
N LEU C 515 57.81 -18.02 -20.01
CA LEU C 515 57.26 -19.28 -19.52
C LEU C 515 55.74 -19.38 -19.67
N LEU C 516 55.06 -18.24 -19.59
CA LEU C 516 53.60 -18.22 -19.71
C LEU C 516 53.10 -18.48 -21.12
N GLN C 517 53.97 -18.28 -22.11
CA GLN C 517 53.55 -18.44 -23.51
C GLN C 517 54.21 -19.56 -24.30
N GLN C 518 55.28 -20.15 -23.76
CA GLN C 518 55.98 -21.22 -24.45
C GLN C 518 56.49 -22.29 -23.50
N SER C 519 56.53 -23.53 -23.99
CA SER C 519 57.01 -24.67 -23.20
C SER C 519 58.40 -25.11 -23.64
N PRO C 520 59.09 -25.89 -22.78
CA PRO C 520 60.45 -26.38 -23.09
C PRO C 520 60.39 -27.57 -24.04
N VAL C 521 60.46 -27.30 -25.34
CA VAL C 521 60.43 -28.36 -26.33
C VAL C 521 61.63 -28.25 -27.27
N LYS D 8 58.56 26.29 -0.07
CA LYS D 8 57.43 25.55 0.57
C LYS D 8 57.74 25.27 2.03
N PRO D 9 56.73 24.79 2.79
CA PRO D 9 56.95 24.49 4.21
C PRO D 9 58.16 23.59 4.39
N ALA D 10 58.80 23.66 5.56
CA ALA D 10 59.97 22.84 5.82
C ALA D 10 59.86 22.07 7.11
N VAL D 11 60.16 20.77 7.04
CA VAL D 11 60.14 19.92 8.22
C VAL D 11 61.58 19.72 8.65
N GLU D 12 61.91 20.22 9.84
CA GLU D 12 63.26 20.08 10.35
C GLU D 12 63.33 18.79 11.15
N LEU D 13 64.20 17.89 10.72
CA LEU D 13 64.35 16.60 11.37
C LEU D 13 65.46 16.59 12.40
N ASP D 14 65.11 16.25 13.64
CA ASP D 14 66.08 16.15 14.72
C ASP D 14 66.04 14.71 15.22
N ARG D 15 65.03 14.40 16.04
CA ARG D 15 64.88 13.06 16.58
C ARG D 15 63.52 12.45 16.27
N HIS D 16 62.46 13.24 16.44
CA HIS D 16 61.10 12.76 16.21
C HIS D 16 60.33 13.50 15.12
N ILE D 17 59.60 12.73 14.31
CA ILE D 17 58.77 13.28 13.25
C ILE D 17 57.42 12.56 13.37
N ASP D 18 56.31 13.30 13.27
CA ASP D 18 55.01 12.64 13.36
C ASP D 18 54.53 12.19 11.99
N LEU D 19 53.46 11.40 11.95
CA LEU D 19 52.93 10.88 10.70
C LEU D 19 52.52 11.94 9.69
N ASP D 20 51.93 13.04 10.15
CA ASP D 20 51.52 14.09 9.23
C ASP D 20 52.74 14.76 8.59
N GLN D 21 53.78 14.98 9.38
CA GLN D 21 55.00 15.59 8.86
C GLN D 21 55.64 14.66 7.85
N ALA D 22 55.66 13.37 8.17
CA ALA D 22 56.25 12.37 7.29
C ALA D 22 55.53 12.34 5.95
N HIS D 23 54.19 12.35 5.98
CA HIS D 23 53.45 12.34 4.73
C HIS D 23 53.64 13.64 3.95
N ALA D 24 53.79 14.76 4.66
CA ALA D 24 53.99 16.05 3.99
C ALA D 24 55.27 16.01 3.17
N VAL D 25 56.32 15.42 3.73
CA VAL D 25 57.59 15.32 3.02
C VAL D 25 57.50 14.31 1.88
N ALA D 26 56.95 13.14 2.17
CA ALA D 26 56.82 12.10 1.14
C ALA D 26 55.98 12.55 -0.05
N SER D 27 54.93 13.32 0.21
CA SER D 27 54.05 13.80 -0.85
C SER D 27 54.57 15.07 -1.53
N GLY D 28 55.73 15.54 -1.09
CA GLY D 28 56.31 16.73 -1.68
C GLY D 28 55.68 18.05 -1.25
N GLY D 29 54.81 18.00 -0.24
CA GLY D 29 54.18 19.21 0.24
C GLY D 29 55.10 20.03 1.12
N ALA D 30 56.17 19.40 1.60
CA ALA D 30 57.13 20.07 2.45
C ALA D 30 58.55 19.60 2.17
N ARG D 31 59.51 20.49 2.37
CA ARG D 31 60.91 20.16 2.18
C ARG D 31 61.38 19.55 3.49
N ILE D 32 62.56 18.95 3.47
CA ILE D 32 63.10 18.37 4.69
C ILE D 32 64.51 18.89 4.93
N VAL D 33 64.79 19.24 6.17
CA VAL D 33 66.09 19.75 6.55
C VAL D 33 66.56 19.02 7.80
N LEU D 34 67.84 18.68 7.82
CA LEU D 34 68.42 17.99 8.97
C LEU D 34 68.84 19.04 9.99
N ALA D 35 68.27 18.97 11.19
CA ALA D 35 68.59 19.93 12.24
C ALA D 35 70.06 19.76 12.67
N PRO D 36 70.70 20.84 13.15
CA PRO D 36 72.09 20.78 13.59
C PRO D 36 72.40 19.59 14.51
N PRO D 37 71.55 19.34 15.52
CA PRO D 37 71.81 18.21 16.42
C PRO D 37 71.85 16.87 15.70
N ALA D 38 71.02 16.71 14.67
CA ALA D 38 70.97 15.48 13.92
C ALA D 38 72.23 15.34 13.07
N ARG D 39 72.65 16.45 12.47
CA ARG D 39 73.85 16.45 11.65
C ARG D 39 75.05 16.03 12.50
N ASP D 40 75.14 16.59 13.70
CA ASP D 40 76.26 16.28 14.60
C ASP D 40 76.26 14.86 15.14
N ARG D 41 75.11 14.32 15.51
CA ARG D 41 75.10 12.96 16.02
C ARG D 41 75.40 12.00 14.86
N CYS D 42 75.04 12.39 13.65
CA CYS D 42 75.32 11.55 12.49
C CYS D 42 76.82 11.59 12.15
N ARG D 43 77.43 12.76 12.27
CA ARG D 43 78.85 12.88 11.99
C ARG D 43 79.61 12.03 13.01
N ALA D 44 79.10 11.99 14.23
CA ALA D 44 79.72 11.19 15.28
C ALA D 44 79.63 9.71 14.94
N SER D 45 78.49 9.29 14.41
CA SER D 45 78.28 7.90 14.04
C SER D 45 79.19 7.54 12.87
N GLU D 46 79.36 8.48 11.95
CA GLU D 46 80.23 8.27 10.79
C GLU D 46 81.63 7.98 11.30
N ALA D 47 82.04 8.72 12.33
CA ALA D 47 83.36 8.55 12.91
C ALA D 47 83.50 7.18 13.56
N ARG D 48 82.45 6.72 14.23
CA ARG D 48 82.48 5.41 14.87
C ARG D 48 82.64 4.29 13.86
N LEU D 49 81.98 4.43 12.70
CA LEU D 49 82.08 3.41 11.66
C LEU D 49 83.53 3.37 11.17
N GLY D 50 84.13 4.56 11.02
CA GLY D 50 85.50 4.62 10.58
C GLY D 50 86.42 3.92 11.56
N ALA D 51 86.16 4.12 12.84
CA ALA D 51 86.96 3.51 13.91
C ALA D 51 86.80 1.99 13.91
N VAL D 52 85.56 1.52 13.71
CA VAL D 52 85.29 0.10 13.68
C VAL D 52 86.09 -0.56 12.56
N ILE D 53 86.13 0.09 11.41
CA ILE D 53 86.85 -0.43 10.25
C ILE D 53 88.36 -0.36 10.49
N ARG D 54 88.83 0.73 11.08
CA ARG D 54 90.25 0.89 11.35
C ARG D 54 90.75 -0.17 12.33
N GLU D 55 89.89 -0.57 13.26
CA GLU D 55 90.24 -1.56 14.26
C GLU D 55 89.97 -2.99 13.83
N ALA D 56 89.49 -3.15 12.60
CA ALA D 56 89.18 -4.47 12.05
C ALA D 56 88.23 -5.26 12.96
N ARG D 57 87.25 -4.58 13.54
CA ARG D 57 86.28 -5.23 14.40
C ARG D 57 85.46 -6.24 13.60
N HIS D 58 85.08 -7.33 14.25
CA HIS D 58 84.29 -8.37 13.59
C HIS D 58 82.86 -7.83 13.46
N VAL D 59 82.52 -7.34 12.27
CA VAL D 59 81.19 -6.79 12.04
C VAL D 59 80.54 -7.26 10.74
N TYR D 60 79.26 -7.59 10.82
CA TYR D 60 78.47 -8.06 9.68
C TYR D 60 78.46 -7.03 8.57
N GLY D 61 78.85 -7.45 7.37
CA GLY D 61 78.86 -6.53 6.23
C GLY D 61 80.12 -5.72 6.03
N LEU D 62 81.00 -5.73 7.04
CA LEU D 62 82.24 -4.99 6.96
C LEU D 62 83.42 -5.96 6.89
N THR D 63 83.26 -7.11 7.54
CA THR D 63 84.30 -8.12 7.56
C THR D 63 83.73 -9.53 7.48
N THR D 64 82.48 -9.64 7.02
CA THR D 64 81.82 -10.93 6.90
C THR D 64 80.92 -10.99 5.67
N GLY D 65 80.49 -12.20 5.32
CA GLY D 65 79.59 -12.36 4.20
C GLY D 65 78.19 -12.01 4.68
N PHE D 66 77.20 -12.22 3.83
CA PHE D 66 75.81 -11.91 4.20
C PHE D 66 74.98 -13.18 4.42
N GLY D 67 73.93 -13.05 5.23
CA GLY D 67 73.09 -14.18 5.51
C GLY D 67 73.90 -15.31 6.11
N PRO D 68 73.64 -16.56 5.68
CA PRO D 68 74.37 -17.73 6.19
C PRO D 68 75.83 -17.78 5.74
N LEU D 69 76.21 -16.87 4.84
CA LEU D 69 77.58 -16.81 4.35
C LEU D 69 78.41 -15.90 5.26
N ALA D 70 77.79 -15.43 6.33
CA ALA D 70 78.45 -14.55 7.28
C ALA D 70 79.61 -15.25 7.98
N ASN D 71 79.62 -16.58 7.92
CA ASN D 71 80.71 -17.35 8.55
C ASN D 71 81.98 -17.22 7.72
N ARG D 72 81.88 -16.54 6.58
CA ARG D 72 83.02 -16.30 5.70
C ARG D 72 83.56 -14.90 6.02
N LEU D 73 84.67 -14.84 6.74
CA LEU D 73 85.27 -13.56 7.09
C LEU D 73 85.92 -12.95 5.86
N ILE D 74 85.89 -11.62 5.77
CA ILE D 74 86.44 -10.92 4.61
C ILE D 74 87.56 -9.93 4.97
N SER D 75 88.51 -9.78 4.07
CA SER D 75 89.64 -8.87 4.27
C SER D 75 89.18 -7.45 3.94
N GLY D 76 89.77 -6.47 4.61
CA GLY D 76 89.40 -5.08 4.36
C GLY D 76 89.67 -4.63 2.95
N GLU D 77 90.53 -5.35 2.24
CA GLU D 77 90.88 -5.01 0.86
C GLU D 77 89.78 -5.35 -0.13
N ASN D 78 88.71 -5.98 0.35
CA ASN D 78 87.61 -6.38 -0.52
C ASN D 78 86.23 -5.95 -0.04
N VAL D 79 86.19 -5.05 0.95
CA VAL D 79 84.92 -4.57 1.49
C VAL D 79 84.05 -3.84 0.47
N ARG D 80 84.68 -3.04 -0.39
CA ARG D 80 83.91 -2.31 -1.40
C ARG D 80 83.26 -3.28 -2.39
N THR D 81 83.98 -4.34 -2.74
CA THR D 81 83.44 -5.33 -3.67
C THR D 81 82.30 -6.05 -2.95
N LEU D 82 82.53 -6.34 -1.68
CA LEU D 82 81.56 -7.02 -0.83
C LEU D 82 80.23 -6.27 -0.81
N GLN D 83 80.28 -4.97 -0.52
CA GLN D 83 79.07 -4.17 -0.44
C GLN D 83 78.48 -3.89 -1.81
N ALA D 84 79.31 -3.90 -2.85
CA ALA D 84 78.82 -3.66 -4.20
C ALA D 84 77.98 -4.87 -4.61
N ASN D 85 78.47 -6.06 -4.28
CA ASN D 85 77.76 -7.28 -4.62
C ASN D 85 76.53 -7.50 -3.75
N LEU D 86 76.54 -6.90 -2.57
CA LEU D 86 75.39 -7.00 -1.66
C LEU D 86 74.20 -6.40 -2.39
N VAL D 87 74.37 -5.17 -2.87
CA VAL D 87 73.33 -4.47 -3.58
C VAL D 87 72.91 -5.25 -4.82
N HIS D 88 73.89 -5.84 -5.50
CA HIS D 88 73.63 -6.62 -6.71
C HIS D 88 72.75 -7.86 -6.48
N HIS D 89 73.15 -8.73 -5.55
CA HIS D 89 72.37 -9.94 -5.33
C HIS D 89 70.99 -9.69 -4.74
N LEU D 90 70.83 -8.56 -4.06
CA LEU D 90 69.55 -8.22 -3.46
C LEU D 90 68.55 -7.60 -4.43
N ALA D 91 69.05 -7.11 -5.56
CA ALA D 91 68.20 -6.46 -6.55
C ALA D 91 67.47 -7.47 -7.45
N SER D 92 66.70 -8.34 -6.80
CA SER D 92 65.94 -9.37 -7.50
C SER D 92 64.43 -9.11 -7.45
N GLY D 93 64.08 -7.85 -7.19
CA GLY D 93 62.68 -7.50 -7.09
C GLY D 93 61.90 -7.51 -8.40
N VAL D 94 60.60 -7.76 -8.29
CA VAL D 94 59.72 -7.79 -9.46
C VAL D 94 58.37 -7.14 -9.13
N GLY D 95 57.53 -6.98 -10.15
CA GLY D 95 56.23 -6.40 -9.92
C GLY D 95 56.14 -4.91 -10.20
N PRO D 96 54.92 -4.35 -10.18
CA PRO D 96 54.73 -2.92 -10.43
C PRO D 96 55.54 -2.11 -9.42
N VAL D 97 56.06 -0.97 -9.85
CA VAL D 97 56.85 -0.14 -8.95
C VAL D 97 55.97 0.50 -7.87
N LEU D 98 56.58 0.85 -6.74
CA LEU D 98 55.85 1.51 -5.68
C LEU D 98 55.49 2.87 -6.24
N ASP D 99 54.35 3.42 -5.85
CA ASP D 99 53.96 4.72 -6.37
C ASP D 99 54.93 5.79 -5.86
N TRP D 100 54.94 6.92 -6.56
CA TRP D 100 55.81 8.06 -6.25
C TRP D 100 55.86 8.43 -4.77
N THR D 101 54.70 8.66 -4.16
CA THR D 101 54.63 9.05 -2.76
C THR D 101 55.16 7.95 -1.82
N THR D 102 54.78 6.71 -2.09
CA THR D 102 55.21 5.58 -1.26
C THR D 102 56.71 5.33 -1.35
N ALA D 103 57.26 5.41 -2.55
CA ALA D 103 58.70 5.20 -2.73
C ALA D 103 59.46 6.27 -1.95
N ARG D 104 58.97 7.50 -1.99
CA ARG D 104 59.62 8.59 -1.27
C ARG D 104 59.46 8.39 0.24
N ALA D 105 58.33 7.83 0.65
CA ALA D 105 58.08 7.57 2.07
C ALA D 105 59.12 6.56 2.56
N MET D 106 59.51 5.64 1.69
CA MET D 106 60.50 4.62 2.02
C MET D 106 61.85 5.30 2.24
N VAL D 107 62.22 6.20 1.32
CA VAL D 107 63.48 6.93 1.43
C VAL D 107 63.49 7.70 2.75
N LEU D 108 62.38 8.34 3.07
CA LEU D 108 62.26 9.11 4.30
C LEU D 108 62.40 8.23 5.54
N ALA D 109 61.76 7.06 5.52
CA ALA D 109 61.85 6.16 6.66
C ALA D 109 63.29 5.75 6.94
N ARG D 110 64.07 5.52 5.89
CA ARG D 110 65.47 5.15 6.07
C ARG D 110 66.23 6.34 6.65
N LEU D 111 65.95 7.53 6.14
CA LEU D 111 66.60 8.75 6.62
C LEU D 111 66.32 9.00 8.10
N VAL D 112 65.07 8.82 8.51
CA VAL D 112 64.73 9.05 9.91
C VAL D 112 65.49 8.10 10.81
N SER D 113 65.66 6.85 10.37
CA SER D 113 66.39 5.87 11.16
C SER D 113 67.84 6.34 11.29
N ILE D 114 68.42 6.73 10.16
CA ILE D 114 69.80 7.21 10.11
C ILE D 114 70.02 8.45 10.99
N ALA D 115 69.02 9.32 11.05
CA ALA D 115 69.12 10.54 11.85
C ALA D 115 69.28 10.27 13.34
N GLN D 116 69.01 9.05 13.78
CA GLN D 116 69.15 8.70 15.19
C GLN D 116 70.63 8.57 15.56
N GLY D 117 71.49 8.53 14.56
CA GLY D 117 72.92 8.46 14.80
C GLY D 117 73.54 7.14 15.22
N ALA D 118 73.03 6.03 14.69
CA ALA D 118 73.56 4.72 15.04
C ALA D 118 73.82 3.85 13.79
N SER D 119 73.76 4.47 12.61
CA SER D 119 73.95 3.75 11.35
C SER D 119 75.32 3.93 10.69
N GLY D 120 76.05 4.97 11.07
CA GLY D 120 77.36 5.21 10.49
C GLY D 120 77.36 5.84 9.11
N ALA D 121 76.19 6.25 8.63
CA ALA D 121 76.06 6.86 7.31
C ALA D 121 76.91 8.12 7.18
N SER D 122 77.57 8.29 6.04
CA SER D 122 78.40 9.47 5.80
C SER D 122 77.54 10.67 5.45
N GLU D 123 78.11 11.87 5.54
CA GLU D 123 77.37 13.07 5.22
C GLU D 123 76.85 13.04 3.78
N GLY D 124 77.66 12.51 2.88
CA GLY D 124 77.28 12.43 1.49
C GLY D 124 76.06 11.54 1.27
N THR D 125 76.05 10.39 1.92
CA THR D 125 74.94 9.45 1.79
C THR D 125 73.65 10.10 2.28
N ILE D 126 73.74 10.79 3.41
CA ILE D 126 72.59 11.48 3.99
C ILE D 126 72.12 12.56 3.02
N ALA D 127 73.07 13.28 2.43
CA ALA D 127 72.73 14.34 1.49
C ALA D 127 71.99 13.79 0.27
N ARG D 128 72.34 12.59 -0.16
CA ARG D 128 71.70 11.98 -1.32
C ARG D 128 70.22 11.70 -1.03
N LEU D 129 69.91 11.28 0.19
CA LEU D 129 68.53 11.00 0.55
C LEU D 129 67.74 12.30 0.68
N ILE D 130 68.35 13.30 1.31
CA ILE D 130 67.69 14.59 1.49
C ILE D 130 67.43 15.26 0.13
N ASP D 131 68.41 15.21 -0.76
CA ASP D 131 68.25 15.80 -2.08
C ASP D 131 67.10 15.14 -2.82
N LEU D 132 67.01 13.81 -2.72
CA LEU D 132 65.93 13.09 -3.39
C LEU D 132 64.58 13.58 -2.86
N LEU D 133 64.45 13.64 -1.53
CA LEU D 133 63.21 14.07 -0.92
C LEU D 133 62.85 15.52 -1.25
N ASN D 134 63.85 16.36 -1.48
CA ASN D 134 63.58 17.74 -1.81
C ASN D 134 63.40 17.95 -3.31
N SER D 135 63.54 16.88 -4.08
CA SER D 135 63.36 16.95 -5.52
C SER D 135 61.91 16.57 -5.82
N GLU D 136 61.54 16.58 -7.10
CA GLU D 136 60.19 16.22 -7.52
C GLU D 136 60.18 14.77 -7.99
N LEU D 137 61.25 14.04 -7.70
CA LEU D 137 61.36 12.65 -8.13
C LEU D 137 61.30 11.62 -7.02
N ALA D 138 61.19 10.37 -7.44
CA ALA D 138 61.16 9.23 -6.53
C ALA D 138 61.88 8.09 -7.23
N PRO D 139 62.51 7.19 -6.47
CA PRO D 139 63.20 6.09 -7.12
C PRO D 139 62.14 5.10 -7.62
N ALA D 140 62.41 4.43 -8.73
CA ALA D 140 61.47 3.44 -9.27
C ALA D 140 61.89 2.09 -8.72
N VAL D 141 61.16 1.62 -7.70
CA VAL D 141 61.47 0.36 -7.05
C VAL D 141 60.37 -0.68 -7.18
N PRO D 142 60.73 -1.92 -7.55
CA PRO D 142 59.73 -2.98 -7.70
C PRO D 142 59.05 -3.21 -6.34
N SER D 143 57.75 -3.51 -6.36
CA SER D 143 57.00 -3.70 -5.11
C SER D 143 57.14 -5.06 -4.44
N ARG D 144 57.46 -6.10 -5.21
CA ARG D 144 57.58 -7.45 -4.65
C ARG D 144 59.00 -7.96 -4.56
N GLY D 145 59.21 -8.92 -3.64
CA GLY D 145 60.53 -9.50 -3.50
C GLY D 145 61.04 -9.66 -2.08
N THR D 146 60.59 -8.79 -1.17
CA THR D 146 61.05 -8.87 0.21
C THR D 146 60.12 -9.62 1.15
N VAL D 147 60.70 -10.23 2.17
CA VAL D 147 59.93 -10.96 3.18
C VAL D 147 59.86 -10.15 4.46
N GLY D 148 60.31 -8.90 4.37
CA GLY D 148 60.27 -8.00 5.51
C GLY D 148 61.15 -8.37 6.67
N ASP D 150 63.52 -4.98 4.72
CA ASP D 150 63.17 -4.68 3.33
C ASP D 150 64.39 -4.45 2.45
N LEU D 151 65.28 -5.43 2.41
CA LEU D 151 66.51 -5.32 1.63
C LEU D 151 66.36 -5.19 0.12
N THR D 152 65.45 -5.95 -0.47
CA THR D 152 65.28 -5.90 -1.91
C THR D 152 64.87 -4.52 -2.44
N PRO D 153 63.77 -3.94 -1.94
CA PRO D 153 63.40 -2.62 -2.45
C PRO D 153 64.45 -1.54 -2.17
N LEU D 154 65.13 -1.66 -1.03
CA LEU D 154 66.16 -0.69 -0.68
C LEU D 154 67.39 -0.85 -1.56
N ALA D 155 67.68 -2.07 -1.99
CA ALA D 155 68.83 -2.31 -2.86
C ALA D 155 68.52 -1.63 -4.21
N HIS D 156 67.29 -1.76 -4.66
CA HIS D 156 66.88 -1.14 -5.91
C HIS D 156 66.96 0.37 -5.76
N MET D 157 66.64 0.87 -4.56
CA MET D 157 66.70 2.30 -4.29
C MET D 157 68.14 2.78 -4.47
N VAL D 158 69.09 2.02 -3.93
CA VAL D 158 70.50 2.37 -4.03
C VAL D 158 70.92 2.45 -5.49
N LEU D 159 70.54 1.46 -6.28
CA LEU D 159 70.89 1.46 -7.69
C LEU D 159 70.36 2.72 -8.38
N CYS D 160 69.11 3.08 -8.07
CA CYS D 160 68.51 4.28 -8.66
C CYS D 160 69.33 5.52 -8.29
N LEU D 161 69.63 5.66 -7.00
CA LEU D 161 70.40 6.80 -6.53
C LEU D 161 71.80 6.90 -7.13
N GLN D 162 72.31 5.78 -7.65
CA GLN D 162 73.63 5.76 -8.27
C GLN D 162 73.48 6.04 -9.76
N GLY D 163 72.25 6.23 -10.21
CA GLY D 163 71.99 6.49 -11.61
C GLY D 163 71.91 5.22 -12.42
N ARG D 164 71.79 4.09 -11.73
CA ARG D 164 71.72 2.78 -12.38
C ARG D 164 70.32 2.17 -12.26
N GLY D 165 69.34 3.02 -12.03
CA GLY D 165 67.96 2.58 -11.92
C GLY D 165 67.06 3.72 -12.32
N ASP D 166 65.81 3.43 -12.66
CA ASP D 166 64.87 4.46 -13.07
C ASP D 166 64.34 5.33 -11.93
N PHE D 167 63.76 6.46 -12.31
CA PHE D 167 63.15 7.40 -11.38
C PHE D 167 61.72 7.61 -11.86
N LEU D 168 60.88 8.17 -11.00
CA LEU D 168 59.50 8.45 -11.34
C LEU D 168 59.20 9.92 -11.07
N ASP D 169 58.36 10.52 -11.90
CA ASP D 169 57.96 11.90 -11.68
C ASP D 169 56.63 11.81 -10.93
N ARG D 170 56.07 12.94 -10.52
CA ARG D 170 54.80 12.92 -9.77
C ARG D 170 53.69 12.15 -10.48
N ASP D 171 53.75 12.08 -11.81
CA ASP D 171 52.71 11.39 -12.58
C ASP D 171 52.94 9.89 -12.73
N GLY D 172 54.09 9.41 -12.29
CA GLY D 172 54.38 7.99 -12.39
C GLY D 172 55.11 7.62 -13.66
N THR D 173 55.38 8.60 -14.52
CA THR D 173 56.08 8.34 -15.77
C THR D 173 57.55 8.09 -15.41
N ARG D 174 58.15 7.09 -16.05
CA ARG D 174 59.54 6.74 -15.78
C ARG D 174 60.61 7.52 -16.53
N LEU D 175 61.72 7.72 -15.84
CA LEU D 175 62.89 8.41 -16.37
C LEU D 175 64.05 7.47 -16.12
N ASP D 176 65.01 7.41 -17.05
CA ASP D 176 66.16 6.54 -16.85
C ASP D 176 67.05 7.13 -15.76
N GLY D 177 67.99 6.34 -15.26
CA GLY D 177 68.89 6.78 -14.22
C GLY D 177 69.61 8.09 -14.51
N ALA D 178 70.21 8.19 -15.69
CA ALA D 178 70.94 9.38 -16.07
C ALA D 178 70.03 10.61 -16.10
N GLU D 179 68.84 10.46 -16.65
CA GLU D 179 67.89 11.56 -16.73
C GLU D 179 67.36 11.98 -15.37
N GLY D 180 67.20 11.02 -14.47
CA GLY D 180 66.70 11.32 -13.14
C GLY D 180 67.68 12.20 -12.39
N LEU D 181 68.95 11.85 -12.45
CA LEU D 181 69.99 12.61 -11.77
C LEU D 181 70.11 14.00 -12.38
N ARG D 182 69.87 14.08 -13.69
CA ARG D 182 69.95 15.35 -14.41
C ARG D 182 68.77 16.26 -14.10
N ARG D 183 67.56 15.76 -14.33
CA ARG D 183 66.35 16.53 -14.09
C ARG D 183 66.17 16.92 -12.63
N GLY D 184 66.56 16.03 -11.73
CA GLY D 184 66.43 16.32 -10.31
C GLY D 184 67.63 17.07 -9.74
N ARG D 185 68.64 17.29 -10.59
CA ARG D 185 69.84 18.00 -10.16
C ARG D 185 70.41 17.25 -8.95
N LEU D 186 70.52 15.95 -9.07
CA LEU D 186 71.04 15.09 -8.01
C LEU D 186 72.46 14.61 -8.31
N GLN D 187 73.20 14.29 -7.25
CA GLN D 187 74.56 13.78 -7.39
C GLN D 187 74.48 12.27 -7.24
N PRO D 188 75.28 11.52 -8.02
CA PRO D 188 75.24 10.06 -7.93
C PRO D 188 75.74 9.58 -6.56
N LEU D 189 75.02 8.64 -5.97
CA LEU D 189 75.37 8.08 -4.68
C LEU D 189 76.72 7.38 -4.70
N ASP D 190 77.59 7.75 -3.76
CA ASP D 190 78.92 7.17 -3.65
C ASP D 190 79.05 6.44 -2.31
N LEU D 191 79.30 5.14 -2.37
CA LEU D 191 79.42 4.34 -1.16
C LEU D 191 80.86 4.03 -0.76
N SER D 192 81.77 4.95 -1.09
CA SER D 192 83.18 4.77 -0.78
C SER D 192 83.49 4.66 0.71
N HIS D 193 82.64 5.24 1.56
CA HIS D 193 82.85 5.18 2.99
C HIS D 193 82.44 3.85 3.61
N ARG D 194 82.03 2.91 2.76
CA ARG D 194 81.62 1.58 3.18
C ARG D 194 80.39 1.61 4.10
N ASP D 195 79.49 2.54 3.83
CA ASP D 195 78.27 2.70 4.62
C ASP D 195 77.03 2.19 3.88
N ALA D 196 77.23 1.18 3.04
CA ALA D 196 76.13 0.60 2.27
C ALA D 196 75.05 0.00 3.17
N LEU D 197 75.45 -0.53 4.32
CA LEU D 197 74.51 -1.13 5.25
C LEU D 197 73.55 -0.11 5.86
N ALA D 198 73.89 1.18 5.77
CA ALA D 198 73.04 2.22 6.31
C ALA D 198 71.86 2.47 5.37
N LEU D 199 72.00 2.03 4.12
CA LEU D 199 70.93 2.21 3.13
C LEU D 199 70.12 0.95 2.89
N VAL D 200 70.78 -0.20 2.93
CA VAL D 200 70.12 -1.48 2.72
C VAL D 200 69.95 -2.07 4.10
N ASN D 201 68.89 -1.68 4.78
CA ASN D 201 68.66 -2.15 6.13
C ASN D 201 67.29 -1.70 6.65
N GLY D 202 66.86 -2.33 7.73
CA GLY D 202 65.60 -1.94 8.35
C GLY D 202 64.29 -2.29 7.68
N THR D 203 63.25 -1.63 8.18
CA THR D 203 61.88 -1.84 7.72
C THR D 203 61.32 -0.63 6.95
N SER D 204 62.20 0.08 6.25
CA SER D 204 61.84 1.29 5.51
C SER D 204 60.70 1.20 4.50
N ALA D 205 60.64 0.11 3.74
CA ALA D 205 59.59 -0.02 2.74
C ALA D 205 58.21 -0.22 3.37
N MET D 206 58.08 -1.20 4.26
CA MET D 206 56.78 -1.43 4.90
C MET D 206 56.36 -0.21 5.71
N THR D 207 57.31 0.49 6.31
CA THR D 207 56.99 1.68 7.09
C THR D 207 56.49 2.81 6.18
N GLY D 208 57.12 2.97 5.02
CA GLY D 208 56.69 4.01 4.09
C GLY D 208 55.30 3.71 3.56
N ILE D 209 55.06 2.46 3.20
CA ILE D 209 53.75 2.06 2.70
C ILE D 209 52.70 2.30 3.77
N ALA D 210 53.01 1.91 5.01
CA ALA D 210 52.09 2.08 6.13
C ALA D 210 51.78 3.52 6.49
N LEU D 211 52.76 4.41 6.38
CA LEU D 211 52.48 5.80 6.73
C LEU D 211 51.57 6.43 5.69
N VAL D 212 51.65 5.95 4.44
CA VAL D 212 50.77 6.46 3.39
C VAL D 212 49.38 5.87 3.67
N ASN D 213 49.33 4.63 4.13
CA ASN D 213 48.05 4.00 4.47
C ASN D 213 47.36 4.79 5.58
N ALA D 214 48.14 5.17 6.59
CA ALA D 214 47.60 5.91 7.73
C ALA D 214 46.95 7.22 7.30
N HIS D 215 47.62 7.94 6.40
CA HIS D 215 47.11 9.21 5.90
C HIS D 215 45.80 9.04 5.14
N ALA D 216 45.78 8.06 4.24
CA ALA D 216 44.58 7.79 3.44
C ALA D 216 43.40 7.39 4.32
N CYS D 217 43.66 6.57 5.33
CA CYS D 217 42.59 6.13 6.22
C CYS D 217 41.98 7.28 7.01
N ARG D 218 42.79 8.28 7.34
CA ARG D 218 42.24 9.41 8.08
C ARG D 218 41.20 10.11 7.21
N HIS D 219 41.54 10.34 5.95
CA HIS D 219 40.60 11.00 5.04
C HIS D 219 39.39 10.13 4.75
N LEU D 220 39.59 8.85 4.48
CA LEU D 220 38.46 7.97 4.20
C LEU D 220 37.56 7.86 5.42
N GLY D 221 38.16 7.90 6.61
CA GLY D 221 37.37 7.84 7.83
C GLY D 221 36.48 9.06 7.93
N ASN D 222 36.99 10.22 7.54
CA ASN D 222 36.21 11.45 7.57
C ASN D 222 35.06 11.34 6.56
N TRP D 223 35.32 10.72 5.42
CA TRP D 223 34.25 10.54 4.43
C TRP D 223 33.21 9.54 4.93
N ALA D 224 33.67 8.48 5.60
CA ALA D 224 32.74 7.49 6.13
C ALA D 224 31.77 8.14 7.10
N VAL D 225 32.29 9.04 7.94
CA VAL D 225 31.47 9.75 8.91
C VAL D 225 30.53 10.74 8.21
N ALA D 226 31.08 11.54 7.30
CA ALA D 226 30.29 12.54 6.58
C ALA D 226 29.16 11.92 5.76
N LEU D 227 29.42 10.78 5.14
CA LEU D 227 28.42 10.13 4.32
C LEU D 227 27.36 9.41 5.16
N THR D 228 27.76 8.90 6.33
CA THR D 228 26.79 8.25 7.21
C THR D 228 25.82 9.35 7.66
N ALA D 229 26.37 10.53 7.96
CA ALA D 229 25.55 11.66 8.39
C ALA D 229 24.58 12.09 7.30
N LEU D 230 25.07 12.21 6.07
CA LEU D 230 24.21 12.61 4.97
C LEU D 230 23.15 11.53 4.71
N LEU D 231 23.53 10.27 4.93
CA LEU D 231 22.57 9.18 4.75
C LEU D 231 21.41 9.39 5.72
N ALA D 232 21.72 9.77 6.96
CA ALA D 232 20.67 10.02 7.94
C ALA D 232 19.74 11.13 7.46
N GLU D 233 20.31 12.16 6.84
CA GLU D 233 19.51 13.28 6.35
C GLU D 233 18.64 12.88 5.16
N CYS D 234 18.99 11.79 4.49
CA CYS D 234 18.22 11.32 3.35
C CYS D 234 17.18 10.27 3.71
N LEU D 235 17.34 9.65 4.88
CA LEU D 235 16.41 8.60 5.31
C LEU D 235 15.71 8.88 6.64
N ARG D 236 15.62 10.15 7.02
CA ARG D 236 15.01 10.53 8.29
C ARG D 236 15.61 9.74 9.44
N GLY D 237 16.95 9.69 9.49
CA GLY D 237 17.63 8.96 10.54
C GLY D 237 17.43 9.56 11.92
N ARG D 238 17.49 8.70 12.94
CA ARG D 238 17.31 9.12 14.33
C ARG D 238 18.63 9.44 15.01
N THR D 239 18.80 10.69 15.40
CA THR D 239 20.04 11.13 16.04
C THR D 239 20.23 10.67 17.49
N GLU D 240 19.17 10.21 18.15
CA GLU D 240 19.34 9.80 19.54
C GLU D 240 20.30 8.62 19.66
N ALA D 241 20.47 7.85 18.60
CA ALA D 241 21.40 6.72 18.63
C ALA D 241 22.84 7.21 18.69
N TRP D 242 23.05 8.47 18.32
CA TRP D 242 24.39 9.04 18.31
C TRP D 242 24.65 9.92 19.53
N ALA D 243 23.77 9.83 20.52
CA ALA D 243 23.88 10.63 21.74
C ALA D 243 25.19 10.39 22.51
N ALA D 244 25.73 11.47 23.06
CA ALA D 244 26.96 11.39 23.83
C ALA D 244 26.78 10.49 25.06
N ALA D 245 25.57 10.46 25.61
CA ALA D 245 25.29 9.64 26.78
C ALA D 245 25.58 8.16 26.51
N LEU D 246 25.30 7.71 25.29
CA LEU D 246 25.56 6.31 24.95
C LEU D 246 27.06 6.05 24.88
N SER D 247 27.81 7.04 24.39
CA SER D 247 29.26 6.92 24.31
C SER D 247 29.84 6.75 25.71
N ASP D 248 29.33 7.56 26.63
CA ASP D 248 29.82 7.51 28.00
C ASP D 248 29.56 6.17 28.69
N LEU D 249 28.48 5.50 28.31
CA LEU D 249 28.16 4.20 28.90
C LEU D 249 29.07 3.08 28.38
N ARG D 250 29.66 3.27 27.20
CA ARG D 250 30.57 2.28 26.60
C ARG D 250 31.70 3.15 26.05
N PRO D 251 32.54 3.69 26.95
CA PRO D 251 33.68 4.57 26.68
C PRO D 251 34.87 4.21 25.80
N HIS D 252 34.63 3.58 24.65
CA HIS D 252 35.74 3.30 23.74
C HIS D 252 36.04 4.65 23.08
N PRO D 253 37.31 5.11 23.11
CA PRO D 253 37.66 6.40 22.51
C PRO D 253 37.19 6.60 21.07
N GLY D 254 37.40 5.59 20.23
CA GLY D 254 37.01 5.69 18.85
C GLY D 254 35.52 5.86 18.64
N GLN D 255 34.72 5.20 19.48
CA GLN D 255 33.27 5.30 19.39
C GLN D 255 32.80 6.68 19.83
N LYS D 256 33.37 7.18 20.91
CA LYS D 256 33.00 8.50 21.42
C LYS D 256 33.29 9.53 20.33
N ASP D 257 34.46 9.40 19.70
CA ASP D 257 34.85 10.32 18.64
C ASP D 257 33.92 10.21 17.44
N ALA D 258 33.61 8.98 17.03
CA ALA D 258 32.72 8.77 15.89
C ALA D 258 31.34 9.40 16.13
N ALA D 259 30.77 9.16 17.30
CA ALA D 259 29.46 9.72 17.63
C ALA D 259 29.48 11.25 17.65
N ALA D 260 30.52 11.83 18.26
CA ALA D 260 30.61 13.28 18.32
C ALA D 260 30.73 13.88 16.91
N ARG D 261 31.52 13.24 16.06
CA ARG D 261 31.72 13.71 14.70
C ARG D 261 30.43 13.59 13.89
N LEU D 262 29.66 12.52 14.14
CA LEU D 262 28.39 12.33 13.45
C LEU D 262 27.40 13.42 13.87
N ARG D 263 27.34 13.70 15.16
CA ARG D 263 26.43 14.73 15.66
C ARG D 263 26.78 16.07 15.03
N ALA D 264 28.08 16.36 14.95
CA ALA D 264 28.53 17.62 14.37
C ALA D 264 28.10 17.75 12.90
N ARG D 265 28.21 16.67 12.14
CA ARG D 265 27.84 16.70 10.73
C ARG D 265 26.37 17.07 10.49
N VAL D 266 25.47 16.57 11.35
CA VAL D 266 24.05 16.85 11.18
C VAL D 266 23.52 18.05 11.97
N ASP D 267 24.42 18.77 12.63
CA ASP D 267 23.99 19.94 13.38
C ASP D 267 23.31 20.90 12.40
N GLY D 268 22.12 21.39 12.77
CA GLY D 268 21.40 22.30 11.90
C GLY D 268 20.46 21.66 10.90
N SER D 269 20.46 20.33 10.84
CA SER D 269 19.59 19.61 9.92
C SER D 269 18.14 19.59 10.40
N ALA D 270 17.21 19.71 9.45
CA ALA D 270 15.78 19.65 9.76
C ALA D 270 15.26 18.36 9.15
N ARG D 271 16.17 17.56 8.59
CA ARG D 271 15.82 16.30 7.94
C ARG D 271 15.95 15.05 8.82
N VAL D 272 16.68 15.16 9.92
CA VAL D 272 16.85 14.03 10.82
C VAL D 272 15.80 14.09 11.93
N VAL D 273 15.55 12.96 12.57
CA VAL D 273 14.58 12.90 13.66
C VAL D 273 15.38 12.99 14.97
N ARG D 274 15.11 14.02 15.77
CA ARG D 274 15.85 14.22 17.00
C ARG D 274 15.14 13.83 18.29
N HIS D 275 13.85 13.49 18.20
CA HIS D 275 13.11 13.13 19.40
C HIS D 275 13.56 11.80 20.02
N VAL D 276 13.64 11.80 21.35
CA VAL D 276 14.01 10.61 22.12
C VAL D 276 12.69 9.87 22.27
N ILE D 277 12.59 8.68 21.68
CA ILE D 277 11.33 7.96 21.72
C ILE D 277 10.77 7.64 23.10
N ALA D 278 11.64 7.37 24.07
CA ALA D 278 11.19 7.05 25.42
C ALA D 278 10.49 8.20 26.13
N GLU D 279 10.57 9.41 25.57
CA GLU D 279 9.90 10.56 26.17
C GLU D 279 8.39 10.42 26.01
N ARG D 280 8.00 9.80 24.90
CA ARG D 280 6.58 9.57 24.58
C ARG D 280 5.88 8.65 25.57
N ARG D 281 4.73 9.10 26.07
CA ARG D 281 3.93 8.30 26.99
C ARG D 281 2.78 7.76 26.17
N LEU D 282 2.63 6.44 26.18
CA LEU D 282 1.59 5.78 25.42
C LEU D 282 0.30 5.59 26.20
N ASP D 283 -0.81 5.55 25.48
CA ASP D 283 -2.12 5.32 26.06
C ASP D 283 -2.82 4.26 25.20
N ALA D 284 -4.01 3.85 25.61
CA ALA D 284 -4.74 2.82 24.88
C ALA D 284 -4.85 3.06 23.37
N GLY D 285 -5.04 4.31 22.98
CA GLY D 285 -5.18 4.63 21.56
C GLY D 285 -3.94 4.49 20.70
N ASP D 286 -2.78 4.32 21.33
CA ASP D 286 -1.52 4.19 20.57
C ASP D 286 -1.16 2.76 20.25
N ILE D 287 -1.72 1.80 20.99
CA ILE D 287 -1.43 0.40 20.75
C ILE D 287 -1.84 -0.04 19.35
N GLY D 288 -0.89 -0.60 18.61
CA GLY D 288 -1.17 -1.04 17.26
C GLY D 288 0.12 -1.06 16.46
N THR D 289 0.02 -1.13 15.15
CA THR D 289 1.18 -1.15 14.29
C THR D 289 1.50 0.23 13.73
N GLU D 290 2.72 0.70 13.99
CA GLU D 290 3.14 2.01 13.49
C GLU D 290 3.83 1.83 12.15
N PRO D 291 3.87 2.91 11.34
CA PRO D 291 4.49 2.86 10.03
C PRO D 291 5.94 2.41 10.05
N GLU D 292 6.68 2.88 11.05
CA GLU D 292 8.10 2.55 11.16
C GLU D 292 8.48 2.18 12.59
N ALA D 293 9.56 1.42 12.74
CA ALA D 293 10.04 1.03 14.05
C ALA D 293 10.63 2.27 14.71
N GLY D 294 10.76 2.25 16.03
CA GLY D 294 11.30 3.39 16.75
C GLY D 294 12.80 3.54 16.68
N GLN D 295 13.47 2.60 16.02
CA GLN D 295 14.93 2.63 15.88
C GLN D 295 15.32 2.31 14.44
N ASP D 296 16.44 2.89 13.99
CA ASP D 296 16.93 2.65 12.64
C ASP D 296 17.63 1.30 12.50
N ALA D 297 17.84 0.89 11.24
CA ALA D 297 18.55 -0.33 10.93
C ALA D 297 19.99 -0.06 11.39
N TYR D 298 20.76 -1.12 11.56
CA TYR D 298 22.14 -1.00 12.05
C TYR D 298 23.10 -0.10 11.26
N SER D 299 22.92 -0.01 9.94
CA SER D 299 23.84 0.81 9.15
C SER D 299 23.81 2.28 9.54
N LEU D 300 22.82 2.66 10.34
CA LEU D 300 22.73 4.03 10.86
C LEU D 300 22.85 4.01 12.38
N ARG D 301 22.02 3.20 13.03
CA ARG D 301 22.01 3.13 14.48
C ARG D 301 23.32 2.68 15.12
N CYS D 302 24.03 1.76 14.47
CA CYS D 302 25.28 1.25 15.02
C CYS D 302 26.54 1.83 14.37
N ALA D 303 26.37 2.93 13.65
CA ALA D 303 27.51 3.57 13.01
C ALA D 303 28.60 3.98 14.00
N PRO D 304 28.23 4.53 15.17
CA PRO D 304 29.28 4.93 16.12
C PRO D 304 30.14 3.75 16.55
N GLN D 305 29.48 2.62 16.75
CA GLN D 305 30.13 1.39 17.20
C GLN D 305 30.99 0.74 16.13
N VAL D 306 30.50 0.73 14.89
CA VAL D 306 31.28 0.12 13.82
C VAL D 306 32.45 1.03 13.44
N LEU D 307 32.16 2.29 13.14
CA LEU D 307 33.22 3.24 12.78
C LEU D 307 34.21 3.37 13.94
N GLY D 308 33.68 3.44 15.15
CA GLY D 308 34.52 3.58 16.33
C GLY D 308 35.54 2.47 16.50
N ALA D 309 35.14 1.23 16.23
CA ALA D 309 36.05 0.10 16.34
C ALA D 309 37.13 0.25 15.28
N GLY D 310 36.73 0.71 14.09
CA GLY D 310 37.71 0.92 13.04
C GLY D 310 38.68 2.02 13.41
N PHE D 311 38.17 3.08 14.03
CA PHE D 311 39.01 4.20 14.44
C PHE D 311 40.00 3.79 15.53
N ASP D 312 39.57 2.92 16.45
CA ASP D 312 40.48 2.48 17.50
C ASP D 312 41.57 1.58 16.92
N THR D 313 41.25 0.85 15.86
CA THR D 313 42.25 0.00 15.22
C THR D 313 43.28 0.91 14.54
N LEU D 314 42.81 1.95 13.86
CA LEU D 314 43.72 2.88 13.19
C LEU D 314 44.60 3.59 14.22
N ALA D 315 44.03 3.90 15.39
CA ALA D 315 44.78 4.58 16.45
C ALA D 315 45.92 3.68 16.92
N TRP D 316 45.64 2.40 17.08
CA TRP D 316 46.67 1.45 17.51
C TRP D 316 47.74 1.35 16.42
N HIS D 317 47.29 1.23 15.18
CA HIS D 317 48.17 1.14 14.03
C HIS D 317 49.11 2.35 14.00
N ASP D 318 48.55 3.53 14.18
CA ASP D 318 49.36 4.74 14.15
C ASP D 318 50.30 4.87 15.35
N ARG D 319 49.92 4.35 16.52
CA ARG D 319 50.83 4.43 17.68
C ARG D 319 52.07 3.59 17.41
N VAL D 320 51.83 2.37 16.95
CA VAL D 320 52.92 1.43 16.66
C VAL D 320 53.78 1.95 15.52
N LEU D 321 53.13 2.47 14.48
CA LEU D 321 53.87 3.00 13.32
C LEU D 321 54.73 4.20 13.68
N THR D 322 54.23 5.07 14.54
CA THR D 322 54.98 6.25 14.95
C THR D 322 56.28 5.81 15.61
N ILE D 323 56.21 4.78 16.44
CA ILE D 323 57.40 4.27 17.11
C ILE D 323 58.35 3.68 16.08
N GLU D 324 57.81 2.88 15.16
CA GLU D 324 58.63 2.26 14.13
C GLU D 324 59.32 3.27 13.23
N LEU D 325 58.59 4.30 12.81
CA LEU D 325 59.13 5.33 11.93
C LEU D 325 60.32 6.05 12.56
N ASN D 326 60.23 6.32 13.85
CA ASN D 326 61.28 7.03 14.56
C ASN D 326 62.32 6.14 15.21
N ALA D 327 62.26 4.85 14.91
CA ALA D 327 63.20 3.91 15.49
C ALA D 327 64.38 3.62 14.57
N VAL D 328 65.35 2.89 15.10
CA VAL D 328 66.51 2.46 14.33
C VAL D 328 66.27 0.98 14.13
N THR D 329 65.97 0.59 12.89
CA THR D 329 65.70 -0.81 12.60
C THR D 329 66.88 -1.47 11.89
N ASP D 330 68.02 -0.79 11.96
CA ASP D 330 69.26 -1.26 11.32
C ASP D 330 69.92 -2.42 12.04
N ASN D 331 70.79 -3.12 11.30
CA ASN D 331 71.59 -4.21 11.82
C ASN D 331 72.76 -4.39 10.87
N PRO D 332 74.00 -4.29 11.39
CA PRO D 332 74.33 -4.03 12.79
C PRO D 332 74.07 -2.56 13.14
N VAL D 333 74.26 -2.23 14.42
CA VAL D 333 74.08 -0.86 14.89
C VAL D 333 75.30 -0.45 15.69
N PHE D 334 75.59 0.85 15.67
CA PHE D 334 76.74 1.39 16.37
C PHE D 334 76.23 2.29 17.49
N PRO D 335 76.19 1.76 18.73
CA PRO D 335 75.74 2.49 19.92
C PRO D 335 76.34 3.88 20.09
N PRO D 336 75.49 4.92 20.11
CA PRO D 336 75.96 6.30 20.27
C PRO D 336 76.74 6.54 21.56
N ASP D 337 76.50 5.73 22.58
CA ASP D 337 77.20 5.90 23.85
C ASP D 337 78.60 5.29 23.83
N GLY D 338 78.86 4.44 22.84
CA GLY D 338 80.17 3.82 22.73
C GLY D 338 80.40 2.65 23.68
N SER D 339 79.33 2.13 24.25
CA SER D 339 79.42 1.00 25.18
C SER D 339 80.15 -0.16 24.52
N VAL D 340 79.81 -0.42 23.27
CA VAL D 340 80.45 -1.50 22.50
C VAL D 340 80.63 -0.97 21.08
N PRO D 341 81.57 -1.54 20.31
CA PRO D 341 81.82 -1.10 18.94
C PRO D 341 80.58 -1.21 18.05
N ALA D 342 79.87 -2.32 18.20
CA ALA D 342 78.67 -2.56 17.41
C ALA D 342 77.84 -3.66 18.03
N LEU D 343 76.54 -3.66 17.74
CA LEU D 343 75.63 -4.67 18.25
C LEU D 343 75.00 -5.41 17.08
N HIS D 344 74.84 -6.72 17.24
CA HIS D 344 74.22 -7.55 16.22
C HIS D 344 72.94 -8.13 16.79
N GLY D 345 71.82 -7.81 16.15
CA GLY D 345 70.53 -8.30 16.62
C GLY D 345 69.57 -8.44 15.47
N GLY D 346 68.28 -8.24 15.75
CA GLY D 346 67.27 -8.38 14.72
C GLY D 346 66.20 -7.29 14.67
N ASN D 347 66.59 -6.04 14.84
CA ASN D 347 65.63 -4.94 14.80
C ASN D 347 65.04 -4.69 13.42
N PHE D 348 65.47 -5.48 12.44
CA PHE D 348 64.98 -5.38 11.08
C PHE D 348 63.72 -6.24 10.88
N MET D 349 63.38 -7.05 11.88
CA MET D 349 62.22 -7.94 11.80
C MET D 349 60.94 -7.10 11.92
N GLY D 350 60.28 -6.88 10.80
CA GLY D 350 59.08 -6.05 10.78
C GLY D 350 57.78 -6.65 11.24
N GLN D 351 57.79 -7.39 12.34
CA GLN D 351 56.57 -8.01 12.83
C GLN D 351 55.53 -7.01 13.31
N HIS D 352 55.98 -5.86 13.82
CA HIS D 352 55.03 -4.85 14.29
C HIS D 352 54.19 -4.25 13.18
N VAL D 353 54.83 -3.87 12.07
CA VAL D 353 54.08 -3.29 10.95
C VAL D 353 53.24 -4.41 10.31
N ALA D 354 53.76 -5.63 10.31
CA ALA D 354 53.02 -6.73 9.72
C ALA D 354 51.68 -6.94 10.45
N LEU D 355 51.73 -7.04 11.78
CA LEU D 355 50.50 -7.26 12.54
C LEU D 355 49.54 -6.09 12.54
N THR D 356 50.06 -4.86 12.63
CA THR D 356 49.17 -3.72 12.62
C THR D 356 48.56 -3.50 11.24
N SER D 357 49.32 -3.80 10.18
CA SER D 357 48.79 -3.65 8.83
C SER D 357 47.68 -4.65 8.60
N ASP D 358 47.86 -5.88 9.08
CA ASP D 358 46.82 -6.90 8.91
C ASP D 358 45.57 -6.51 9.68
N ALA D 359 45.75 -5.98 10.89
CA ALA D 359 44.61 -5.57 11.71
C ALA D 359 43.86 -4.43 11.03
N LEU D 360 44.61 -3.46 10.52
CA LEU D 360 44.00 -2.32 9.85
C LEU D 360 43.26 -2.78 8.60
N ALA D 361 43.83 -3.75 7.89
CA ALA D 361 43.20 -4.27 6.68
C ALA D 361 41.82 -4.85 7.00
N THR D 362 41.73 -5.57 8.11
CA THR D 362 40.45 -6.14 8.52
C THR D 362 39.46 -5.03 8.84
N ALA D 363 39.92 -4.02 9.57
CA ALA D 363 39.06 -2.89 9.93
C ALA D 363 38.56 -2.17 8.68
N VAL D 364 39.45 -1.97 7.71
CA VAL D 364 39.06 -1.31 6.47
C VAL D 364 37.99 -2.12 5.74
N THR D 365 38.15 -3.44 5.73
CA THR D 365 37.18 -4.30 5.06
C THR D 365 35.82 -4.21 5.77
N VAL D 366 35.84 -4.13 7.09
CA VAL D 366 34.60 -4.03 7.87
C VAL D 366 33.91 -2.70 7.57
N LEU D 367 34.67 -1.62 7.57
CA LEU D 367 34.09 -0.29 7.29
C LEU D 367 33.62 -0.17 5.85
N ALA D 368 34.30 -0.83 4.91
CA ALA D 368 33.88 -0.79 3.51
C ALA D 368 32.55 -1.54 3.41
N GLY D 369 32.40 -2.57 4.23
CA GLY D 369 31.16 -3.34 4.25
C GLY D 369 30.01 -2.46 4.71
N LEU D 370 30.27 -1.61 5.70
CA LEU D 370 29.24 -0.71 6.21
C LEU D 370 28.81 0.23 5.09
N ALA D 371 29.77 0.81 4.38
CA ALA D 371 29.46 1.73 3.29
C ALA D 371 28.68 1.01 2.20
N GLU D 372 29.08 -0.21 1.89
CA GLU D 372 28.39 -0.99 0.85
C GLU D 372 26.93 -1.26 1.24
N ARG D 373 26.68 -1.57 2.51
CA ARG D 373 25.31 -1.82 2.95
C ARG D 373 24.51 -0.52 2.99
N GLN D 374 25.18 0.60 3.20
CA GLN D 374 24.50 1.90 3.21
C GLN D 374 24.02 2.18 1.79
N ILE D 375 24.85 1.85 0.80
CA ILE D 375 24.46 2.04 -0.60
C ILE D 375 23.29 1.11 -0.90
N ALA D 376 23.38 -0.14 -0.47
CA ALA D 376 22.33 -1.13 -0.72
C ALA D 376 20.98 -0.72 -0.15
N ARG D 377 21.00 -0.02 0.98
CA ARG D 377 19.77 0.43 1.62
C ARG D 377 19.20 1.67 0.92
N LEU D 378 20.06 2.64 0.65
CA LEU D 378 19.68 3.88 0.01
C LEU D 378 19.08 3.71 -1.39
N THR D 379 19.56 2.72 -2.12
CA THR D 379 19.10 2.50 -3.50
C THR D 379 17.93 1.52 -3.64
N ASP D 380 17.51 0.91 -2.53
CA ASP D 380 16.41 -0.07 -2.54
C ASP D 380 15.09 0.64 -2.27
N GLU D 381 14.22 0.67 -3.27
CA GLU D 381 12.93 1.34 -3.12
C GLU D 381 12.06 0.81 -1.98
N ARG D 382 12.31 -0.42 -1.54
CA ARG D 382 11.54 -0.99 -0.44
C ARG D 382 12.09 -0.55 0.91
N LEU D 383 13.35 -0.07 0.92
CA LEU D 383 13.98 0.34 2.16
C LEU D 383 14.36 1.82 2.26
N ASN D 384 14.32 2.54 1.14
CA ASN D 384 14.73 3.95 1.16
C ASN D 384 13.66 4.99 1.45
N ARG D 385 12.58 4.55 2.08
CA ARG D 385 11.50 5.43 2.48
C ARG D 385 10.97 6.43 1.45
N GLY D 386 10.57 5.93 0.29
CA GLY D 386 9.99 6.81 -0.71
C GLY D 386 10.85 7.33 -1.83
N LEU D 387 12.15 7.06 -1.82
CA LEU D 387 13.02 7.53 -2.88
C LEU D 387 12.88 6.62 -4.11
N PRO D 388 13.18 7.15 -5.30
CA PRO D 388 13.08 6.33 -6.53
C PRO D 388 14.01 5.13 -6.49
N PRO D 389 13.61 4.03 -7.14
CA PRO D 389 14.47 2.85 -7.14
C PRO D 389 15.81 3.19 -7.78
N PHE D 390 16.89 2.88 -7.07
CA PHE D 390 18.25 3.14 -7.51
C PHE D 390 18.48 4.63 -7.81
N LEU D 391 17.65 5.47 -7.19
CA LEU D 391 17.76 6.91 -7.29
C LEU D 391 17.77 7.45 -8.72
N HIS D 392 17.04 6.79 -9.62
CA HIS D 392 17.01 7.24 -10.99
C HIS D 392 16.17 8.50 -11.17
N ARG D 393 16.39 9.15 -12.30
CA ARG D 393 15.61 10.31 -12.69
C ARG D 393 15.16 9.95 -14.10
N GLY D 394 14.17 10.64 -14.62
CA GLY D 394 13.67 10.28 -15.93
C GLY D 394 12.70 9.13 -15.71
N PRO D 395 12.01 8.65 -16.76
CA PRO D 395 11.07 7.54 -16.60
C PRO D 395 11.72 6.25 -16.07
N ALA D 396 11.10 5.64 -15.06
CA ALA D 396 11.61 4.40 -14.49
C ALA D 396 11.53 3.30 -15.54
N GLY D 397 12.52 2.41 -15.54
CA GLY D 397 12.53 1.34 -16.53
C GLY D 397 13.43 1.79 -17.67
N LEU D 398 13.07 2.92 -18.28
CA LEU D 398 13.89 3.47 -19.35
C LEU D 398 15.19 3.94 -18.71
N ASN D 399 15.13 4.25 -17.42
CA ASN D 399 16.30 4.69 -16.67
C ASN D 399 16.44 3.82 -15.43
N SER D 400 17.68 3.44 -15.10
CA SER D 400 17.92 2.60 -13.93
C SER D 400 18.81 3.31 -12.89
N GLY D 401 19.21 4.54 -13.19
CA GLY D 401 20.03 5.30 -12.26
C GLY D 401 21.35 4.67 -11.84
N PHE D 402 21.51 4.46 -10.54
CA PHE D 402 22.72 3.88 -9.97
C PHE D 402 22.64 2.37 -9.78
N MET D 403 21.73 1.71 -10.49
CA MET D 403 21.58 0.27 -10.35
C MET D 403 22.90 -0.48 -10.63
N GLY D 404 23.61 -0.05 -11.67
CA GLY D 404 24.87 -0.68 -12.00
C GLY D 404 25.95 -0.36 -10.99
N ALA D 405 26.03 0.89 -10.58
CA ALA D 405 27.04 1.33 -9.61
C ALA D 405 26.88 0.60 -8.27
N GLN D 406 25.64 0.31 -7.88
CA GLN D 406 25.39 -0.38 -6.62
C GLN D 406 25.99 -1.79 -6.66
N VAL D 407 25.82 -2.47 -7.79
CA VAL D 407 26.37 -3.82 -7.94
C VAL D 407 27.89 -3.75 -7.96
N THR D 408 28.43 -2.72 -8.59
CA THR D 408 29.88 -2.53 -8.65
C THR D 408 30.44 -2.42 -7.22
N ALA D 409 29.75 -1.68 -6.35
CA ALA D 409 30.21 -1.53 -4.97
C ALA D 409 30.28 -2.90 -4.30
N THR D 410 29.27 -3.73 -4.53
CA THR D 410 29.23 -5.06 -3.94
C THR D 410 30.40 -5.89 -4.46
N ALA D 411 30.66 -5.79 -5.76
CA ALA D 411 31.76 -6.54 -6.37
C ALA D 411 33.11 -6.12 -5.79
N LEU D 412 33.28 -4.83 -5.54
CA LEU D 412 34.54 -4.34 -4.98
C LEU D 412 34.73 -4.89 -3.56
N LEU D 413 33.66 -4.91 -2.78
CA LEU D 413 33.72 -5.42 -1.41
C LEU D 413 34.02 -6.92 -1.40
N ALA D 414 33.32 -7.66 -2.25
CA ALA D 414 33.54 -9.11 -2.32
C ALA D 414 34.99 -9.41 -2.63
N GLU D 415 35.60 -8.63 -3.50
CA GLU D 415 36.99 -8.86 -3.86
C GLU D 415 37.91 -8.59 -2.66
N MET D 416 37.60 -7.54 -1.90
CA MET D 416 38.38 -7.19 -0.72
C MET D 416 38.40 -8.37 0.26
N ARG D 417 37.25 -9.00 0.43
CA ARG D 417 37.12 -10.10 1.36
C ARG D 417 37.92 -11.35 1.02
N ALA D 418 38.31 -11.48 -0.25
CA ALA D 418 39.05 -12.66 -0.68
C ALA D 418 40.49 -12.72 -0.18
N THR D 419 41.03 -11.58 0.20
CA THR D 419 42.40 -11.52 0.69
C THR D 419 42.43 -11.34 2.21
N GLY D 420 43.19 -12.20 2.88
CA GLY D 420 43.30 -12.12 4.32
C GLY D 420 44.65 -11.62 4.80
N PRO D 421 44.96 -11.83 6.08
CA PRO D 421 46.23 -11.40 6.69
C PRO D 421 47.45 -12.00 5.99
N ALA D 422 48.50 -11.21 5.87
CA ALA D 422 49.73 -11.67 5.24
C ALA D 422 50.66 -12.33 6.25
N SER D 423 50.62 -11.85 7.48
CA SER D 423 51.49 -12.32 8.57
C SER D 423 51.52 -13.80 8.90
N ILE D 424 50.42 -14.49 8.68
CA ILE D 424 50.36 -15.91 9.03
C ILE D 424 51.05 -16.82 8.02
N HIS D 425 51.62 -16.26 6.96
CA HIS D 425 52.25 -17.08 5.95
C HIS D 425 53.77 -17.19 5.97
N SER D 426 54.36 -17.06 7.14
CA SER D 426 55.82 -17.16 7.25
C SER D 426 56.29 -18.52 6.76
N ILE D 427 57.37 -18.50 5.97
CA ILE D 427 57.97 -19.70 5.42
C ILE D 427 59.47 -19.59 5.66
N SER D 428 60.07 -20.65 6.19
CA SER D 428 61.51 -20.67 6.45
C SER D 428 62.26 -20.52 5.14
N THR D 429 63.21 -19.59 5.08
CA THR D 429 63.94 -19.37 3.84
C THR D 429 65.40 -18.99 4.11
N ASN D 430 66.15 -18.68 3.06
CA ASN D 430 67.57 -18.33 3.19
C ASN D 430 68.34 -19.47 3.85
N ALA D 431 68.19 -20.67 3.29
CA ALA D 431 68.86 -21.86 3.81
C ALA D 431 68.50 -22.07 5.29
N ALA D 432 67.26 -21.73 5.63
CA ALA D 432 66.71 -21.85 6.97
C ALA D 432 67.26 -20.86 7.99
N ASN D 433 68.13 -19.95 7.54
CA ASN D 433 68.68 -18.94 8.44
C ASN D 433 67.57 -17.97 8.85
N GLN D 434 66.71 -17.64 7.88
CA GLN D 434 65.57 -16.77 8.14
C GLN D 434 64.41 -17.74 8.31
N ASP D 435 64.41 -18.51 9.41
CA ASP D 435 63.36 -19.49 9.61
C ASP D 435 61.98 -18.93 9.95
N VAL D 436 61.93 -17.65 10.29
CA VAL D 436 60.68 -16.95 10.53
C VAL D 436 60.86 -15.57 9.90
N VAL D 437 59.84 -15.10 9.17
CA VAL D 437 59.89 -13.80 8.51
C VAL D 437 58.58 -13.06 8.77
N SER D 438 58.61 -11.73 8.76
CA SER D 438 57.43 -10.94 9.06
C SER D 438 56.41 -10.74 7.95
N LEU D 439 56.88 -10.62 6.72
CA LEU D 439 56.02 -10.38 5.56
C LEU D 439 55.29 -9.04 5.75
N GLY D 440 55.91 -8.14 6.51
CA GLY D 440 55.29 -6.85 6.79
C GLY D 440 55.05 -5.97 5.57
N THR D 441 55.94 -6.06 4.59
CA THR D 441 55.82 -5.27 3.38
C THR D 441 54.58 -5.74 2.61
N ILE D 442 54.41 -7.05 2.53
CA ILE D 442 53.25 -7.63 1.84
C ILE D 442 51.99 -7.20 2.61
N ALA D 443 52.04 -7.30 3.93
CA ALA D 443 50.90 -6.91 4.76
C ALA D 443 50.48 -5.46 4.49
N ALA D 444 51.46 -4.55 4.46
CA ALA D 444 51.16 -3.14 4.23
C ALA D 444 50.59 -2.92 2.83
N ARG D 445 51.11 -3.66 1.86
CA ARG D 445 50.64 -3.55 0.48
C ARG D 445 49.23 -4.09 0.30
N LEU D 446 48.91 -5.19 0.97
CA LEU D 446 47.56 -5.76 0.86
C LEU D 446 46.58 -4.80 1.52
N CYS D 447 47.02 -4.12 2.58
CA CYS D 447 46.16 -3.16 3.25
C CYS D 447 45.90 -1.97 2.32
N ARG D 448 46.93 -1.54 1.59
CA ARG D 448 46.77 -0.42 0.67
C ARG D 448 45.73 -0.74 -0.39
N GLU D 449 45.74 -1.97 -0.90
CA GLU D 449 44.78 -2.36 -1.92
C GLU D 449 43.36 -2.25 -1.37
N LYS D 450 43.16 -2.68 -0.13
CA LYS D 450 41.85 -2.62 0.48
C LYS D 450 41.41 -1.17 0.67
N ILE D 451 42.35 -0.32 1.05
CA ILE D 451 42.06 1.10 1.23
C ILE D 451 41.60 1.70 -0.11
N ASP D 452 42.24 1.29 -1.21
CA ASP D 452 41.86 1.79 -2.52
C ASP D 452 40.44 1.35 -2.89
N ARG D 453 40.07 0.13 -2.54
CA ARG D 453 38.72 -0.37 -2.84
C ARG D 453 37.70 0.39 -1.98
N TRP D 454 38.07 0.65 -0.72
CA TRP D 454 37.18 1.36 0.19
C TRP D 454 36.88 2.76 -0.37
N ALA D 455 37.90 3.41 -0.93
CA ALA D 455 37.71 4.74 -1.52
C ALA D 455 36.70 4.71 -2.66
N GLU D 456 36.76 3.65 -3.47
CA GLU D 456 35.84 3.50 -4.60
C GLU D 456 34.42 3.27 -4.12
N ILE D 457 34.25 2.45 -3.08
CA ILE D 457 32.93 2.19 -2.53
C ILE D 457 32.38 3.50 -1.94
N LEU D 458 33.21 4.23 -1.21
CA LEU D 458 32.78 5.50 -0.64
C LEU D 458 32.41 6.50 -1.74
N ALA D 459 33.14 6.47 -2.85
CA ALA D 459 32.85 7.39 -3.96
C ALA D 459 31.46 7.09 -4.53
N ILE D 460 31.12 5.82 -4.65
CA ILE D 460 29.81 5.44 -5.16
C ILE D 460 28.75 5.93 -4.16
N LEU D 461 29.00 5.74 -2.86
CA LEU D 461 28.05 6.18 -1.86
C LEU D 461 27.87 7.71 -1.92
N ALA D 462 28.97 8.43 -2.11
CA ALA D 462 28.91 9.90 -2.19
C ALA D 462 28.06 10.36 -3.37
N LEU D 463 28.27 9.76 -4.53
CA LEU D 463 27.50 10.13 -5.72
C LEU D 463 26.03 9.79 -5.51
N CYS D 464 25.75 8.64 -4.88
CA CYS D 464 24.37 8.26 -4.60
C CYS D 464 23.72 9.25 -3.66
N LEU D 465 24.44 9.65 -2.61
CA LEU D 465 23.90 10.58 -1.64
C LEU D 465 23.63 11.98 -2.20
N ALA D 466 24.50 12.45 -3.10
CA ALA D 466 24.28 13.76 -3.69
C ALA D 466 22.96 13.73 -4.44
N GLN D 467 22.73 12.66 -5.20
CA GLN D 467 21.50 12.51 -5.95
C GLN D 467 20.29 12.35 -5.01
N ALA D 468 20.44 11.51 -4.00
CA ALA D 468 19.36 11.27 -3.04
C ALA D 468 18.97 12.54 -2.29
N ALA D 469 19.96 13.35 -1.92
CA ALA D 469 19.70 14.58 -1.19
C ALA D 469 18.83 15.52 -2.03
N GLU D 470 19.14 15.61 -3.32
CA GLU D 470 18.39 16.47 -4.23
C GLU D 470 17.00 15.92 -4.49
N LEU D 471 16.89 14.60 -4.60
CA LEU D 471 15.60 13.96 -4.83
C LEU D 471 14.69 14.15 -3.61
N ARG D 472 15.27 14.07 -2.42
CA ARG D 472 14.51 14.20 -1.20
C ARG D 472 14.19 15.65 -0.80
N CYS D 473 15.17 16.53 -0.96
CA CYS D 473 15.02 17.91 -0.53
C CYS D 473 14.99 18.96 -1.64
N GLY D 474 15.01 18.53 -2.89
CA GLY D 474 15.01 19.48 -3.99
C GLY D 474 16.41 19.98 -4.30
N SER D 475 16.57 20.62 -5.45
CA SER D 475 17.87 21.15 -5.85
C SER D 475 18.44 22.13 -4.83
N GLY D 476 17.55 22.76 -4.05
CA GLY D 476 18.00 23.71 -3.05
C GLY D 476 18.41 23.08 -1.73
N LEU D 477 18.25 21.76 -1.63
CA LEU D 477 18.62 21.03 -0.42
C LEU D 477 17.97 21.63 0.83
N ASP D 478 16.66 21.88 0.73
CA ASP D 478 15.93 22.46 1.84
C ASP D 478 15.91 21.55 3.07
N GLY D 479 16.35 22.09 4.20
CA GLY D 479 16.37 21.33 5.43
C GLY D 479 17.67 20.58 5.68
N VAL D 480 18.55 20.54 4.69
CA VAL D 480 19.82 19.85 4.87
C VAL D 480 20.78 20.67 5.70
N SER D 481 21.56 19.99 6.54
CA SER D 481 22.52 20.65 7.42
C SER D 481 23.55 21.47 6.63
N PRO D 482 24.18 22.45 7.28
CA PRO D 482 25.18 23.26 6.57
C PRO D 482 26.33 22.39 6.06
N ALA D 483 26.75 21.41 6.86
CA ALA D 483 27.84 20.53 6.45
C ALA D 483 27.42 19.69 5.26
N GLY D 484 26.19 19.17 5.31
CA GLY D 484 25.68 18.37 4.21
C GLY D 484 25.58 19.17 2.93
N LYS D 485 25.07 20.40 3.04
CA LYS D 485 24.94 21.28 1.88
C LYS D 485 26.31 21.56 1.27
N LYS D 486 27.28 21.86 2.12
CA LYS D 486 28.63 22.16 1.67
C LYS D 486 29.24 20.98 0.91
N LEU D 487 29.03 19.77 1.44
CA LEU D 487 29.57 18.57 0.81
C LEU D 487 28.96 18.35 -0.57
N VAL D 488 27.64 18.40 -0.65
CA VAL D 488 26.96 18.20 -1.93
C VAL D 488 27.33 19.28 -2.94
N GLN D 489 27.37 20.53 -2.49
CA GLN D 489 27.73 21.64 -3.37
C GLN D 489 29.14 21.45 -3.93
N ALA D 490 30.08 21.02 -3.08
CA ALA D 490 31.45 20.79 -3.52
C ALA D 490 31.49 19.68 -4.57
N LEU D 491 30.73 18.62 -4.32
CA LEU D 491 30.69 17.51 -5.27
C LEU D 491 30.11 17.95 -6.61
N ARG D 492 29.05 18.73 -6.56
CA ARG D 492 28.39 19.20 -7.77
C ARG D 492 29.24 20.14 -8.63
N GLU D 493 30.37 20.58 -8.07
CA GLU D 493 31.29 21.45 -8.82
C GLU D 493 31.94 20.65 -9.94
N GLN D 494 32.12 19.35 -9.70
CA GLN D 494 32.79 18.48 -10.67
C GLN D 494 31.94 17.31 -11.16
N PHE D 495 30.94 16.92 -10.37
CA PHE D 495 30.09 15.78 -10.70
C PHE D 495 28.63 16.19 -10.82
N PRO D 496 28.11 16.27 -12.05
CA PRO D 496 26.73 16.66 -12.33
C PRO D 496 25.70 15.65 -11.84
N PRO D 497 24.45 16.10 -11.63
CA PRO D 497 23.41 15.19 -11.17
C PRO D 497 23.14 14.16 -12.26
N LEU D 498 22.50 13.05 -11.90
CA LEU D 498 22.19 12.02 -12.88
C LEU D 498 20.75 12.24 -13.34
N GLU D 499 20.57 13.06 -14.37
CA GLU D 499 19.23 13.36 -14.88
C GLU D 499 18.72 12.24 -15.78
N THR D 500 19.65 11.52 -16.38
CA THR D 500 19.36 10.39 -17.25
C THR D 500 20.58 9.48 -17.13
N ASP D 501 20.40 8.18 -17.38
CA ASP D 501 21.52 7.24 -17.25
C ASP D 501 22.73 7.60 -18.11
N ARG D 502 23.92 7.39 -17.54
CA ARG D 502 25.18 7.65 -18.24
C ARG D 502 26.26 6.79 -17.58
N PRO D 503 27.36 6.51 -18.31
CA PRO D 503 28.44 5.70 -17.71
C PRO D 503 29.01 6.46 -16.51
N LEU D 504 29.18 5.74 -15.40
CA LEU D 504 29.68 6.36 -14.16
C LEU D 504 31.07 5.91 -13.75
N GLY D 505 31.62 4.91 -14.45
CA GLY D 505 32.93 4.38 -14.11
C GLY D 505 34.04 5.41 -13.96
N GLN D 506 34.18 6.30 -14.94
CA GLN D 506 35.24 7.30 -14.88
C GLN D 506 35.04 8.30 -13.74
N GLU D 507 33.78 8.64 -13.46
CA GLU D 507 33.51 9.58 -12.36
C GLU D 507 33.79 8.92 -11.01
N ILE D 508 33.44 7.65 -10.88
CA ILE D 508 33.70 6.92 -9.64
C ILE D 508 35.20 6.91 -9.37
N ALA D 509 35.98 6.58 -10.40
CA ALA D 509 37.43 6.53 -10.25
C ALA D 509 38.01 7.89 -9.91
N ALA D 510 37.52 8.93 -10.58
CA ALA D 510 38.01 10.29 -10.34
C ALA D 510 37.72 10.73 -8.91
N LEU D 511 36.51 10.48 -8.44
CA LEU D 511 36.15 10.88 -7.09
C LEU D 511 36.94 10.09 -6.06
N ALA D 512 37.14 8.79 -6.31
CA ALA D 512 37.90 7.96 -5.36
C ALA D 512 39.29 8.54 -5.13
N THR D 513 39.92 9.02 -6.20
CA THR D 513 41.26 9.60 -6.10
C THR D 513 41.25 10.81 -5.16
N HIS D 514 40.15 11.58 -5.22
CA HIS D 514 39.99 12.76 -4.39
C HIS D 514 39.80 12.39 -2.92
N LEU D 515 38.92 11.42 -2.67
CA LEU D 515 38.62 11.01 -1.29
C LEU D 515 39.85 10.57 -0.50
N LEU D 516 40.81 9.94 -1.19
CA LEU D 516 42.02 9.46 -0.55
C LEU D 516 42.96 10.58 -0.11
N GLN D 517 42.80 11.75 -0.68
CA GLN D 517 43.70 12.87 -0.38
C GLN D 517 43.11 14.09 0.33
N GLN D 518 41.79 14.18 0.39
CA GLN D 518 41.15 15.31 1.03
C GLN D 518 39.88 14.90 1.76
N SER D 519 39.56 15.63 2.83
CA SER D 519 38.37 15.34 3.63
C SER D 519 37.29 16.38 3.37
N PRO D 520 36.04 16.05 3.72
CA PRO D 520 34.91 16.97 3.54
C PRO D 520 34.82 17.97 4.67
N VAL D 521 35.64 19.00 4.61
CA VAL D 521 35.65 20.04 5.64
C VAL D 521 35.08 21.34 5.10
N LYS E 8 -25.79 60.90 1.24
CA LYS E 8 -26.32 59.52 1.42
C LYS E 8 -26.10 59.01 2.84
N PRO E 9 -27.15 58.46 3.47
CA PRO E 9 -27.03 57.95 4.84
C PRO E 9 -25.97 56.87 4.93
N ALA E 10 -25.33 56.75 6.09
CA ALA E 10 -24.29 55.76 6.27
C ALA E 10 -24.60 54.77 7.37
N VAL E 11 -24.23 53.51 7.14
CA VAL E 11 -24.41 52.46 8.13
C VAL E 11 -23.03 52.22 8.70
N GLU E 12 -22.88 52.38 10.02
CA GLU E 12 -21.60 52.16 10.66
C GLU E 12 -21.53 50.75 11.18
N LEU E 13 -20.57 50.00 10.66
CA LEU E 13 -20.38 48.61 11.05
C LEU E 13 -19.27 48.45 12.07
N ASP E 14 -19.63 47.92 13.23
CA ASP E 14 -18.65 47.65 14.27
C ASP E 14 -18.70 46.13 14.43
N ARG E 15 -19.67 45.64 15.19
CA ARG E 15 -19.83 44.20 15.41
C ARG E 15 -21.16 43.67 14.87
N HIS E 16 -22.22 44.45 15.04
CA HIS E 16 -23.54 44.02 14.64
C HIS E 16 -24.27 44.95 13.67
N ILE E 17 -25.00 44.34 12.73
CA ILE E 17 -25.78 45.07 11.76
C ILE E 17 -27.11 44.30 11.64
N ASP E 18 -28.24 45.00 11.61
CA ASP E 18 -29.51 44.29 11.48
C ASP E 18 -29.86 44.08 10.02
N LEU E 19 -30.90 43.30 9.77
CA LEU E 19 -31.31 43.00 8.40
C LEU E 19 -31.66 44.21 7.55
N ASP E 20 -32.31 45.21 8.13
CA ASP E 20 -32.68 46.40 7.37
C ASP E 20 -31.44 47.18 6.94
N GLN E 21 -30.48 47.31 7.86
CA GLN E 21 -29.24 48.02 7.56
C GLN E 21 -28.47 47.30 6.46
N ALA E 22 -28.46 45.97 6.54
CA ALA E 22 -27.76 45.18 5.54
C ALA E 22 -28.37 45.37 4.16
N HIS E 23 -29.70 45.38 4.08
CA HIS E 23 -30.34 45.56 2.80
C HIS E 23 -30.12 46.98 2.28
N ALA E 24 -30.09 47.94 3.20
CA ALA E 24 -29.88 49.34 2.81
C ALA E 24 -28.54 49.48 2.09
N VAL E 25 -27.51 48.81 2.62
CA VAL E 25 -26.19 48.87 2.01
C VAL E 25 -26.15 48.06 0.71
N ALA E 26 -26.71 46.86 0.74
CA ALA E 26 -26.72 46.02 -0.45
C ALA E 26 -27.48 46.65 -1.61
N SER E 27 -28.56 47.36 -1.31
CA SER E 27 -29.38 48.01 -2.34
C SER E 27 -28.82 49.38 -2.73
N GLY E 28 -27.73 49.78 -2.09
CA GLY E 28 -27.13 51.07 -2.41
C GLY E 28 -27.85 52.26 -1.81
N GLY E 29 -28.78 52.00 -0.90
CA GLY E 29 -29.52 53.09 -0.28
C GLY E 29 -28.67 53.79 0.77
N ALA E 30 -27.67 53.09 1.27
CA ALA E 30 -26.78 53.64 2.29
C ALA E 30 -25.32 53.27 2.04
N ARG E 31 -24.42 54.13 2.47
CA ARG E 31 -22.98 53.88 2.35
C ARG E 31 -22.62 53.03 3.56
N ILE E 32 -21.45 52.41 3.52
CA ILE E 32 -21.03 51.61 4.65
C ILE E 32 -19.69 52.14 5.15
N VAL E 33 -19.57 52.23 6.46
CA VAL E 33 -18.34 52.69 7.08
C VAL E 33 -17.95 51.69 8.16
N LEU E 34 -16.66 51.38 8.22
CA LEU E 34 -16.16 50.43 9.21
C LEU E 34 -15.70 51.27 10.39
N ALA E 35 -16.36 51.09 11.53
CA ALA E 35 -16.03 51.82 12.76
C ALA E 35 -14.61 51.54 13.25
N PRO E 36 -14.01 52.51 13.96
CA PRO E 36 -12.65 52.34 14.47
C PRO E 36 -12.41 51.05 15.25
N PRO E 37 -13.35 50.68 16.15
CA PRO E 37 -13.15 49.44 16.92
C PRO E 37 -12.99 48.23 16.00
N ALA E 38 -13.74 48.20 14.90
CA ALA E 38 -13.66 47.09 13.96
C ALA E 38 -12.34 47.12 13.22
N ARG E 39 -11.93 48.31 12.79
CA ARG E 39 -10.66 48.45 12.08
C ARG E 39 -9.52 48.03 13.00
N ASP E 40 -9.64 48.35 14.30
CA ASP E 40 -8.60 47.98 15.26
C ASP E 40 -8.54 46.46 15.45
N ARG E 41 -9.70 45.81 15.60
CA ARG E 41 -9.73 44.37 15.76
C ARG E 41 -9.18 43.68 14.51
N CYS E 42 -9.50 44.24 13.34
CA CYS E 42 -9.01 43.65 12.10
C CYS E 42 -7.51 43.79 11.93
N ARG E 43 -6.95 44.92 12.37
CA ARG E 43 -5.50 45.10 12.26
C ARG E 43 -4.81 44.08 13.17
N ALA E 44 -5.41 43.84 14.34
CA ALA E 44 -4.86 42.87 15.28
C ALA E 44 -4.91 41.47 14.69
N SER E 45 -5.98 41.16 13.99
CA SER E 45 -6.13 39.84 13.38
C SER E 45 -5.13 39.69 12.23
N GLU E 46 -4.92 40.78 11.50
CA GLU E 46 -3.97 40.79 10.39
C GLU E 46 -2.60 40.44 10.97
N ALA E 47 -2.31 40.99 12.14
CA ALA E 47 -1.04 40.75 12.81
C ALA E 47 -0.90 39.28 13.21
N ARG E 48 -2.00 38.70 13.70
CA ARG E 48 -1.98 37.30 14.10
C ARG E 48 -1.73 36.39 12.92
N LEU E 49 -2.32 36.70 11.77
CA LEU E 49 -2.12 35.88 10.59
C LEU E 49 -0.65 35.95 10.18
N GLY E 50 -0.08 37.15 10.26
CA GLY E 50 1.33 37.31 9.91
C GLY E 50 2.20 36.43 10.77
N ALA E 51 1.89 36.36 12.06
CA ALA E 51 2.66 35.56 13.00
C ALA E 51 2.49 34.07 12.72
N VAL E 52 1.28 33.67 12.37
CA VAL E 52 0.99 32.27 12.07
C VAL E 52 1.81 31.80 10.86
N ILE E 53 1.91 32.66 9.85
CA ILE E 53 2.67 32.31 8.65
C ILE E 53 4.16 32.30 8.96
N ARG E 54 4.59 33.30 9.72
CA ARG E 54 5.98 33.44 10.12
C ARG E 54 6.47 32.22 10.91
N GLU E 55 5.61 31.72 11.80
CA GLU E 55 5.93 30.58 12.65
C GLU E 55 5.73 29.22 11.98
N ALA E 56 5.29 29.24 10.73
CA ALA E 56 5.05 28.04 9.94
C ALA E 56 4.08 27.06 10.60
N ARG E 57 3.05 27.59 11.24
CA ARG E 57 2.07 26.74 11.90
C ARG E 57 1.31 25.93 10.85
N HIS E 58 0.91 24.72 11.23
CA HIS E 58 0.16 23.84 10.35
C HIS E 58 -1.26 24.39 10.27
N VAL E 59 -1.56 25.08 9.17
CA VAL E 59 -2.87 25.70 8.98
C VAL E 59 -3.40 25.50 7.57
N TYR E 60 -4.67 25.09 7.47
CA TYR E 60 -5.33 24.86 6.20
C TYR E 60 -5.26 26.10 5.30
N GLY E 61 -4.77 25.92 4.08
CA GLY E 61 -4.69 27.03 3.14
C GLY E 61 -3.46 27.90 3.25
N LEU E 62 -2.65 27.66 4.28
CA LEU E 62 -1.42 28.41 4.47
C LEU E 62 -0.22 27.48 4.30
N THR E 63 -0.37 26.25 4.78
CA THR E 63 0.70 25.27 4.66
C THR E 63 0.17 23.91 4.21
N THR E 64 -1.03 23.89 3.64
CA THR E 64 -1.63 22.64 3.16
C THR E 64 -2.44 22.84 1.89
N GLY E 65 -2.72 21.73 1.21
CA GLY E 65 -3.53 21.76 0.01
C GLY E 65 -4.98 21.92 0.47
N PHE E 66 -5.92 21.81 -0.47
CA PHE E 66 -7.33 21.97 -0.13
C PHE E 66 -8.14 20.68 -0.21
N GLY E 67 -9.26 20.65 0.50
CA GLY E 67 -10.10 19.48 0.50
C GLY E 67 -9.28 18.27 0.94
N PRO E 68 -9.44 17.12 0.28
CA PRO E 68 -8.69 15.89 0.62
C PRO E 68 -7.19 16.06 0.36
N LEU E 69 -6.83 17.07 -0.42
CA LEU E 69 -5.44 17.32 -0.74
C LEU E 69 -4.72 18.05 0.39
N ALA E 70 -5.42 18.26 1.50
CA ALA E 70 -4.84 18.95 2.64
C ALA E 70 -3.73 18.11 3.27
N ASN E 71 -3.64 16.84 2.89
CA ASN E 71 -2.60 15.97 3.44
C ASN E 71 -1.26 16.28 2.76
N ARG E 72 -1.29 17.13 1.74
CA ARG E 72 -0.07 17.54 1.06
C ARG E 72 0.35 18.85 1.73
N LEU E 73 1.46 18.82 2.45
CA LEU E 73 1.93 20.03 3.13
C LEU E 73 2.73 20.89 2.15
N ILE E 74 2.53 22.20 2.24
CA ILE E 74 3.16 23.15 1.33
C ILE E 74 4.21 24.06 1.97
N SER E 75 5.30 24.26 1.25
CA SER E 75 6.39 25.12 1.73
C SER E 75 5.95 26.58 1.61
N GLY E 76 6.46 27.41 2.51
CA GLY E 76 6.10 28.82 2.51
C GLY E 76 6.29 29.61 1.23
N GLU E 77 7.35 29.32 0.47
CA GLU E 77 7.59 30.07 -0.76
C GLU E 77 6.53 29.85 -1.82
N ASN E 78 5.75 28.77 -1.70
CA ASN E 78 4.71 28.48 -2.69
C ASN E 78 3.30 28.87 -2.30
N VAL E 79 3.14 29.63 -1.22
CA VAL E 79 1.81 30.03 -0.77
C VAL E 79 1.08 30.93 -1.77
N ARG E 80 1.80 31.82 -2.44
CA ARG E 80 1.16 32.70 -3.41
C ARG E 80 0.51 31.86 -4.51
N THR E 81 1.24 30.87 -5.00
CA THR E 81 0.72 29.98 -6.03
C THR E 81 -0.42 29.13 -5.46
N LEU E 82 -0.23 28.67 -4.22
CA LEU E 82 -1.25 27.86 -3.55
C LEU E 82 -2.59 28.58 -3.52
N GLN E 83 -2.58 29.83 -3.06
CA GLN E 83 -3.82 30.59 -2.96
C GLN E 83 -4.33 31.10 -4.31
N ALA E 84 -3.44 31.27 -5.27
CA ALA E 84 -3.87 31.73 -6.58
C ALA E 84 -4.65 30.60 -7.24
N ASN E 85 -4.15 29.38 -7.11
CA ASN E 85 -4.82 28.23 -7.71
C ASN E 85 -6.10 27.85 -6.98
N LEU E 86 -6.21 28.26 -5.72
CA LEU E 86 -7.42 28.00 -4.95
C LEU E 86 -8.56 28.72 -5.67
N VAL E 87 -8.36 30.00 -5.95
CA VAL E 87 -9.36 30.78 -6.65
C VAL E 87 -9.65 30.19 -8.02
N HIS E 88 -8.60 29.78 -8.72
CA HIS E 88 -8.73 29.20 -10.04
C HIS E 88 -9.59 27.94 -10.10
N HIS E 89 -9.26 26.94 -9.28
CA HIS E 89 -10.02 25.69 -9.32
C HIS E 89 -11.45 25.83 -8.84
N LEU E 90 -11.73 26.84 -8.03
CA LEU E 90 -13.07 27.06 -7.52
C LEU E 90 -14.00 27.82 -8.45
N ALA E 91 -13.43 28.52 -9.43
CA ALA E 91 -14.22 29.32 -10.36
C ALA E 91 -14.85 28.48 -11.47
N SER E 92 -15.65 27.50 -11.07
CA SER E 92 -16.31 26.61 -12.02
C SER E 92 -17.82 26.85 -12.03
N GLY E 93 -18.24 28.02 -11.57
CA GLY E 93 -19.65 28.34 -11.52
C GLY E 93 -20.30 28.54 -12.87
N VAL E 94 -21.61 28.28 -12.91
CA VAL E 94 -22.39 28.44 -14.14
C VAL E 94 -23.77 29.00 -13.80
N GLY E 95 -24.54 29.31 -14.84
CA GLY E 95 -25.87 29.84 -14.64
C GLY E 95 -25.97 31.35 -14.64
N PRO E 96 -27.19 31.89 -14.63
CA PRO E 96 -27.37 33.35 -14.63
C PRO E 96 -26.69 33.96 -13.42
N VAL E 97 -26.16 35.17 -13.58
CA VAL E 97 -25.49 35.81 -12.47
C VAL E 97 -26.47 36.25 -11.38
N LEU E 98 -25.97 36.37 -10.16
CA LEU E 98 -26.80 36.83 -9.06
C LEU E 98 -27.15 38.28 -9.41
N ASP E 99 -28.34 38.73 -9.03
CA ASP E 99 -28.71 40.11 -9.35
C ASP E 99 -27.83 41.08 -8.57
N TRP E 100 -27.80 42.33 -9.05
CA TRP E 100 -26.99 43.39 -8.46
C TRP E 100 -27.06 43.48 -6.93
N THR E 101 -28.28 43.56 -6.39
CA THR E 101 -28.45 43.67 -4.94
C THR E 101 -27.95 42.43 -4.20
N THR E 102 -28.29 41.26 -4.72
CA THR E 102 -27.88 40.01 -4.09
C THR E 102 -26.37 39.80 -4.09
N ALA E 103 -25.72 40.13 -5.20
CA ALA E 103 -24.27 39.97 -5.29
C ALA E 103 -23.60 40.90 -4.27
N ARG E 104 -24.14 42.11 -4.13
CA ARG E 104 -23.59 43.06 -3.18
C ARG E 104 -23.87 42.59 -1.75
N ALA E 105 -25.01 41.93 -1.55
CA ALA E 105 -25.37 41.41 -0.23
C ALA E 105 -24.35 40.34 0.17
N MET E 106 -23.88 39.58 -0.81
CA MET E 106 -22.89 38.54 -0.56
C MET E 106 -21.57 39.19 -0.13
N VAL E 107 -21.17 40.24 -0.84
CA VAL E 107 -19.96 40.96 -0.49
C VAL E 107 -20.07 41.50 0.93
N LEU E 108 -21.23 42.06 1.26
CA LEU E 108 -21.46 42.59 2.61
C LEU E 108 -21.37 41.50 3.68
N ALA E 109 -21.97 40.34 3.40
CA ALA E 109 -21.94 39.23 4.36
C ALA E 109 -20.49 38.83 4.68
N ARG E 110 -19.63 38.80 3.66
CA ARG E 110 -18.24 38.42 3.90
C ARG E 110 -17.57 39.50 4.75
N LEU E 111 -17.85 40.76 4.44
CA LEU E 111 -17.26 41.88 5.19
C LEU E 111 -17.69 41.86 6.66
N VAL E 112 -18.96 41.57 6.93
CA VAL E 112 -19.42 41.54 8.31
C VAL E 112 -18.69 40.45 9.08
N SER E 113 -18.46 39.30 8.44
CA SER E 113 -17.74 38.22 9.10
C SER E 113 -16.33 38.69 9.43
N ILE E 114 -15.67 39.29 8.45
CA ILE E 114 -14.30 39.80 8.63
C ILE E 114 -14.24 40.85 9.75
N ALA E 115 -15.25 41.70 9.81
CA ALA E 115 -15.31 42.75 10.82
C ALA E 115 -15.23 42.26 12.26
N GLN E 116 -15.51 40.98 12.48
CA GLN E 116 -15.45 40.42 13.84
C GLN E 116 -14.00 40.29 14.31
N GLY E 117 -13.06 40.35 13.38
CA GLY E 117 -11.65 40.28 13.73
C GLY E 117 -11.01 38.93 13.98
N ALA E 118 -11.41 37.92 13.22
CA ALA E 118 -10.85 36.58 13.38
C ALA E 118 -10.46 35.94 12.04
N SER E 119 -10.51 36.73 10.98
CA SER E 119 -10.19 36.24 9.63
C SER E 119 -8.80 36.56 9.10
N GLY E 120 -8.11 37.50 9.72
CA GLY E 120 -6.76 37.85 9.28
C GLY E 120 -6.68 38.72 8.03
N ALA E 121 -7.83 39.17 7.53
CA ALA E 121 -7.87 40.01 6.34
C ALA E 121 -7.06 41.30 6.50
N SER E 122 -6.29 41.65 5.46
CA SER E 122 -5.47 42.86 5.48
C SER E 122 -6.34 44.10 5.29
N GLU E 123 -5.79 45.26 5.65
CA GLU E 123 -6.52 46.52 5.51
C GLU E 123 -6.92 46.74 4.06
N GLY E 124 -6.03 46.40 3.14
CA GLY E 124 -6.30 46.56 1.72
C GLY E 124 -7.46 45.71 1.25
N THR E 125 -7.50 44.46 1.70
CA THR E 125 -8.57 43.55 1.31
C THR E 125 -9.91 44.09 1.79
N ILE E 126 -9.94 44.55 3.04
CA ILE E 126 -11.15 45.12 3.61
C ILE E 126 -11.57 46.35 2.80
N ALA E 127 -10.58 47.15 2.40
CA ALA E 127 -10.85 48.35 1.62
C ALA E 127 -11.52 48.04 0.27
N ARG E 128 -11.11 46.93 -0.34
CA ARG E 128 -11.69 46.55 -1.64
C ARG E 128 -13.18 46.21 -1.49
N LEU E 129 -13.53 45.55 -0.39
CA LEU E 129 -14.93 45.19 -0.17
C LEU E 129 -15.77 46.43 0.11
N ILE E 130 -15.23 47.32 0.94
CA ILE E 130 -15.93 48.55 1.28
C ILE E 130 -16.10 49.42 0.04
N ASP E 131 -15.04 49.56 -0.76
CA ASP E 131 -15.11 50.36 -1.97
C ASP E 131 -16.19 49.85 -2.92
N LEU E 132 -16.27 48.53 -3.07
CA LEU E 132 -17.27 47.94 -3.94
C LEU E 132 -18.67 48.33 -3.46
N LEU E 133 -18.91 48.14 -2.17
CA LEU E 133 -20.22 48.44 -1.58
C LEU E 133 -20.59 49.92 -1.67
N ASN E 134 -19.59 50.80 -1.67
CA ASN E 134 -19.89 52.22 -1.75
C ASN E 134 -19.95 52.70 -3.20
N SER E 135 -19.70 51.79 -4.13
CA SER E 135 -19.77 52.11 -5.56
C SER E 135 -21.17 51.76 -6.03
N GLU E 136 -21.44 52.00 -7.31
CA GLU E 136 -22.75 51.69 -7.89
C GLU E 136 -22.69 50.35 -8.61
N LEU E 137 -21.63 49.59 -8.37
CA LEU E 137 -21.44 48.31 -9.03
C LEU E 137 -21.57 47.08 -8.14
N ALA E 138 -21.60 45.92 -8.80
CA ALA E 138 -21.69 44.64 -8.11
C ALA E 138 -20.88 43.66 -8.95
N PRO E 139 -20.24 42.68 -8.31
CA PRO E 139 -19.47 41.71 -9.10
C PRO E 139 -20.48 40.82 -9.84
N ALA E 140 -20.11 40.35 -11.02
CA ALA E 140 -21.00 39.47 -11.80
C ALA E 140 -20.57 38.05 -11.49
N VAL E 141 -21.34 37.37 -10.65
CA VAL E 141 -20.99 36.01 -10.27
C VAL E 141 -22.07 35.00 -10.63
N PRO E 142 -21.68 33.85 -11.18
CA PRO E 142 -22.68 32.83 -11.54
C PRO E 142 -23.44 32.35 -10.31
N SER E 143 -24.72 32.08 -10.48
CA SER E 143 -25.57 31.64 -9.36
C SER E 143 -25.42 30.18 -8.93
N ARG E 144 -25.03 29.30 -9.84
CA ARG E 144 -24.91 27.88 -9.53
C ARG E 144 -23.49 27.34 -9.41
N GLY E 145 -23.35 26.25 -8.67
CA GLY E 145 -22.04 25.64 -8.52
C GLY E 145 -21.63 25.27 -7.11
N THR E 146 -22.17 25.97 -6.12
CA THR E 146 -21.80 25.67 -4.74
C THR E 146 -22.77 24.73 -4.02
N VAL E 147 -22.25 23.94 -3.09
CA VAL E 147 -23.10 23.05 -2.31
C VAL E 147 -23.29 23.62 -0.91
N GLY E 148 -22.87 24.87 -0.73
CA GLY E 148 -23.04 25.55 0.55
C GLY E 148 -22.23 24.98 1.70
N ASP E 150 -19.82 28.69 0.62
CA ASP E 150 -20.06 29.25 -0.71
C ASP E 150 -18.78 29.65 -1.45
N LEU E 151 -17.86 28.70 -1.57
CA LEU E 151 -16.58 28.96 -2.19
C LEU E 151 -16.61 29.35 -3.67
N THR E 152 -17.43 28.68 -4.46
CA THR E 152 -17.48 28.98 -5.90
C THR E 152 -17.88 30.41 -6.22
N PRO E 153 -19.02 30.89 -5.70
CA PRO E 153 -19.39 32.27 -6.03
C PRO E 153 -18.39 33.30 -5.47
N LEU E 154 -17.79 33.00 -4.32
CA LEU E 154 -16.83 33.92 -3.73
C LEU E 154 -15.53 33.94 -4.53
N ALA E 155 -15.17 32.81 -5.14
CA ALA E 155 -13.96 32.75 -5.96
C ALA E 155 -14.19 33.63 -7.18
N HIS E 156 -15.40 33.58 -7.73
CA HIS E 156 -15.73 34.41 -8.89
C HIS E 156 -15.69 35.87 -8.47
N MET E 157 -16.13 36.16 -7.24
CA MET E 157 -16.11 37.52 -6.71
C MET E 157 -14.67 38.02 -6.68
N VAL E 158 -13.76 37.19 -6.19
CA VAL E 158 -12.35 37.57 -6.12
C VAL E 158 -11.81 37.93 -7.50
N LEU E 159 -12.11 37.09 -8.49
CA LEU E 159 -11.65 37.36 -9.85
C LEU E 159 -12.17 38.70 -10.34
N CYS E 160 -13.45 38.99 -10.07
CA CYS E 160 -14.04 40.25 -10.47
C CYS E 160 -13.29 41.41 -9.83
N LEU E 161 -13.07 41.32 -8.53
CA LEU E 161 -12.37 42.37 -7.78
C LEU E 161 -10.93 42.58 -8.24
N GLN E 162 -10.35 41.57 -8.89
CA GLN E 162 -8.98 41.69 -9.39
C GLN E 162 -9.01 42.25 -10.81
N GLY E 163 -10.21 42.48 -11.32
CA GLY E 163 -10.36 43.00 -12.67
C GLY E 163 -10.36 41.89 -13.70
N ARG E 164 -10.46 40.64 -13.23
CA ARG E 164 -10.46 39.48 -14.10
C ARG E 164 -11.85 38.87 -14.21
N GLY E 165 -12.87 39.66 -13.91
CA GLY E 165 -14.24 39.21 -13.98
C GLY E 165 -15.14 40.39 -14.26
N ASP E 166 -16.35 40.12 -14.78
CA ASP E 166 -17.30 41.18 -15.09
C ASP E 166 -17.95 41.81 -13.86
N PHE E 167 -18.51 43.00 -14.07
CA PHE E 167 -19.23 43.74 -13.03
C PHE E 167 -20.62 44.02 -13.58
N LEU E 168 -21.55 44.39 -12.69
CA LEU E 168 -22.91 44.72 -13.10
C LEU E 168 -23.25 46.11 -12.59
N ASP E 169 -24.02 46.87 -13.37
CA ASP E 169 -24.45 48.19 -12.90
C ASP E 169 -25.84 47.94 -12.32
N ARG E 170 -26.42 48.93 -11.64
CA ARG E 170 -27.73 48.76 -11.03
C ARG E 170 -28.79 48.14 -11.96
N ASP E 171 -28.63 48.34 -13.26
CA ASP E 171 -29.59 47.83 -14.24
C ASP E 171 -29.33 46.41 -14.72
N GLY E 172 -28.22 45.82 -14.28
CA GLY E 172 -27.89 44.46 -14.68
C GLY E 172 -26.99 44.44 -15.91
N THR E 173 -26.63 45.62 -16.39
CA THR E 173 -25.76 45.72 -17.55
C THR E 173 -24.37 45.24 -17.18
N ARG E 174 -23.79 44.37 -18.01
CA ARG E 174 -22.46 43.83 -17.73
C ARG E 174 -21.32 44.69 -18.27
N LEU E 175 -20.29 44.85 -17.44
CA LEU E 175 -19.10 45.62 -17.77
C LEU E 175 -17.92 44.68 -17.59
N ASP E 176 -16.89 44.79 -18.42
CA ASP E 176 -15.75 43.89 -18.23
C ASP E 176 -14.95 44.35 -17.01
N GLY E 177 -14.04 43.50 -16.55
CA GLY E 177 -13.24 43.82 -15.39
C GLY E 177 -12.58 45.19 -15.37
N ALA E 178 -11.86 45.52 -16.43
CA ALA E 178 -11.18 46.81 -16.53
C ALA E 178 -12.15 47.98 -16.44
N GLU E 179 -13.26 47.89 -17.16
CA GLU E 179 -14.28 48.95 -17.17
C GLU E 179 -14.91 49.11 -15.80
N GLY E 180 -15.11 47.98 -15.11
CA GLY E 180 -15.71 48.02 -13.79
C GLY E 180 -14.81 48.74 -12.80
N LEU E 181 -13.53 48.38 -12.79
CA LEU E 181 -12.60 49.01 -11.87
C LEU E 181 -12.50 50.51 -12.17
N ARG E 182 -12.61 50.85 -13.44
CA ARG E 182 -12.53 52.24 -13.89
C ARG E 182 -13.76 53.04 -13.48
N ARG E 183 -14.93 52.59 -13.92
CA ARG E 183 -16.18 53.27 -13.61
C ARG E 183 -16.44 53.39 -12.12
N GLY E 184 -16.18 52.32 -11.38
CA GLY E 184 -16.40 52.36 -9.94
C GLY E 184 -15.26 52.98 -9.17
N ARG E 185 -14.20 53.39 -9.89
CA ARG E 185 -13.03 53.99 -9.26
C ARG E 185 -12.53 53.05 -8.16
N LEU E 186 -12.33 51.80 -8.55
CA LEU E 186 -11.86 50.77 -7.63
C LEU E 186 -10.41 50.40 -7.91
N GLN E 187 -9.74 49.88 -6.88
CA GLN E 187 -8.37 49.44 -7.01
C GLN E 187 -8.41 47.92 -7.15
N PRO E 188 -7.50 47.35 -7.96
CA PRO E 188 -7.51 45.90 -8.12
C PRO E 188 -7.14 45.17 -6.83
N LEU E 189 -7.87 44.11 -6.52
CA LEU E 189 -7.60 43.33 -5.31
C LEU E 189 -6.21 42.70 -5.32
N ASP E 190 -5.47 42.91 -4.24
CA ASP E 190 -4.11 42.37 -4.08
C ASP E 190 -4.09 41.41 -2.91
N LEU E 191 -3.81 40.14 -3.17
CA LEU E 191 -3.78 39.14 -2.10
C LEU E 191 -2.38 38.76 -1.64
N SER E 192 -1.43 39.69 -1.79
CA SER E 192 -0.04 39.43 -1.41
C SER E 192 0.16 39.07 0.06
N HIS E 193 -0.78 39.47 0.92
CA HIS E 193 -0.64 39.15 2.35
C HIS E 193 -1.05 37.72 2.67
N ARG E 194 -1.45 36.96 1.66
CA ARG E 194 -1.86 35.58 1.84
C ARG E 194 -3.14 35.45 2.65
N ASP E 195 -4.05 36.41 2.44
CA ASP E 195 -5.33 36.44 3.14
C ASP E 195 -6.49 36.06 2.21
N ALA E 196 -6.20 35.22 1.23
CA ALA E 196 -7.20 34.77 0.27
C ALA E 196 -8.35 34.02 0.96
N LEU E 197 -8.05 33.28 2.02
CA LEU E 197 -9.11 32.55 2.70
C LEU E 197 -10.06 33.45 3.46
N ALA E 198 -9.72 34.74 3.58
CA ALA E 198 -10.60 35.67 4.26
C ALA E 198 -11.74 36.04 3.31
N LEU E 199 -11.51 35.87 2.01
CA LEU E 199 -12.51 36.20 0.98
C LEU E 199 -13.25 34.98 0.45
N VAL E 200 -12.56 33.85 0.37
CA VAL E 200 -13.17 32.62 -0.14
C VAL E 200 -13.42 31.77 1.09
N ASN E 201 -14.58 31.99 1.72
CA ASN E 201 -14.90 31.27 2.94
C ASN E 201 -16.31 31.59 3.42
N GLY E 202 -16.79 30.79 4.35
CA GLY E 202 -18.10 31.04 4.93
C GLY E 202 -19.34 30.81 4.10
N THR E 203 -20.45 31.39 4.58
CA THR E 203 -21.76 31.23 3.96
C THR E 203 -22.29 32.55 3.39
N SER E 204 -21.37 33.37 2.89
CA SER E 204 -21.70 34.69 2.36
C SER E 204 -22.77 34.75 1.27
N ALA E 205 -22.73 33.82 0.33
CA ALA E 205 -23.69 33.84 -0.77
C ALA E 205 -25.12 33.52 -0.31
N MET E 206 -25.28 32.41 0.40
CA MET E 206 -26.63 32.05 0.86
C MET E 206 -27.15 33.09 1.84
N THR E 207 -26.24 33.68 2.62
CA THR E 207 -26.65 34.70 3.58
C THR E 207 -27.11 35.96 2.85
N GLY E 208 -26.38 36.33 1.79
CA GLY E 208 -26.76 37.50 1.02
C GLY E 208 -28.11 37.31 0.34
N ILE E 209 -28.31 36.15 -0.25
CA ILE E 209 -29.56 35.85 -0.93
C ILE E 209 -30.70 35.87 0.08
N ALA E 210 -30.48 35.25 1.24
CA ALA E 210 -31.49 35.18 2.29
C ALA E 210 -31.87 36.54 2.87
N LEU E 211 -30.91 37.44 3.01
CA LEU E 211 -31.26 38.74 3.58
C LEU E 211 -32.09 39.55 2.60
N VAL E 212 -31.89 39.33 1.30
CA VAL E 212 -32.68 40.01 0.29
C VAL E 212 -34.09 39.39 0.34
N ASN E 213 -34.15 38.08 0.56
CA ASN E 213 -35.43 37.39 0.67
C ASN E 213 -36.21 37.95 1.85
N ALA E 214 -35.52 38.11 2.98
CA ALA E 214 -36.16 38.63 4.19
C ALA E 214 -36.80 40.00 3.95
N HIS E 215 -36.10 40.87 3.24
CA HIS E 215 -36.61 42.21 2.97
C HIS E 215 -37.85 42.15 2.08
N ALA E 216 -37.77 41.36 1.02
CA ALA E 216 -38.87 41.23 0.08
C ALA E 216 -40.11 40.66 0.78
N CYS E 217 -39.91 39.68 1.64
CA CYS E 217 -41.04 39.08 2.34
C CYS E 217 -41.73 40.05 3.27
N ARG E 218 -40.99 41.00 3.84
CA ARG E 218 -41.62 41.96 4.72
C ARG E 218 -42.62 42.80 3.92
N HIS E 219 -42.19 43.29 2.76
CA HIS E 219 -43.07 44.09 1.93
C HIS E 219 -44.24 43.28 1.38
N LEU E 220 -43.98 42.07 0.88
CA LEU E 220 -45.08 41.26 0.36
C LEU E 220 -46.06 40.92 1.48
N GLY E 221 -45.54 40.73 2.69
CA GLY E 221 -46.42 40.44 3.81
C GLY E 221 -47.34 41.62 4.07
N ASN E 222 -46.82 42.83 3.95
CA ASN E 222 -47.64 44.01 4.16
C ASN E 222 -48.71 44.09 3.07
N TRP E 223 -48.35 43.70 1.85
CA TRP E 223 -49.32 43.70 0.77
C TRP E 223 -50.38 42.62 0.99
N ALA E 224 -49.95 41.45 1.47
CA ALA E 224 -50.90 40.36 1.71
C ALA E 224 -51.97 40.84 2.71
N VAL E 225 -51.53 41.55 3.74
CA VAL E 225 -52.45 42.08 4.75
C VAL E 225 -53.35 43.16 4.16
N ALA E 226 -52.75 44.12 3.46
CA ALA E 226 -53.51 45.22 2.88
C ALA E 226 -54.56 44.76 1.86
N LEU E 227 -54.21 43.76 1.07
CA LEU E 227 -55.15 43.25 0.07
C LEU E 227 -56.24 42.39 0.69
N THR E 228 -55.92 41.70 1.79
CA THR E 228 -56.94 40.89 2.44
C THR E 228 -57.97 41.85 3.00
N ALA E 229 -57.50 42.96 3.54
CA ALA E 229 -58.36 43.99 4.11
C ALA E 229 -59.25 44.62 3.04
N LEU E 230 -58.65 44.95 1.90
CA LEU E 230 -59.41 45.56 0.82
C LEU E 230 -60.41 44.54 0.26
N LEU E 231 -60.06 43.26 0.32
CA LEU E 231 -60.96 42.21 -0.15
C LEU E 231 -62.22 42.23 0.73
N ALA E 232 -62.03 42.41 2.02
CA ALA E 232 -63.15 42.47 2.95
C ALA E 232 -64.06 43.65 2.62
N GLU E 233 -63.46 44.76 2.22
CA GLU E 233 -64.25 45.95 1.89
C GLU E 233 -65.00 45.77 0.58
N CYS E 234 -64.58 44.81 -0.24
CA CYS E 234 -65.25 44.56 -1.52
C CYS E 234 -66.29 43.46 -1.43
N LEU E 235 -66.23 42.64 -0.38
CA LEU E 235 -67.16 41.54 -0.20
C LEU E 235 -67.94 41.59 1.11
N ARG E 236 -68.05 42.78 1.70
CA ARG E 236 -68.77 42.94 2.96
C ARG E 236 -68.27 41.93 4.00
N GLY E 237 -66.96 41.81 4.12
CA GLY E 237 -66.38 40.87 5.07
C GLY E 237 -66.68 41.22 6.51
N ARG E 238 -66.69 40.19 7.37
CA ARG E 238 -66.98 40.36 8.80
C ARG E 238 -65.71 40.58 9.61
N THR E 239 -65.61 41.73 10.27
CA THR E 239 -64.44 42.06 11.07
C THR E 239 -64.34 41.33 12.41
N GLU E 240 -65.43 40.76 12.90
CA GLU E 240 -65.35 40.08 14.20
C GLU E 240 -64.35 38.92 14.17
N ALA E 241 -64.12 38.35 13.00
CA ALA E 241 -63.17 37.24 12.88
C ALA E 241 -61.75 37.73 13.15
N TRP E 242 -61.53 39.02 13.06
CA TRP E 242 -60.20 39.60 13.28
C TRP E 242 -60.08 40.25 14.65
N ALA E 243 -61.04 39.97 15.52
CA ALA E 243 -61.06 40.52 16.87
C ALA E 243 -59.84 40.15 17.71
N ALA E 244 -59.36 41.12 18.49
CA ALA E 244 -58.20 40.92 19.35
C ALA E 244 -58.45 39.79 20.34
N ALA E 245 -59.70 39.66 20.80
CA ALA E 245 -60.05 38.63 21.77
C ALA E 245 -59.68 37.23 21.26
N LEU E 246 -59.85 37.00 19.96
CA LEU E 246 -59.51 35.71 19.37
C LEU E 246 -58.01 35.47 19.39
N SER E 247 -57.24 36.53 19.20
CA SER E 247 -55.78 36.44 19.21
C SER E 247 -55.30 36.06 20.61
N ASP E 248 -55.89 36.69 21.62
CA ASP E 248 -55.48 36.41 22.99
C ASP E 248 -55.77 34.96 23.39
N LEU E 249 -56.80 34.37 22.79
CA LEU E 249 -57.17 32.99 23.09
C LEU E 249 -56.18 32.00 22.45
N ARG E 250 -55.54 32.41 21.37
CA ARG E 250 -54.55 31.58 20.66
C ARG E 250 -53.38 32.52 20.37
N PRO E 251 -52.63 32.88 21.42
CA PRO E 251 -51.47 33.79 21.45
C PRO E 251 -50.22 33.59 20.60
N HIS E 252 -50.38 33.22 19.33
CA HIS E 252 -49.22 33.10 18.45
C HIS E 252 -48.88 34.54 18.08
N PRO E 253 -47.64 34.99 18.29
CA PRO E 253 -47.25 36.36 17.97
C PRO E 253 -47.62 36.80 16.55
N GLY E 254 -47.33 35.96 15.57
CA GLY E 254 -47.64 36.29 14.19
C GLY E 254 -49.12 36.48 13.91
N GLN E 255 -49.96 35.69 14.58
CA GLN E 255 -51.40 35.79 14.40
C GLN E 255 -51.95 37.05 15.03
N LYS E 256 -51.45 37.37 16.23
CA LYS E 256 -51.88 38.56 16.94
C LYS E 256 -51.53 39.80 16.10
N ASP E 257 -50.33 39.78 15.53
CA ASP E 257 -49.87 40.89 14.70
C ASP E 257 -50.69 41.00 13.41
N ALA E 258 -50.93 39.87 12.75
CA ALA E 258 -51.70 39.88 11.51
C ALA E 258 -53.11 40.41 11.75
N ALA E 259 -53.75 39.96 12.83
CA ALA E 259 -55.11 40.41 13.13
C ALA E 259 -55.13 41.91 13.42
N ALA E 260 -54.17 42.36 14.21
CA ALA E 260 -54.08 43.78 14.56
C ALA E 260 -53.89 44.64 13.32
N ARG E 261 -53.03 44.19 12.42
CA ARG E 261 -52.75 44.91 11.19
C ARG E 261 -53.96 44.91 10.26
N LEU E 262 -54.71 43.82 10.25
CA LEU E 262 -55.91 43.74 9.42
C LEU E 262 -56.96 44.72 9.95
N ARG E 263 -57.13 44.75 11.27
CA ARG E 263 -58.09 45.67 11.88
C ARG E 263 -57.71 47.12 11.55
N ALA E 264 -56.42 47.43 11.62
CA ALA E 264 -55.94 48.77 11.34
C ALA E 264 -56.24 49.18 9.89
N ARG E 265 -56.07 48.24 8.97
CA ARG E 265 -56.32 48.52 7.55
C ARG E 265 -57.76 48.92 7.26
N VAL E 266 -58.72 48.26 7.90
CA VAL E 266 -60.14 48.57 7.65
C VAL E 266 -60.73 49.59 8.61
N ASP E 267 -59.92 50.18 9.46
CA ASP E 267 -60.42 51.20 10.38
C ASP E 267 -60.98 52.35 9.55
N GLY E 268 -62.20 52.78 9.88
CA GLY E 268 -62.81 53.87 9.15
C GLY E 268 -63.67 53.40 7.99
N SER E 269 -63.66 52.10 7.71
CA SER E 269 -64.44 51.54 6.62
C SER E 269 -65.90 51.38 6.99
N ALA E 270 -66.78 51.66 6.03
CA ALA E 270 -68.22 51.52 6.22
C ALA E 270 -68.71 50.38 5.34
N ARG E 271 -67.78 49.74 4.64
CA ARG E 271 -68.11 48.63 3.74
C ARG E 271 -68.02 47.26 4.39
N VAL E 272 -67.34 47.17 5.53
CA VAL E 272 -67.23 45.90 6.23
C VAL E 272 -68.36 45.74 7.25
N VAL E 273 -68.63 44.51 7.65
CA VAL E 273 -69.67 44.22 8.62
C VAL E 273 -69.00 44.05 9.97
N ARG E 274 -69.31 44.95 10.90
CA ARG E 274 -68.72 44.92 12.23
C ARG E 274 -69.59 44.30 13.32
N HIS E 275 -70.82 43.96 12.99
CA HIS E 275 -71.72 43.39 13.98
C HIS E 275 -71.33 41.97 14.39
N VAL E 276 -71.32 41.73 15.69
CA VAL E 276 -71.00 40.41 16.24
C VAL E 276 -72.30 39.61 16.18
N ILE E 277 -72.32 38.57 15.35
CA ILE E 277 -73.53 37.78 15.17
C ILE E 277 -74.18 37.22 16.44
N ALA E 278 -73.37 36.88 17.43
CA ALA E 278 -73.91 36.33 18.68
C ALA E 278 -74.68 37.34 19.53
N GLU E 279 -74.60 38.61 19.18
CA GLU E 279 -75.32 39.65 19.90
C GLU E 279 -76.80 39.55 19.62
N ARG E 280 -77.13 39.10 18.41
CA ARG E 280 -78.50 38.96 17.95
C ARG E 280 -79.29 37.86 18.66
N ARG E 281 -80.46 38.22 19.18
CA ARG E 281 -81.32 37.26 19.86
C ARG E 281 -82.40 36.84 18.85
N LEU E 282 -82.42 35.55 18.52
CA LEU E 282 -83.36 35.02 17.55
C LEU E 282 -84.73 34.67 18.11
N ASP E 283 -85.75 34.81 17.26
CA ASP E 283 -87.12 34.48 17.65
C ASP E 283 -87.69 33.46 16.65
N ALA E 284 -88.95 33.09 16.86
CA ALA E 284 -89.60 32.12 16.00
C ALA E 284 -89.52 32.44 14.50
N GLY E 285 -89.89 33.67 14.14
CA GLY E 285 -89.86 34.07 12.75
C GLY E 285 -88.51 34.10 12.06
N ASP E 286 -87.44 33.74 12.78
CA ASP E 286 -86.11 33.75 12.20
C ASP E 286 -85.68 32.40 11.63
N ILE E 287 -86.33 31.34 12.06
CA ILE E 287 -85.98 30.00 11.58
C ILE E 287 -86.25 29.85 10.09
N GLY E 288 -85.23 29.39 9.37
CA GLY E 288 -85.36 29.20 7.93
C GLY E 288 -84.01 29.31 7.26
N THR E 289 -83.99 29.75 6.01
CA THR E 289 -82.75 29.89 5.27
C THR E 289 -82.40 31.36 5.02
N GLU E 290 -81.22 31.77 5.48
CA GLU E 290 -80.76 33.14 5.30
C GLU E 290 -80.00 33.24 3.98
N PRO E 291 -79.95 34.44 3.39
CA PRO E 291 -79.24 34.65 2.12
C PRO E 291 -77.75 34.29 2.23
N GLU E 292 -77.14 34.61 3.36
CA GLU E 292 -75.73 34.32 3.58
C GLU E 292 -75.48 33.78 4.97
N ALA E 293 -74.41 32.99 5.12
CA ALA E 293 -74.06 32.42 6.42
C ALA E 293 -73.53 33.52 7.33
N GLY E 294 -73.48 33.23 8.62
CA GLY E 294 -73.00 34.21 9.59
C GLY E 294 -71.49 34.37 9.65
N GLN E 295 -70.78 33.60 8.82
CA GLN E 295 -69.32 33.66 8.81
C GLN E 295 -68.81 33.63 7.37
N ASP E 296 -67.66 34.28 7.14
CA ASP E 296 -67.06 34.31 5.80
C ASP E 296 -66.29 33.03 5.49
N ALA E 297 -65.96 32.87 4.22
CA ALA E 297 -65.17 31.72 3.78
C ALA E 297 -63.80 31.90 4.44
N TYR E 298 -63.02 30.83 4.49
CA TYR E 298 -61.72 30.88 5.14
C TYR E 298 -60.71 31.90 4.61
N SER E 299 -60.79 32.24 3.32
CA SER E 299 -59.85 33.20 2.76
C SER E 299 -59.95 34.58 3.40
N LEU E 300 -61.00 34.78 4.19
CA LEU E 300 -61.18 36.04 4.91
C LEU E 300 -61.18 35.74 6.40
N ARG E 301 -62.05 34.82 6.81
CA ARG E 301 -62.18 34.47 8.22
C ARG E 301 -60.91 33.91 8.87
N CYS E 302 -60.13 33.15 8.12
CA CYS E 302 -58.91 32.55 8.67
C CYS E 302 -57.62 33.25 8.26
N ALA E 303 -57.74 34.47 7.75
CA ALA E 303 -56.56 35.22 7.32
C ALA E 303 -55.56 35.43 8.47
N PRO E 304 -56.04 35.79 9.67
CA PRO E 304 -55.09 35.99 10.78
C PRO E 304 -54.25 34.74 11.05
N GLN E 305 -54.90 33.59 11.03
CA GLN E 305 -54.24 32.31 11.30
C GLN E 305 -53.28 31.88 10.19
N VAL E 306 -53.66 32.09 8.93
CA VAL E 306 -52.79 31.71 7.82
C VAL E 306 -51.63 32.69 7.69
N LEU E 307 -51.94 33.97 7.61
CA LEU E 307 -50.89 34.99 7.52
C LEU E 307 -49.99 34.90 8.74
N GLY E 308 -50.60 34.70 9.90
CA GLY E 308 -49.85 34.61 11.15
C GLY E 308 -48.81 33.50 11.20
N ALA E 309 -49.17 32.34 10.65
CA ALA E 309 -48.23 31.22 10.65
C ALA E 309 -47.07 31.56 9.73
N GLY E 310 -47.37 32.25 8.62
CA GLY E 310 -46.32 32.65 7.70
C GLY E 310 -45.42 33.67 8.36
N PHE E 311 -46.01 34.61 9.08
CA PHE E 311 -45.23 35.65 9.76
C PHE E 311 -44.34 35.04 10.85
N ASP E 312 -44.82 34.01 11.53
CA ASP E 312 -44.00 33.39 12.57
C ASP E 312 -42.84 32.62 11.94
N THR E 313 -43.05 32.11 10.72
CA THR E 313 -41.98 31.40 10.02
C THR E 313 -40.92 32.43 9.61
N LEU E 314 -41.38 33.57 9.09
CA LEU E 314 -40.45 34.61 8.69
C LEU E 314 -39.67 35.13 9.90
N ALA E 315 -40.34 35.23 11.05
CA ALA E 315 -39.67 35.70 12.26
C ALA E 315 -38.54 34.75 12.66
N TRP E 316 -38.79 33.44 12.56
CA TRP E 316 -37.77 32.45 12.89
C TRP E 316 -36.62 32.56 11.89
N HIS E 317 -36.96 32.63 10.60
CA HIS E 317 -35.98 32.77 9.53
C HIS E 317 -35.09 33.97 9.81
N ASP E 318 -35.70 35.09 10.17
CA ASP E 318 -34.93 36.30 10.45
C ASP E 318 -34.08 36.21 11.71
N ARG E 319 -34.53 35.50 12.74
CA ARG E 319 -33.72 35.39 13.96
C ARG E 319 -32.44 34.63 13.63
N VAL E 320 -32.61 33.50 12.94
CA VAL E 320 -31.49 32.66 12.57
C VAL E 320 -30.54 33.39 11.62
N LEU E 321 -31.12 34.07 10.63
CA LEU E 321 -30.33 34.82 9.65
C LEU E 321 -29.54 35.95 10.31
N THR E 322 -30.14 36.64 11.27
CA THR E 322 -29.43 37.73 11.94
C THR E 322 -28.19 37.19 12.64
N ILE E 323 -28.29 36.01 13.23
CA ILE E 323 -27.14 35.41 13.89
C ILE E 323 -26.08 35.06 12.84
N GLU E 324 -26.51 34.43 11.75
CA GLU E 324 -25.60 34.02 10.68
C GLU E 324 -24.87 35.20 10.05
N LEU E 325 -25.61 36.26 9.75
CA LEU E 325 -25.03 37.45 9.13
C LEU E 325 -23.93 38.07 9.98
N ASN E 326 -24.15 38.09 11.29
CA ASN E 326 -23.20 38.69 12.21
C ASN E 326 -22.16 37.75 12.79
N ALA E 327 -22.14 36.52 12.29
CA ALA E 327 -21.19 35.52 12.77
C ALA E 327 -19.96 35.40 11.89
N VAL E 328 -19.00 34.61 12.35
CA VAL E 328 -17.79 34.34 11.61
C VAL E 328 -17.97 32.90 11.11
N THR E 329 -18.19 32.73 9.81
CA THR E 329 -18.38 31.39 9.27
C THR E 329 -17.14 30.85 8.57
N ASP E 330 -16.02 31.50 8.85
CA ASP E 330 -14.72 31.14 8.29
C ASP E 330 -14.08 29.86 8.84
N ASN E 331 -13.20 29.27 8.03
CA ASN E 331 -12.40 28.12 8.42
C ASN E 331 -11.15 28.16 7.56
N PRO E 332 -9.96 28.20 8.17
CA PRO E 332 -9.72 28.22 9.61
C PRO E 332 -10.01 29.61 10.18
N VAL E 333 -9.95 29.74 11.49
CA VAL E 333 -10.19 31.01 12.17
C VAL E 333 -9.06 31.29 13.14
N PHE E 334 -8.81 32.56 13.40
CA PHE E 334 -7.73 32.96 14.28
C PHE E 334 -8.27 33.63 15.54
N PRO E 335 -8.32 32.89 16.65
CA PRO E 335 -8.82 33.36 17.95
C PRO E 335 -8.21 34.68 18.42
N PRO E 336 -9.05 35.72 18.57
CA PRO E 336 -8.57 37.03 19.01
C PRO E 336 -7.87 36.96 20.38
N ASP E 337 -8.26 35.99 21.21
CA ASP E 337 -7.66 35.83 22.53
C ASP E 337 -6.26 35.23 22.52
N GLY E 338 -5.86 34.67 21.38
CA GLY E 338 -4.54 34.08 21.27
C GLY E 338 -4.33 32.75 21.98
N SER E 339 -5.43 32.14 22.42
CA SER E 339 -5.36 30.85 23.12
C SER E 339 -4.61 29.81 22.27
N VAL E 340 -5.00 29.72 20.99
CA VAL E 340 -4.36 28.80 20.05
C VAL E 340 -4.05 29.62 18.79
N PRO E 341 -3.08 29.19 17.98
CA PRO E 341 -2.73 29.93 16.77
C PRO E 341 -3.90 30.02 15.78
N ALA E 342 -4.65 28.92 15.66
CA ALA E 342 -5.78 28.87 14.74
C ALA E 342 -6.67 27.69 15.11
N LEU E 343 -7.94 27.77 14.73
CA LEU E 343 -8.89 26.71 14.99
C LEU E 343 -9.39 26.18 13.65
N HIS E 344 -9.56 24.86 13.58
CA HIS E 344 -10.06 24.21 12.37
C HIS E 344 -11.37 23.50 12.71
N GLY E 345 -12.42 23.84 11.98
CA GLY E 345 -13.72 23.23 12.23
C GLY E 345 -14.62 23.32 11.01
N GLY E 346 -15.92 23.43 11.23
CA GLY E 346 -16.83 23.50 10.10
C GLY E 346 -17.89 24.58 10.14
N ASN E 347 -17.53 25.77 10.59
CA ASN E 347 -18.50 26.87 10.67
C ASN E 347 -19.02 27.37 9.32
N PHE E 348 -18.46 26.81 8.24
CA PHE E 348 -18.87 27.15 6.88
C PHE E 348 -20.07 26.31 6.42
N MET E 349 -20.45 25.32 7.23
CA MET E 349 -21.58 24.45 6.87
C MET E 349 -22.88 25.23 7.02
N GLY E 350 -23.47 25.60 5.89
CA GLY E 350 -24.68 26.41 5.91
C GLY E 350 -26.02 25.73 6.17
N GLN E 351 -26.07 24.81 7.13
CA GLN E 351 -27.31 24.11 7.41
C GLN E 351 -28.40 25.01 7.97
N HIS E 352 -28.01 26.05 8.72
CA HIS E 352 -29.01 26.95 9.29
C HIS E 352 -29.79 27.73 8.25
N VAL E 353 -29.09 28.31 7.28
CA VAL E 353 -29.76 29.06 6.24
C VAL E 353 -30.53 28.10 5.33
N ALA E 354 -30.00 26.90 5.16
CA ALA E 354 -30.67 25.91 4.33
C ALA E 354 -32.05 25.56 4.90
N LEU E 355 -32.09 25.21 6.19
CA LEU E 355 -33.35 24.83 6.81
C LEU E 355 -34.33 26.00 6.94
N THR E 356 -33.85 27.19 7.27
CA THR E 356 -34.76 28.31 7.40
C THR E 356 -35.25 28.78 6.02
N SER E 357 -34.41 28.66 5.00
CA SER E 357 -34.84 29.06 3.65
C SER E 357 -35.93 28.10 3.16
N ASP E 358 -35.75 26.81 3.41
CA ASP E 358 -36.74 25.81 2.98
C ASP E 358 -38.06 26.03 3.71
N ALA E 359 -38.00 26.35 5.00
CA ALA E 359 -39.22 26.59 5.79
C ALA E 359 -39.92 27.85 5.28
N LEU E 360 -39.15 28.89 5.01
CA LEU E 360 -39.74 30.13 4.50
C LEU E 360 -40.36 29.89 3.13
N ALA E 361 -39.70 29.10 2.29
CA ALA E 361 -40.22 28.80 0.96
C ALA E 361 -41.61 28.15 1.07
N THR E 362 -41.77 27.25 2.03
CA THR E 362 -43.06 26.59 2.22
C THR E 362 -44.11 27.62 2.65
N ALA E 363 -43.74 28.48 3.59
CA ALA E 363 -44.66 29.51 4.06
C ALA E 363 -45.07 30.44 2.93
N VAL E 364 -44.11 30.81 2.08
CA VAL E 364 -44.40 31.69 0.95
C VAL E 364 -45.39 31.01 0.00
N THR E 365 -45.22 29.72 -0.21
CA THR E 365 -46.11 28.99 -1.10
C THR E 365 -47.52 28.95 -0.50
N VAL E 366 -47.60 28.78 0.82
CA VAL E 366 -48.89 28.75 1.51
C VAL E 366 -49.59 30.11 1.40
N LEU E 367 -48.87 31.18 1.64
CA LEU E 367 -49.46 32.51 1.55
C LEU E 367 -49.83 32.90 0.13
N ALA E 368 -49.03 32.44 -0.85
CA ALA E 368 -49.35 32.73 -2.25
C ALA E 368 -50.64 32.00 -2.60
N GLY E 369 -50.85 30.84 -1.98
CA GLY E 369 -52.07 30.08 -2.22
C GLY E 369 -53.28 30.83 -1.70
N LEU E 370 -53.10 31.49 -0.56
CA LEU E 370 -54.18 32.28 0.04
C LEU E 370 -54.56 33.39 -0.94
N ALA E 371 -53.56 34.11 -1.45
CA ALA E 371 -53.81 35.19 -2.40
C ALA E 371 -54.49 34.67 -3.66
N GLU E 372 -54.03 33.53 -4.14
CA GLU E 372 -54.62 32.96 -5.35
C GLU E 372 -56.10 32.60 -5.14
N ARG E 373 -56.43 32.07 -3.97
CA ARG E 373 -57.83 31.73 -3.70
C ARG E 373 -58.67 32.99 -3.51
N GLN E 374 -58.04 34.07 -3.02
CA GLN E 374 -58.76 35.32 -2.84
C GLN E 374 -59.12 35.88 -4.22
N ILE E 375 -58.22 35.70 -5.18
CA ILE E 375 -58.49 36.17 -6.54
C ILE E 375 -59.61 35.31 -7.13
N ALA E 376 -59.53 34.00 -6.90
CA ALA E 376 -60.53 33.07 -7.42
C ALA E 376 -61.93 33.34 -6.90
N ARG E 377 -62.03 33.84 -5.67
CA ARG E 377 -63.32 34.14 -5.06
C ARG E 377 -63.86 35.48 -5.56
N LEU E 378 -62.99 36.48 -5.57
CA LEU E 378 -63.37 37.82 -6.00
C LEU E 378 -63.84 37.89 -7.45
N THR E 379 -63.26 37.07 -8.32
CA THR E 379 -63.61 37.08 -9.74
C THR E 379 -64.74 36.13 -10.13
N ASP E 380 -65.21 35.32 -9.19
CA ASP E 380 -66.29 34.35 -9.45
C ASP E 380 -67.65 34.99 -9.19
N GLU E 381 -68.44 35.18 -10.25
CA GLU E 381 -69.74 35.82 -10.11
C GLU E 381 -70.70 35.10 -9.16
N ARG E 382 -70.43 33.82 -8.87
CA ARG E 382 -71.30 33.08 -7.96
C ARG E 382 -70.85 33.25 -6.51
N LEU E 383 -69.62 33.72 -6.32
CA LEU E 383 -69.06 33.90 -4.99
C LEU E 383 -68.75 35.34 -4.60
N ASN E 384 -68.73 36.25 -5.58
CA ASN E 384 -68.38 37.64 -5.27
C ASN E 384 -69.51 38.57 -4.88
N ARG E 385 -70.63 38.01 -4.44
CA ARG E 385 -71.77 38.80 -3.99
C ARG E 385 -72.20 39.98 -4.86
N GLY E 386 -72.52 39.70 -6.11
CA GLY E 386 -73.01 40.75 -6.98
C GLY E 386 -72.06 41.50 -7.90
N LEU E 387 -70.76 41.21 -7.82
CA LEU E 387 -69.81 41.89 -8.70
C LEU E 387 -69.82 41.21 -10.06
N PRO E 388 -69.42 41.95 -11.12
CA PRO E 388 -69.39 41.39 -12.48
C PRO E 388 -68.47 40.18 -12.55
N PRO E 389 -68.78 39.23 -13.44
CA PRO E 389 -67.90 38.06 -13.55
C PRO E 389 -66.53 38.52 -14.01
N PHE E 390 -65.49 38.14 -13.26
CA PHE E 390 -64.12 38.50 -13.58
C PHE E 390 -63.88 40.01 -13.57
N LEU E 391 -64.79 40.71 -12.89
CA LEU E 391 -64.71 42.17 -12.73
C LEU E 391 -64.60 42.95 -14.02
N HIS E 392 -65.23 42.46 -15.08
CA HIS E 392 -65.17 43.16 -16.36
C HIS E 392 -66.02 44.42 -16.35
N ARG E 393 -65.75 45.27 -17.33
CA ARG E 393 -66.53 46.47 -17.54
C ARG E 393 -66.90 46.38 -19.01
N GLY E 394 -67.95 47.07 -19.43
CA GLY E 394 -68.38 46.98 -20.82
C GLY E 394 -69.29 45.76 -20.92
N PRO E 395 -69.85 45.47 -22.10
CA PRO E 395 -70.73 44.32 -22.29
C PRO E 395 -70.11 42.97 -21.89
N ALA E 396 -70.83 42.20 -21.08
CA ALA E 396 -70.34 40.90 -20.64
C ALA E 396 -70.25 39.98 -21.86
N GLY E 397 -69.22 39.15 -21.91
CA GLY E 397 -69.05 38.27 -23.05
C GLY E 397 -68.11 38.92 -24.04
N LEU E 398 -68.48 40.13 -24.49
CA LEU E 398 -67.62 40.86 -25.40
C LEU E 398 -66.36 41.22 -24.61
N ASN E 399 -66.52 41.33 -23.30
CA ASN E 399 -65.43 41.65 -22.39
C ASN E 399 -65.33 40.55 -21.33
N SER E 400 -64.12 40.13 -21.01
CA SER E 400 -63.92 39.08 -20.01
C SER E 400 -63.14 39.59 -18.80
N GLY E 401 -62.74 40.86 -18.85
CA GLY E 401 -62.01 41.45 -17.75
C GLY E 401 -60.72 40.78 -17.32
N PHE E 402 -60.68 40.34 -16.07
CA PHE E 402 -59.50 39.68 -15.50
C PHE E 402 -59.55 38.16 -15.61
N MET E 403 -60.40 37.63 -16.49
CA MET E 403 -60.51 36.18 -16.63
C MET E 403 -59.16 35.52 -16.95
N GLY E 404 -58.39 36.16 -17.83
CA GLY E 404 -57.09 35.60 -18.19
C GLY E 404 -56.10 35.72 -17.04
N ALA E 405 -56.07 36.89 -16.42
CA ALA E 405 -55.16 37.14 -15.30
C ALA E 405 -55.39 36.19 -14.13
N GLN E 406 -56.65 35.83 -13.90
CA GLN E 406 -56.99 34.91 -12.81
C GLN E 406 -56.37 33.54 -13.07
N VAL E 407 -56.44 33.08 -14.31
CA VAL E 407 -55.86 31.79 -14.66
C VAL E 407 -54.34 31.86 -14.54
N THR E 408 -53.77 33.01 -14.91
CA THR E 408 -52.33 33.19 -14.82
C THR E 408 -51.87 33.06 -13.37
N ALA E 409 -52.64 33.64 -12.44
CA ALA E 409 -52.30 33.53 -11.02
C ALA E 409 -52.27 32.06 -10.60
N THR E 410 -53.25 31.28 -11.07
CA THR E 410 -53.29 29.86 -10.74
C THR E 410 -52.06 29.15 -11.29
N ALA E 411 -51.69 29.49 -12.52
CA ALA E 411 -50.52 28.88 -13.17
C ALA E 411 -49.23 29.17 -12.42
N LEU E 412 -49.10 30.39 -11.91
CA LEU E 412 -47.90 30.77 -11.17
C LEU E 412 -47.82 29.99 -9.86
N LEU E 413 -48.95 29.84 -9.18
CA LEU E 413 -48.99 29.08 -7.93
C LEU E 413 -48.66 27.62 -8.17
N ALA E 414 -49.25 27.04 -9.21
CA ALA E 414 -49.00 25.64 -9.53
C ALA E 414 -47.50 25.41 -9.76
N GLU E 415 -46.85 26.34 -10.43
CA GLU E 415 -45.42 26.20 -10.68
C GLU E 415 -44.63 26.26 -9.38
N MET E 416 -45.04 27.15 -8.47
CA MET E 416 -44.37 27.27 -7.18
C MET E 416 -44.40 25.92 -6.45
N ARG E 417 -45.57 25.28 -6.48
CA ARG E 417 -45.73 24.02 -5.78
C ARG E 417 -44.87 22.87 -6.28
N ALA E 418 -44.43 22.93 -7.53
CA ALA E 418 -43.62 21.86 -8.12
C ALA E 418 -42.23 21.74 -7.52
N THR E 419 -41.73 22.80 -6.89
CA THR E 419 -40.40 22.77 -6.31
C THR E 419 -40.47 22.68 -4.79
N GLY E 420 -39.75 21.71 -4.24
CA GLY E 420 -39.76 21.52 -2.79
C GLY E 420 -38.46 21.91 -2.11
N PRO E 421 -38.27 21.48 -0.85
CA PRO E 421 -37.05 21.80 -0.08
C PRO E 421 -35.78 21.35 -0.77
N ALA E 422 -34.73 22.17 -0.66
CA ALA E 422 -33.44 21.86 -1.26
C ALA E 422 -32.56 21.03 -0.31
N SER E 423 -32.71 21.27 0.99
CA SER E 423 -31.90 20.62 2.01
C SER E 423 -31.88 19.11 2.07
N ILE E 424 -32.95 18.47 1.65
CA ILE E 424 -33.01 17.01 1.73
C ILE E 424 -32.21 16.29 0.65
N HIS E 425 -31.56 17.03 -0.24
CA HIS E 425 -30.84 16.39 -1.35
C HIS E 425 -29.33 16.33 -1.21
N SER E 426 -28.83 16.26 0.01
CA SER E 426 -27.39 16.18 0.21
C SER E 426 -26.83 14.92 -0.46
N ILE E 427 -25.71 15.09 -1.14
CA ILE E 427 -25.02 14.01 -1.83
C ILE E 427 -23.54 14.09 -1.46
N SER E 428 -22.95 12.95 -1.10
CA SER E 428 -21.53 12.89 -0.73
C SER E 428 -20.70 13.28 -1.95
N THR E 429 -19.78 14.22 -1.76
CA THR E 429 -18.96 14.67 -2.87
C THR E 429 -17.54 15.00 -2.42
N ASN E 430 -16.71 15.51 -3.35
CA ASN E 430 -15.32 15.85 -3.03
C ASN E 430 -14.57 14.60 -2.52
N ALA E 431 -14.62 13.53 -3.29
CA ALA E 431 -13.97 12.26 -2.93
C ALA E 431 -14.42 11.79 -1.55
N ALA E 432 -15.70 12.03 -1.26
CA ALA E 432 -16.35 11.66 0.00
C ALA E 432 -15.93 12.47 1.22
N ASN E 433 -15.06 13.45 1.03
CA ASN E 433 -14.62 14.32 2.12
C ASN E 433 -15.80 15.18 2.58
N GLN E 434 -16.57 15.69 1.62
CA GLN E 434 -17.75 16.48 1.94
C GLN E 434 -18.90 15.48 1.85
N ASP E 435 -18.94 14.53 2.79
CA ASP E 435 -19.98 13.51 2.72
C ASP E 435 -21.39 13.96 3.04
N VAL E 436 -21.51 15.15 3.62
CA VAL E 436 -22.81 15.78 3.89
C VAL E 436 -22.61 17.26 3.50
N VAL E 437 -23.58 17.83 2.80
CA VAL E 437 -23.51 19.24 2.38
C VAL E 437 -24.85 19.91 2.66
N SER E 438 -24.82 21.21 2.92
CA SER E 438 -26.05 21.93 3.27
C SER E 438 -26.98 22.32 2.13
N LEU E 439 -26.42 22.67 0.98
CA LEU E 439 -27.20 23.12 -0.18
C LEU E 439 -27.97 24.39 0.20
N GLY E 440 -27.44 25.14 1.16
CA GLY E 440 -28.10 26.36 1.61
C GLY E 440 -28.27 27.44 0.56
N THR E 441 -27.32 27.54 -0.36
CA THR E 441 -27.38 28.55 -1.41
C THR E 441 -28.52 28.23 -2.36
N ILE E 442 -28.66 26.94 -2.68
CA ILE E 442 -29.74 26.50 -3.56
C ILE E 442 -31.06 26.76 -2.85
N ALA E 443 -31.11 26.43 -1.55
CA ALA E 443 -32.33 26.63 -0.76
C ALA E 443 -32.77 28.10 -0.81
N ALA E 444 -31.82 29.01 -0.58
CA ALA E 444 -32.15 30.43 -0.59
C ALA E 444 -32.60 30.89 -1.98
N ARG E 445 -31.98 30.36 -3.02
CA ARG E 445 -32.35 30.73 -4.38
C ARG E 445 -33.75 30.22 -4.76
N LEU E 446 -34.08 29.01 -4.34
CA LEU E 446 -35.40 28.45 -4.64
C LEU E 446 -36.46 29.27 -3.91
N CYS E 447 -36.13 29.70 -2.69
CA CYS E 447 -37.06 30.52 -1.93
C CYS E 447 -37.26 31.85 -2.65
N ARG E 448 -36.18 32.42 -3.21
CA ARG E 448 -36.30 33.68 -3.92
C ARG E 448 -37.25 33.56 -5.10
N GLU E 449 -37.15 32.47 -5.85
CA GLU E 449 -38.03 32.27 -6.99
C GLU E 449 -39.49 32.26 -6.55
N LYS E 450 -39.77 31.58 -5.44
CA LYS E 450 -41.15 31.53 -4.94
C LYS E 450 -41.62 32.92 -4.51
N ILE E 451 -40.72 33.71 -3.93
CA ILE E 451 -41.06 35.07 -3.52
C ILE E 451 -41.42 35.89 -4.76
N ASP E 452 -40.70 35.70 -5.85
CA ASP E 452 -40.98 36.44 -7.08
C ASP E 452 -42.35 36.06 -7.63
N ARG E 453 -42.72 34.78 -7.52
CA ARG E 453 -44.03 34.34 -8.02
C ARG E 453 -45.13 34.90 -7.11
N TRP E 454 -44.88 34.93 -5.80
CA TRP E 454 -45.85 35.45 -4.86
C TRP E 454 -46.13 36.93 -5.18
N ALA E 455 -45.09 37.68 -5.52
CA ALA E 455 -45.26 39.09 -5.87
C ALA E 455 -46.17 39.27 -7.08
N GLU E 456 -46.02 38.38 -8.06
CA GLU E 456 -46.85 38.43 -9.26
C GLU E 456 -48.31 38.11 -8.96
N ILE E 457 -48.54 37.12 -8.10
CA ILE E 457 -49.89 36.75 -7.72
C ILE E 457 -50.52 37.92 -6.94
N LEU E 458 -49.75 38.52 -6.03
CA LEU E 458 -50.27 39.65 -5.27
C LEU E 458 -50.56 40.84 -6.19
N ALA E 459 -49.75 41.00 -7.23
CA ALA E 459 -49.97 42.09 -8.18
C ALA E 459 -51.31 41.92 -8.88
N ILE E 460 -51.60 40.68 -9.29
CA ILE E 460 -52.86 40.39 -9.96
C ILE E 460 -54.02 40.68 -9.00
N LEU E 461 -53.87 40.26 -7.75
CA LEU E 461 -54.91 40.49 -6.74
C LEU E 461 -55.11 41.99 -6.53
N ALA E 462 -54.01 42.74 -6.50
CA ALA E 462 -54.09 44.19 -6.31
C ALA E 462 -54.85 44.86 -7.45
N LEU E 463 -54.53 44.49 -8.68
CA LEU E 463 -55.21 45.08 -9.83
C LEU E 463 -56.70 44.71 -9.81
N CYS E 464 -57.00 43.48 -9.43
CA CYS E 464 -58.39 43.04 -9.35
C CYS E 464 -59.16 43.83 -8.31
N LEU E 465 -58.54 44.03 -7.14
CA LEU E 465 -59.19 44.76 -6.05
C LEU E 465 -59.42 46.23 -6.38
N ALA E 466 -58.49 46.86 -7.09
CA ALA E 466 -58.66 48.25 -7.46
C ALA E 466 -59.93 48.36 -8.30
N GLN E 467 -60.08 47.44 -9.25
CA GLN E 467 -61.25 47.41 -10.12
C GLN E 467 -62.51 47.07 -9.31
N ALA E 468 -62.42 46.07 -8.44
CA ALA E 468 -63.56 45.66 -7.64
C ALA E 468 -64.05 46.77 -6.71
N ALA E 469 -63.11 47.52 -6.13
CA ALA E 469 -63.49 48.60 -5.21
C ALA E 469 -64.28 49.67 -5.95
N GLU E 470 -63.85 50.00 -7.16
CA GLU E 470 -64.56 51.01 -7.95
C GLU E 470 -65.91 50.50 -8.44
N LEU E 471 -65.98 49.21 -8.74
CA LEU E 471 -67.23 48.62 -9.20
C LEU E 471 -68.25 48.55 -8.06
N ARG E 472 -67.76 48.26 -6.86
CA ARG E 472 -68.63 48.14 -5.69
C ARG E 472 -69.00 49.48 -5.06
N CYS E 473 -68.01 50.38 -4.96
CA CYS E 473 -68.22 51.67 -4.31
C CYS E 473 -68.18 52.90 -5.21
N GLY E 474 -68.02 52.69 -6.51
CA GLY E 474 -67.96 53.82 -7.42
C GLY E 474 -66.54 54.37 -7.51
N SER E 475 -66.29 55.22 -8.50
CA SER E 475 -64.96 55.80 -8.69
C SER E 475 -64.51 56.58 -7.45
N GLY E 476 -65.47 57.12 -6.70
CA GLY E 476 -65.14 57.89 -5.52
C GLY E 476 -64.83 57.03 -4.30
N LEU E 477 -65.00 55.72 -4.45
CA LEU E 477 -64.71 54.77 -3.37
C LEU E 477 -65.49 55.10 -2.09
N ASP E 478 -66.79 55.32 -2.24
CA ASP E 478 -67.64 55.65 -1.11
C ASP E 478 -67.68 54.54 -0.07
N GLY E 479 -67.41 54.90 1.18
CA GLY E 479 -67.44 53.93 2.26
C GLY E 479 -66.13 53.19 2.48
N VAL E 480 -65.19 53.34 1.57
CA VAL E 480 -63.90 52.66 1.69
C VAL E 480 -63.02 53.35 2.74
N SER E 481 -62.30 52.53 3.50
CA SER E 481 -61.42 53.02 4.55
C SER E 481 -60.36 53.98 4.00
N PRO E 482 -59.79 54.83 4.86
CA PRO E 482 -58.77 55.78 4.44
C PRO E 482 -57.56 55.04 3.85
N ALA E 483 -57.18 53.92 4.47
CA ALA E 483 -56.04 53.14 4.00
C ALA E 483 -56.37 52.50 2.66
N GLY E 484 -57.59 51.99 2.53
CA GLY E 484 -58.01 51.36 1.29
C GLY E 484 -58.01 52.37 0.15
N LYS E 485 -58.54 53.56 0.42
CA LYS E 485 -58.60 54.63 -0.57
C LYS E 485 -57.20 55.01 -1.02
N LYS E 486 -56.30 55.20 -0.06
CA LYS E 486 -54.93 55.58 -0.35
C LYS E 486 -54.24 54.56 -1.26
N LEU E 487 -54.47 53.28 -0.98
CA LEU E 487 -53.86 52.21 -1.77
C LEU E 487 -54.36 52.23 -3.22
N VAL E 488 -55.68 52.29 -3.39
CA VAL E 488 -56.26 52.30 -4.74
C VAL E 488 -55.84 53.54 -5.51
N GLN E 489 -55.85 54.70 -4.87
CA GLN E 489 -55.46 55.94 -5.52
C GLN E 489 -54.01 55.85 -6.01
N ALA E 490 -53.13 55.32 -5.17
CA ALA E 490 -51.73 55.16 -5.51
C ALA E 490 -51.58 54.23 -6.72
N LEU E 491 -52.35 53.14 -6.74
CA LEU E 491 -52.29 52.21 -7.86
C LEU E 491 -52.78 52.87 -9.13
N ARG E 492 -53.88 53.62 -9.03
CA ARG E 492 -54.46 54.29 -10.19
C ARG E 492 -53.55 55.37 -10.77
N GLU E 493 -52.53 55.76 -10.03
CA GLU E 493 -51.59 56.76 -10.50
C GLU E 493 -50.78 56.18 -11.67
N GLN E 494 -50.58 54.87 -11.65
CA GLN E 494 -49.81 54.20 -12.69
C GLN E 494 -50.57 53.15 -13.48
N PHE E 495 -51.64 52.63 -12.90
CA PHE E 495 -52.43 51.59 -13.56
C PHE E 495 -53.90 52.01 -13.72
N PRO E 496 -54.31 52.30 -14.96
CA PRO E 496 -55.66 52.73 -15.29
C PRO E 496 -56.73 51.65 -15.08
N PRO E 497 -58.00 52.07 -14.90
CA PRO E 497 -59.09 51.12 -14.69
C PRO E 497 -59.22 50.27 -15.95
N LEU E 498 -59.81 49.09 -15.82
CA LEU E 498 -60.00 48.21 -16.97
C LEU E 498 -61.41 48.45 -17.49
N GLU E 499 -61.57 49.47 -18.32
CA GLU E 499 -62.87 49.83 -18.87
C GLU E 499 -63.26 48.86 -19.98
N THR E 500 -62.25 48.30 -20.65
CA THR E 500 -62.45 47.33 -21.70
C THR E 500 -61.22 46.44 -21.64
N ASP E 501 -61.31 45.23 -22.17
CA ASP E 501 -60.18 44.31 -22.13
C ASP E 501 -58.91 44.84 -22.79
N ARG E 502 -57.77 44.54 -22.17
CA ARG E 502 -56.46 44.93 -22.69
C ARG E 502 -55.39 43.99 -22.12
N PRO E 503 -54.24 43.89 -22.80
CA PRO E 503 -53.18 43.01 -22.30
C PRO E 503 -52.74 43.49 -20.91
N LEU E 504 -52.63 42.57 -19.96
CA LEU E 504 -52.25 42.93 -18.60
C LEU E 504 -50.86 42.42 -18.18
N GLY E 505 -50.26 41.56 -18.99
CA GLY E 505 -48.97 41.01 -18.65
C GLY E 505 -47.90 41.99 -18.22
N GLN E 506 -47.69 43.04 -19.02
CA GLN E 506 -46.68 44.03 -18.68
C GLN E 506 -47.01 44.79 -17.40
N GLU E 507 -48.28 45.09 -17.18
CA GLU E 507 -48.69 45.80 -15.97
C GLU E 507 -48.47 44.91 -14.75
N ILE E 508 -48.80 43.63 -14.87
CA ILE E 508 -48.62 42.69 -13.77
C ILE E 508 -47.14 42.65 -13.39
N ALA E 509 -46.27 42.52 -14.39
CA ALA E 509 -44.83 42.46 -14.13
C ALA E 509 -44.31 43.75 -13.50
N ALA E 510 -44.76 44.89 -14.01
CA ALA E 510 -44.33 46.18 -13.48
C ALA E 510 -44.76 46.35 -12.02
N LEU E 511 -46.00 45.96 -11.71
CA LEU E 511 -46.48 46.10 -10.35
C LEU E 511 -45.75 45.16 -9.41
N ALA E 512 -45.50 43.94 -9.85
CA ALA E 512 -44.80 42.95 -9.03
C ALA E 512 -43.44 43.50 -8.59
N THR E 513 -42.75 44.19 -9.50
CA THR E 513 -41.44 44.75 -9.19
C THR E 513 -41.58 45.76 -8.04
N HIS E 514 -42.67 46.50 -8.05
CA HIS E 514 -42.95 47.51 -7.03
C HIS E 514 -43.26 46.88 -5.67
N LEU E 515 -44.11 45.86 -5.67
CA LEU E 515 -44.50 45.21 -4.42
C LEU E 515 -43.33 44.64 -3.63
N LEU E 516 -42.30 44.19 -4.32
CA LEU E 516 -41.14 43.60 -3.67
C LEU E 516 -40.26 44.62 -2.96
N GLN E 517 -40.41 45.89 -3.33
CA GLN E 517 -39.57 46.95 -2.78
C GLN E 517 -40.26 48.00 -1.90
N GLN E 518 -41.58 48.07 -1.96
CA GLN E 518 -42.31 49.07 -1.17
C GLN E 518 -43.62 48.52 -0.63
N SER E 519 -44.03 49.03 0.53
CA SER E 519 -45.27 48.61 1.16
C SER E 519 -46.36 49.68 1.00
N PRO E 520 -47.63 49.29 1.14
CA PRO E 520 -48.75 50.23 1.00
C PRO E 520 -48.92 51.06 2.25
N VAL E 521 -48.38 52.28 2.23
CA VAL E 521 -48.49 53.18 3.37
C VAL E 521 -48.90 54.58 2.91
N LYS F 8 -32.30 26.50 -48.62
CA LYS F 8 -32.01 25.45 -47.61
C LYS F 8 -32.98 24.26 -47.78
N PRO F 9 -32.69 23.13 -47.11
CA PRO F 9 -33.56 21.94 -47.20
C PRO F 9 -35.01 22.32 -46.92
N ALA F 10 -35.94 21.62 -47.56
CA ALA F 10 -37.35 21.93 -47.37
C ALA F 10 -38.18 20.78 -46.80
N VAL F 11 -39.06 21.13 -45.88
CA VAL F 11 -39.96 20.15 -45.28
C VAL F 11 -41.33 20.48 -45.86
N GLU F 12 -41.92 19.53 -46.58
CA GLU F 12 -43.23 19.76 -47.16
C GLU F 12 -44.27 19.23 -46.18
N LEU F 13 -45.15 20.12 -45.76
CA LEU F 13 -46.20 19.77 -44.82
C LEU F 13 -47.51 19.44 -45.52
N ASP F 14 -47.93 18.20 -45.37
CA ASP F 14 -49.20 17.77 -45.94
C ASP F 14 -50.06 17.37 -44.75
N ARG F 15 -49.82 16.18 -44.21
CA ARG F 15 -50.58 15.68 -43.07
C ARG F 15 -49.71 15.31 -41.87
N HIS F 16 -48.59 14.63 -42.13
CA HIS F 16 -47.71 14.18 -41.05
C HIS F 16 -46.28 14.70 -41.15
N ILE F 17 -45.73 15.05 -40.00
CA ILE F 17 -44.35 15.51 -39.91
C ILE F 17 -43.74 14.81 -38.70
N ASP F 18 -42.51 14.33 -38.82
CA ASP F 18 -41.89 13.66 -37.68
C ASP F 18 -41.13 14.67 -36.82
N LEU F 19 -40.68 14.22 -35.65
CA LEU F 19 -39.99 15.10 -34.73
C LEU F 19 -38.72 15.74 -35.28
N ASP F 20 -37.95 14.99 -36.07
CA ASP F 20 -36.72 15.57 -36.63
C ASP F 20 -37.04 16.69 -37.62
N GLN F 21 -38.05 16.47 -38.45
CA GLN F 21 -38.47 17.47 -39.43
C GLN F 21 -38.97 18.72 -38.71
N ALA F 22 -39.73 18.51 -37.64
CA ALA F 22 -40.27 19.63 -36.89
C ALA F 22 -39.14 20.45 -36.27
N HIS F 23 -38.14 19.78 -35.71
CA HIS F 23 -37.05 20.54 -35.11
C HIS F 23 -36.22 21.25 -36.19
N ALA F 24 -36.07 20.62 -37.35
CA ALA F 24 -35.32 21.24 -38.43
C ALA F 24 -35.96 22.58 -38.82
N VAL F 25 -37.29 22.60 -38.90
CA VAL F 25 -37.98 23.85 -39.23
C VAL F 25 -37.90 24.85 -38.09
N ALA F 26 -38.17 24.39 -36.87
CA ALA F 26 -38.15 25.29 -35.71
C ALA F 26 -36.77 25.92 -35.50
N SER F 27 -35.71 25.16 -35.76
CA SER F 27 -34.36 25.66 -35.57
C SER F 27 -33.84 26.43 -36.79
N GLY F 28 -34.65 26.50 -37.83
CA GLY F 28 -34.26 27.24 -39.03
C GLY F 28 -33.37 26.48 -39.99
N GLY F 29 -33.10 25.21 -39.70
CA GLY F 29 -32.25 24.41 -40.57
C GLY F 29 -32.94 24.06 -41.87
N ALA F 30 -34.27 24.04 -41.84
CA ALA F 30 -35.05 23.72 -43.02
C ALA F 30 -36.17 24.74 -43.20
N ARG F 31 -36.56 24.98 -44.44
CA ARG F 31 -37.66 25.90 -44.72
C ARG F 31 -38.89 25.00 -44.78
N ILE F 32 -40.07 25.61 -44.74
CA ILE F 32 -41.29 24.82 -44.77
C ILE F 32 -42.18 25.27 -45.92
N VAL F 33 -42.87 24.30 -46.53
CA VAL F 33 -43.76 24.58 -47.64
C VAL F 33 -45.06 23.80 -47.41
N LEU F 34 -46.19 24.44 -47.68
CA LEU F 34 -47.47 23.79 -47.51
C LEU F 34 -47.76 23.02 -48.80
N ALA F 35 -47.98 21.71 -48.67
CA ALA F 35 -48.27 20.90 -49.85
C ALA F 35 -49.65 21.23 -50.41
N PRO F 36 -49.84 21.09 -51.73
CA PRO F 36 -51.12 21.39 -52.34
C PRO F 36 -52.33 20.75 -51.64
N PRO F 37 -52.23 19.47 -51.26
CA PRO F 37 -53.37 18.84 -50.58
C PRO F 37 -53.74 19.52 -49.26
N ALA F 38 -52.73 20.04 -48.55
CA ALA F 38 -52.98 20.74 -47.31
C ALA F 38 -53.63 22.08 -47.61
N ARG F 39 -53.10 22.77 -48.62
CA ARG F 39 -53.65 24.05 -49.01
C ARG F 39 -55.12 23.89 -49.40
N ASP F 40 -55.41 22.83 -50.15
CA ASP F 40 -56.79 22.59 -50.57
C ASP F 40 -57.74 22.20 -49.45
N ARG F 41 -57.31 21.35 -48.52
CA ARG F 41 -58.21 20.99 -47.44
C ARG F 41 -58.38 22.18 -46.49
N CYS F 42 -57.38 23.06 -46.43
CA CYS F 42 -57.51 24.22 -45.57
C CYS F 42 -58.46 25.23 -46.18
N ARG F 43 -58.44 25.35 -47.51
CA ARG F 43 -59.35 26.27 -48.18
C ARG F 43 -60.78 25.80 -47.95
N ALA F 44 -60.96 24.48 -47.95
CA ALA F 44 -62.28 23.89 -47.72
C ALA F 44 -62.76 24.22 -46.31
N SER F 45 -61.85 24.14 -45.34
CA SER F 45 -62.21 24.44 -43.95
C SER F 45 -62.54 25.92 -43.80
N GLU F 46 -61.81 26.76 -44.50
CA GLU F 46 -62.03 28.21 -44.47
C GLU F 46 -63.47 28.48 -44.95
N ALA F 47 -63.88 27.76 -46.00
CA ALA F 47 -65.22 27.93 -46.53
C ALA F 47 -66.26 27.44 -45.53
N ARG F 48 -65.95 26.36 -44.82
CA ARG F 48 -66.88 25.82 -43.83
C ARG F 48 -67.11 26.82 -42.70
N LEU F 49 -66.05 27.50 -42.27
CA LEU F 49 -66.16 28.49 -41.22
C LEU F 49 -67.05 29.63 -41.70
N GLY F 50 -66.85 30.04 -42.95
CA GLY F 50 -67.66 31.10 -43.51
C GLY F 50 -69.14 30.77 -43.46
N ALA F 51 -69.47 29.52 -43.78
CA ALA F 51 -70.86 29.07 -43.77
C ALA F 51 -71.41 29.01 -42.34
N VAL F 52 -70.56 28.58 -41.40
CA VAL F 52 -70.98 28.50 -40.01
C VAL F 52 -71.35 29.89 -39.48
N ILE F 53 -70.57 30.89 -39.85
CA ILE F 53 -70.81 32.26 -39.42
C ILE F 53 -72.05 32.80 -40.12
N ARG F 54 -72.12 32.53 -41.42
CA ARG F 54 -73.23 32.95 -42.27
C ARG F 54 -74.57 32.43 -41.74
N GLU F 55 -74.57 31.19 -41.28
CA GLU F 55 -75.78 30.53 -40.77
C GLU F 55 -76.09 30.83 -39.30
N ALA F 56 -75.22 31.60 -38.66
CA ALA F 56 -75.40 31.97 -37.26
C ALA F 56 -75.51 30.76 -36.33
N ARG F 57 -74.71 29.73 -36.61
CA ARG F 57 -74.72 28.53 -35.78
C ARG F 57 -74.19 28.88 -34.39
N HIS F 58 -74.69 28.19 -33.37
CA HIS F 58 -74.27 28.41 -32.00
C HIS F 58 -72.89 27.77 -31.85
N VAL F 59 -71.85 28.59 -31.89
CA VAL F 59 -70.47 28.12 -31.80
C VAL F 59 -69.61 28.98 -30.88
N TYR F 60 -68.89 28.32 -29.98
CA TYR F 60 -68.01 28.97 -29.02
C TYR F 60 -67.02 29.89 -29.73
N GLY F 61 -66.97 31.15 -29.32
CA GLY F 61 -66.03 32.08 -29.92
C GLY F 61 -66.50 32.80 -31.17
N LEU F 62 -67.64 32.38 -31.71
CA LEU F 62 -68.19 33.01 -32.91
C LEU F 62 -69.49 33.69 -32.53
N THR F 63 -70.26 33.07 -31.65
CA THR F 63 -71.53 33.62 -31.18
C THR F 63 -71.70 33.51 -29.68
N THR F 64 -70.60 33.30 -28.95
CA THR F 64 -70.65 33.18 -27.49
C THR F 64 -69.44 33.82 -26.83
N GLY F 65 -69.56 34.06 -25.53
CA GLY F 65 -68.47 34.61 -24.77
C GLY F 65 -67.51 33.47 -24.48
N PHE F 66 -66.45 33.74 -23.73
CA PHE F 66 -65.47 32.70 -23.44
C PHE F 66 -65.53 32.17 -22.01
N GLY F 67 -65.04 30.95 -21.83
CA GLY F 67 -65.08 30.35 -20.51
C GLY F 67 -66.51 30.27 -20.00
N PRO F 68 -66.74 30.57 -18.72
CA PRO F 68 -68.07 30.54 -18.11
C PRO F 68 -69.00 31.61 -18.70
N LEU F 69 -68.41 32.55 -19.42
CA LEU F 69 -69.20 33.61 -20.04
C LEU F 69 -69.78 33.17 -21.38
N ALA F 70 -69.62 31.90 -21.69
CA ALA F 70 -70.15 31.35 -22.95
C ALA F 70 -71.67 31.34 -22.97
N ASN F 71 -72.30 31.53 -21.81
CA ASN F 71 -73.76 31.53 -21.78
C ASN F 71 -74.26 32.89 -22.28
N ARG F 72 -73.33 33.81 -22.52
CA ARG F 72 -73.66 35.13 -23.06
C ARG F 72 -73.50 35.03 -24.57
N LEU F 73 -74.62 34.97 -25.29
CA LEU F 73 -74.58 34.87 -26.74
C LEU F 73 -74.21 36.22 -27.35
N ILE F 74 -73.50 36.18 -28.47
CA ILE F 74 -73.04 37.39 -29.13
C ILE F 74 -73.63 37.56 -30.53
N SER F 75 -73.97 38.80 -30.87
CA SER F 75 -74.53 39.11 -32.17
C SER F 75 -73.42 39.18 -33.21
N GLY F 76 -73.74 38.82 -34.45
CA GLY F 76 -72.77 38.82 -35.53
C GLY F 76 -71.96 40.08 -35.77
N GLU F 77 -72.57 41.25 -35.63
CA GLU F 77 -71.84 42.49 -35.87
C GLU F 77 -70.80 42.81 -34.80
N ASN F 78 -70.78 42.04 -33.71
CA ASN F 78 -69.83 42.28 -32.63
C ASN F 78 -68.73 41.23 -32.53
N VAL F 79 -68.64 40.35 -33.52
CA VAL F 79 -67.64 39.28 -33.51
C VAL F 79 -66.21 39.78 -33.59
N ARG F 80 -65.97 40.81 -34.38
CA ARG F 80 -64.62 41.35 -34.51
C ARG F 80 -64.13 41.83 -33.14
N THR F 81 -65.01 42.51 -32.41
CA THR F 81 -64.67 43.01 -31.08
C THR F 81 -64.49 41.84 -30.12
N LEU F 82 -65.39 40.85 -30.23
CA LEU F 82 -65.33 39.67 -29.38
C LEU F 82 -63.95 39.02 -29.48
N GLN F 83 -63.51 38.76 -30.71
CA GLN F 83 -62.22 38.10 -30.91
C GLN F 83 -61.02 39.00 -30.61
N ALA F 84 -61.17 40.31 -30.79
CA ALA F 84 -60.08 41.21 -30.49
C ALA F 84 -59.87 41.21 -28.97
N ASN F 85 -60.97 41.18 -28.22
CA ASN F 85 -60.87 41.19 -26.77
C ASN F 85 -60.43 39.84 -26.21
N LEU F 86 -60.62 38.78 -26.98
CA LEU F 86 -60.19 37.45 -26.56
C LEU F 86 -58.67 37.51 -26.43
N VAL F 87 -58.02 38.00 -27.48
CA VAL F 87 -56.56 38.12 -27.49
C VAL F 87 -56.11 39.05 -26.37
N HIS F 88 -56.86 40.13 -26.17
CA HIS F 88 -56.52 41.10 -25.13
C HIS F 88 -56.56 40.54 -23.71
N HIS F 89 -57.67 39.93 -23.32
CA HIS F 89 -57.76 39.43 -21.95
C HIS F 89 -56.82 38.26 -21.67
N LEU F 90 -56.43 37.55 -22.72
CA LEU F 90 -55.53 36.41 -22.56
C LEU F 90 -54.06 36.79 -22.47
N ALA F 91 -53.71 37.98 -22.92
CA ALA F 91 -52.32 38.43 -22.91
C ALA F 91 -51.84 38.90 -21.54
N SER F 92 -51.94 38.00 -20.56
CA SER F 92 -51.54 38.29 -19.19
C SER F 92 -50.26 37.54 -18.80
N GLY F 93 -49.51 37.09 -19.79
CA GLY F 93 -48.30 36.35 -19.54
C GLY F 93 -47.16 37.14 -18.93
N VAL F 94 -46.33 36.44 -18.15
CA VAL F 94 -45.16 37.03 -17.49
C VAL F 94 -44.00 36.06 -17.54
N GLY F 95 -42.82 36.54 -17.13
CA GLY F 95 -41.64 35.69 -17.12
C GLY F 95 -40.77 35.82 -18.34
N PRO F 96 -39.57 35.22 -18.32
CA PRO F 96 -38.66 35.29 -19.47
C PRO F 96 -39.34 34.74 -20.72
N VAL F 97 -38.99 35.29 -21.87
CA VAL F 97 -39.60 34.81 -23.11
C VAL F 97 -39.09 33.43 -23.48
N LEU F 98 -39.90 32.71 -24.25
CA LEU F 98 -39.49 31.41 -24.72
C LEU F 98 -38.31 31.68 -25.66
N ASP F 99 -37.35 30.76 -25.70
CA ASP F 99 -36.20 30.95 -26.58
C ASP F 99 -36.64 30.90 -28.04
N TRP F 100 -35.81 31.46 -28.91
CA TRP F 100 -36.09 31.54 -30.34
C TRP F 100 -36.60 30.23 -30.95
N THR F 101 -35.87 29.15 -30.74
CA THR F 101 -36.26 27.86 -31.29
C THR F 101 -37.59 27.35 -30.76
N THR F 102 -37.79 27.49 -29.44
CA THR F 102 -39.02 27.02 -28.80
C THR F 102 -40.25 27.82 -29.23
N ALA F 103 -40.09 29.14 -29.34
CA ALA F 103 -41.20 30.00 -29.76
C ALA F 103 -41.60 29.60 -31.18
N ARG F 104 -40.61 29.32 -32.02
CA ARG F 104 -40.91 28.92 -33.39
C ARG F 104 -41.54 27.53 -33.42
N ALA F 105 -41.14 26.66 -32.49
CA ALA F 105 -41.70 25.32 -32.43
C ALA F 105 -43.18 25.41 -32.07
N MET F 106 -43.54 26.40 -31.26
CA MET F 106 -44.94 26.61 -30.88
C MET F 106 -45.73 27.03 -32.12
N VAL F 107 -45.18 27.96 -32.89
CA VAL F 107 -45.83 28.42 -34.11
C VAL F 107 -46.04 27.23 -35.05
N LEU F 108 -45.01 26.40 -35.17
CA LEU F 108 -45.12 25.22 -36.03
C LEU F 108 -46.19 24.25 -35.54
N ALA F 109 -46.26 24.03 -34.23
CA ALA F 109 -47.27 23.12 -33.68
C ALA F 109 -48.69 23.57 -34.02
N ARG F 110 -48.94 24.88 -33.95
CA ARG F 110 -50.26 25.41 -34.28
C ARG F 110 -50.52 25.20 -35.77
N LEU F 111 -49.51 25.46 -36.59
CA LEU F 111 -49.63 25.29 -38.04
C LEU F 111 -49.93 23.84 -38.44
N VAL F 112 -49.26 22.88 -37.80
CA VAL F 112 -49.50 21.47 -38.14
C VAL F 112 -50.93 21.09 -37.79
N SER F 113 -51.46 21.61 -36.69
CA SER F 113 -52.83 21.31 -36.31
C SER F 113 -53.77 21.86 -37.39
N ILE F 114 -53.53 23.11 -37.77
CA ILE F 114 -54.34 23.77 -38.79
C ILE F 114 -54.32 23.05 -40.14
N ALA F 115 -53.16 22.52 -40.51
CA ALA F 115 -53.01 21.81 -41.79
C ALA F 115 -53.89 20.59 -41.92
N GLN F 116 -54.46 20.12 -40.81
CA GLN F 116 -55.33 18.95 -40.86
C GLN F 116 -56.68 19.34 -41.46
N GLY F 117 -56.92 20.64 -41.58
CA GLY F 117 -58.15 21.14 -42.18
C GLY F 117 -59.44 21.12 -41.38
N ALA F 118 -59.34 21.36 -40.07
CA ALA F 118 -60.53 21.36 -39.23
C ALA F 118 -60.61 22.62 -38.37
N SER F 119 -59.74 23.59 -38.66
CA SER F 119 -59.68 24.82 -37.87
C SER F 119 -60.34 26.06 -38.47
N GLY F 120 -60.59 26.05 -39.77
CA GLY F 120 -61.22 27.19 -40.42
C GLY F 120 -60.30 28.37 -40.72
N ALA F 121 -59.01 28.19 -40.47
CA ALA F 121 -58.03 29.27 -40.71
C ALA F 121 -58.03 29.74 -42.16
N SER F 122 -57.95 31.05 -42.35
CA SER F 122 -57.92 31.62 -43.70
C SER F 122 -56.54 31.43 -44.32
N GLU F 123 -56.45 31.54 -45.64
CA GLU F 123 -55.19 31.39 -46.33
C GLU F 123 -54.16 32.38 -45.80
N GLY F 124 -54.62 33.60 -45.53
CA GLY F 124 -53.73 34.63 -45.03
C GLY F 124 -53.16 34.28 -43.67
N THR F 125 -54.01 33.76 -42.78
CA THR F 125 -53.56 33.40 -41.44
C THR F 125 -52.49 32.31 -41.53
N ILE F 126 -52.75 31.31 -42.37
CA ILE F 126 -51.79 30.22 -42.55
C ILE F 126 -50.49 30.79 -43.12
N ALA F 127 -50.60 31.74 -44.04
CA ALA F 127 -49.41 32.34 -44.65
C ALA F 127 -48.56 33.08 -43.62
N ARG F 128 -49.21 33.70 -42.64
CA ARG F 128 -48.47 34.43 -41.61
C ARG F 128 -47.61 33.46 -40.78
N LEU F 129 -48.15 32.28 -40.50
CA LEU F 129 -47.41 31.30 -39.72
C LEU F 129 -46.25 30.75 -40.53
N ILE F 130 -46.52 30.38 -41.78
CA ILE F 130 -45.48 29.85 -42.65
C ILE F 130 -44.38 30.89 -42.87
N ASP F 131 -44.78 32.15 -43.12
CA ASP F 131 -43.78 33.20 -43.32
C ASP F 131 -42.86 33.35 -42.12
N LEU F 132 -43.43 33.32 -40.91
CA LEU F 132 -42.64 33.45 -39.70
C LEU F 132 -41.61 32.34 -39.64
N LEU F 133 -42.04 31.11 -39.90
CA LEU F 133 -41.14 29.97 -39.86
C LEU F 133 -40.05 30.03 -40.93
N ASN F 134 -40.34 30.64 -42.06
CA ASN F 134 -39.33 30.73 -43.10
C ASN F 134 -38.40 31.93 -42.91
N SER F 135 -38.78 32.85 -42.03
CA SER F 135 -37.95 34.02 -41.72
C SER F 135 -36.91 33.58 -40.69
N GLU F 136 -36.07 34.52 -40.26
CA GLU F 136 -35.04 34.22 -39.27
C GLU F 136 -35.51 34.69 -37.89
N LEU F 137 -36.79 35.01 -37.77
CA LEU F 137 -37.34 35.51 -36.53
C LEU F 137 -38.28 34.58 -35.76
N ALA F 138 -38.57 34.98 -34.54
CA ALA F 138 -39.49 34.22 -33.68
C ALA F 138 -40.28 35.26 -32.89
N PRO F 139 -41.52 34.94 -32.50
CA PRO F 139 -42.29 35.91 -31.73
C PRO F 139 -41.71 35.90 -30.31
N ALA F 140 -41.75 37.03 -29.62
CA ALA F 140 -41.25 37.11 -28.24
C ALA F 140 -42.47 36.90 -27.35
N VAL F 141 -42.56 35.72 -26.75
CA VAL F 141 -43.70 35.38 -25.90
C VAL F 141 -43.30 35.00 -24.48
N PRO F 142 -43.99 35.57 -23.48
CA PRO F 142 -43.67 35.23 -22.08
C PRO F 142 -43.87 33.73 -21.85
N SER F 143 -43.01 33.14 -21.02
CA SER F 143 -43.08 31.71 -20.75
C SER F 143 -44.13 31.25 -19.75
N ARG F 144 -44.53 32.14 -18.83
CA ARG F 144 -45.51 31.77 -17.82
C ARG F 144 -46.89 32.39 -17.99
N GLY F 145 -47.90 31.71 -17.45
CA GLY F 145 -49.25 32.22 -17.53
C GLY F 145 -50.34 31.22 -17.87
N THR F 146 -49.99 30.17 -18.60
CA THR F 146 -50.99 29.18 -18.99
C THR F 146 -51.04 27.95 -18.09
N VAL F 147 -52.22 27.35 -17.98
CA VAL F 147 -52.40 26.14 -17.19
C VAL F 147 -52.51 24.94 -18.13
N GLY F 148 -52.22 25.18 -19.41
CA GLY F 148 -52.27 24.12 -20.41
C GLY F 148 -53.62 23.52 -20.70
N ASP F 150 -52.98 26.15 -24.33
CA ASP F 150 -51.94 27.17 -24.18
C ASP F 150 -52.36 28.54 -24.72
N LEU F 151 -53.48 29.03 -24.22
CA LEU F 151 -54.03 30.28 -24.70
C LEU F 151 -53.21 31.55 -24.47
N THR F 152 -52.63 31.70 -23.29
CA THR F 152 -51.86 32.90 -23.01
C THR F 152 -50.66 33.11 -23.94
N PRO F 153 -49.77 32.11 -24.07
CA PRO F 153 -48.64 32.34 -24.97
C PRO F 153 -49.05 32.52 -26.43
N LEU F 154 -50.12 31.86 -26.85
CA LEU F 154 -50.59 31.99 -28.22
C LEU F 154 -51.22 33.37 -28.44
N ALA F 155 -51.82 33.93 -27.40
CA ALA F 155 -52.42 35.27 -27.53
C ALA F 155 -51.28 36.26 -27.76
N HIS F 156 -50.19 36.09 -27.01
CA HIS F 156 -49.03 36.96 -27.16
C HIS F 156 -48.45 36.79 -28.57
N MET F 157 -48.47 35.56 -29.09
CA MET F 157 -47.97 35.29 -30.43
C MET F 157 -48.79 36.09 -31.45
N VAL F 158 -50.12 36.08 -31.27
CA VAL F 158 -50.99 36.81 -32.17
C VAL F 158 -50.63 38.30 -32.16
N LEU F 159 -50.43 38.86 -30.99
CA LEU F 159 -50.07 40.28 -30.90
C LEU F 159 -48.77 40.55 -31.65
N CYS F 160 -47.79 39.67 -31.49
CA CYS F 160 -46.51 39.84 -32.18
C CYS F 160 -46.68 39.81 -33.70
N LEU F 161 -47.46 38.85 -34.18
CA LEU F 161 -47.71 38.72 -35.62
C LEU F 161 -48.50 39.87 -36.21
N GLN F 162 -49.19 40.62 -35.36
CA GLN F 162 -49.94 41.78 -35.83
C GLN F 162 -49.03 43.00 -35.77
N GLY F 163 -47.81 42.80 -35.26
CA GLY F 163 -46.86 43.89 -35.14
C GLY F 163 -47.05 44.66 -33.84
N ARG F 164 -47.80 44.08 -32.91
CA ARG F 164 -48.08 44.70 -31.62
C ARG F 164 -47.32 44.02 -30.48
N GLY F 165 -46.28 43.28 -30.84
CA GLY F 165 -45.47 42.58 -29.86
C GLY F 165 -44.07 42.44 -30.43
N ASP F 166 -43.10 42.19 -29.57
CA ASP F 166 -41.71 42.06 -30.01
C ASP F 166 -41.41 40.74 -30.71
N PHE F 167 -40.30 40.74 -31.45
CA PHE F 167 -39.82 39.56 -32.14
C PHE F 167 -38.42 39.30 -31.59
N LEU F 168 -37.90 38.10 -31.84
CA LEU F 168 -36.56 37.75 -31.40
C LEU F 168 -35.73 37.33 -32.61
N ASP F 169 -34.45 37.71 -32.63
CA ASP F 169 -33.59 37.25 -33.71
C ASP F 169 -32.98 35.96 -33.15
N ARG F 170 -32.21 35.25 -33.96
CA ARG F 170 -31.61 33.99 -33.52
C ARG F 170 -30.81 34.08 -32.22
N ASP F 171 -30.24 35.24 -31.93
CA ASP F 171 -29.43 35.40 -30.71
C ASP F 171 -30.24 35.80 -29.49
N GLY F 172 -31.54 35.96 -29.66
CA GLY F 172 -32.38 36.34 -28.53
C GLY F 172 -32.57 37.85 -28.40
N THR F 173 -32.00 38.60 -29.35
CA THR F 173 -32.10 40.05 -29.35
C THR F 173 -33.55 40.44 -29.66
N ARG F 174 -34.08 41.34 -28.84
CA ARG F 174 -35.45 41.81 -29.01
C ARG F 174 -35.59 42.91 -30.07
N LEU F 175 -36.63 42.78 -30.89
CA LEU F 175 -36.93 43.74 -31.95
C LEU F 175 -38.38 44.15 -31.74
N ASP F 176 -38.73 45.41 -31.95
CA ASP F 176 -40.13 45.78 -31.76
C ASP F 176 -40.97 45.26 -32.92
N GLY F 177 -42.27 45.24 -32.73
CA GLY F 177 -43.18 44.74 -33.76
C GLY F 177 -42.94 45.21 -35.18
N ALA F 178 -42.88 46.53 -35.36
CA ALA F 178 -42.67 47.11 -36.69
C ALA F 178 -41.37 46.65 -37.33
N GLU F 179 -40.30 46.63 -36.54
CA GLU F 179 -38.99 46.20 -37.02
C GLU F 179 -39.00 44.74 -37.41
N GLY F 180 -39.69 43.92 -36.64
CA GLY F 180 -39.76 42.49 -36.94
C GLY F 180 -40.44 42.25 -38.28
N LEU F 181 -41.58 42.90 -38.50
CA LEU F 181 -42.31 42.72 -39.75
C LEU F 181 -41.43 43.18 -40.90
N ARG F 182 -40.73 44.28 -40.70
CA ARG F 182 -39.84 44.84 -41.71
C ARG F 182 -38.67 43.91 -42.01
N ARG F 183 -37.90 43.58 -40.97
CA ARG F 183 -36.73 42.72 -41.12
C ARG F 183 -37.02 41.34 -41.71
N GLY F 184 -38.11 40.72 -41.28
CA GLY F 184 -38.43 39.40 -41.80
C GLY F 184 -39.28 39.40 -43.06
N ARG F 185 -39.60 40.58 -43.56
CA ARG F 185 -40.45 40.75 -44.75
C ARG F 185 -41.74 39.95 -44.50
N LEU F 186 -42.44 40.35 -43.45
CA LEU F 186 -43.69 39.73 -43.03
C LEU F 186 -44.84 40.72 -43.17
N GLN F 187 -46.04 40.18 -43.34
CA GLN F 187 -47.24 41.00 -43.45
C GLN F 187 -47.92 40.94 -42.09
N PRO F 188 -48.59 42.03 -41.69
CA PRO F 188 -49.25 41.98 -40.38
C PRO F 188 -50.46 41.05 -40.42
N LEU F 189 -50.62 40.26 -39.37
CA LEU F 189 -51.72 39.32 -39.27
C LEU F 189 -53.07 40.05 -39.24
N ASP F 190 -53.98 39.63 -40.11
CA ASP F 190 -55.32 40.21 -40.22
C ASP F 190 -56.35 39.13 -39.91
N LEU F 191 -57.11 39.31 -38.84
CA LEU F 191 -58.11 38.33 -38.43
C LEU F 191 -59.54 38.69 -38.83
N SER F 192 -59.70 39.44 -39.93
CA SER F 192 -61.01 39.85 -40.39
C SER F 192 -61.96 38.68 -40.72
N HIS F 193 -61.41 37.51 -41.01
CA HIS F 193 -62.24 36.36 -41.34
C HIS F 193 -62.85 35.71 -40.09
N ARG F 194 -62.53 36.27 -38.92
CA ARG F 194 -63.04 35.77 -37.66
C ARG F 194 -62.47 34.38 -37.34
N ASP F 195 -61.22 34.18 -37.72
CA ASP F 195 -60.54 32.91 -37.49
C ASP F 195 -59.50 32.97 -36.38
N ALA F 196 -59.73 33.85 -35.41
CA ALA F 196 -58.82 34.02 -34.29
C ALA F 196 -58.67 32.74 -33.46
N LEU F 197 -59.72 31.93 -33.37
CA LEU F 197 -59.64 30.71 -32.59
C LEU F 197 -58.76 29.65 -33.24
N ALA F 198 -58.39 29.85 -34.50
CA ALA F 198 -57.50 28.90 -35.16
C ALA F 198 -56.09 29.15 -34.66
N LEU F 199 -55.84 30.33 -34.12
CA LEU F 199 -54.52 30.70 -33.61
C LEU F 199 -54.40 30.62 -32.10
N VAL F 200 -55.48 30.92 -31.40
CA VAL F 200 -55.48 30.86 -29.94
C VAL F 200 -56.23 29.59 -29.58
N ASN F 201 -55.51 28.47 -29.58
CA ASN F 201 -56.14 27.19 -29.32
C ASN F 201 -55.12 26.08 -29.20
N GLY F 202 -55.56 24.94 -28.68
CA GLY F 202 -54.70 23.79 -28.59
C GLY F 202 -53.56 23.76 -27.59
N THR F 203 -52.65 22.84 -27.82
CA THR F 203 -51.51 22.61 -26.94
C THR F 203 -50.18 22.96 -27.60
N SER F 204 -50.20 23.97 -28.46
CA SER F 204 -49.02 24.37 -29.22
C SER F 204 -47.76 24.73 -28.45
N ALA F 205 -47.91 25.40 -27.33
CA ALA F 205 -46.73 25.79 -26.55
C ALA F 205 -46.05 24.60 -25.89
N MET F 206 -46.81 23.81 -25.15
CA MET F 206 -46.21 22.66 -24.50
C MET F 206 -45.66 21.69 -25.54
N THR F 207 -46.33 21.58 -26.68
CA THR F 207 -45.86 20.69 -27.73
C THR F 207 -44.55 21.19 -28.34
N GLY F 208 -44.44 22.49 -28.55
CA GLY F 208 -43.21 23.05 -29.09
C GLY F 208 -42.05 22.88 -28.11
N ILE F 209 -42.32 23.15 -26.84
CA ILE F 209 -41.30 23.01 -25.82
C ILE F 209 -40.84 21.54 -25.76
N ALA F 210 -41.80 20.63 -25.81
CA ALA F 210 -41.49 19.21 -25.74
C ALA F 210 -40.73 18.68 -26.95
N LEU F 211 -41.00 19.21 -28.14
CA LEU F 211 -40.28 18.70 -29.30
C LEU F 211 -38.83 19.17 -29.26
N VAL F 212 -38.58 20.33 -28.65
CA VAL F 212 -37.21 20.80 -28.51
C VAL F 212 -36.54 19.92 -27.44
N ASN F 213 -37.29 19.55 -26.40
CA ASN F 213 -36.75 18.68 -25.35
C ASN F 213 -36.35 17.34 -25.97
N ALA F 214 -37.21 16.81 -26.84
CA ALA F 214 -36.94 15.51 -27.46
C ALA F 214 -35.64 15.52 -28.24
N HIS F 215 -35.42 16.59 -29.00
CA HIS F 215 -34.20 16.71 -29.81
C HIS F 215 -32.96 16.79 -28.91
N ALA F 216 -33.03 17.63 -27.87
CA ALA F 216 -31.91 17.79 -26.96
C ALA F 216 -31.58 16.47 -26.27
N CYS F 217 -32.61 15.75 -25.83
CA CYS F 217 -32.36 14.48 -25.15
C CYS F 217 -31.70 13.43 -26.04
N ARG F 218 -31.97 13.48 -27.35
CA ARG F 218 -31.32 12.50 -28.23
C ARG F 218 -29.82 12.76 -28.21
N HIS F 219 -29.43 14.03 -28.33
CA HIS F 219 -28.02 14.37 -28.31
C HIS F 219 -27.36 14.08 -26.97
N LEU F 220 -28.03 14.46 -25.87
CA LEU F 220 -27.45 14.21 -24.57
C LEU F 220 -27.32 12.72 -24.31
N GLY F 221 -28.27 11.94 -24.81
CA GLY F 221 -28.20 10.49 -24.64
C GLY F 221 -26.99 9.94 -25.38
N ASN F 222 -26.68 10.51 -26.54
CA ASN F 222 -25.52 10.06 -27.30
C ASN F 222 -24.25 10.39 -26.51
N TRP F 223 -24.24 11.55 -25.87
CA TRP F 223 -23.09 11.92 -25.06
C TRP F 223 -23.00 11.04 -23.82
N ALA F 224 -24.13 10.71 -23.21
CA ALA F 224 -24.11 9.86 -22.03
C ALA F 224 -23.47 8.52 -22.37
N VAL F 225 -23.82 7.98 -23.54
CA VAL F 225 -23.26 6.70 -24.00
C VAL F 225 -21.76 6.86 -24.31
N ALA F 226 -21.42 7.88 -25.08
CA ALA F 226 -20.03 8.08 -25.46
C ALA F 226 -19.11 8.31 -24.26
N LEU F 227 -19.60 9.03 -23.26
CA LEU F 227 -18.77 9.29 -22.09
C LEU F 227 -18.68 8.07 -21.17
N THR F 228 -19.73 7.26 -21.12
CA THR F 228 -19.69 6.05 -20.30
C THR F 228 -18.62 5.15 -20.92
N ALA F 229 -18.59 5.11 -22.25
CA ALA F 229 -17.61 4.29 -22.96
C ALA F 229 -16.19 4.78 -22.71
N LEU F 230 -15.99 6.09 -22.79
CA LEU F 230 -14.66 6.65 -22.56
C LEU F 230 -14.25 6.42 -21.10
N LEU F 231 -15.24 6.43 -20.20
CA LEU F 231 -14.97 6.19 -18.78
C LEU F 231 -14.39 4.78 -18.63
N ALA F 232 -14.96 3.83 -19.38
CA ALA F 232 -14.49 2.44 -19.34
C ALA F 232 -13.03 2.36 -19.82
N GLU F 233 -12.70 3.16 -20.83
CA GLU F 233 -11.34 3.16 -21.36
C GLU F 233 -10.35 3.81 -20.40
N CYS F 234 -10.85 4.59 -19.45
CA CYS F 234 -9.99 5.25 -18.47
C CYS F 234 -9.86 4.48 -17.16
N LEU F 235 -10.79 3.57 -16.91
CA LEU F 235 -10.78 2.79 -15.66
C LEU F 235 -10.71 1.29 -15.88
N ARG F 236 -10.20 0.87 -17.03
CA ARG F 236 -10.10 -0.56 -17.36
C ARG F 236 -11.44 -1.27 -17.15
N GLY F 237 -12.50 -0.66 -17.67
CA GLY F 237 -13.82 -1.24 -17.53
C GLY F 237 -13.99 -2.56 -18.23
N ARG F 238 -14.88 -3.40 -17.70
CA ARG F 238 -15.14 -4.71 -18.25
C ARG F 238 -16.29 -4.70 -19.25
N THR F 239 -15.99 -5.02 -20.50
CA THR F 239 -17.00 -5.03 -21.55
C THR F 239 -17.97 -6.20 -21.50
N GLU F 240 -17.66 -7.24 -20.75
CA GLU F 240 -18.59 -8.38 -20.73
C GLU F 240 -19.94 -7.99 -20.17
N ALA F 241 -19.98 -6.94 -19.34
CA ALA F 241 -21.24 -6.48 -18.76
C ALA F 241 -22.15 -5.88 -19.84
N TRP F 242 -21.55 -5.50 -20.97
CA TRP F 242 -22.30 -4.89 -22.04
C TRP F 242 -22.60 -5.87 -23.17
N ALA F 243 -22.40 -7.16 -22.91
CA ALA F 243 -22.64 -8.19 -23.91
C ALA F 243 -24.08 -8.26 -24.42
N ALA F 244 -24.22 -8.53 -25.71
CA ALA F 244 -25.53 -8.64 -26.33
C ALA F 244 -26.34 -9.75 -25.69
N ALA F 245 -25.67 -10.80 -25.23
CA ALA F 245 -26.37 -11.93 -24.62
C ALA F 245 -27.17 -11.51 -23.39
N LEU F 246 -26.68 -10.51 -22.65
CA LEU F 246 -27.39 -10.03 -21.48
C LEU F 246 -28.63 -9.24 -21.90
N SER F 247 -28.54 -8.52 -23.01
CA SER F 247 -29.68 -7.76 -23.52
C SER F 247 -30.79 -8.71 -23.89
N ASP F 248 -30.44 -9.81 -24.56
CA ASP F 248 -31.43 -10.78 -24.99
C ASP F 248 -32.14 -11.43 -23.81
N LEU F 249 -31.46 -11.58 -22.69
CA LEU F 249 -32.07 -12.19 -21.51
C LEU F 249 -33.09 -11.27 -20.83
N ARG F 250 -32.93 -9.95 -21.02
CA ARG F 250 -33.84 -8.96 -20.44
C ARG F 250 -34.07 -7.97 -21.58
N PRO F 251 -34.85 -8.40 -22.59
CA PRO F 251 -35.18 -7.64 -23.80
C PRO F 251 -35.87 -6.30 -23.85
N HIS F 252 -35.49 -5.38 -22.97
CA HIS F 252 -36.06 -4.03 -23.03
C HIS F 252 -35.37 -3.37 -24.23
N PRO F 253 -36.14 -2.81 -25.18
CA PRO F 253 -35.54 -2.17 -26.36
C PRO F 253 -34.45 -1.13 -26.06
N GLY F 254 -34.73 -0.26 -25.11
CA GLY F 254 -33.78 0.78 -24.75
C GLY F 254 -32.47 0.23 -24.21
N GLN F 255 -32.55 -0.85 -23.45
CA GLN F 255 -31.36 -1.47 -22.87
C GLN F 255 -30.53 -2.14 -23.95
N LYS F 256 -31.20 -2.82 -24.88
CA LYS F 256 -30.49 -3.50 -25.96
C LYS F 256 -29.74 -2.47 -26.79
N ASP F 257 -30.41 -1.36 -27.06
CA ASP F 257 -29.83 -0.28 -27.85
C ASP F 257 -28.64 0.35 -27.11
N ALA F 258 -28.80 0.62 -25.82
CA ALA F 258 -27.73 1.23 -25.04
C ALA F 258 -26.49 0.34 -25.03
N ALA F 259 -26.69 -0.96 -24.79
CA ALA F 259 -25.58 -1.91 -24.76
C ALA F 259 -24.88 -1.98 -26.11
N ALA F 260 -25.64 -2.05 -27.20
CA ALA F 260 -25.05 -2.12 -28.53
C ALA F 260 -24.24 -0.86 -28.84
N ARG F 261 -24.77 0.29 -28.43
CA ARG F 261 -24.09 1.56 -28.67
C ARG F 261 -22.82 1.66 -27.84
N LEU F 262 -22.85 1.14 -26.62
CA LEU F 262 -21.67 1.16 -25.76
C LEU F 262 -20.58 0.28 -26.37
N ARG F 263 -20.95 -0.91 -26.82
CA ARG F 263 -19.98 -1.83 -27.44
C ARG F 263 -19.34 -1.17 -28.66
N ALA F 264 -20.15 -0.52 -29.48
CA ALA F 264 -19.64 0.15 -30.68
C ALA F 264 -18.61 1.23 -30.32
N ARG F 265 -18.90 2.00 -29.27
CA ARG F 265 -18.00 3.08 -28.88
C ARG F 265 -16.61 2.57 -28.50
N VAL F 266 -16.53 1.43 -27.82
CA VAL F 266 -15.23 0.91 -27.41
C VAL F 266 -14.61 -0.09 -28.37
N ASP F 267 -15.22 -0.26 -29.54
CA ASP F 267 -14.66 -1.18 -30.53
C ASP F 267 -13.26 -0.67 -30.87
N GLY F 268 -12.29 -1.56 -30.87
CA GLY F 268 -10.93 -1.17 -31.20
C GLY F 268 -10.09 -0.72 -30.01
N SER F 269 -10.71 -0.59 -28.84
CA SER F 269 -9.98 -0.17 -27.66
C SER F 269 -9.12 -1.28 -27.10
N ALA F 270 -7.93 -0.93 -26.63
CA ALA F 270 -7.03 -1.88 -26.01
C ALA F 270 -6.97 -1.53 -24.52
N ARG F 271 -7.81 -0.58 -24.12
CA ARG F 271 -7.84 -0.11 -22.73
C ARG F 271 -8.91 -0.77 -21.85
N VAL F 272 -9.90 -1.38 -22.47
CA VAL F 272 -10.96 -2.06 -21.71
C VAL F 272 -10.57 -3.52 -21.50
N VAL F 273 -11.21 -4.17 -20.54
CA VAL F 273 -10.97 -5.57 -20.24
C VAL F 273 -12.08 -6.35 -20.93
N ARG F 274 -11.72 -7.23 -21.86
CA ARG F 274 -12.71 -7.98 -22.61
C ARG F 274 -12.90 -9.44 -22.20
N HIS F 275 -12.08 -9.93 -21.27
CA HIS F 275 -12.19 -11.32 -20.85
C HIS F 275 -13.48 -11.60 -20.10
N VAL F 276 -14.05 -12.78 -20.33
CA VAL F 276 -15.26 -13.23 -19.64
C VAL F 276 -14.68 -13.95 -18.44
N ILE F 277 -14.92 -13.43 -17.23
CA ILE F 277 -14.32 -14.04 -16.05
C ILE F 277 -14.65 -15.51 -15.81
N ALA F 278 -15.87 -15.92 -16.15
CA ALA F 278 -16.28 -17.31 -15.97
C ALA F 278 -15.50 -18.31 -16.81
N GLU F 279 -14.72 -17.82 -17.77
CA GLU F 279 -13.92 -18.70 -18.60
C GLU F 279 -12.78 -19.29 -17.78
N ARG F 280 -12.30 -18.51 -16.82
CA ARG F 280 -11.19 -18.90 -15.97
C ARG F 280 -11.51 -20.05 -15.02
N ARG F 281 -10.65 -21.07 -15.03
CA ARG F 281 -10.80 -22.23 -14.15
C ARG F 281 -9.85 -22.02 -12.98
N LEU F 282 -10.38 -21.97 -11.77
CA LEU F 282 -9.57 -21.74 -10.59
C LEU F 282 -9.00 -23.03 -10.01
N ASP F 283 -7.83 -22.90 -9.37
CA ASP F 283 -7.19 -24.03 -8.72
C ASP F 283 -6.81 -23.60 -7.31
N ALA F 284 -6.24 -24.51 -6.53
CA ALA F 284 -5.85 -24.22 -5.16
C ALA F 284 -5.02 -22.95 -4.99
N GLY F 285 -4.07 -22.73 -5.89
CA GLY F 285 -3.23 -21.55 -5.80
C GLY F 285 -3.89 -20.21 -6.05
N ASP F 286 -5.13 -20.24 -6.56
CA ASP F 286 -5.83 -18.99 -6.86
C ASP F 286 -6.67 -18.46 -5.71
N ILE F 287 -6.96 -19.30 -4.73
CA ILE F 287 -7.77 -18.87 -3.60
C ILE F 287 -7.05 -17.88 -2.71
N GLY F 288 -7.64 -16.69 -2.58
CA GLY F 288 -7.05 -15.64 -1.78
C GLY F 288 -7.72 -14.33 -2.16
N THR F 289 -7.08 -13.22 -1.85
CA THR F 289 -7.65 -11.92 -2.18
C THR F 289 -6.99 -11.32 -3.41
N GLU F 290 -7.80 -11.02 -4.41
CA GLU F 290 -7.30 -10.43 -5.65
C GLU F 290 -7.32 -8.91 -5.54
N PRO F 291 -6.50 -8.22 -6.35
CA PRO F 291 -6.44 -6.76 -6.31
C PRO F 291 -7.79 -6.07 -6.53
N GLU F 292 -8.57 -6.59 -7.46
CA GLU F 292 -9.87 -5.99 -7.75
C GLU F 292 -10.96 -7.05 -7.96
N ALA F 293 -12.21 -6.65 -7.74
CA ALA F 293 -13.34 -7.56 -7.89
C ALA F 293 -13.47 -7.91 -9.38
N GLY F 294 -14.14 -9.02 -9.66
CA GLY F 294 -14.31 -9.46 -11.03
C GLY F 294 -15.35 -8.70 -11.82
N GLN F 295 -16.02 -7.75 -11.17
CA GLN F 295 -17.05 -6.93 -11.83
C GLN F 295 -16.89 -5.47 -11.43
N ASP F 296 -17.27 -4.57 -12.32
CA ASP F 296 -17.18 -3.13 -12.06
C ASP F 296 -18.30 -2.61 -11.17
N ALA F 297 -18.09 -1.41 -10.64
CA ALA F 297 -19.10 -0.75 -9.83
C ALA F 297 -20.27 -0.48 -10.79
N TYR F 298 -21.45 -0.20 -10.25
CA TYR F 298 -22.65 0.00 -11.06
C TYR F 298 -22.62 1.11 -12.12
N SER F 299 -21.87 2.18 -11.88
CA SER F 299 -21.83 3.29 -12.84
C SER F 299 -21.27 2.86 -14.20
N LEU F 300 -20.68 1.67 -14.25
CA LEU F 300 -20.18 1.12 -15.51
C LEU F 300 -20.95 -0.16 -15.82
N ARG F 301 -20.96 -1.09 -14.88
CA ARG F 301 -21.64 -2.37 -15.09
C ARG F 301 -23.13 -2.29 -15.40
N CYS F 302 -23.83 -1.36 -14.77
CA CYS F 302 -25.26 -1.22 -14.98
C CYS F 302 -25.65 -0.09 -15.92
N ALA F 303 -24.69 0.42 -16.68
CA ALA F 303 -24.97 1.50 -17.62
C ALA F 303 -26.07 1.13 -18.64
N PRO F 304 -26.02 -0.09 -19.20
CA PRO F 304 -27.07 -0.45 -20.17
C PRO F 304 -28.47 -0.37 -19.58
N GLN F 305 -28.60 -0.84 -18.34
CA GLN F 305 -29.87 -0.87 -17.64
C GLN F 305 -30.37 0.53 -17.24
N VAL F 306 -29.48 1.37 -16.77
CA VAL F 306 -29.87 2.71 -16.36
C VAL F 306 -30.14 3.56 -17.60
N LEU F 307 -29.18 3.62 -18.51
CA LEU F 307 -29.38 4.39 -19.74
C LEU F 307 -30.58 3.86 -20.52
N GLY F 308 -30.70 2.54 -20.57
CA GLY F 308 -31.80 1.91 -21.30
C GLY F 308 -33.19 2.27 -20.81
N ALA F 309 -33.35 2.39 -19.49
CA ALA F 309 -34.64 2.75 -18.92
C ALA F 309 -34.94 4.19 -19.31
N GLY F 310 -33.89 5.03 -19.32
CA GLY F 310 -34.08 6.41 -19.72
C GLY F 310 -34.46 6.48 -21.20
N PHE F 311 -33.81 5.66 -22.02
CA PHE F 311 -34.11 5.65 -23.45
C PHE F 311 -35.53 5.17 -23.72
N ASP F 312 -36.01 4.20 -22.94
CA ASP F 312 -37.38 3.71 -23.14
C ASP F 312 -38.39 4.78 -22.72
N THR F 313 -38.03 5.61 -21.74
CA THR F 313 -38.92 6.68 -21.31
C THR F 313 -38.99 7.71 -22.44
N LEU F 314 -37.82 8.04 -23.01
CA LEU F 314 -37.78 9.00 -24.11
C LEU F 314 -38.57 8.48 -25.30
N ALA F 315 -38.48 7.18 -25.57
CA ALA F 315 -39.22 6.59 -26.68
C ALA F 315 -40.72 6.74 -26.50
N TRP F 316 -41.19 6.54 -25.27
CA TRP F 316 -42.61 6.67 -24.97
C TRP F 316 -43.00 8.14 -25.16
N HIS F 317 -42.21 9.03 -24.58
CA HIS F 317 -42.43 10.47 -24.70
C HIS F 317 -42.57 10.87 -26.16
N ASP F 318 -41.64 10.40 -27.00
CA ASP F 318 -41.66 10.72 -28.42
C ASP F 318 -42.84 10.12 -29.18
N ARG F 319 -43.30 8.94 -28.78
CA ARG F 319 -44.45 8.33 -29.44
C ARG F 319 -45.69 9.18 -29.19
N VAL F 320 -45.89 9.55 -27.93
CA VAL F 320 -47.04 10.37 -27.53
C VAL F 320 -46.93 11.75 -28.17
N LEU F 321 -45.73 12.33 -28.14
CA LEU F 321 -45.53 13.66 -28.70
C LEU F 321 -45.77 13.69 -30.21
N THR F 322 -45.40 12.63 -30.92
CA THR F 322 -45.60 12.59 -32.36
C THR F 322 -47.10 12.63 -32.67
N ILE F 323 -47.90 11.92 -31.88
CA ILE F 323 -49.34 11.94 -32.09
C ILE F 323 -49.88 13.34 -31.81
N GLU F 324 -49.44 13.93 -30.70
CA GLU F 324 -49.90 15.25 -30.32
C GLU F 324 -49.55 16.32 -31.36
N LEU F 325 -48.32 16.30 -31.86
CA LEU F 325 -47.89 17.27 -32.85
C LEU F 325 -48.74 17.23 -34.12
N ASN F 326 -49.08 16.03 -34.55
CA ASN F 326 -49.85 15.85 -35.78
C ASN F 326 -51.35 15.83 -35.57
N ALA F 327 -51.79 16.13 -34.35
CA ALA F 327 -53.21 16.12 -34.04
C ALA F 327 -53.83 17.49 -34.14
N VAL F 328 -55.16 17.52 -34.01
CA VAL F 328 -55.90 18.76 -34.00
C VAL F 328 -56.34 18.91 -32.55
N THR F 329 -55.74 19.85 -31.84
CA THR F 329 -56.06 20.06 -30.43
C THR F 329 -57.00 21.26 -30.23
N ASP F 330 -57.59 21.71 -31.33
CA ASP F 330 -58.52 22.84 -31.33
C ASP F 330 -59.88 22.55 -30.73
N ASN F 331 -60.52 23.63 -30.29
CA ASN F 331 -61.90 23.61 -29.80
C ASN F 331 -62.43 25.02 -29.99
N PRO F 332 -63.54 25.17 -30.72
CA PRO F 332 -64.27 24.08 -31.37
C PRO F 332 -63.55 23.62 -32.64
N VAL F 333 -64.10 22.61 -33.29
CA VAL F 333 -63.53 22.08 -34.52
C VAL F 333 -64.62 21.95 -35.58
N PHE F 334 -64.22 22.02 -36.84
CA PHE F 334 -65.15 21.93 -37.94
C PHE F 334 -64.86 20.67 -38.74
N PRO F 335 -65.63 19.59 -38.50
CA PRO F 335 -65.47 18.31 -39.19
C PRO F 335 -65.33 18.41 -40.70
N PRO F 336 -64.20 17.93 -41.23
CA PRO F 336 -63.97 17.98 -42.68
C PRO F 336 -65.04 17.22 -43.48
N ASP F 337 -65.69 16.24 -42.86
CA ASP F 337 -66.72 15.46 -43.56
C ASP F 337 -68.06 16.18 -43.63
N GLY F 338 -68.20 17.26 -42.87
CA GLY F 338 -69.44 18.02 -42.87
C GLY F 338 -70.62 17.37 -42.17
N SER F 339 -70.35 16.36 -41.36
CA SER F 339 -71.40 15.66 -40.62
C SER F 339 -72.20 16.63 -39.75
N VAL F 340 -71.49 17.51 -39.05
CA VAL F 340 -72.12 18.52 -38.21
C VAL F 340 -71.38 19.82 -38.47
N PRO F 341 -72.01 20.96 -38.21
CA PRO F 341 -71.36 22.26 -38.44
C PRO F 341 -70.07 22.45 -37.64
N ALA F 342 -70.09 21.97 -36.40
CA ALA F 342 -68.93 22.09 -35.53
C ALA F 342 -69.11 21.18 -34.32
N LEU F 343 -67.99 20.82 -33.70
CA LEU F 343 -68.02 19.97 -32.52
C LEU F 343 -67.36 20.72 -31.37
N HIS F 344 -67.92 20.55 -30.17
CA HIS F 344 -67.38 21.18 -28.98
C HIS F 344 -66.93 20.09 -28.02
N GLY F 345 -65.67 20.17 -27.59
CA GLY F 345 -65.13 19.18 -26.69
C GLY F 345 -63.92 19.70 -25.94
N GLY F 346 -63.00 18.81 -25.60
CA GLY F 346 -61.84 19.24 -24.85
C GLY F 346 -60.48 18.77 -25.32
N ASN F 347 -60.26 18.73 -26.63
CA ASN F 347 -58.99 18.28 -27.18
C ASN F 347 -57.79 19.20 -26.88
N PHE F 348 -58.07 20.31 -26.22
CA PHE F 348 -57.04 21.27 -25.85
C PHE F 348 -56.42 20.90 -24.49
N MET F 349 -56.99 19.91 -23.82
CA MET F 349 -56.49 19.48 -22.50
C MET F 349 -55.17 18.75 -22.69
N GLY F 350 -54.07 19.40 -22.30
CA GLY F 350 -52.76 18.83 -22.50
C GLY F 350 -52.22 17.82 -21.51
N GLN F 351 -53.07 16.91 -21.07
CA GLN F 351 -52.64 15.91 -20.10
C GLN F 351 -51.57 14.96 -20.65
N HIS F 352 -51.61 14.67 -21.94
CA HIS F 352 -50.62 13.75 -22.52
C HIS F 352 -49.20 14.30 -22.46
N VAL F 353 -49.01 15.55 -22.87
CA VAL F 353 -47.68 16.14 -22.82
C VAL F 353 -47.28 16.36 -21.36
N ALA F 354 -48.25 16.66 -20.51
CA ALA F 354 -47.94 16.88 -19.10
C ALA F 354 -47.35 15.63 -18.45
N LEU F 355 -48.01 14.48 -18.65
CA LEU F 355 -47.53 13.24 -18.06
C LEU F 355 -46.23 12.73 -18.68
N THR F 356 -46.07 12.87 -20.00
CA THR F 356 -44.85 12.40 -20.62
C THR F 356 -43.68 13.32 -20.27
N SER F 357 -43.94 14.62 -20.15
CA SER F 357 -42.88 15.56 -19.79
C SER F 357 -42.40 15.27 -18.38
N ASP F 358 -43.34 15.02 -17.46
CA ASP F 358 -42.98 14.71 -16.08
C ASP F 358 -42.17 13.41 -16.01
N ALA F 359 -42.56 12.41 -16.79
CA ALA F 359 -41.85 11.13 -16.79
C ALA F 359 -40.44 11.32 -17.36
N LEU F 360 -40.33 12.08 -18.44
CA LEU F 360 -39.01 12.33 -19.04
C LEU F 360 -38.14 13.11 -18.06
N ALA F 361 -38.74 14.05 -17.33
CA ALA F 361 -37.96 14.84 -16.36
C ALA F 361 -37.33 13.92 -15.32
N THR F 362 -38.08 12.94 -14.86
CA THR F 362 -37.57 12.00 -13.87
C THR F 362 -36.42 11.20 -14.48
N ALA F 363 -36.59 10.73 -15.71
CA ALA F 363 -35.56 9.96 -16.38
C ALA F 363 -34.29 10.78 -16.56
N VAL F 364 -34.45 12.05 -16.93
CA VAL F 364 -33.31 12.94 -17.12
C VAL F 364 -32.56 13.11 -15.79
N THR F 365 -33.31 13.24 -14.70
CA THR F 365 -32.68 13.41 -13.39
C THR F 365 -31.90 12.15 -13.02
N VAL F 366 -32.46 10.99 -13.35
CA VAL F 366 -31.81 9.71 -13.07
C VAL F 366 -30.51 9.58 -13.88
N LEU F 367 -30.57 9.91 -15.16
CA LEU F 367 -29.38 9.80 -16.00
C LEU F 367 -28.32 10.84 -15.62
N ALA F 368 -28.75 12.03 -15.20
CA ALA F 368 -27.81 13.06 -14.76
C ALA F 368 -27.11 12.55 -13.50
N GLY F 369 -27.84 11.79 -12.68
CA GLY F 369 -27.29 11.24 -11.47
C GLY F 369 -26.18 10.26 -11.80
N LEU F 370 -26.40 9.46 -12.82
CA LEU F 370 -25.41 8.50 -13.28
C LEU F 370 -24.14 9.24 -13.71
N ALA F 371 -24.29 10.28 -14.52
CA ALA F 371 -23.13 11.04 -14.97
C ALA F 371 -22.39 11.68 -13.78
N GLU F 372 -23.15 12.18 -12.81
CA GLU F 372 -22.55 12.82 -11.65
C GLU F 372 -21.73 11.80 -10.85
N ARG F 373 -22.24 10.57 -10.72
CA ARG F 373 -21.50 9.55 -9.99
C ARG F 373 -20.28 9.08 -10.79
N GLN F 374 -20.36 9.14 -12.12
CA GLN F 374 -19.22 8.75 -12.94
C GLN F 374 -18.10 9.77 -12.71
N ILE F 375 -18.47 11.04 -12.58
CA ILE F 375 -17.47 12.09 -12.30
C ILE F 375 -16.87 11.85 -10.91
N ALA F 376 -17.74 11.56 -9.94
CA ALA F 376 -17.30 11.32 -8.57
C ALA F 376 -16.31 10.16 -8.45
N ARG F 377 -16.48 9.14 -9.28
CA ARG F 377 -15.59 7.98 -9.25
C ARG F 377 -14.28 8.30 -9.95
N LEU F 378 -14.38 8.87 -11.14
CA LEU F 378 -13.21 9.21 -11.94
C LEU F 378 -12.22 10.15 -11.27
N THR F 379 -12.74 11.08 -10.47
CA THR F 379 -11.90 12.07 -9.81
C THR F 379 -11.40 11.70 -8.42
N ASP F 380 -11.86 10.57 -7.89
CA ASP F 380 -11.49 10.11 -6.55
C ASP F 380 -10.26 9.21 -6.62
N GLU F 381 -9.14 9.68 -6.08
CA GLU F 381 -7.90 8.90 -6.13
C GLU F 381 -7.99 7.51 -5.50
N ARG F 382 -8.96 7.31 -4.62
CA ARG F 382 -9.13 6.00 -3.98
C ARG F 382 -9.94 5.06 -4.87
N LEU F 383 -10.66 5.62 -5.84
CA LEU F 383 -11.49 4.80 -6.72
C LEU F 383 -11.10 4.81 -8.20
N ASN F 384 -10.25 5.74 -8.61
CA ASN F 384 -9.90 5.85 -10.02
C ASN F 384 -8.70 5.04 -10.52
N ARG F 385 -8.35 4.01 -9.78
CA ARG F 385 -7.27 3.10 -10.17
C ARG F 385 -5.94 3.72 -10.62
N GLY F 386 -5.36 4.55 -9.77
CA GLY F 386 -4.07 5.12 -10.09
C GLY F 386 -3.99 6.50 -10.73
N LEU F 387 -5.12 7.12 -11.03
CA LEU F 387 -5.10 8.45 -11.63
C LEU F 387 -4.90 9.51 -10.55
N PRO F 388 -4.38 10.70 -10.93
CA PRO F 388 -4.17 11.76 -9.95
C PRO F 388 -5.46 12.21 -9.30
N PRO F 389 -5.41 12.64 -8.03
CA PRO F 389 -6.65 13.08 -7.38
C PRO F 389 -7.23 14.27 -8.15
N PHE F 390 -8.50 14.16 -8.51
CA PHE F 390 -9.20 15.19 -9.26
C PHE F 390 -8.55 15.50 -10.61
N LEU F 391 -7.78 14.53 -11.10
CA LEU F 391 -7.13 14.60 -12.40
C LEU F 391 -6.26 15.84 -12.60
N HIS F 392 -5.62 16.29 -11.54
CA HIS F 392 -4.77 17.48 -11.64
C HIS F 392 -3.46 17.18 -12.34
N ARG F 393 -2.81 18.25 -12.78
CA ARG F 393 -1.51 18.17 -13.40
C ARG F 393 -0.71 19.19 -12.59
N GLY F 394 0.61 19.11 -12.66
CA GLY F 394 1.42 20.01 -11.86
C GLY F 394 1.48 19.43 -10.46
N PRO F 395 2.23 20.04 -9.53
CA PRO F 395 2.33 19.53 -8.15
C PRO F 395 0.97 19.43 -7.45
N ALA F 396 0.72 18.29 -6.81
CA ALA F 396 -0.53 18.09 -6.09
C ALA F 396 -0.56 19.06 -4.92
N GLY F 397 -1.75 19.53 -4.55
CA GLY F 397 -1.86 20.46 -3.44
C GLY F 397 -1.80 21.87 -4.01
N LEU F 398 -0.70 22.19 -4.70
CA LEU F 398 -0.57 23.50 -5.32
C LEU F 398 -1.61 23.54 -6.44
N ASN F 399 -1.98 22.36 -6.93
CA ASN F 399 -2.98 22.23 -7.98
C ASN F 399 -4.05 21.25 -7.52
N SER F 400 -5.31 21.58 -7.81
CA SER F 400 -6.42 20.73 -7.42
C SER F 400 -7.20 20.20 -8.62
N GLY F 401 -6.78 20.58 -9.82
CA GLY F 401 -7.44 20.11 -11.02
C GLY F 401 -8.94 20.39 -11.12
N PHE F 402 -9.72 19.32 -11.26
CA PHE F 402 -11.18 19.42 -11.39
C PHE F 402 -11.92 19.30 -10.06
N MET F 403 -11.23 19.54 -8.95
CA MET F 403 -11.87 19.42 -7.64
C MET F 403 -13.10 20.32 -7.51
N GLY F 404 -13.00 21.54 -8.01
CA GLY F 404 -14.12 22.47 -7.93
C GLY F 404 -15.24 22.06 -8.87
N ALA F 405 -14.89 21.69 -10.10
CA ALA F 405 -15.88 21.28 -11.09
C ALA F 405 -16.67 20.05 -10.65
N GLN F 406 -16.01 19.15 -9.92
CA GLN F 406 -16.68 17.94 -9.45
C GLN F 406 -17.80 18.33 -8.48
N VAL F 407 -17.51 19.27 -7.58
CA VAL F 407 -18.52 19.71 -6.63
C VAL F 407 -19.63 20.46 -7.36
N THR F 408 -19.28 21.21 -8.39
CA THR F 408 -20.28 21.94 -9.16
C THR F 408 -21.28 20.96 -9.77
N ALA F 409 -20.79 19.82 -10.27
CA ALA F 409 -21.66 18.81 -10.87
C ALA F 409 -22.66 18.31 -9.81
N THR F 410 -22.19 18.08 -8.60
CA THR F 410 -23.06 17.60 -7.53
C THR F 410 -24.11 18.65 -7.21
N ALA F 411 -23.70 19.91 -7.18
CA ALA F 411 -24.61 21.01 -6.89
C ALA F 411 -25.71 21.11 -7.95
N LEU F 412 -25.34 20.94 -9.22
CA LEU F 412 -26.32 21.01 -10.30
C LEU F 412 -27.34 19.88 -10.17
N LEU F 413 -26.85 18.68 -9.85
CA LEU F 413 -27.75 17.54 -9.70
C LEU F 413 -28.68 17.74 -8.50
N ALA F 414 -28.14 18.22 -7.38
CA ALA F 414 -28.96 18.43 -6.20
C ALA F 414 -30.08 19.40 -6.52
N GLU F 415 -29.78 20.44 -7.29
CA GLU F 415 -30.80 21.40 -7.66
C GLU F 415 -31.90 20.75 -8.50
N MET F 416 -31.50 19.92 -9.46
CA MET F 416 -32.45 19.21 -10.32
C MET F 416 -33.46 18.42 -9.48
N ARG F 417 -32.95 17.75 -8.45
CA ARG F 417 -33.79 16.91 -7.59
C ARG F 417 -34.85 17.65 -6.80
N ALA F 418 -34.64 18.94 -6.57
CA ALA F 418 -35.58 19.73 -5.79
C ALA F 418 -36.91 19.97 -6.47
N THR F 419 -36.96 19.82 -7.79
CA THR F 419 -38.20 20.05 -8.52
C THR F 419 -38.80 18.74 -9.00
N GLY F 420 -40.08 18.53 -8.69
CA GLY F 420 -40.75 17.32 -9.10
C GLY F 420 -41.77 17.50 -10.20
N PRO F 421 -42.65 16.53 -10.42
CA PRO F 421 -43.69 16.58 -11.46
C PRO F 421 -44.59 17.80 -11.33
N ALA F 422 -44.96 18.40 -12.47
CA ALA F 422 -45.85 19.55 -12.43
C ALA F 422 -47.31 19.11 -12.47
N SER F 423 -47.58 17.99 -13.12
CA SER F 423 -48.93 17.46 -13.31
C SER F 423 -49.81 17.24 -12.09
N ILE F 424 -49.22 16.96 -10.94
CA ILE F 424 -50.01 16.69 -9.75
C ILE F 424 -50.55 17.93 -9.05
N HIS F 425 -50.27 19.11 -9.58
CA HIS F 425 -50.71 20.34 -8.94
C HIS F 425 -51.91 21.04 -9.53
N SER F 426 -52.81 20.27 -10.15
CA SER F 426 -54.00 20.86 -10.73
C SER F 426 -54.82 21.59 -9.65
N ILE F 427 -55.29 22.78 -9.98
CA ILE F 427 -56.09 23.61 -9.09
C ILE F 427 -57.29 24.11 -9.89
N SER F 428 -58.48 23.99 -9.32
CA SER F 428 -59.70 24.45 -9.99
C SER F 428 -59.62 25.96 -10.18
N THR F 429 -59.87 26.41 -11.40
CA THR F 429 -59.78 27.84 -11.69
C THR F 429 -60.83 28.26 -12.72
N ASN F 430 -60.80 29.53 -13.13
CA ASN F 430 -61.78 30.04 -14.11
C ASN F 430 -63.20 29.88 -13.55
N ALA F 431 -63.41 30.37 -12.32
CA ALA F 431 -64.71 30.28 -11.66
C ALA F 431 -65.22 28.83 -11.62
N ALA F 432 -64.28 27.91 -11.40
CA ALA F 432 -64.52 26.47 -11.32
C ALA F 432 -64.87 25.79 -12.64
N ASN F 433 -64.90 26.55 -13.74
CA ASN F 433 -65.20 25.98 -15.05
C ASN F 433 -64.04 25.08 -15.47
N GLN F 434 -62.82 25.51 -15.19
CA GLN F 434 -61.65 24.70 -15.51
C GLN F 434 -61.31 24.03 -14.19
N ASP F 435 -62.16 23.12 -13.73
CA ASP F 435 -61.91 22.49 -12.44
C ASP F 435 -60.74 21.51 -12.39
N VAL F 436 -60.25 21.11 -13.56
CA VAL F 436 -59.06 20.27 -13.68
C VAL F 436 -58.26 20.89 -14.83
N VAL F 437 -56.94 20.99 -14.65
CA VAL F 437 -56.07 21.56 -15.68
C VAL F 437 -54.82 20.70 -15.80
N SER F 438 -54.22 20.67 -16.98
CA SER F 438 -53.07 19.80 -17.21
C SER F 438 -51.70 20.27 -16.72
N LEU F 439 -51.46 21.57 -16.81
CA LEU F 439 -50.18 22.17 -16.43
C LEU F 439 -49.07 21.58 -17.31
N GLY F 440 -49.44 21.15 -18.52
CA GLY F 440 -48.48 20.56 -19.43
C GLY F 440 -47.35 21.48 -19.87
N THR F 441 -47.65 22.77 -20.01
CA THR F 441 -46.66 23.74 -20.42
C THR F 441 -45.59 23.85 -19.34
N ILE F 442 -46.05 23.91 -18.09
CA ILE F 442 -45.15 23.99 -16.95
C ILE F 442 -44.32 22.70 -16.89
N ALA F 443 -44.97 21.55 -17.08
CA ALA F 443 -44.26 20.27 -17.05
C ALA F 443 -43.14 20.25 -18.10
N ALA F 444 -43.45 20.70 -19.31
CA ALA F 444 -42.46 20.70 -20.39
C ALA F 444 -41.30 21.65 -20.07
N ARG F 445 -41.61 22.80 -19.47
CA ARG F 445 -40.58 23.77 -19.12
C ARG F 445 -39.69 23.25 -17.99
N LEU F 446 -40.28 22.58 -17.00
CA LEU F 446 -39.47 22.06 -15.90
C LEU F 446 -38.53 20.97 -16.42
N CYS F 447 -39.01 20.21 -17.41
CA CYS F 447 -38.20 19.15 -18.00
C CYS F 447 -37.03 19.81 -18.74
N ARG F 448 -37.31 20.91 -19.45
CA ARG F 448 -36.25 21.61 -20.17
C ARG F 448 -35.15 22.06 -19.22
N GLU F 449 -35.53 22.61 -18.06
CA GLU F 449 -34.52 23.06 -17.11
C GLU F 449 -33.63 21.90 -16.69
N LYS F 450 -34.22 20.74 -16.44
CA LYS F 450 -33.45 19.57 -16.04
C LYS F 450 -32.52 19.13 -17.18
N ILE F 451 -33.00 19.21 -18.41
CA ILE F 451 -32.17 18.85 -19.55
C ILE F 451 -30.94 19.77 -19.63
N ASP F 452 -31.14 21.05 -19.35
CA ASP F 452 -30.04 22.01 -19.38
C ASP F 452 -29.01 21.68 -18.29
N ARG F 453 -29.48 21.27 -17.11
CA ARG F 453 -28.56 20.91 -16.03
C ARG F 453 -27.80 19.65 -16.41
N TRP F 454 -28.49 18.69 -17.02
CA TRP F 454 -27.87 17.44 -17.45
C TRP F 454 -26.74 17.75 -18.44
N ALA F 455 -26.98 18.70 -19.34
CA ALA F 455 -25.95 19.07 -20.32
C ALA F 455 -24.70 19.58 -19.63
N GLU F 456 -24.87 20.38 -18.58
CA GLU F 456 -23.74 20.93 -17.85
C GLU F 456 -22.95 19.85 -17.10
N ILE F 457 -23.68 18.90 -16.50
CA ILE F 457 -23.03 17.80 -15.79
C ILE F 457 -22.24 16.96 -16.80
N LEU F 458 -22.84 16.70 -17.96
CA LEU F 458 -22.14 15.92 -18.99
C LEU F 458 -20.91 16.66 -19.49
N ALA F 459 -21.01 17.99 -19.58
CA ALA F 459 -19.86 18.78 -20.04
C ALA F 459 -18.70 18.63 -19.06
N ILE F 460 -19.00 18.63 -17.77
CA ILE F 460 -17.97 18.47 -16.77
C ILE F 460 -17.35 17.09 -16.93
N LEU F 461 -18.19 16.07 -17.12
CA LEU F 461 -17.70 14.71 -17.29
C LEU F 461 -16.82 14.61 -18.54
N ALA F 462 -17.22 15.28 -19.62
CA ALA F 462 -16.44 15.26 -20.86
C ALA F 462 -15.06 15.88 -20.66
N LEU F 463 -15.02 17.02 -19.99
CA LEU F 463 -13.72 17.68 -19.77
C LEU F 463 -12.84 16.81 -18.88
N CYS F 464 -13.44 16.17 -17.87
CA CYS F 464 -12.68 15.32 -16.98
C CYS F 464 -12.12 14.13 -17.75
N LEU F 465 -12.94 13.53 -18.60
CA LEU F 465 -12.51 12.36 -19.36
C LEU F 465 -11.42 12.69 -20.36
N ALA F 466 -11.46 13.87 -20.95
CA ALA F 466 -10.44 14.25 -21.91
C ALA F 466 -9.09 14.29 -21.17
N GLN F 467 -9.10 14.85 -19.97
CA GLN F 467 -7.89 14.93 -19.15
C GLN F 467 -7.47 13.55 -18.68
N ALA F 468 -8.42 12.76 -18.19
CA ALA F 468 -8.13 11.42 -17.70
C ALA F 468 -7.55 10.52 -18.78
N ALA F 469 -8.07 10.64 -20.00
CA ALA F 469 -7.60 9.82 -21.10
C ALA F 469 -6.13 10.11 -21.39
N GLU F 470 -5.75 11.38 -21.35
CA GLU F 470 -4.38 11.76 -21.62
C GLU F 470 -3.46 11.37 -20.46
N LEU F 471 -3.97 11.44 -19.24
CA LEU F 471 -3.18 11.05 -18.07
C LEU F 471 -2.92 9.55 -18.07
N ARG F 472 -3.94 8.78 -18.44
CA ARG F 472 -3.81 7.34 -18.48
C ARG F 472 -3.06 6.79 -19.69
N CYS F 473 -3.32 7.37 -20.86
CA CYS F 473 -2.74 6.87 -22.10
C CYS F 473 -1.74 7.77 -22.81
N GLY F 474 -1.42 8.92 -22.21
CA GLY F 474 -0.49 9.83 -22.83
C GLY F 474 -1.21 10.74 -23.82
N SER F 475 -0.56 11.83 -24.22
CA SER F 475 -1.16 12.76 -25.17
C SER F 475 -1.52 12.08 -26.48
N GLY F 476 -0.84 10.97 -26.78
CA GLY F 476 -1.11 10.24 -28.01
C GLY F 476 -2.30 9.30 -27.90
N LEU F 477 -2.86 9.19 -26.69
CA LEU F 477 -4.01 8.34 -26.44
C LEU F 477 -3.77 6.91 -26.92
N ASP F 478 -2.63 6.35 -26.53
CA ASP F 478 -2.27 5.00 -26.92
C ASP F 478 -3.24 3.96 -26.37
N GLY F 479 -3.81 3.16 -27.27
CA GLY F 479 -4.74 2.12 -26.85
C GLY F 479 -6.19 2.54 -26.82
N VAL F 480 -6.45 3.84 -26.99
CA VAL F 480 -7.81 4.34 -26.97
C VAL F 480 -8.50 4.03 -28.29
N SER F 481 -9.78 3.68 -28.21
CA SER F 481 -10.58 3.34 -29.39
C SER F 481 -10.63 4.49 -30.40
N PRO F 482 -10.92 4.16 -31.67
CA PRO F 482 -10.99 5.21 -32.70
C PRO F 482 -12.05 6.25 -32.31
N ALA F 483 -13.19 5.77 -31.82
CA ALA F 483 -14.27 6.68 -31.42
C ALA F 483 -13.84 7.58 -30.26
N GLY F 484 -13.18 6.99 -29.27
CA GLY F 484 -12.73 7.76 -28.12
C GLY F 484 -11.70 8.80 -28.52
N LYS F 485 -10.77 8.41 -29.40
CA LYS F 485 -9.75 9.33 -29.87
C LYS F 485 -10.39 10.51 -30.60
N LYS F 486 -11.35 10.21 -31.47
CA LYS F 486 -12.02 11.26 -32.24
C LYS F 486 -12.74 12.23 -31.31
N LEU F 487 -13.35 11.71 -30.25
CA LEU F 487 -14.07 12.55 -29.31
C LEU F 487 -13.12 13.49 -28.56
N VAL F 488 -12.04 12.91 -28.02
CA VAL F 488 -11.07 13.72 -27.28
C VAL F 488 -10.41 14.75 -28.19
N GLN F 489 -10.03 14.32 -29.38
CA GLN F 489 -9.38 15.22 -30.33
C GLN F 489 -10.29 16.40 -30.67
N ALA F 490 -11.58 16.13 -30.89
CA ALA F 490 -12.53 17.19 -31.21
C ALA F 490 -12.67 18.17 -30.05
N LEU F 491 -12.71 17.65 -28.82
CA LEU F 491 -12.83 18.50 -27.65
C LEU F 491 -11.60 19.39 -27.51
N ARG F 492 -10.43 18.82 -27.76
CA ARG F 492 -9.18 19.54 -27.64
C ARG F 492 -9.00 20.65 -28.67
N GLU F 493 -9.84 20.65 -29.69
CA GLU F 493 -9.77 21.69 -30.71
C GLU F 493 -10.21 23.02 -30.11
N GLN F 494 -11.02 22.94 -29.05
CA GLN F 494 -11.54 24.15 -28.41
C GLN F 494 -11.24 24.25 -26.91
N PHE F 495 -11.01 23.11 -26.28
CA PHE F 495 -10.76 23.08 -24.84
C PHE F 495 -9.39 22.47 -24.55
N PRO F 496 -8.42 23.32 -24.19
CA PRO F 496 -7.05 22.89 -23.89
C PRO F 496 -6.93 22.01 -22.64
N PRO F 497 -5.86 21.20 -22.56
CA PRO F 497 -5.67 20.35 -21.39
C PRO F 497 -5.47 21.22 -20.16
N LEU F 498 -5.75 20.67 -19.00
CA LEU F 498 -5.61 21.42 -17.75
C LEU F 498 -4.21 21.12 -17.20
N GLU F 499 -3.21 21.90 -17.64
CA GLU F 499 -1.84 21.70 -17.19
C GLU F 499 -1.59 22.28 -15.80
N THR F 500 -2.37 23.30 -15.47
CA THR F 500 -2.32 23.96 -14.17
C THR F 500 -3.75 24.45 -13.94
N ASP F 501 -4.12 24.68 -12.69
CA ASP F 501 -5.49 25.12 -12.41
C ASP F 501 -5.87 26.43 -13.10
N ARG F 502 -7.12 26.50 -13.54
CA ARG F 502 -7.68 27.68 -14.19
C ARG F 502 -9.20 27.67 -14.05
N PRO F 503 -9.85 28.84 -14.16
CA PRO F 503 -11.31 28.87 -14.04
C PRO F 503 -11.93 28.04 -15.16
N LEU F 504 -12.86 27.16 -14.80
CA LEU F 504 -13.49 26.29 -15.78
C LEU F 504 -14.96 26.61 -16.08
N GLY F 505 -15.54 27.52 -15.31
CA GLY F 505 -16.95 27.87 -15.49
C GLY F 505 -17.37 28.22 -16.90
N GLN F 506 -16.66 29.12 -17.55
CA GLN F 506 -17.03 29.52 -18.90
C GLN F 506 -16.90 28.38 -19.91
N GLU F 507 -15.89 27.53 -19.70
CA GLU F 507 -15.67 26.39 -20.59
C GLU F 507 -16.78 25.35 -20.42
N ILE F 508 -17.21 25.14 -19.17
CA ILE F 508 -18.28 24.18 -18.91
C ILE F 508 -19.55 24.66 -19.61
N ALA F 509 -19.85 25.95 -19.48
CA ALA F 509 -21.05 26.52 -20.09
C ALA F 509 -21.00 26.45 -21.61
N ALA F 510 -19.84 26.76 -22.18
CA ALA F 510 -19.67 26.73 -23.64
C ALA F 510 -19.86 25.31 -24.18
N LEU F 511 -19.26 24.34 -23.51
CA LEU F 511 -19.37 22.97 -23.96
C LEU F 511 -20.82 22.47 -23.82
N ALA F 512 -21.48 22.83 -22.74
CA ALA F 512 -22.87 22.40 -22.53
C ALA F 512 -23.75 22.82 -23.70
N THR F 513 -23.54 24.03 -24.20
CA THR F 513 -24.34 24.54 -25.32
C THR F 513 -24.15 23.65 -26.55
N HIS F 514 -22.92 23.15 -26.72
CA HIS F 514 -22.58 22.28 -27.83
C HIS F 514 -23.25 20.92 -27.70
N LEU F 515 -23.19 20.33 -26.50
CA LEU F 515 -23.76 19.01 -26.27
C LEU F 515 -25.25 18.92 -26.58
N LEU F 516 -25.98 20.00 -26.33
CA LEU F 516 -27.42 20.04 -26.58
C LEU F 516 -27.80 20.04 -28.05
N GLN F 517 -26.85 20.39 -28.91
CA GLN F 517 -27.15 20.50 -30.34
C GLN F 517 -26.42 19.54 -31.28
N GLN F 518 -25.40 18.86 -30.79
CA GLN F 518 -24.64 17.93 -31.62
C GLN F 518 -24.17 16.73 -30.83
N SER F 519 -24.06 15.59 -31.50
CA SER F 519 -23.62 14.35 -30.89
C SER F 519 -22.18 14.05 -31.28
N PRO F 520 -21.50 13.17 -30.51
CA PRO F 520 -20.11 12.81 -30.81
C PRO F 520 -20.04 11.77 -31.92
N VAL F 521 -19.82 12.23 -33.14
CA VAL F 521 -19.73 11.34 -34.30
C VAL F 521 -18.54 11.69 -35.18
N LYS G 8 -60.24 -25.64 -10.20
CA LYS G 8 -59.46 -24.38 -10.28
C LYS G 8 -58.62 -24.31 -11.55
N PRO G 9 -58.78 -23.23 -12.34
CA PRO G 9 -58.03 -23.07 -13.59
C PRO G 9 -56.52 -23.17 -13.33
N ALA G 10 -55.78 -23.62 -14.33
CA ALA G 10 -54.33 -23.73 -14.19
C ALA G 10 -53.61 -22.93 -15.25
N VAL G 11 -52.57 -22.22 -14.83
CA VAL G 11 -51.76 -21.44 -15.76
C VAL G 11 -50.52 -22.29 -16.02
N GLU G 12 -50.31 -22.65 -17.29
CA GLU G 12 -49.15 -23.45 -17.64
C GLU G 12 -48.03 -22.50 -18.05
N LEU G 13 -46.94 -22.55 -17.30
CA LEU G 13 -45.79 -21.69 -17.55
C LEU G 13 -44.74 -22.34 -18.43
N ASP G 14 -44.48 -21.73 -19.57
CA ASP G 14 -43.43 -22.21 -20.47
C ASP G 14 -42.41 -21.09 -20.51
N ARG G 15 -42.63 -20.11 -21.37
CA ARG G 15 -41.72 -18.98 -21.49
C ARG G 15 -42.38 -17.65 -21.17
N HIS G 16 -43.61 -17.47 -21.62
CA HIS G 16 -44.32 -16.21 -21.43
C HIS G 16 -45.65 -16.32 -20.68
N ILE G 17 -45.89 -15.35 -19.80
CA ILE G 17 -47.12 -15.27 -19.03
C ILE G 17 -47.55 -13.81 -19.07
N ASP G 18 -48.84 -13.55 -19.28
CA ASP G 18 -49.29 -12.16 -19.31
C ASP G 18 -49.65 -11.66 -17.91
N LEU G 19 -49.91 -10.37 -17.78
CA LEU G 19 -50.21 -9.79 -16.48
C LEU G 19 -51.46 -10.36 -15.81
N ASP G 20 -52.49 -10.68 -16.60
CA ASP G 20 -53.71 -11.24 -16.01
C ASP G 20 -53.45 -12.64 -15.46
N GLN G 21 -52.68 -13.44 -16.19
CA GLN G 21 -52.36 -14.79 -15.74
C GLN G 21 -51.52 -14.71 -14.47
N ALA G 22 -50.57 -13.77 -14.46
CA ALA G 22 -49.71 -13.61 -13.30
C ALA G 22 -50.52 -13.25 -12.07
N HIS G 23 -51.46 -12.32 -12.21
CA HIS G 23 -52.27 -11.95 -11.06
C HIS G 23 -53.19 -13.09 -10.63
N ALA G 24 -53.67 -13.88 -11.60
CA ALA G 24 -54.54 -15.00 -11.28
C ALA G 24 -53.82 -15.96 -10.35
N VAL G 25 -52.55 -16.26 -10.65
CA VAL G 25 -51.78 -17.15 -9.81
C VAL G 25 -51.44 -16.49 -8.47
N ALA G 26 -50.99 -15.24 -8.51
CA ALA G 26 -50.64 -14.54 -7.28
C ALA G 26 -51.80 -14.42 -6.31
N SER G 27 -53.00 -14.20 -6.84
CA SER G 27 -54.20 -14.05 -6.01
C SER G 27 -54.84 -15.38 -5.63
N GLY G 28 -54.27 -16.48 -6.12
CA GLY G 28 -54.80 -17.79 -5.79
C GLY G 28 -55.99 -18.22 -6.63
N GLY G 29 -56.32 -17.44 -7.66
CA GLY G 29 -57.43 -17.79 -8.52
C GLY G 29 -57.09 -18.89 -9.49
N ALA G 30 -55.80 -19.15 -9.68
CA ALA G 30 -55.36 -20.19 -10.59
C ALA G 30 -54.14 -20.91 -10.04
N ARG G 31 -54.02 -22.20 -10.36
CA ARG G 31 -52.87 -22.99 -9.95
C ARG G 31 -51.80 -22.75 -11.01
N ILE G 32 -50.56 -23.13 -10.72
CA ILE G 32 -49.51 -22.96 -11.70
C ILE G 32 -48.84 -24.29 -11.97
N VAL G 33 -48.54 -24.52 -13.24
CA VAL G 33 -47.91 -25.74 -13.69
C VAL G 33 -46.76 -25.38 -14.62
N LEU G 34 -45.65 -26.09 -14.51
CA LEU G 34 -44.50 -25.82 -15.36
C LEU G 34 -44.64 -26.72 -16.58
N ALA G 35 -44.64 -26.11 -17.77
CA ALA G 35 -44.77 -26.86 -19.01
C ALA G 35 -43.57 -27.77 -19.21
N PRO G 36 -43.76 -28.91 -19.90
CA PRO G 36 -42.67 -29.85 -20.16
C PRO G 36 -41.39 -29.20 -20.68
N PRO G 37 -41.48 -28.35 -21.70
CA PRO G 37 -40.26 -27.71 -22.22
C PRO G 37 -39.55 -26.83 -21.20
N ALA G 38 -40.31 -26.21 -20.29
CA ALA G 38 -39.72 -25.37 -19.26
C ALA G 38 -38.99 -26.25 -18.25
N ARG G 39 -39.61 -27.37 -17.89
CA ARG G 39 -39.02 -28.30 -16.95
C ARG G 39 -37.68 -28.79 -17.52
N ASP G 40 -37.68 -29.12 -18.81
CA ASP G 40 -36.45 -29.60 -19.44
C ASP G 40 -35.39 -28.51 -19.55
N ARG G 41 -35.79 -27.28 -19.88
CA ARG G 41 -34.81 -26.20 -19.96
C ARG G 41 -34.19 -26.00 -18.58
N CYS G 42 -35.01 -26.10 -17.55
CA CYS G 42 -34.51 -25.91 -16.20
C CYS G 42 -33.58 -27.03 -15.77
N ARG G 43 -33.89 -28.26 -16.17
CA ARG G 43 -33.03 -29.39 -15.81
C ARG G 43 -31.67 -29.21 -16.47
N ALA G 44 -31.67 -28.71 -17.71
CA ALA G 44 -30.41 -28.49 -18.43
C ALA G 44 -29.59 -27.41 -17.74
N SER G 45 -30.27 -26.36 -17.26
CA SER G 45 -29.58 -25.28 -16.58
C SER G 45 -29.01 -25.75 -15.25
N GLU G 46 -29.74 -26.62 -14.56
CA GLU G 46 -29.30 -27.19 -13.29
C GLU G 46 -27.97 -27.91 -13.52
N ALA G 47 -27.91 -28.65 -14.63
CA ALA G 47 -26.71 -29.38 -14.99
C ALA G 47 -25.56 -28.43 -15.31
N ARG G 48 -25.85 -27.31 -15.97
CA ARG G 48 -24.81 -26.36 -16.29
C ARG G 48 -24.21 -25.76 -15.02
N LEU G 49 -25.03 -25.53 -14.02
CA LEU G 49 -24.53 -24.99 -12.76
C LEU G 49 -23.60 -26.04 -12.15
N GLY G 50 -24.03 -27.30 -12.25
CA GLY G 50 -23.23 -28.39 -11.72
C GLY G 50 -21.85 -28.44 -12.36
N ALA G 51 -21.81 -28.22 -13.67
CA ALA G 51 -20.55 -28.23 -14.42
C ALA G 51 -19.69 -27.03 -14.05
N VAL G 52 -20.32 -25.87 -13.88
CA VAL G 52 -19.58 -24.67 -13.51
C VAL G 52 -18.85 -24.90 -12.18
N ILE G 53 -19.51 -25.58 -11.26
CA ILE G 53 -18.92 -25.87 -9.96
C ILE G 53 -17.83 -26.94 -10.13
N ARG G 54 -18.16 -27.99 -10.87
CA ARG G 54 -17.25 -29.10 -11.13
C ARG G 54 -15.94 -28.58 -11.75
N GLU G 55 -16.08 -27.63 -12.66
CA GLU G 55 -14.93 -27.04 -13.36
C GLU G 55 -14.23 -25.90 -12.62
N ALA G 56 -14.77 -25.53 -11.47
CA ALA G 56 -14.19 -24.45 -10.65
C ALA G 56 -14.08 -23.12 -11.41
N ARG G 57 -15.09 -22.80 -12.19
CA ARG G 57 -15.10 -21.55 -12.96
C ARG G 57 -15.25 -20.37 -12.00
N HIS G 58 -14.59 -19.27 -12.34
CA HIS G 58 -14.64 -18.05 -11.53
C HIS G 58 -16.03 -17.45 -11.70
N VAL G 59 -16.90 -17.67 -10.71
CA VAL G 59 -18.27 -17.16 -10.78
C VAL G 59 -18.73 -16.54 -9.47
N TYR G 60 -19.34 -15.35 -9.59
CA TYR G 60 -19.86 -14.61 -8.45
C TYR G 60 -20.82 -15.48 -7.62
N GLY G 61 -20.57 -15.57 -6.33
CA GLY G 61 -21.45 -16.36 -5.46
C GLY G 61 -21.16 -17.84 -5.37
N LEU G 62 -20.27 -18.33 -6.23
CA LEU G 62 -19.90 -19.74 -6.23
C LEU G 62 -18.44 -19.89 -5.83
N THR G 63 -17.62 -18.92 -6.22
CA THR G 63 -16.20 -18.95 -5.90
C THR G 63 -15.69 -17.57 -5.47
N THR G 64 -16.62 -16.66 -5.14
CA THR G 64 -16.25 -15.32 -4.71
C THR G 64 -17.15 -14.82 -3.60
N GLY G 65 -16.69 -13.78 -2.90
CA GLY G 65 -17.49 -13.18 -1.86
C GLY G 65 -18.55 -12.34 -2.55
N PHE G 66 -19.28 -11.53 -1.79
CA PHE G 66 -20.34 -10.70 -2.37
C PHE G 66 -20.04 -9.21 -2.36
N GLY G 67 -20.66 -8.49 -3.28
CA GLY G 67 -20.43 -7.06 -3.37
C GLY G 67 -18.95 -6.78 -3.55
N PRO G 68 -18.40 -5.77 -2.83
CA PRO G 68 -16.98 -5.43 -2.92
C PRO G 68 -16.07 -6.55 -2.44
N LEU G 69 -16.64 -7.47 -1.65
CA LEU G 69 -15.87 -8.58 -1.13
C LEU G 69 -15.69 -9.70 -2.14
N ALA G 70 -16.14 -9.45 -3.37
CA ALA G 70 -16.03 -10.45 -4.44
C ALA G 70 -14.57 -10.68 -4.81
N ASN G 71 -13.68 -9.79 -4.36
CA ASN G 71 -12.26 -9.93 -4.67
C ASN G 71 -11.65 -11.04 -3.81
N ARG G 72 -12.43 -11.52 -2.85
CA ARG G 72 -11.98 -12.62 -1.99
C ARG G 72 -12.51 -13.90 -2.63
N LEU G 73 -11.61 -14.70 -3.19
CA LEU G 73 -12.01 -15.95 -3.83
C LEU G 73 -12.24 -17.03 -2.76
N ILE G 74 -13.25 -17.86 -3.00
CA ILE G 74 -13.64 -18.91 -2.06
C ILE G 74 -13.44 -20.33 -2.59
N SER G 75 -12.93 -21.20 -1.72
CA SER G 75 -12.71 -22.59 -2.09
C SER G 75 -14.04 -23.34 -2.07
N GLY G 76 -14.20 -24.31 -2.97
CA GLY G 76 -15.43 -25.07 -3.05
C GLY G 76 -15.92 -25.72 -1.76
N GLU G 77 -15.00 -26.02 -0.85
CA GLU G 77 -15.37 -26.66 0.41
C GLU G 77 -16.17 -25.74 1.33
N ASN G 78 -16.12 -24.44 1.07
CA ASN G 78 -16.82 -23.46 1.91
C ASN G 78 -18.03 -22.78 1.26
N VAL G 79 -18.48 -23.28 0.12
CA VAL G 79 -19.61 -22.66 -0.57
C VAL G 79 -20.94 -22.75 0.18
N ARG G 80 -21.18 -23.87 0.86
CA ARG G 80 -22.41 -24.02 1.63
C ARG G 80 -22.49 -22.88 2.66
N THR G 81 -21.39 -22.62 3.35
CA THR G 81 -21.34 -21.56 4.35
C THR G 81 -21.45 -20.20 3.68
N LEU G 82 -20.79 -20.05 2.55
CA LEU G 82 -20.81 -18.80 1.78
C LEU G 82 -22.25 -18.39 1.46
N GLN G 83 -23.02 -19.32 0.91
CA GLN G 83 -24.40 -19.01 0.53
C GLN G 83 -25.34 -18.91 1.73
N ALA G 84 -25.02 -19.63 2.81
CA ALA G 84 -25.87 -19.56 3.99
C ALA G 84 -25.75 -18.16 4.58
N ASN G 85 -24.52 -17.64 4.62
CA ASN G 85 -24.29 -16.32 5.17
C ASN G 85 -24.79 -15.22 4.25
N LEU G 86 -24.90 -15.52 2.95
CA LEU G 86 -25.43 -14.54 2.00
C LEU G 86 -26.86 -14.21 2.45
N VAL G 87 -27.65 -15.26 2.64
CA VAL G 87 -29.04 -15.09 3.07
C VAL G 87 -29.09 -14.38 4.42
N HIS G 88 -28.17 -14.76 5.30
CA HIS G 88 -28.10 -14.17 6.63
C HIS G 88 -27.82 -12.66 6.62
N HIS G 89 -26.75 -12.23 5.95
CA HIS G 89 -26.44 -10.80 5.98
C HIS G 89 -27.46 -9.92 5.26
N LEU G 90 -28.20 -10.51 4.33
CA LEU G 90 -29.20 -9.75 3.57
C LEU G 90 -30.55 -9.61 4.29
N ALA G 91 -30.78 -10.45 5.29
CA ALA G 91 -32.05 -10.42 6.01
C ALA G 91 -32.13 -9.31 7.05
N SER G 92 -31.94 -8.07 6.59
CA SER G 92 -31.97 -6.89 7.45
C SER G 92 -33.20 -6.03 7.18
N GLY G 93 -34.23 -6.63 6.58
CA GLY G 93 -35.43 -5.87 6.26
C GLY G 93 -36.28 -5.50 7.46
N VAL G 94 -37.00 -4.38 7.32
CA VAL G 94 -37.88 -3.88 8.37
C VAL G 94 -39.17 -3.35 7.74
N GLY G 95 -40.13 -2.98 8.58
CA GLY G 95 -41.39 -2.46 8.10
C GLY G 95 -42.50 -3.47 7.97
N PRO G 96 -43.74 -3.02 7.69
CA PRO G 96 -44.85 -3.95 7.56
C PRO G 96 -44.58 -4.95 6.44
N VAL G 97 -45.07 -6.17 6.59
CA VAL G 97 -44.84 -7.17 5.57
C VAL G 97 -45.64 -6.88 4.31
N LEU G 98 -45.16 -7.39 3.18
CA LEU G 98 -45.87 -7.22 1.91
C LEU G 98 -47.17 -8.01 2.09
N ASP G 99 -48.26 -7.53 1.51
CA ASP G 99 -49.50 -8.28 1.67
C ASP G 99 -49.44 -9.61 0.94
N TRP G 100 -50.34 -10.51 1.32
CA TRP G 100 -50.42 -11.86 0.77
C TRP G 100 -50.26 -11.97 -0.75
N THR G 101 -51.08 -11.23 -1.49
CA THR G 101 -51.03 -11.28 -2.95
C THR G 101 -49.71 -10.79 -3.51
N THR G 102 -49.21 -9.69 -2.95
CA THR G 102 -47.95 -9.10 -3.42
C THR G 102 -46.75 -9.99 -3.13
N ALA G 103 -46.71 -10.60 -1.95
CA ALA G 103 -45.59 -11.47 -1.60
C ALA G 103 -45.59 -12.68 -2.54
N ARG G 104 -46.78 -13.18 -2.86
CA ARG G 104 -46.89 -14.31 -3.77
C ARG G 104 -46.50 -13.88 -5.19
N ALA G 105 -46.82 -12.64 -5.55
CA ALA G 105 -46.45 -12.12 -6.86
C ALA G 105 -44.93 -12.09 -6.98
N MET G 106 -44.25 -11.77 -5.87
CA MET G 106 -42.79 -11.74 -5.85
C MET G 106 -42.24 -13.15 -6.09
N VAL G 107 -42.81 -14.13 -5.40
CA VAL G 107 -42.40 -15.52 -5.58
C VAL G 107 -42.58 -15.91 -7.04
N LEU G 108 -43.73 -15.55 -7.62
CA LEU G 108 -44.01 -15.86 -9.02
C LEU G 108 -43.00 -15.23 -9.97
N ALA G 109 -42.69 -13.95 -9.75
CA ALA G 109 -41.74 -13.26 -10.62
C ALA G 109 -40.39 -13.96 -10.62
N ARG G 110 -39.95 -14.45 -9.45
CA ARG G 110 -38.67 -15.16 -9.40
C ARG G 110 -38.79 -16.46 -10.20
N LEU G 111 -39.92 -17.14 -10.04
CA LEU G 111 -40.16 -18.39 -10.75
C LEU G 111 -40.17 -18.22 -12.27
N VAL G 112 -40.81 -17.15 -12.75
CA VAL G 112 -40.87 -16.92 -14.19
C VAL G 112 -39.46 -16.68 -14.74
N SER G 113 -38.64 -15.95 -13.99
CA SER G 113 -37.26 -15.72 -14.43
C SER G 113 -36.55 -17.07 -14.53
N ILE G 114 -36.66 -17.88 -13.48
CA ILE G 114 -36.01 -19.19 -13.45
C ILE G 114 -36.46 -20.10 -14.61
N ALA G 115 -37.74 -20.03 -14.95
CA ALA G 115 -38.31 -20.85 -16.01
C ALA G 115 -37.68 -20.62 -17.38
N GLN G 116 -36.95 -19.51 -17.54
CA GLN G 116 -36.30 -19.23 -18.82
C GLN G 116 -35.09 -20.15 -19.02
N GLY G 117 -34.67 -20.82 -17.95
CA GLY G 117 -33.56 -21.76 -18.04
C GLY G 117 -32.14 -21.22 -18.05
N ALA G 118 -31.89 -20.17 -17.29
CA ALA G 118 -30.55 -19.58 -17.25
C ALA G 118 -30.10 -19.31 -15.81
N SER G 119 -30.85 -19.80 -14.83
CA SER G 119 -30.55 -19.58 -13.41
C SER G 119 -29.90 -20.73 -12.64
N GLY G 120 -29.93 -21.92 -13.22
CA GLY G 120 -29.33 -23.08 -12.55
C GLY G 120 -30.09 -23.66 -11.37
N ALA G 121 -31.30 -23.16 -11.12
CA ALA G 121 -32.10 -23.66 -9.99
C ALA G 121 -32.39 -25.16 -10.11
N SER G 122 -32.27 -25.86 -8.99
CA SER G 122 -32.52 -27.31 -8.97
C SER G 122 -34.02 -27.60 -9.06
N GLU G 123 -34.37 -28.84 -9.37
CA GLU G 123 -35.77 -29.24 -9.45
C GLU G 123 -36.49 -29.01 -8.14
N GLY G 124 -35.82 -29.32 -7.03
CA GLY G 124 -36.42 -29.12 -5.72
C GLY G 124 -36.70 -27.67 -5.42
N THR G 125 -35.76 -26.80 -5.76
CA THR G 125 -35.93 -25.38 -5.51
C THR G 125 -37.15 -24.85 -6.27
N ILE G 126 -37.28 -25.27 -7.53
CA ILE G 126 -38.40 -24.85 -8.35
C ILE G 126 -39.70 -25.39 -7.75
N ALA G 127 -39.67 -26.62 -7.26
CA ALA G 127 -40.84 -27.23 -6.64
C ALA G 127 -41.29 -26.47 -5.39
N ARG G 128 -40.35 -25.91 -4.65
CA ARG G 128 -40.70 -25.16 -3.45
C ARG G 128 -41.47 -23.89 -3.82
N LEU G 129 -41.09 -23.25 -4.93
CA LEU G 129 -41.76 -22.02 -5.37
C LEU G 129 -43.16 -22.36 -5.89
N ILE G 130 -43.24 -23.41 -6.69
CA ILE G 130 -44.51 -23.84 -7.26
C ILE G 130 -45.47 -24.28 -6.15
N ASP G 131 -44.99 -25.06 -5.19
CA ASP G 131 -45.83 -25.52 -4.07
C ASP G 131 -46.38 -24.31 -3.30
N LEU G 132 -45.54 -23.33 -3.02
CA LEU G 132 -46.00 -22.14 -2.30
C LEU G 132 -47.15 -21.49 -3.07
N LEU G 133 -46.97 -21.29 -4.36
CA LEU G 133 -48.00 -20.66 -5.20
C LEU G 133 -49.28 -21.47 -5.28
N ASN G 134 -49.18 -22.79 -5.17
CA ASN G 134 -50.37 -23.63 -5.24
C ASN G 134 -50.99 -23.82 -3.86
N SER G 135 -50.36 -23.27 -2.84
CA SER G 135 -50.88 -23.35 -1.46
C SER G 135 -51.68 -22.08 -1.19
N GLU G 136 -52.29 -22.00 -0.01
CA GLU G 136 -53.07 -20.82 0.37
C GLU G 136 -52.22 -19.83 1.15
N LEU G 137 -50.91 -20.05 1.18
CA LEU G 137 -50.01 -19.18 1.94
C LEU G 137 -49.10 -18.28 1.13
N ALA G 138 -48.46 -17.36 1.84
CA ALA G 138 -47.51 -16.43 1.25
C ALA G 138 -46.42 -16.24 2.28
N PRO G 139 -45.17 -16.00 1.84
CA PRO G 139 -44.11 -15.79 2.83
C PRO G 139 -44.33 -14.41 3.45
N ALA G 140 -43.97 -14.25 4.72
CA ALA G 140 -44.11 -12.96 5.39
C ALA G 140 -42.77 -12.26 5.28
N VAL G 141 -42.68 -11.27 4.40
CA VAL G 141 -41.42 -10.56 4.22
C VAL G 141 -41.56 -9.06 4.42
N PRO G 142 -40.60 -8.45 5.14
CA PRO G 142 -40.65 -7.01 5.39
C PRO G 142 -40.62 -6.23 4.08
N SER G 143 -41.37 -5.14 4.03
CA SER G 143 -41.44 -4.34 2.82
C SER G 143 -40.27 -3.39 2.56
N ARG G 144 -39.54 -3.01 3.61
CA ARG G 144 -38.42 -2.08 3.43
C ARG G 144 -37.04 -2.68 3.59
N GLY G 145 -36.06 -2.05 2.96
CA GLY G 145 -34.70 -2.53 3.08
C GLY G 145 -33.90 -2.63 1.81
N THR G 146 -34.58 -2.81 0.68
CA THR G 146 -33.86 -2.94 -0.58
C THR G 146 -33.79 -1.64 -1.38
N VAL G 147 -32.69 -1.49 -2.13
CA VAL G 147 -32.52 -0.32 -2.98
C VAL G 147 -32.81 -0.70 -4.44
N GLY G 148 -33.33 -1.91 -4.63
CA GLY G 148 -33.69 -2.37 -5.96
C GLY G 148 -32.55 -2.60 -6.93
N ASP G 150 -33.60 -6.92 -5.75
CA ASP G 150 -34.40 -7.02 -4.52
C ASP G 150 -33.90 -8.10 -3.57
N LEU G 151 -32.63 -8.04 -3.23
CA LEU G 151 -32.02 -9.05 -2.38
C LEU G 151 -32.58 -9.20 -0.96
N THR G 152 -32.86 -8.09 -0.29
CA THR G 152 -33.37 -8.19 1.08
C THR G 152 -34.70 -8.94 1.20
N PRO G 153 -35.74 -8.51 0.47
CA PRO G 153 -36.99 -9.26 0.60
C PRO G 153 -36.88 -10.72 0.15
N LEU G 154 -36.06 -10.97 -0.87
CA LEU G 154 -35.91 -12.35 -1.34
C LEU G 154 -35.15 -13.21 -0.32
N ALA G 155 -34.22 -12.62 0.41
CA ALA G 155 -33.49 -13.37 1.43
C ALA G 155 -34.48 -13.76 2.53
N HIS G 156 -35.37 -12.84 2.86
CA HIS G 156 -36.38 -13.13 3.88
C HIS G 156 -37.28 -14.25 3.36
N MET G 157 -37.57 -14.23 2.06
CA MET G 157 -38.40 -15.27 1.45
C MET G 157 -37.72 -16.62 1.62
N VAL G 158 -36.42 -16.67 1.34
CA VAL G 158 -35.68 -17.92 1.49
C VAL G 158 -35.81 -18.45 2.91
N LEU G 159 -35.62 -17.58 3.90
CA LEU G 159 -35.74 -18.01 5.30
C LEU G 159 -37.12 -18.59 5.57
N CYS G 160 -38.15 -17.92 5.06
CA CYS G 160 -39.52 -18.40 5.24
C CYS G 160 -39.69 -19.81 4.64
N LEU G 161 -39.22 -19.98 3.40
CA LEU G 161 -39.35 -21.27 2.73
C LEU G 161 -38.55 -22.39 3.41
N GLN G 162 -37.60 -22.01 4.27
CA GLN G 162 -36.81 -23.00 4.98
C GLN G 162 -37.46 -23.27 6.34
N GLY G 163 -38.56 -22.57 6.61
CA GLY G 163 -39.26 -22.75 7.89
C GLY G 163 -38.66 -21.89 8.98
N ARG G 164 -37.83 -20.93 8.59
CA ARG G 164 -37.15 -20.04 9.52
C ARG G 164 -37.70 -18.61 9.46
N GLY G 165 -38.89 -18.48 8.88
CA GLY G 165 -39.52 -17.17 8.77
C GLY G 165 -41.03 -17.38 8.77
N ASP G 166 -41.79 -16.34 9.08
CA ASP G 166 -43.25 -16.44 9.13
C ASP G 166 -43.94 -16.54 7.76
N PHE G 167 -45.20 -16.97 7.80
CA PHE G 167 -46.03 -17.08 6.61
C PHE G 167 -47.30 -16.27 6.88
N LEU G 168 -48.04 -15.99 5.82
CA LEU G 168 -49.30 -15.25 5.93
C LEU G 168 -50.41 -16.06 5.28
N ASP G 169 -51.61 -16.02 5.86
CA ASP G 169 -52.73 -16.71 5.25
C ASP G 169 -53.44 -15.61 4.45
N ARG G 170 -54.45 -15.96 3.67
CA ARG G 170 -55.15 -14.97 2.86
C ARG G 170 -55.64 -13.75 3.63
N ASP G 171 -55.99 -13.94 4.90
CA ASP G 171 -56.49 -12.84 5.73
C ASP G 171 -55.38 -12.00 6.36
N GLY G 172 -54.13 -12.34 6.09
CA GLY G 172 -53.03 -11.59 6.68
C GLY G 172 -52.60 -12.12 8.03
N THR G 173 -53.24 -13.19 8.48
CA THR G 173 -52.90 -13.81 9.76
C THR G 173 -51.50 -14.41 9.64
N ARG G 174 -50.63 -14.13 10.61
CA ARG G 174 -49.26 -14.64 10.59
C ARG G 174 -49.13 -16.02 11.25
N LEU G 175 -48.30 -16.87 10.66
CA LEU G 175 -48.02 -18.21 11.17
C LEU G 175 -46.51 -18.32 11.26
N ASP G 176 -45.99 -19.06 12.25
CA ASP G 176 -44.54 -19.18 12.32
C ASP G 176 -44.06 -20.15 11.24
N GLY G 177 -42.75 -20.22 11.04
CA GLY G 177 -42.20 -21.10 10.01
C GLY G 177 -42.66 -22.53 10.02
N ALA G 178 -42.58 -23.17 11.18
CA ALA G 178 -42.99 -24.56 11.32
C ALA G 178 -44.47 -24.75 11.01
N GLU G 179 -45.32 -23.85 11.51
CA GLU G 179 -46.75 -23.97 11.26
C GLU G 179 -47.09 -23.72 9.80
N GLY G 180 -46.34 -22.83 9.17
CA GLY G 180 -46.57 -22.53 7.77
C GLY G 180 -46.32 -23.74 6.90
N LEU G 181 -45.18 -24.39 7.10
CA LEU G 181 -44.84 -25.56 6.31
C LEU G 181 -45.91 -26.65 6.50
N ARG G 182 -46.42 -26.79 7.73
CA ARG G 182 -47.46 -27.80 7.97
C ARG G 182 -48.78 -27.40 7.30
N ARG G 183 -49.19 -26.16 7.55
CA ARG G 183 -50.45 -25.62 7.00
C ARG G 183 -50.52 -25.68 5.47
N GLY G 184 -49.43 -25.30 4.80
CA GLY G 184 -49.44 -25.33 3.35
C GLY G 184 -48.98 -26.63 2.73
N ARG G 185 -48.65 -27.61 3.57
CA ARG G 185 -48.15 -28.91 3.10
C ARG G 185 -46.96 -28.63 2.19
N LEU G 186 -45.99 -27.93 2.76
CA LEU G 186 -44.78 -27.55 2.05
C LEU G 186 -43.57 -28.28 2.63
N GLN G 187 -42.58 -28.51 1.79
CA GLN G 187 -41.34 -29.16 2.21
C GLN G 187 -40.35 -28.04 2.45
N PRO G 188 -39.43 -28.21 3.42
CA PRO G 188 -38.46 -27.14 3.66
C PRO G 188 -37.49 -26.98 2.48
N LEU G 189 -37.17 -25.74 2.15
CA LEU G 189 -36.25 -25.45 1.05
C LEU G 189 -34.84 -25.95 1.39
N ASP G 190 -34.24 -26.69 0.46
CA ASP G 190 -32.90 -27.24 0.62
C ASP G 190 -32.00 -26.69 -0.47
N LEU G 191 -31.00 -25.89 -0.09
CA LEU G 191 -30.08 -25.29 -1.06
C LEU G 191 -28.74 -26.01 -1.21
N SER G 192 -28.75 -27.31 -0.98
CA SER G 192 -27.52 -28.10 -1.08
C SER G 192 -26.87 -28.10 -2.47
N HIS G 193 -27.63 -27.80 -3.51
CA HIS G 193 -27.06 -27.77 -4.85
C HIS G 193 -26.32 -26.47 -5.12
N ARG G 194 -26.24 -25.61 -4.12
CA ARG G 194 -25.54 -24.33 -4.23
C ARG G 194 -26.24 -23.40 -5.23
N ASP G 195 -27.57 -23.49 -5.26
CA ASP G 195 -28.36 -22.66 -6.16
C ASP G 195 -29.08 -21.51 -5.44
N ALA G 196 -28.49 -21.01 -4.36
CA ALA G 196 -29.08 -19.92 -3.60
C ALA G 196 -29.26 -18.65 -4.44
N LEU G 197 -28.34 -18.40 -5.36
CA LEU G 197 -28.44 -17.19 -6.18
C LEU G 197 -29.58 -17.24 -7.18
N ALA G 198 -30.23 -18.39 -7.32
CA ALA G 198 -31.36 -18.49 -8.23
C ALA G 198 -32.58 -17.90 -7.52
N LEU G 199 -32.51 -17.82 -6.19
CA LEU G 199 -33.62 -17.29 -5.39
C LEU G 199 -33.39 -15.87 -4.88
N VAL G 200 -32.14 -15.56 -4.57
CA VAL G 200 -31.79 -14.23 -4.09
C VAL G 200 -31.17 -13.52 -5.28
N ASN G 201 -32.01 -12.94 -6.12
CA ASN G 201 -31.55 -12.30 -7.33
C ASN G 201 -32.68 -11.58 -8.05
N GLY G 202 -32.29 -10.74 -8.99
CA GLY G 202 -33.27 -10.03 -9.81
C GLY G 202 -34.14 -8.96 -9.21
N THR G 203 -35.20 -8.65 -9.93
CA THR G 203 -36.14 -7.59 -9.55
C THR G 203 -37.51 -8.14 -9.17
N SER G 204 -37.53 -9.32 -8.57
CA SER G 204 -38.79 -9.99 -8.22
C SER G 204 -39.78 -9.24 -7.32
N ALA G 205 -39.28 -8.51 -6.33
CA ALA G 205 -40.17 -7.80 -5.43
C ALA G 205 -40.86 -6.61 -6.10
N MET G 206 -40.08 -5.75 -6.73
CA MET G 206 -40.67 -4.59 -7.39
C MET G 206 -41.60 -5.05 -8.52
N THR G 207 -41.24 -6.14 -9.20
CA THR G 207 -42.05 -6.64 -10.29
C THR G 207 -43.38 -7.19 -9.75
N GLY G 208 -43.31 -7.89 -8.63
CA GLY G 208 -44.53 -8.42 -8.03
C GLY G 208 -45.45 -7.31 -7.57
N ILE G 209 -44.88 -6.30 -6.93
CA ILE G 209 -45.65 -5.15 -6.45
C ILE G 209 -46.29 -4.45 -7.65
N ALA G 210 -45.51 -4.25 -8.70
CA ALA G 210 -46.00 -3.57 -9.90
C ALA G 210 -47.10 -4.34 -10.63
N LEU G 211 -47.03 -5.67 -10.65
CA LEU G 211 -48.08 -6.40 -11.35
C LEU G 211 -49.39 -6.33 -10.59
N VAL G 212 -49.32 -6.23 -9.25
CA VAL G 212 -50.54 -6.09 -8.47
C VAL G 212 -51.06 -4.67 -8.73
N ASN G 213 -50.16 -3.69 -8.84
CA ASN G 213 -50.56 -2.31 -9.13
C ASN G 213 -51.29 -2.26 -10.48
N ALA G 214 -50.76 -2.97 -11.48
CA ALA G 214 -51.36 -2.97 -12.81
C ALA G 214 -52.79 -3.49 -12.79
N HIS G 215 -53.00 -4.57 -12.04
CA HIS G 215 -54.33 -5.17 -11.95
C HIS G 215 -55.31 -4.21 -11.27
N ALA G 216 -54.89 -3.63 -10.15
CA ALA G 216 -55.73 -2.69 -9.41
C ALA G 216 -56.10 -1.49 -10.27
N CYS G 217 -55.14 -0.95 -11.00
CA CYS G 217 -55.40 0.21 -11.84
C CYS G 217 -56.39 -0.07 -12.95
N ARG G 218 -56.41 -1.30 -13.45
CA ARG G 218 -57.35 -1.63 -14.51
C ARG G 218 -58.76 -1.51 -13.95
N HIS G 219 -58.99 -2.07 -12.76
CA HIS G 219 -60.31 -1.97 -12.15
C HIS G 219 -60.66 -0.54 -11.76
N LEU G 220 -59.72 0.18 -11.16
CA LEU G 220 -60.03 1.55 -10.78
C LEU G 220 -60.30 2.42 -12.00
N GLY G 221 -59.63 2.11 -13.11
CA GLY G 221 -59.86 2.88 -14.32
C GLY G 221 -61.27 2.65 -14.82
N ASN G 222 -61.75 1.41 -14.70
CA ASN G 222 -63.11 1.08 -15.11
C ASN G 222 -64.10 1.84 -14.23
N TRP G 223 -63.79 1.97 -12.95
CA TRP G 223 -64.67 2.72 -12.06
C TRP G 223 -64.61 4.21 -12.38
N ALA G 224 -63.41 4.71 -12.71
CA ALA G 224 -63.28 6.12 -13.05
C ALA G 224 -64.19 6.45 -14.24
N VAL G 225 -64.21 5.56 -15.22
CA VAL G 225 -65.04 5.74 -16.41
C VAL G 225 -66.52 5.62 -16.05
N ALA G 226 -66.87 4.57 -15.33
CA ALA G 226 -68.27 4.34 -14.95
C ALA G 226 -68.86 5.46 -14.10
N LEU G 227 -68.05 6.01 -13.19
CA LEU G 227 -68.54 7.08 -12.33
C LEU G 227 -68.62 8.41 -13.07
N THR G 228 -67.71 8.62 -14.03
CA THR G 228 -67.76 9.86 -14.81
C THR G 228 -69.06 9.82 -15.62
N ALA G 229 -69.38 8.64 -16.14
CA ALA G 229 -70.60 8.47 -16.93
C ALA G 229 -71.84 8.71 -16.07
N LEU G 230 -71.86 8.15 -14.88
CA LEU G 230 -72.99 8.31 -13.98
C LEU G 230 -73.10 9.79 -13.57
N LEU G 231 -71.96 10.46 -13.46
CA LEU G 231 -71.95 11.87 -13.10
C LEU G 231 -72.69 12.66 -14.18
N ALA G 232 -72.46 12.27 -15.43
CA ALA G 232 -73.12 12.93 -16.55
C ALA G 232 -74.63 12.73 -16.47
N GLU G 233 -75.05 11.54 -16.02
CA GLU G 233 -76.48 11.26 -15.91
C GLU G 233 -77.11 12.01 -14.74
N CYS G 234 -76.30 12.46 -13.80
CA CYS G 234 -76.82 13.20 -12.65
C CYS G 234 -76.77 14.71 -12.84
N LEU G 235 -75.93 15.16 -13.77
CA LEU G 235 -75.79 16.59 -14.02
C LEU G 235 -76.15 17.01 -15.44
N ARG G 236 -76.91 16.16 -16.14
CA ARG G 236 -77.30 16.45 -17.52
C ARG G 236 -76.09 16.78 -18.37
N GLY G 237 -75.08 15.92 -18.30
CA GLY G 237 -73.85 16.14 -19.06
C GLY G 237 -74.04 16.02 -20.56
N ARG G 238 -73.19 16.70 -21.32
CA ARG G 238 -73.26 16.69 -22.78
C ARG G 238 -72.38 15.62 -23.38
N THR G 239 -72.99 14.68 -24.10
CA THR G 239 -72.24 13.59 -24.73
C THR G 239 -71.47 13.98 -25.98
N GLU G 240 -71.74 15.15 -26.56
CA GLU G 240 -71.01 15.49 -27.78
C GLU G 240 -69.51 15.63 -27.52
N ALA G 241 -69.13 15.94 -26.29
CA ALA G 241 -67.72 16.07 -25.94
C ALA G 241 -67.03 14.72 -26.00
N TRP G 242 -67.82 13.64 -25.93
CA TRP G 242 -67.27 12.30 -25.95
C TRP G 242 -67.39 11.64 -27.33
N ALA G 243 -67.72 12.43 -28.34
CA ALA G 243 -67.88 11.93 -29.69
C ALA G 243 -66.62 11.28 -30.27
N ALA G 244 -66.80 10.20 -31.02
CA ALA G 244 -65.69 9.50 -31.64
C ALA G 244 -64.94 10.40 -32.59
N ALA G 245 -65.66 11.32 -33.24
CA ALA G 245 -65.02 12.23 -34.19
C ALA G 245 -63.90 13.03 -33.53
N LEU G 246 -64.07 13.40 -32.26
CA LEU G 246 -63.06 14.15 -31.54
C LEU G 246 -61.84 13.29 -31.28
N SER G 247 -62.07 12.00 -31.01
CA SER G 247 -60.97 11.06 -30.78
C SER G 247 -60.14 10.93 -32.05
N ASP G 248 -60.81 10.81 -33.18
CA ASP G 248 -60.11 10.67 -34.44
C ASP G 248 -59.25 11.88 -34.77
N LEU G 249 -59.66 13.05 -34.32
CA LEU G 249 -58.90 14.27 -34.57
C LEU G 249 -57.62 14.36 -33.71
N ARG G 250 -57.63 13.70 -32.57
CA ARG G 250 -56.47 13.69 -31.65
C ARG G 250 -56.37 12.22 -31.23
N PRO G 251 -55.92 11.35 -32.15
CA PRO G 251 -55.76 9.90 -32.00
C PRO G 251 -54.89 9.21 -30.96
N HIS G 252 -54.90 9.70 -29.72
CA HIS G 252 -54.15 9.02 -28.67
C HIS G 252 -55.00 7.79 -28.35
N PRO G 253 -54.41 6.57 -28.38
CA PRO G 253 -55.16 5.35 -28.10
C PRO G 253 -55.97 5.39 -26.80
N GLY G 254 -55.34 5.85 -25.73
CA GLY G 254 -56.00 5.92 -24.44
C GLY G 254 -57.21 6.82 -24.43
N GLN G 255 -57.14 7.92 -25.17
CA GLN G 255 -58.25 8.86 -25.24
C GLN G 255 -59.40 8.27 -26.06
N LYS G 256 -59.05 7.62 -27.17
CA LYS G 256 -60.07 7.02 -28.01
C LYS G 256 -60.81 5.95 -27.21
N ASP G 257 -60.06 5.16 -26.45
CA ASP G 257 -60.65 4.11 -25.63
C ASP G 257 -61.52 4.69 -24.52
N ALA G 258 -61.02 5.72 -23.84
CA ALA G 258 -61.79 6.34 -22.76
C ALA G 258 -63.12 6.90 -23.30
N ALA G 259 -63.06 7.60 -24.43
CA ALA G 259 -64.28 8.18 -25.01
C ALA G 259 -65.26 7.09 -25.40
N ALA G 260 -64.77 6.03 -26.03
CA ALA G 260 -65.66 4.94 -26.44
C ALA G 260 -66.30 4.28 -25.23
N ARG G 261 -65.53 4.07 -24.18
CA ARG G 261 -66.05 3.45 -22.97
C ARG G 261 -67.09 4.34 -22.30
N LEU G 262 -66.86 5.65 -22.32
CA LEU G 262 -67.80 6.60 -21.71
C LEU G 262 -69.11 6.57 -22.48
N ARG G 263 -69.04 6.56 -23.81
CA ARG G 263 -70.24 6.53 -24.63
C ARG G 263 -71.04 5.27 -24.33
N ALA G 264 -70.34 4.15 -24.17
CA ALA G 264 -71.01 2.88 -23.90
C ALA G 264 -71.75 2.89 -22.57
N ARG G 265 -71.14 3.50 -21.55
CA ARG G 265 -71.75 3.55 -20.22
C ARG G 265 -73.09 4.30 -20.25
N VAL G 266 -73.19 5.37 -21.02
CA VAL G 266 -74.41 6.14 -21.08
C VAL G 266 -75.38 5.76 -22.20
N ASP G 267 -75.06 4.71 -22.94
CA ASP G 267 -75.95 4.28 -24.01
C ASP G 267 -77.29 3.93 -23.38
N GLY G 268 -78.37 4.43 -23.97
CA GLY G 268 -79.70 4.14 -23.43
C GLY G 268 -80.17 5.11 -22.36
N SER G 269 -79.32 6.08 -22.03
CA SER G 269 -79.67 7.08 -21.02
C SER G 269 -80.54 8.19 -21.60
N ALA G 270 -81.51 8.65 -20.82
CA ALA G 270 -82.38 9.74 -21.25
C ALA G 270 -82.07 10.94 -20.37
N ARG G 271 -81.05 10.79 -19.52
CA ARG G 271 -80.65 11.84 -18.60
C ARG G 271 -79.49 12.71 -19.08
N VAL G 272 -78.86 12.30 -20.17
CA VAL G 272 -77.75 13.08 -20.73
C VAL G 272 -78.23 13.90 -21.91
N VAL G 273 -77.50 14.96 -22.22
CA VAL G 273 -77.83 15.83 -23.35
C VAL G 273 -77.03 15.33 -24.56
N ARG G 274 -77.72 14.93 -25.62
CA ARG G 274 -77.05 14.41 -26.80
C ARG G 274 -77.01 15.36 -27.99
N HIS G 275 -77.70 16.49 -27.87
CA HIS G 275 -77.74 17.47 -28.94
C HIS G 275 -76.37 18.08 -29.21
N VAL G 276 -76.07 18.32 -30.49
CA VAL G 276 -74.82 18.95 -30.88
C VAL G 276 -75.21 20.43 -30.93
N ILE G 277 -74.59 21.26 -30.09
CA ILE G 277 -74.99 22.66 -30.06
C ILE G 277 -74.86 23.45 -31.35
N ALA G 278 -73.85 23.15 -32.17
CA ALA G 278 -73.66 23.88 -33.42
C ALA G 278 -74.76 23.65 -34.45
N GLU G 279 -75.66 22.72 -34.18
CA GLU G 279 -76.77 22.44 -35.10
C GLU G 279 -77.77 23.60 -35.03
N ARG G 280 -77.84 24.22 -33.85
CA ARG G 280 -78.74 25.33 -33.59
C ARG G 280 -78.38 26.61 -34.33
N ARG G 281 -79.35 27.21 -35.00
CA ARG G 281 -79.14 28.47 -35.71
C ARG G 281 -79.77 29.56 -34.84
N LEU G 282 -78.98 30.57 -34.52
CA LEU G 282 -79.46 31.66 -33.66
C LEU G 282 -80.11 32.80 -34.42
N ASP G 283 -81.18 33.35 -33.83
CA ASP G 283 -81.88 34.49 -34.40
C ASP G 283 -81.61 35.67 -33.49
N ALA G 284 -81.85 36.88 -33.99
CA ALA G 284 -81.62 38.09 -33.19
C ALA G 284 -82.27 38.03 -31.82
N GLY G 285 -83.49 37.52 -31.76
CA GLY G 285 -84.20 37.44 -30.49
C GLY G 285 -83.56 36.52 -29.45
N ASP G 286 -82.68 35.63 -29.88
CA ASP G 286 -82.03 34.69 -28.97
C ASP G 286 -80.87 35.32 -28.22
N ILE G 287 -80.27 36.36 -28.81
CA ILE G 287 -79.12 37.03 -28.22
C ILE G 287 -79.38 37.58 -26.82
N GLY G 288 -78.61 37.08 -25.86
CA GLY G 288 -78.73 37.51 -24.48
C GLY G 288 -78.02 36.48 -23.62
N THR G 289 -78.34 36.46 -22.34
CA THR G 289 -77.70 35.52 -21.42
C THR G 289 -78.61 34.29 -21.21
N GLU G 290 -78.09 33.12 -21.55
CA GLU G 290 -78.86 31.89 -21.40
C GLU G 290 -78.60 31.28 -20.01
N PRO G 291 -79.50 30.41 -19.55
CA PRO G 291 -79.38 29.77 -18.24
C PRO G 291 -78.09 28.97 -18.06
N GLU G 292 -77.69 28.23 -19.08
CA GLU G 292 -76.46 27.44 -19.00
C GLU G 292 -75.60 27.59 -20.23
N ALA G 293 -74.29 27.42 -20.05
CA ALA G 293 -73.35 27.51 -21.15
C ALA G 293 -73.51 26.26 -22.01
N GLY G 294 -73.13 26.36 -23.28
CA GLY G 294 -73.26 25.24 -24.19
C GLY G 294 -72.28 24.11 -24.02
N GLN G 295 -71.33 24.26 -23.09
CA GLN G 295 -70.34 23.21 -22.83
C GLN G 295 -70.22 22.96 -21.33
N ASP G 296 -69.86 21.74 -20.96
CA ASP G 296 -69.71 21.40 -19.54
C ASP G 296 -68.36 21.82 -18.99
N ALA G 297 -68.24 21.79 -17.67
CA ALA G 297 -66.98 22.10 -17.00
C ALA G 297 -66.03 20.97 -17.37
N TYR G 298 -64.73 21.19 -17.22
CA TYR G 298 -63.74 20.20 -17.59
C TYR G 298 -63.85 18.80 -16.97
N SER G 299 -64.32 18.71 -15.73
CA SER G 299 -64.43 17.41 -15.06
C SER G 299 -65.33 16.43 -15.83
N LEU G 300 -66.09 16.95 -16.79
CA LEU G 300 -66.95 16.11 -17.61
C LEU G 300 -66.49 16.21 -19.07
N ARG G 301 -66.38 17.44 -19.58
CA ARG G 301 -65.98 17.65 -20.96
C ARG G 301 -64.60 17.14 -21.35
N CYS G 302 -63.64 17.23 -20.44
CA CYS G 302 -62.28 16.79 -20.73
C CYS G 302 -61.94 15.43 -20.15
N ALA G 303 -62.96 14.67 -19.76
CA ALA G 303 -62.74 13.36 -19.19
C ALA G 303 -61.99 12.41 -20.14
N PRO G 304 -62.33 12.41 -21.45
CA PRO G 304 -61.61 11.50 -22.35
C PRO G 304 -60.10 11.80 -22.38
N GLN G 305 -59.77 13.09 -22.37
CA GLN G 305 -58.39 13.54 -22.43
C GLN G 305 -57.60 13.27 -21.14
N VAL G 306 -58.24 13.48 -19.99
CA VAL G 306 -57.56 13.25 -18.72
C VAL G 306 -57.46 11.75 -18.46
N LEU G 307 -58.58 11.04 -18.53
CA LEU G 307 -58.56 9.60 -18.32
C LEU G 307 -57.66 8.94 -19.38
N GLY G 308 -57.76 9.42 -20.61
CA GLY G 308 -56.97 8.87 -21.70
C GLY G 308 -55.47 8.95 -21.50
N ALA G 309 -54.99 10.07 -20.95
CA ALA G 309 -53.56 10.23 -20.70
C ALA G 309 -53.14 9.24 -19.62
N GLY G 310 -54.00 9.05 -18.63
CA GLY G 310 -53.71 8.11 -17.57
C GLY G 310 -53.67 6.69 -18.14
N PHE G 311 -54.60 6.37 -19.02
CA PHE G 311 -54.64 5.05 -19.62
C PHE G 311 -53.41 4.78 -20.49
N ASP G 312 -52.93 5.80 -21.19
CA ASP G 312 -51.74 5.61 -22.02
C ASP G 312 -50.52 5.40 -21.12
N THR G 313 -50.52 6.01 -19.93
CA THR G 313 -49.40 5.84 -19.02
C THR G 313 -49.44 4.40 -18.50
N LEU G 314 -50.62 3.92 -18.16
CA LEU G 314 -50.77 2.55 -17.67
C LEU G 314 -50.37 1.56 -18.75
N ALA G 315 -50.69 1.87 -20.01
CA ALA G 315 -50.34 0.99 -21.11
C ALA G 315 -48.82 0.87 -21.24
N TRP G 316 -48.12 1.98 -21.07
CA TRP G 316 -46.66 1.97 -21.15
C TRP G 316 -46.10 1.16 -19.99
N HIS G 317 -46.61 1.44 -18.80
CA HIS G 317 -46.20 0.73 -17.58
C HIS G 317 -46.36 -0.77 -17.81
N ASP G 318 -47.51 -1.18 -18.32
CA ASP G 318 -47.77 -2.60 -18.55
C ASP G 318 -46.88 -3.22 -19.63
N ARG G 319 -46.54 -2.47 -20.67
CA ARG G 319 -45.67 -2.98 -21.73
C ARG G 319 -44.28 -3.28 -21.13
N VAL G 320 -43.76 -2.32 -20.39
CA VAL G 320 -42.45 -2.47 -19.77
C VAL G 320 -42.48 -3.58 -18.73
N LEU G 321 -43.53 -3.62 -17.91
CA LEU G 321 -43.64 -4.63 -16.88
C LEU G 321 -43.76 -6.04 -17.46
N THR G 322 -44.46 -6.19 -18.58
CA THR G 322 -44.59 -7.50 -19.18
C THR G 322 -43.23 -8.03 -19.62
N ILE G 323 -42.38 -7.14 -20.13
CA ILE G 323 -41.04 -7.56 -20.54
C ILE G 323 -40.25 -7.96 -19.30
N GLU G 324 -40.31 -7.13 -18.26
CA GLU G 324 -39.59 -7.38 -17.02
C GLU G 324 -40.01 -8.69 -16.35
N LEU G 325 -41.31 -8.91 -16.26
CA LEU G 325 -41.83 -10.13 -15.63
C LEU G 325 -41.32 -11.39 -16.33
N ASN G 326 -41.27 -11.34 -17.65
CA ASN G 326 -40.84 -12.50 -18.44
C ASN G 326 -39.35 -12.57 -18.76
N ALA G 327 -38.58 -11.67 -18.17
CA ALA G 327 -37.15 -11.63 -18.40
C ALA G 327 -36.37 -12.35 -17.31
N VAL G 328 -35.07 -12.50 -17.54
CA VAL G 328 -34.17 -13.09 -16.55
C VAL G 328 -33.40 -11.89 -16.01
N THR G 329 -33.66 -11.54 -14.76
CA THR G 329 -32.96 -10.39 -14.16
C THR G 329 -31.83 -10.83 -13.23
N ASP G 330 -31.47 -12.10 -13.35
CA ASP G 330 -30.41 -12.70 -12.53
C ASP G 330 -28.99 -12.27 -12.89
N ASN G 331 -28.11 -12.40 -11.90
CA ASN G 331 -26.69 -12.17 -12.07
C ASN G 331 -26.01 -13.03 -11.01
N PRO G 332 -25.10 -13.93 -11.42
CA PRO G 332 -24.71 -14.16 -12.83
C PRO G 332 -25.78 -15.01 -13.50
N VAL G 333 -25.58 -15.30 -14.78
CA VAL G 333 -26.51 -16.12 -15.54
C VAL G 333 -25.72 -17.16 -16.31
N PHE G 334 -26.35 -18.29 -16.59
CA PHE G 334 -25.70 -19.37 -17.32
C PHE G 334 -26.37 -19.54 -18.68
N PRO G 335 -25.75 -18.99 -19.73
CA PRO G 335 -26.25 -19.04 -21.11
C PRO G 335 -26.69 -20.42 -21.56
N PRO G 336 -27.98 -20.57 -21.91
CA PRO G 336 -28.52 -21.86 -22.37
C PRO G 336 -27.80 -22.38 -23.62
N ASP G 337 -27.28 -21.47 -24.45
CA ASP G 337 -26.60 -21.89 -25.68
C ASP G 337 -25.19 -22.44 -25.45
N GLY G 338 -24.73 -22.39 -24.20
CA GLY G 338 -23.40 -22.91 -23.88
C GLY G 338 -22.22 -22.13 -24.44
N SER G 339 -22.47 -20.90 -24.88
CA SER G 339 -21.41 -20.06 -25.44
C SER G 339 -20.28 -19.82 -24.44
N VAL G 340 -20.63 -19.47 -23.21
CA VAL G 340 -19.66 -19.25 -22.15
C VAL G 340 -20.23 -19.89 -20.89
N PRO G 341 -19.36 -20.20 -19.90
CA PRO G 341 -19.85 -20.83 -18.67
C PRO G 341 -20.88 -19.98 -17.92
N ALA G 342 -20.63 -18.68 -17.87
CA ALA G 342 -21.53 -17.75 -17.20
C ALA G 342 -21.23 -16.33 -17.63
N LEU G 343 -22.21 -15.46 -17.47
CA LEU G 343 -22.07 -14.05 -17.80
C LEU G 343 -22.30 -13.23 -16.55
N HIS G 344 -21.52 -12.17 -16.39
CA HIS G 344 -21.65 -11.27 -15.25
C HIS G 344 -22.00 -9.88 -15.77
N GLY G 345 -23.08 -9.32 -15.25
CA GLY G 345 -23.52 -8.00 -15.67
C GLY G 345 -24.43 -7.37 -14.65
N GLY G 346 -25.37 -6.55 -15.09
CA GLY G 346 -26.26 -5.89 -14.16
C GLY G 346 -27.74 -5.92 -14.47
N ASN G 347 -28.24 -7.07 -14.91
CA ASN G 347 -29.66 -7.18 -15.23
C ASN G 347 -30.61 -7.08 -14.04
N PHE G 348 -30.04 -6.98 -12.85
CA PHE G 348 -30.81 -6.85 -11.61
C PHE G 348 -31.14 -5.39 -11.31
N MET G 349 -30.57 -4.46 -12.08
CA MET G 349 -30.82 -3.04 -11.86
C MET G 349 -32.25 -2.71 -12.28
N GLY G 350 -33.11 -2.47 -11.30
CA GLY G 350 -34.52 -2.22 -11.60
C GLY G 350 -34.95 -0.83 -12.04
N GLN G 351 -34.18 -0.21 -12.92
CA GLN G 351 -34.52 1.12 -13.36
C GLN G 351 -35.81 1.20 -14.17
N HIS G 352 -36.12 0.14 -14.91
CA HIS G 352 -37.35 0.15 -15.71
C HIS G 352 -38.61 0.19 -14.88
N VAL G 353 -38.69 -0.66 -13.85
CA VAL G 353 -39.87 -0.66 -13.00
C VAL G 353 -39.89 0.63 -12.18
N ALA G 354 -38.71 1.13 -11.82
CA ALA G 354 -38.65 2.37 -11.05
C ALA G 354 -39.28 3.52 -11.81
N LEU G 355 -38.85 3.72 -13.06
CA LEU G 355 -39.36 4.83 -13.86
C LEU G 355 -40.83 4.67 -14.25
N THR G 356 -41.27 3.46 -14.58
CA THR G 356 -42.66 3.27 -14.95
C THR G 356 -43.56 3.39 -13.72
N SER G 357 -43.08 2.93 -12.56
CA SER G 357 -43.89 3.05 -11.34
C SER G 357 -44.07 4.52 -10.97
N ASP G 358 -43.00 5.31 -11.10
CA ASP G 358 -43.10 6.73 -10.78
C ASP G 358 -44.05 7.44 -11.74
N ALA G 359 -44.02 7.06 -13.02
CA ALA G 359 -44.88 7.68 -14.02
C ALA G 359 -46.34 7.31 -13.74
N LEU G 360 -46.59 6.04 -13.41
CA LEU G 360 -47.94 5.61 -13.10
C LEU G 360 -48.45 6.31 -11.84
N ALA G 361 -47.57 6.47 -10.85
CA ALA G 361 -47.95 7.15 -9.61
C ALA G 361 -48.46 8.56 -9.90
N THR G 362 -47.79 9.27 -10.81
CA THR G 362 -48.19 10.61 -11.17
C THR G 362 -49.56 10.57 -11.86
N ALA G 363 -49.74 9.61 -12.76
CA ALA G 363 -51.00 9.48 -13.48
C ALA G 363 -52.14 9.18 -12.50
N VAL G 364 -51.88 8.31 -11.52
CA VAL G 364 -52.89 7.95 -10.54
C VAL G 364 -53.28 9.19 -9.73
N THR G 365 -52.30 10.01 -9.38
CA THR G 365 -52.59 11.22 -8.62
C THR G 365 -53.44 12.19 -9.44
N VAL G 366 -53.16 12.27 -10.73
CA VAL G 366 -53.91 13.14 -11.63
C VAL G 366 -55.37 12.65 -11.75
N LEU G 367 -55.54 11.34 -11.94
CA LEU G 367 -56.89 10.81 -12.07
C LEU G 367 -57.66 10.88 -10.75
N ALA G 368 -56.94 10.76 -9.63
CA ALA G 368 -57.58 10.86 -8.33
C ALA G 368 -58.07 12.30 -8.17
N GLY G 369 -57.29 13.24 -8.71
CA GLY G 369 -57.67 14.64 -8.63
C GLY G 369 -58.95 14.89 -9.41
N LEU G 370 -59.10 14.20 -10.55
CA LEU G 370 -60.31 14.32 -11.36
C LEU G 370 -61.52 13.86 -10.56
N ALA G 371 -61.41 12.68 -9.95
CA ALA G 371 -62.51 12.13 -9.15
C ALA G 371 -62.83 13.07 -7.99
N GLU G 372 -61.80 13.62 -7.36
CA GLU G 372 -62.02 14.52 -6.24
C GLU G 372 -62.78 15.78 -6.65
N ARG G 373 -62.46 16.32 -7.82
CA ARG G 373 -63.15 17.52 -8.31
C ARG G 373 -64.58 17.18 -8.74
N GLN G 374 -64.79 15.95 -9.19
CA GLN G 374 -66.12 15.51 -9.59
C GLN G 374 -66.99 15.47 -8.33
N ILE G 375 -66.41 15.01 -7.23
CA ILE G 375 -67.14 14.97 -5.97
C ILE G 375 -67.44 16.40 -5.54
N ALA G 376 -66.44 17.27 -5.65
CA ALA G 376 -66.58 18.67 -5.26
C ALA G 376 -67.67 19.39 -6.04
N ARG G 377 -67.86 19.01 -7.30
CA ARG G 377 -68.87 19.65 -8.14
C ARG G 377 -70.26 19.08 -7.82
N LEU G 378 -70.34 17.76 -7.74
CA LEU G 378 -71.60 17.08 -7.45
C LEU G 378 -72.24 17.46 -6.11
N THR G 379 -71.41 17.72 -5.11
CA THR G 379 -71.91 18.07 -3.77
C THR G 379 -72.14 19.56 -3.50
N ASP G 380 -71.78 20.40 -4.47
CA ASP G 380 -71.92 21.85 -4.34
C ASP G 380 -73.27 22.32 -4.89
N GLU G 381 -74.14 22.81 -3.99
CA GLU G 381 -75.46 23.26 -4.39
C GLU G 381 -75.44 24.37 -5.44
N ARG G 382 -74.33 25.09 -5.55
CA ARG G 382 -74.24 26.15 -6.54
C ARG G 382 -73.83 25.60 -7.91
N LEU G 383 -73.23 24.43 -7.91
CA LEU G 383 -72.75 23.81 -9.15
C LEU G 383 -73.48 22.53 -9.58
N ASN G 384 -74.25 21.91 -8.69
CA ASN G 384 -74.90 20.65 -9.04
C ASN G 384 -76.29 20.69 -9.69
N ARG G 385 -76.65 21.84 -10.23
CA ARG G 385 -77.91 22.01 -10.95
C ARG G 385 -79.20 21.54 -10.27
N GLY G 386 -79.46 22.04 -9.06
CA GLY G 386 -80.69 21.68 -8.38
C GLY G 386 -80.66 20.60 -7.33
N LEU G 387 -79.55 19.88 -7.19
CA LEU G 387 -79.47 18.83 -6.20
C LEU G 387 -79.23 19.42 -4.81
N PRO G 388 -79.68 18.73 -3.76
CA PRO G 388 -79.51 19.20 -2.39
C PRO G 388 -78.05 19.41 -2.04
N PRO G 389 -77.75 20.38 -1.16
CA PRO G 389 -76.36 20.62 -0.79
C PRO G 389 -75.77 19.37 -0.13
N PHE G 390 -74.67 18.89 -0.67
CA PHE G 390 -74.00 17.70 -0.16
C PHE G 390 -74.89 16.46 -0.23
N LEU G 391 -75.87 16.52 -1.13
CA LEU G 391 -76.79 15.42 -1.38
C LEU G 391 -77.45 14.86 -0.12
N HIS G 392 -77.76 15.73 0.83
CA HIS G 392 -78.38 15.28 2.07
C HIS G 392 -79.84 14.95 1.87
N ARG G 393 -80.38 14.22 2.84
CA ARG G 393 -81.80 13.89 2.84
C ARG G 393 -82.28 14.29 4.22
N GLY G 394 -83.56 14.58 4.35
CA GLY G 394 -84.08 15.03 5.64
C GLY G 394 -83.92 16.53 5.70
N PRO G 395 -84.32 17.19 6.79
CA PRO G 395 -84.20 18.64 6.92
C PRO G 395 -82.77 19.16 6.75
N ALA G 396 -82.61 20.20 5.92
CA ALA G 396 -81.30 20.80 5.68
C ALA G 396 -80.82 21.43 6.98
N GLY G 397 -79.51 21.42 7.21
CA GLY G 397 -78.99 21.98 8.43
C GLY G 397 -78.91 20.89 9.48
N LEU G 398 -80.05 20.30 9.81
CA LEU G 398 -80.08 19.23 10.77
C LEU G 398 -79.31 18.05 10.19
N ASN G 399 -79.24 18.01 8.86
CA ASN G 399 -78.51 16.96 8.14
C ASN G 399 -77.55 17.60 7.16
N SER G 400 -76.34 17.05 7.09
CA SER G 400 -75.30 17.57 6.19
C SER G 400 -74.93 16.59 5.08
N GLY G 401 -75.52 15.41 5.10
CA GLY G 401 -75.25 14.42 4.07
C GLY G 401 -73.80 14.00 3.94
N PHE G 402 -73.26 14.16 2.74
CA PHE G 402 -71.88 13.79 2.43
C PHE G 402 -70.89 14.92 2.64
N MET G 403 -71.25 15.93 3.41
CA MET G 403 -70.35 17.06 3.65
C MET G 403 -69.02 16.60 4.23
N GLY G 404 -69.06 15.71 5.20
CA GLY G 404 -67.84 15.21 5.81
C GLY G 404 -67.03 14.38 4.83
N ALA G 405 -67.70 13.49 4.12
CA ALA G 405 -67.06 12.61 3.15
C ALA G 405 -66.34 13.39 2.05
N GLN G 406 -66.93 14.51 1.63
CA GLN G 406 -66.34 15.33 0.57
C GLN G 406 -65.00 15.90 1.03
N VAL G 407 -64.93 16.35 2.28
CA VAL G 407 -63.69 16.90 2.82
C VAL G 407 -62.67 15.77 2.96
N THR G 408 -63.13 14.58 3.32
CA THR G 408 -62.23 13.44 3.47
C THR G 408 -61.58 13.14 2.11
N ALA G 409 -62.34 13.22 1.03
CA ALA G 409 -61.79 12.95 -0.29
C ALA G 409 -60.68 13.95 -0.60
N THR G 410 -60.90 15.21 -0.25
CA THR G 410 -59.90 16.25 -0.47
C THR G 410 -58.66 15.95 0.34
N ALA G 411 -58.85 15.54 1.60
CA ALA G 411 -57.73 15.22 2.48
C ALA G 411 -56.89 14.07 1.93
N LEU G 412 -57.56 13.05 1.39
CA LEU G 412 -56.84 11.90 0.84
C LEU G 412 -56.00 12.31 -0.37
N LEU G 413 -56.56 13.17 -1.23
CA LEU G 413 -55.84 13.64 -2.40
C LEU G 413 -54.63 14.49 -2.01
N ALA G 414 -54.83 15.37 -1.05
CA ALA G 414 -53.73 16.24 -0.60
C ALA G 414 -52.57 15.40 -0.10
N GLU G 415 -52.87 14.32 0.61
CA GLU G 415 -51.81 13.46 1.12
C GLU G 415 -51.08 12.77 -0.03
N MET G 416 -51.81 12.34 -1.05
CA MET G 416 -51.20 11.69 -2.22
C MET G 416 -50.17 12.63 -2.85
N ARG G 417 -50.53 13.89 -2.98
CA ARG G 417 -49.65 14.88 -3.60
C ARG G 417 -48.34 15.14 -2.87
N ALA G 418 -48.32 14.85 -1.57
CA ALA G 418 -47.12 15.10 -0.77
C ALA G 418 -45.94 14.20 -1.13
N THR G 419 -46.23 13.05 -1.73
CA THR G 419 -45.18 12.12 -2.10
C THR G 419 -44.91 12.14 -3.60
N GLY G 420 -43.64 12.27 -3.97
CA GLY G 420 -43.27 12.31 -5.38
C GLY G 420 -42.52 11.07 -5.83
N PRO G 421 -41.84 11.14 -6.99
CA PRO G 421 -41.07 10.02 -7.53
C PRO G 421 -39.99 9.51 -6.60
N ALA G 422 -39.78 8.20 -6.59
CA ALA G 422 -38.74 7.62 -5.73
C ALA G 422 -37.41 7.54 -6.47
N SER G 423 -37.47 7.36 -7.78
CA SER G 423 -36.28 7.19 -8.62
C SER G 423 -35.20 8.25 -8.57
N ILE G 424 -35.57 9.50 -8.28
CA ILE G 424 -34.61 10.58 -8.26
C ILE G 424 -33.74 10.64 -7.02
N HIS G 425 -33.94 9.71 -6.08
CA HIS G 425 -33.19 9.72 -4.84
C HIS G 425 -32.05 8.72 -4.70
N SER G 426 -31.45 8.35 -5.83
CA SER G 426 -30.34 7.41 -5.76
C SER G 426 -29.21 7.96 -4.91
N ILE G 427 -28.65 7.09 -4.07
CA ILE G 427 -27.56 7.44 -3.18
C ILE G 427 -26.51 6.34 -3.29
N SER G 428 -25.24 6.73 -3.45
CA SER G 428 -24.15 5.77 -3.55
C SER G 428 -24.05 4.99 -2.25
N THR G 429 -24.00 3.66 -2.34
CA THR G 429 -23.94 2.84 -1.14
C THR G 429 -23.09 1.59 -1.36
N ASN G 430 -23.02 0.71 -0.36
CA ASN G 430 -22.22 -0.51 -0.46
C ASN G 430 -20.75 -0.16 -0.72
N ALA G 431 -20.19 0.73 0.09
CA ALA G 431 -18.81 1.16 -0.05
C ALA G 431 -18.55 1.72 -1.46
N ALA G 432 -19.55 2.43 -1.98
CA ALA G 432 -19.53 3.05 -3.30
C ALA G 432 -19.58 2.07 -4.48
N ASN G 433 -19.69 0.77 -4.19
CA ASN G 433 -19.77 -0.24 -5.25
C ASN G 433 -21.13 -0.09 -5.95
N GLN G 434 -22.17 0.13 -5.17
CA GLN G 434 -23.50 0.34 -5.75
C GLN G 434 -23.62 1.86 -5.81
N ASP G 435 -22.85 2.50 -6.69
CA ASP G 435 -22.88 3.95 -6.74
C ASP G 435 -24.12 4.59 -7.34
N VAL G 436 -24.94 3.79 -8.03
CA VAL G 436 -26.23 4.24 -8.53
C VAL G 436 -27.19 3.08 -8.22
N VAL G 437 -28.39 3.38 -7.74
CA VAL G 437 -29.37 2.34 -7.42
C VAL G 437 -30.73 2.76 -7.96
N SER G 438 -31.58 1.80 -8.30
CA SER G 438 -32.88 2.12 -8.91
C SER G 438 -33.99 2.57 -7.99
N LEU G 439 -34.05 2.01 -6.78
CA LEU G 439 -35.10 2.30 -5.82
C LEU G 439 -36.46 1.90 -6.41
N GLY G 440 -36.43 0.92 -7.33
CA GLY G 440 -37.65 0.47 -7.97
C GLY G 440 -38.70 -0.12 -7.06
N THR G 441 -38.25 -0.80 -6.01
CA THR G 441 -39.16 -1.41 -5.04
C THR G 441 -39.91 -0.31 -4.29
N ILE G 442 -39.19 0.72 -3.89
CA ILE G 442 -39.79 1.85 -3.20
C ILE G 442 -40.77 2.54 -4.15
N ALA G 443 -40.36 2.72 -5.41
CA ALA G 443 -41.22 3.37 -6.40
C ALA G 443 -42.55 2.63 -6.55
N ALA G 444 -42.48 1.31 -6.66
CA ALA G 444 -43.68 0.51 -6.83
C ALA G 444 -44.55 0.57 -5.57
N ARG G 445 -43.93 0.60 -4.39
CA ARG G 445 -44.69 0.67 -3.16
C ARG G 445 -45.37 2.03 -2.99
N LEU G 446 -44.70 3.10 -3.39
CA LEU G 446 -45.30 4.43 -3.27
C LEU G 446 -46.48 4.53 -4.22
N CYS G 447 -46.35 3.90 -5.39
CA CYS G 447 -47.41 3.90 -6.37
C CYS G 447 -48.62 3.15 -5.79
N ARG G 448 -48.35 2.05 -5.08
CA ARG G 448 -49.44 1.26 -4.49
C ARG G 448 -50.22 2.10 -3.47
N GLU G 449 -49.51 2.89 -2.67
CA GLU G 449 -50.20 3.71 -1.67
C GLU G 449 -51.13 4.69 -2.37
N LYS G 450 -50.68 5.28 -3.47
CA LYS G 450 -51.53 6.24 -4.20
C LYS G 450 -52.75 5.54 -4.78
N ILE G 451 -52.55 4.32 -5.27
CA ILE G 451 -53.65 3.53 -5.82
C ILE G 451 -54.69 3.27 -4.72
N ASP G 452 -54.24 2.95 -3.50
CA ASP G 452 -55.18 2.72 -2.41
C ASP G 452 -55.97 3.99 -2.07
N ARG G 453 -55.32 5.15 -2.14
CA ARG G 453 -56.01 6.41 -1.86
C ARG G 453 -57.02 6.71 -2.97
N TRP G 454 -56.63 6.42 -4.21
CA TRP G 454 -57.52 6.64 -5.36
C TRP G 454 -58.78 5.79 -5.19
N ALA G 455 -58.61 4.56 -4.71
CA ALA G 455 -59.75 3.67 -4.49
C ALA G 455 -60.73 4.27 -3.47
N GLU G 456 -60.19 4.89 -2.43
CA GLU G 456 -61.03 5.50 -1.41
C GLU G 456 -61.77 6.71 -1.95
N ILE G 457 -61.09 7.52 -2.76
CA ILE G 457 -61.72 8.69 -3.34
C ILE G 457 -62.84 8.26 -4.29
N LEU G 458 -62.58 7.23 -5.09
CA LEU G 458 -63.58 6.71 -6.01
C LEU G 458 -64.77 6.12 -5.25
N ALA G 459 -64.50 5.53 -4.09
CA ALA G 459 -65.59 4.96 -3.29
C ALA G 459 -66.51 6.06 -2.80
N ILE G 460 -65.93 7.18 -2.39
CA ILE G 460 -66.73 8.31 -1.93
C ILE G 460 -67.57 8.83 -3.10
N LEU G 461 -66.94 8.96 -4.26
CA LEU G 461 -67.66 9.41 -5.44
C LEU G 461 -68.81 8.46 -5.79
N ALA G 462 -68.57 7.15 -5.66
CA ALA G 462 -69.61 6.15 -5.96
C ALA G 462 -70.80 6.29 -5.02
N LEU G 463 -70.53 6.43 -3.73
CA LEU G 463 -71.62 6.57 -2.76
C LEU G 463 -72.40 7.85 -3.03
N CYS G 464 -71.69 8.92 -3.36
CA CYS G 464 -72.33 10.20 -3.66
C CYS G 464 -73.23 10.07 -4.89
N LEU G 465 -72.73 9.39 -5.92
CA LEU G 465 -73.48 9.21 -7.16
C LEU G 465 -74.72 8.35 -7.00
N ALA G 466 -74.65 7.32 -6.15
CA ALA G 466 -75.80 6.46 -5.94
C ALA G 466 -76.90 7.33 -5.33
N GLN G 467 -76.54 8.18 -4.38
CA GLN G 467 -77.49 9.07 -3.73
C GLN G 467 -78.02 10.11 -4.71
N ALA G 468 -77.10 10.73 -5.45
CA ALA G 468 -77.48 11.75 -6.43
C ALA G 468 -78.41 11.21 -7.51
N ALA G 469 -78.17 9.99 -7.94
CA ALA G 469 -78.99 9.37 -8.98
C ALA G 469 -80.43 9.21 -8.50
N GLU G 470 -80.60 8.79 -7.26
CA GLU G 470 -81.92 8.60 -6.69
C GLU G 470 -82.60 9.93 -6.42
N LEU G 471 -81.82 10.93 -6.01
CA LEU G 471 -82.37 12.26 -5.75
C LEU G 471 -82.83 12.92 -7.04
N ARG G 472 -82.07 12.70 -8.11
CA ARG G 472 -82.39 13.29 -9.41
C ARG G 472 -83.46 12.52 -10.18
N CYS G 473 -83.37 11.19 -10.17
CA CYS G 473 -84.28 10.36 -10.96
C CYS G 473 -85.27 9.50 -10.18
N GLY G 474 -85.28 9.63 -8.85
CA GLY G 474 -86.19 8.84 -8.04
C GLY G 474 -85.58 7.47 -7.75
N SER G 475 -86.12 6.77 -6.76
CA SER G 475 -85.61 5.45 -6.39
C SER G 475 -85.66 4.49 -7.57
N GLY G 476 -86.57 4.74 -8.50
CA GLY G 476 -86.71 3.89 -9.67
C GLY G 476 -85.68 4.20 -10.74
N LEU G 477 -84.93 5.27 -10.53
CA LEU G 477 -83.89 5.69 -11.48
C LEU G 477 -84.43 5.86 -12.89
N ASP G 478 -85.50 6.64 -13.02
CA ASP G 478 -86.11 6.87 -14.32
C ASP G 478 -85.17 7.62 -15.27
N GLY G 479 -85.03 7.09 -16.49
CA GLY G 479 -84.17 7.72 -17.47
C GLY G 479 -82.70 7.33 -17.38
N VAL G 480 -82.31 6.66 -16.31
CA VAL G 480 -80.92 6.24 -16.16
C VAL G 480 -80.61 5.08 -17.09
N SER G 481 -79.41 5.09 -17.65
CA SER G 481 -78.96 4.05 -18.57
C SER G 481 -78.95 2.68 -17.89
N PRO G 482 -79.00 1.60 -18.69
CA PRO G 482 -78.99 0.24 -18.14
C PRO G 482 -77.73 0.01 -17.30
N ALA G 483 -76.59 0.51 -17.79
CA ALA G 483 -75.33 0.35 -17.07
C ALA G 483 -75.35 1.09 -15.75
N GLY G 484 -75.88 2.31 -15.78
CA GLY G 484 -75.95 3.11 -14.56
C GLY G 484 -76.88 2.49 -13.54
N LYS G 485 -78.02 1.98 -14.00
CA LYS G 485 -78.98 1.35 -13.11
C LYS G 485 -78.34 0.12 -12.47
N LYS G 486 -77.67 -0.68 -13.27
CA LYS G 486 -77.01 -1.88 -12.80
C LYS G 486 -75.98 -1.56 -11.71
N LEU G 487 -75.23 -0.48 -11.91
CA LEU G 487 -74.21 -0.08 -10.95
C LEU G 487 -74.81 0.37 -9.63
N VAL G 488 -75.82 1.23 -9.69
CA VAL G 488 -76.46 1.73 -8.48
C VAL G 488 -77.15 0.61 -7.71
N GLN G 489 -77.87 -0.26 -8.41
CA GLN G 489 -78.57 -1.36 -7.75
C GLN G 489 -77.57 -2.29 -7.04
N ALA G 490 -76.43 -2.52 -7.67
CA ALA G 490 -75.39 -3.37 -7.09
C ALA G 490 -74.85 -2.74 -5.81
N LEU G 491 -74.60 -1.44 -5.84
CA LEU G 491 -74.09 -0.74 -4.66
C LEU G 491 -75.13 -0.79 -3.54
N ARG G 492 -76.39 -0.58 -3.90
CA ARG G 492 -77.48 -0.58 -2.92
C ARG G 492 -77.70 -1.94 -2.27
N GLU G 493 -77.11 -2.98 -2.84
CA GLU G 493 -77.25 -4.32 -2.28
C GLU G 493 -76.48 -4.39 -0.96
N GLN G 494 -75.42 -3.59 -0.86
CA GLN G 494 -74.59 -3.58 0.33
C GLN G 494 -74.54 -2.23 1.06
N PHE G 495 -74.81 -1.15 0.33
CA PHE G 495 -74.77 0.19 0.90
C PHE G 495 -76.11 0.91 0.77
N PRO G 496 -76.85 1.04 1.87
CA PRO G 496 -78.14 1.71 1.90
C PRO G 496 -78.08 3.20 1.63
N PRO G 497 -79.20 3.79 1.16
CA PRO G 497 -79.25 5.21 0.88
C PRO G 497 -79.02 6.02 2.16
N LEU G 498 -78.58 7.26 2.01
CA LEU G 498 -78.33 8.12 3.16
C LEU G 498 -79.60 8.94 3.40
N GLU G 499 -80.52 8.40 4.19
CA GLU G 499 -81.77 9.09 4.49
C GLU G 499 -81.61 10.07 5.64
N THR G 500 -80.57 9.86 6.43
CA THR G 500 -80.24 10.70 7.57
C THR G 500 -78.76 10.50 7.86
N ASP G 501 -78.07 11.55 8.31
CA ASP G 501 -76.65 11.46 8.59
C ASP G 501 -76.24 10.25 9.44
N ARG G 502 -75.15 9.61 9.02
CA ARG G 502 -74.60 8.46 9.73
C ARG G 502 -73.12 8.35 9.40
N PRO G 503 -72.33 7.67 10.26
CA PRO G 503 -70.90 7.51 10.01
C PRO G 503 -70.70 6.75 8.71
N LEU G 504 -69.84 7.28 7.82
CA LEU G 504 -69.58 6.65 6.53
C LEU G 504 -68.19 6.05 6.40
N GLY G 505 -67.33 6.32 7.36
CA GLY G 505 -65.96 5.82 7.32
C GLY G 505 -65.79 4.36 6.99
N GLN G 506 -66.48 3.49 7.72
CA GLN G 506 -66.36 2.05 7.48
C GLN G 506 -66.91 1.64 6.11
N GLU G 507 -67.98 2.30 5.68
CA GLU G 507 -68.57 1.99 4.38
C GLU G 507 -67.61 2.37 3.26
N ILE G 508 -66.97 3.52 3.42
CA ILE G 508 -66.00 3.99 2.43
C ILE G 508 -64.86 2.99 2.30
N ALA G 509 -64.32 2.54 3.44
CA ALA G 509 -63.23 1.58 3.45
C ALA G 509 -63.63 0.25 2.82
N ALA G 510 -64.83 -0.22 3.14
CA ALA G 510 -65.31 -1.49 2.60
C ALA G 510 -65.50 -1.43 1.09
N LEU G 511 -66.07 -0.34 0.60
CA LEU G 511 -66.29 -0.19 -0.83
C LEU G 511 -64.96 -0.09 -1.58
N ALA G 512 -64.02 0.64 -0.99
CA ALA G 512 -62.70 0.81 -1.62
C ALA G 512 -62.04 -0.54 -1.85
N THR G 513 -62.19 -1.45 -0.88
CA THR G 513 -61.59 -2.78 -0.99
C THR G 513 -62.18 -3.51 -2.21
N HIS G 514 -63.47 -3.29 -2.45
CA HIS G 514 -64.17 -3.91 -3.57
C HIS G 514 -63.72 -3.31 -4.91
N LEU G 515 -63.61 -2.00 -4.98
CA LEU G 515 -63.21 -1.32 -6.21
C LEU G 515 -61.87 -1.77 -6.75
N LEU G 516 -60.96 -2.15 -5.86
CA LEU G 516 -59.63 -2.59 -6.27
C LEU G 516 -59.60 -3.98 -6.89
N GLN G 517 -60.64 -4.78 -6.66
CA GLN G 517 -60.65 -6.15 -7.16
C GLN G 517 -61.70 -6.48 -8.21
N GLN G 518 -62.71 -5.63 -8.36
CA GLN G 518 -63.77 -5.88 -9.32
C GLN G 518 -64.20 -4.60 -10.01
N SER G 519 -64.68 -4.76 -11.25
CA SER G 519 -65.15 -3.63 -12.05
C SER G 519 -66.68 -3.63 -12.13
N PRO G 520 -67.27 -2.49 -12.48
CA PRO G 520 -68.73 -2.39 -12.59
C PRO G 520 -69.24 -3.01 -13.89
N VAL G 521 -69.74 -4.24 -13.77
CA VAL G 521 -70.26 -4.96 -14.93
C VAL G 521 -71.57 -5.64 -14.54
N LYS H 8 -48.75 6.83 41.26
CA LYS H 8 -48.44 7.34 39.89
C LYS H 8 -48.33 8.87 39.89
N PRO H 9 -47.30 9.41 39.22
CA PRO H 9 -47.11 10.87 39.15
C PRO H 9 -48.40 11.56 38.73
N ALA H 10 -48.65 12.74 39.27
CA ALA H 10 -49.87 13.47 38.93
C ALA H 10 -49.59 14.86 38.36
N VAL H 11 -50.23 15.15 37.22
CA VAL H 11 -50.08 16.44 36.57
C VAL H 11 -51.34 17.24 36.83
N GLU H 12 -51.21 18.33 37.59
CA GLU H 12 -52.35 19.17 37.90
C GLU H 12 -52.47 20.25 36.83
N LEU H 13 -53.54 20.19 36.05
CA LEU H 13 -53.76 21.14 34.97
C LEU H 13 -54.59 22.35 35.40
N ASP H 14 -54.03 23.54 35.18
CA ASP H 14 -54.71 24.78 35.51
C ASP H 14 -54.80 25.58 34.21
N ARG H 15 -53.72 26.28 33.87
CA ARG H 15 -53.68 27.08 32.65
C ARG H 15 -52.61 26.60 31.67
N HIS H 16 -51.43 26.28 32.20
CA HIS H 16 -50.31 25.85 31.36
C HIS H 16 -49.75 24.47 31.70
N ILE H 17 -49.31 23.78 30.65
CA ILE H 17 -48.70 22.46 30.77
C ILE H 17 -47.59 22.38 29.72
N ASP H 18 -46.40 21.94 30.10
CA ASP H 18 -45.31 21.85 29.13
C ASP H 18 -45.38 20.55 28.33
N LEU H 19 -44.55 20.44 27.30
CA LEU H 19 -44.54 19.26 26.44
C LEU H 19 -44.21 17.96 27.16
N ASP H 20 -43.30 18.00 28.11
CA ASP H 20 -42.94 16.79 28.84
C ASP H 20 -44.10 16.29 29.70
N GLN H 21 -44.81 17.21 30.35
CA GLN H 21 -45.96 16.83 31.17
C GLN H 21 -47.03 16.24 30.27
N ALA H 22 -47.26 16.89 29.12
CA ALA H 22 -48.25 16.43 28.18
C ALA H 22 -47.97 15.01 27.72
N HIS H 23 -46.71 14.71 27.41
CA HIS H 23 -46.36 13.37 26.97
C HIS H 23 -46.45 12.37 28.12
N ALA H 24 -46.14 12.82 29.33
CA ALA H 24 -46.22 11.95 30.50
C ALA H 24 -47.65 11.45 30.65
N VAL H 25 -48.61 12.36 30.51
CA VAL H 25 -50.02 12.00 30.62
C VAL H 25 -50.47 11.14 29.43
N ALA H 26 -50.09 11.56 28.22
CA ALA H 26 -50.46 10.82 27.03
C ALA H 26 -49.94 9.39 27.00
N SER H 27 -48.72 9.20 27.49
CA SER H 27 -48.10 7.89 27.52
C SER H 27 -48.50 7.06 28.74
N GLY H 28 -49.35 7.64 29.59
CA GLY H 28 -49.80 6.93 30.77
C GLY H 28 -48.81 6.92 31.92
N GLY H 29 -47.77 7.74 31.83
CA GLY H 29 -46.78 7.80 32.89
C GLY H 29 -47.23 8.62 34.07
N ALA H 30 -48.27 9.44 33.87
CA ALA H 30 -48.79 10.29 34.92
C ALA H 30 -50.29 10.49 34.79
N ARG H 31 -50.96 10.65 35.93
CA ARG H 31 -52.41 10.87 35.94
C ARG H 31 -52.62 12.36 35.70
N ILE H 32 -53.86 12.73 35.37
CA ILE H 32 -54.17 14.13 35.13
C ILE H 32 -55.26 14.57 36.09
N VAL H 33 -55.08 15.75 36.68
CA VAL H 33 -56.05 16.30 37.61
C VAL H 33 -56.31 17.75 37.27
N LEU H 34 -57.59 18.14 37.29
CA LEU H 34 -57.95 19.51 36.99
C LEU H 34 -57.85 20.35 38.26
N ALA H 35 -57.03 21.39 38.22
CA ALA H 35 -56.86 22.26 39.39
C ALA H 35 -58.15 23.00 39.74
N PRO H 36 -58.35 23.30 41.02
CA PRO H 36 -59.55 24.00 41.49
C PRO H 36 -59.92 25.24 40.66
N PRO H 37 -58.96 26.14 40.43
CA PRO H 37 -59.27 27.34 39.64
C PRO H 37 -59.71 27.01 38.22
N ALA H 38 -59.17 25.93 37.66
CA ALA H 38 -59.54 25.52 36.31
C ALA H 38 -60.98 25.03 36.33
N ARG H 39 -61.31 24.21 37.32
CA ARG H 39 -62.66 23.68 37.45
C ARG H 39 -63.68 24.81 37.56
N ASP H 40 -63.33 25.84 38.31
CA ASP H 40 -64.22 26.98 38.48
C ASP H 40 -64.40 27.75 37.18
N ARG H 41 -63.31 27.96 36.44
CA ARG H 41 -63.40 28.68 35.17
C ARG H 41 -64.30 27.90 34.22
N CYS H 42 -64.19 26.58 34.23
CA CYS H 42 -64.99 25.74 33.36
C CYS H 42 -66.46 25.75 33.75
N ARG H 43 -66.74 25.75 35.05
CA ARG H 43 -68.13 25.78 35.50
C ARG H 43 -68.77 27.09 35.05
N ALA H 44 -67.99 28.16 35.11
CA ALA H 44 -68.47 29.48 34.71
C ALA H 44 -68.74 29.51 33.20
N SER H 45 -67.93 28.77 32.45
CA SER H 45 -68.10 28.73 31.01
C SER H 45 -69.33 27.89 30.68
N GLU H 46 -69.55 26.83 31.45
CA GLU H 46 -70.69 25.96 31.27
C GLU H 46 -71.96 26.80 31.47
N ALA H 47 -71.89 27.72 32.43
CA ALA H 47 -73.02 28.60 32.74
C ALA H 47 -73.26 29.59 31.61
N ARG H 48 -72.19 30.10 31.01
CA ARG H 48 -72.33 31.04 29.91
C ARG H 48 -73.00 30.37 28.72
N LEU H 49 -72.64 29.11 28.46
CA LEU H 49 -73.23 28.38 27.36
C LEU H 49 -74.73 28.24 27.59
N GLY H 50 -75.09 27.88 28.83
CA GLY H 50 -76.50 27.73 29.15
C GLY H 50 -77.27 29.02 28.92
N ALA H 51 -76.64 30.14 29.26
CA ALA H 51 -77.25 31.45 29.08
C ALA H 51 -77.41 31.77 27.60
N VAL H 52 -76.38 31.46 26.82
CA VAL H 52 -76.41 31.72 25.38
C VAL H 52 -77.61 31.03 24.75
N ILE H 53 -77.81 29.75 25.09
CA ILE H 53 -78.92 28.98 24.55
C ILE H 53 -80.23 29.53 25.10
N ARG H 54 -80.22 29.87 26.38
CA ARG H 54 -81.40 30.40 27.06
C ARG H 54 -81.85 31.70 26.40
N GLU H 55 -80.88 32.54 26.04
CA GLU H 55 -81.16 33.82 25.41
C GLU H 55 -81.41 33.74 23.91
N ALA H 56 -81.31 32.53 23.36
CA ALA H 56 -81.54 32.32 21.93
C ALA H 56 -80.57 33.15 21.06
N ARG H 57 -79.29 33.14 21.43
CA ARG H 57 -78.28 33.88 20.68
C ARG H 57 -77.95 33.16 19.37
N HIS H 58 -77.63 33.95 18.35
CA HIS H 58 -77.29 33.41 17.04
C HIS H 58 -75.87 32.85 17.14
N VAL H 59 -75.75 31.54 17.32
CA VAL H 59 -74.44 30.91 17.44
C VAL H 59 -74.29 29.66 16.58
N TYR H 60 -73.12 29.52 15.98
CA TYR H 60 -72.78 28.38 15.13
C TYR H 60 -72.89 27.07 15.91
N GLY H 61 -73.69 26.14 15.42
CA GLY H 61 -73.82 24.85 16.09
C GLY H 61 -74.88 24.79 17.18
N LEU H 62 -75.37 25.94 17.62
CA LEU H 62 -76.39 25.99 18.65
C LEU H 62 -77.73 26.39 18.06
N THR H 63 -77.69 27.13 16.95
CA THR H 63 -78.90 27.58 16.27
C THR H 63 -78.70 27.69 14.76
N THR H 64 -77.66 27.04 14.25
CA THR H 64 -77.36 27.08 12.82
C THR H 64 -76.88 25.74 12.30
N GLY H 65 -76.80 25.62 10.98
CA GLY H 65 -76.32 24.39 10.38
C GLY H 65 -74.81 24.43 10.45
N PHE H 66 -74.14 23.53 9.74
CA PHE H 66 -72.69 23.48 9.74
C PHE H 66 -72.13 23.79 8.36
N GLY H 67 -70.91 24.31 8.32
CA GLY H 67 -70.29 24.64 7.05
C GLY H 67 -71.15 25.63 6.29
N PRO H 68 -71.27 25.47 4.96
CA PRO H 68 -72.09 26.37 4.13
C PRO H 68 -73.57 26.32 4.49
N LEU H 69 -73.95 25.32 5.29
CA LEU H 69 -75.34 25.17 5.71
C LEU H 69 -75.66 25.98 6.95
N ALA H 70 -74.72 26.85 7.34
CA ALA H 70 -74.89 27.69 8.52
C ALA H 70 -75.97 28.75 8.29
N ASN H 71 -76.28 29.01 7.02
CA ASN H 71 -77.30 30.00 6.69
C ASN H 71 -78.69 29.46 7.05
N ARG H 72 -78.75 28.18 7.40
CA ARG H 72 -80.00 27.56 7.82
C ARG H 72 -80.09 27.65 9.33
N LEU H 73 -80.97 28.51 9.83
CA LEU H 73 -81.14 28.68 11.26
C LEU H 73 -81.96 27.52 11.83
N ILE H 74 -81.58 27.07 13.02
CA ILE H 74 -82.25 25.94 13.67
C ILE H 74 -83.00 26.34 14.94
N SER H 75 -84.10 25.67 15.21
CA SER H 75 -84.90 25.94 16.40
C SER H 75 -84.25 25.19 17.56
N GLY H 76 -84.51 25.64 18.78
CA GLY H 76 -83.94 24.99 19.94
C GLY H 76 -84.46 23.58 20.17
N GLU H 77 -85.66 23.30 19.66
CA GLU H 77 -86.27 21.99 19.83
C GLU H 77 -85.59 20.90 18.98
N ASN H 78 -84.53 21.26 18.26
CA ASN H 78 -83.84 20.30 17.42
C ASN H 78 -82.32 20.34 17.55
N VAL H 79 -81.81 20.97 18.60
CA VAL H 79 -80.38 21.07 18.80
C VAL H 79 -79.71 19.72 19.10
N ARG H 80 -80.39 18.88 19.87
CA ARG H 80 -79.85 17.56 20.20
C ARG H 80 -79.63 16.77 18.91
N THR H 81 -80.61 16.81 18.03
CA THR H 81 -80.54 16.12 16.75
C THR H 81 -79.43 16.72 15.89
N LEU H 82 -79.36 18.05 15.89
CA LEU H 82 -78.36 18.79 15.13
C LEU H 82 -76.95 18.33 15.47
N GLN H 83 -76.61 18.36 16.76
CA GLN H 83 -75.28 17.96 17.20
C GLN H 83 -75.03 16.47 17.04
N ALA H 84 -76.09 15.67 17.12
CA ALA H 84 -75.95 14.23 16.96
C ALA H 84 -75.54 13.94 15.51
N ASN H 85 -76.19 14.60 14.56
CA ASN H 85 -75.88 14.40 13.15
C ASN H 85 -74.54 15.03 12.78
N LEU H 86 -74.10 16.01 13.56
CA LEU H 86 -72.81 16.65 13.31
C LEU H 86 -71.74 15.58 13.45
N VAL H 87 -71.78 14.87 14.57
CA VAL H 87 -70.83 13.81 14.85
C VAL H 87 -70.93 12.73 13.78
N HIS H 88 -72.17 12.44 13.36
CA HIS H 88 -72.43 11.43 12.34
C HIS H 88 -71.81 11.73 10.98
N HIS H 89 -72.13 12.89 10.40
CA HIS H 89 -71.61 13.22 9.09
C HIS H 89 -70.09 13.42 9.06
N LEU H 90 -69.51 13.73 10.21
CA LEU H 90 -68.06 13.94 10.30
C LEU H 90 -67.27 12.65 10.46
N ALA H 91 -67.93 11.59 10.90
CA ALA H 91 -67.28 10.31 11.12
C ALA H 91 -67.02 9.54 9.82
N SER H 92 -66.30 10.17 8.91
CA SER H 92 -65.98 9.58 7.61
C SER H 92 -64.49 9.24 7.48
N GLY H 93 -63.81 9.13 8.61
CA GLY H 93 -62.39 8.82 8.59
C GLY H 93 -62.05 7.43 8.11
N VAL H 94 -60.85 7.29 7.55
CA VAL H 94 -60.37 5.99 7.05
C VAL H 94 -58.88 5.89 7.37
N GLY H 95 -58.30 4.73 7.11
CA GLY H 95 -56.88 4.55 7.36
C GLY H 95 -56.58 3.92 8.71
N PRO H 96 -55.32 3.51 8.94
CA PRO H 96 -54.94 2.90 10.22
C PRO H 96 -55.22 3.86 11.37
N VAL H 97 -55.58 3.30 12.53
CA VAL H 97 -55.90 4.13 13.67
C VAL H 97 -54.63 4.79 14.22
N LEU H 98 -54.82 5.90 14.92
CA LEU H 98 -53.69 6.60 15.54
C LEU H 98 -53.23 5.66 16.64
N ASP H 99 -51.94 5.61 16.93
CA ASP H 99 -51.47 4.72 17.99
C ASP H 99 -51.97 5.19 19.35
N TRP H 100 -51.96 4.27 20.30
CA TRP H 100 -52.41 4.50 21.67
C TRP H 100 -51.98 5.84 22.25
N THR H 101 -50.67 6.09 22.29
CA THR H 101 -50.15 7.34 22.85
C THR H 101 -50.63 8.58 22.12
N THR H 102 -50.63 8.52 20.79
CA THR H 102 -51.06 9.65 19.97
C THR H 102 -52.55 9.97 20.11
N ALA H 103 -53.39 8.94 20.13
CA ALA H 103 -54.82 9.13 20.29
C ALA H 103 -55.09 9.79 21.64
N ARG H 104 -54.36 9.35 22.66
CA ARG H 104 -54.52 9.93 23.99
C ARG H 104 -54.02 11.37 24.01
N ALA H 105 -52.97 11.64 23.24
CA ALA H 105 -52.43 13.00 23.17
C ALA H 105 -53.48 13.93 22.57
N MET H 106 -54.27 13.41 21.64
CA MET H 106 -55.33 14.18 21.00
C MET H 106 -56.40 14.52 22.04
N VAL H 107 -56.79 13.52 22.83
CA VAL H 107 -57.80 13.73 23.87
C VAL H 107 -57.30 14.81 24.82
N LEU H 108 -56.03 14.70 25.20
CA LEU H 108 -55.41 15.67 26.11
C LEU H 108 -55.41 17.07 25.51
N ALA H 109 -55.07 17.19 24.24
CA ALA H 109 -55.04 18.50 23.60
C ALA H 109 -56.40 19.18 23.67
N ARG H 110 -57.47 18.42 23.48
CA ARG H 110 -58.81 18.99 23.54
C ARG H 110 -59.10 19.44 24.97
N LEU H 111 -58.68 18.62 25.94
CA LEU H 111 -58.90 18.92 27.35
C LEU H 111 -58.19 20.20 27.79
N VAL H 112 -56.94 20.37 27.35
CA VAL H 112 -56.19 21.56 27.72
C VAL H 112 -56.87 22.82 27.19
N SER H 113 -57.40 22.72 25.97
CA SER H 113 -58.09 23.87 25.37
C SER H 113 -59.31 24.21 26.22
N ILE H 114 -60.09 23.19 26.53
CA ILE H 114 -61.30 23.36 27.34
C ILE H 114 -61.01 23.92 28.73
N ALA H 115 -59.91 23.46 29.33
CA ALA H 115 -59.53 23.91 30.66
C ALA H 115 -59.32 25.42 30.75
N GLN H 116 -59.19 26.07 29.60
CA GLN H 116 -59.00 27.52 29.60
C GLN H 116 -60.28 28.24 29.98
N GLY H 117 -61.40 27.52 29.92
CA GLY H 117 -62.69 28.09 30.30
C GLY H 117 -63.41 28.98 29.30
N ALA H 118 -63.37 28.62 28.02
CA ALA H 118 -64.03 29.40 26.98
C ALA H 118 -64.77 28.50 26.00
N SER H 119 -64.89 27.20 26.34
CA SER H 119 -65.55 26.25 25.46
C SER H 119 -66.98 25.88 25.86
N GLY H 120 -67.36 26.15 27.09
CA GLY H 120 -68.70 25.85 27.55
C GLY H 120 -68.94 24.39 27.89
N ALA H 121 -67.88 23.59 27.91
CA ALA H 121 -67.99 22.17 28.24
C ALA H 121 -68.51 21.94 29.65
N SER H 122 -69.41 20.97 29.79
CA SER H 122 -69.98 20.65 31.10
C SER H 122 -69.01 19.79 31.91
N GLU H 123 -69.26 19.69 33.22
CA GLU H 123 -68.41 18.92 34.10
C GLU H 123 -68.34 17.46 33.67
N GLY H 124 -69.47 16.93 33.23
CA GLY H 124 -69.52 15.54 32.79
C GLY H 124 -68.64 15.32 31.58
N THR H 125 -68.73 16.22 30.61
CA THR H 125 -67.93 16.10 29.39
C THR H 125 -66.45 16.12 29.75
N ILE H 126 -66.07 17.05 30.62
CA ILE H 126 -64.68 17.17 31.06
C ILE H 126 -64.26 15.89 31.79
N ALA H 127 -65.16 15.36 32.60
CA ALA H 127 -64.88 14.14 33.36
C ALA H 127 -64.62 12.95 32.44
N ARG H 128 -65.34 12.90 31.31
CA ARG H 128 -65.16 11.81 30.36
C ARG H 128 -63.75 11.83 29.78
N LEU H 129 -63.24 13.03 29.50
CA LEU H 129 -61.90 13.16 28.94
C LEU H 129 -60.86 12.80 30.01
N ILE H 130 -61.06 13.30 31.22
CA ILE H 130 -60.13 13.03 32.31
C ILE H 130 -60.11 11.53 32.64
N ASP H 131 -61.28 10.91 32.73
CA ASP H 131 -61.35 9.48 33.03
C ASP H 131 -60.59 8.67 31.97
N LEU H 132 -60.76 9.05 30.71
CA LEU H 132 -60.08 8.35 29.61
C LEU H 132 -58.56 8.42 29.81
N LEU H 133 -58.06 9.63 30.05
CA LEU H 133 -56.63 9.83 30.24
C LEU H 133 -56.08 9.10 31.47
N ASN H 134 -56.93 8.91 32.48
CA ASN H 134 -56.48 8.22 33.67
C ASN H 134 -56.66 6.70 33.57
N SER H 135 -57.23 6.25 32.45
CA SER H 135 -57.43 4.82 32.23
C SER H 135 -56.22 4.30 31.44
N GLU H 136 -56.25 3.01 31.11
CA GLU H 136 -55.17 2.39 30.35
C GLU H 136 -55.59 2.27 28.89
N LEU H 137 -56.68 2.95 28.52
CA LEU H 137 -57.19 2.88 27.17
C LEU H 137 -57.04 4.17 26.36
N ALA H 138 -57.33 4.04 25.06
CA ALA H 138 -57.27 5.15 24.13
C ALA H 138 -58.38 4.91 23.10
N PRO H 139 -58.97 5.99 22.57
CA PRO H 139 -60.03 5.79 21.58
C PRO H 139 -59.38 5.31 20.28
N ALA H 140 -60.07 4.46 19.53
CA ALA H 140 -59.55 3.98 18.25
C ALA H 140 -60.10 4.89 17.18
N VAL H 141 -59.26 5.79 16.68
CA VAL H 141 -59.70 6.73 15.66
C VAL H 141 -58.88 6.63 14.38
N PRO H 142 -59.54 6.64 13.22
CA PRO H 142 -58.83 6.55 11.93
C PRO H 142 -57.90 7.75 11.77
N SER H 143 -56.75 7.53 11.15
CA SER H 143 -55.76 8.59 10.97
C SER H 143 -56.01 9.58 9.82
N ARG H 144 -56.75 9.15 8.80
CA ARG H 144 -57.00 10.02 7.66
C ARG H 144 -58.43 10.55 7.55
N GLY H 145 -58.58 11.69 6.88
CA GLY H 145 -59.89 12.26 6.69
C GLY H 145 -60.02 13.75 6.93
N THR H 146 -59.16 14.31 7.76
CA THR H 146 -59.23 15.73 8.07
C THR H 146 -58.25 16.59 7.28
N VAL H 147 -58.66 17.84 7.02
CA VAL H 147 -57.82 18.78 6.29
C VAL H 147 -57.26 19.80 7.28
N GLY H 148 -57.43 19.51 8.57
CA GLY H 148 -56.91 20.37 9.62
C GLY H 148 -57.50 21.76 9.69
N ASP H 150 -59.51 19.66 13.22
CA ASP H 150 -59.48 18.18 13.18
C ASP H 150 -60.81 17.54 13.56
N LEU H 151 -61.86 17.92 12.86
CA LEU H 151 -63.20 17.43 13.14
C LEU H 151 -63.44 15.94 12.96
N THR H 152 -62.94 15.36 11.87
CA THR H 152 -63.15 13.94 11.62
C THR H 152 -62.63 13.03 12.74
N PRO H 153 -61.34 13.12 13.08
CA PRO H 153 -60.85 12.26 14.15
C PRO H 153 -61.53 12.52 15.50
N LEU H 154 -61.87 13.77 15.77
CA LEU H 154 -62.54 14.11 17.03
C LEU H 154 -63.96 13.58 17.05
N ALA H 155 -64.61 13.51 15.89
CA ALA H 155 -65.96 12.98 15.82
C ALA H 155 -65.90 11.49 16.16
N HIS H 156 -64.89 10.82 15.64
CA HIS H 156 -64.71 9.40 15.91
C HIS H 156 -64.42 9.21 17.39
N MET H 157 -63.72 10.17 17.98
CA MET H 157 -63.40 10.11 19.41
C MET H 157 -64.70 10.17 20.22
N VAL H 158 -65.60 11.06 19.82
CA VAL H 158 -66.87 11.21 20.51
C VAL H 158 -67.66 9.90 20.48
N LEU H 159 -67.71 9.27 19.31
CA LEU H 159 -68.43 8.01 19.16
C LEU H 159 -67.83 6.95 20.08
N CYS H 160 -66.50 6.93 20.18
CA CYS H 160 -65.82 5.97 21.04
C CYS H 160 -66.21 6.20 22.50
N LEU H 161 -66.17 7.46 22.92
CA LEU H 161 -66.51 7.81 24.30
C LEU H 161 -67.97 7.54 24.66
N GLN H 162 -68.80 7.33 23.64
CA GLN H 162 -70.21 7.04 23.87
C GLN H 162 -70.43 5.53 23.82
N GLY H 163 -69.34 4.79 23.59
CA GLY H 163 -69.42 3.35 23.51
C GLY H 163 -69.82 2.86 22.13
N ARG H 164 -69.80 3.78 21.16
CA ARG H 164 -70.17 3.46 19.78
C ARG H 164 -68.95 3.39 18.86
N GLY H 165 -67.78 3.23 19.47
CA GLY H 165 -66.55 3.15 18.72
C GLY H 165 -65.57 2.30 19.49
N ASP H 166 -64.59 1.72 18.80
CA ASP H 166 -63.60 0.87 19.45
C ASP H 166 -62.59 1.63 20.32
N PHE H 167 -61.89 0.88 21.15
CA PHE H 167 -60.87 1.42 22.04
C PHE H 167 -59.59 0.61 21.81
N LEU H 168 -58.47 1.10 22.32
CA LEU H 168 -57.20 0.42 22.16
C LEU H 168 -56.51 0.25 23.52
N ASP H 169 -55.92 -0.91 23.75
CA ASP H 169 -55.18 -1.11 24.99
C ASP H 169 -53.77 -0.65 24.64
N ARG H 170 -52.86 -0.63 25.62
CA ARG H 170 -51.51 -0.20 25.36
C ARG H 170 -50.77 -0.89 24.22
N ASP H 171 -51.17 -2.13 23.90
CA ASP H 171 -50.53 -2.88 22.84
C ASP H 171 -51.18 -2.72 21.47
N GLY H 172 -52.14 -1.82 21.36
CA GLY H 172 -52.81 -1.60 20.09
C GLY H 172 -53.95 -2.56 19.83
N THR H 173 -54.15 -3.52 20.74
CA THR H 173 -55.24 -4.49 20.58
C THR H 173 -56.56 -3.73 20.69
N ARG H 174 -57.46 -3.99 19.74
CA ARG H 174 -58.75 -3.30 19.74
C ARG H 174 -59.85 -3.96 20.56
N LEU H 175 -60.63 -3.13 21.22
CA LEU H 175 -61.75 -3.56 22.06
C LEU H 175 -62.98 -2.83 21.52
N ASP H 176 -64.15 -3.46 21.61
CA ASP H 176 -65.36 -2.81 21.12
C ASP H 176 -65.80 -1.77 22.13
N GLY H 177 -66.73 -0.91 21.74
CA GLY H 177 -67.21 0.14 22.61
C GLY H 177 -67.61 -0.30 24.01
N ALA H 178 -68.48 -1.30 24.08
CA ALA H 178 -68.95 -1.82 25.35
C ALA H 178 -67.81 -2.30 26.24
N GLU H 179 -66.90 -3.07 25.66
CA GLU H 179 -65.77 -3.61 26.41
C GLU H 179 -64.84 -2.50 26.89
N GLY H 180 -64.67 -1.47 26.06
CA GLY H 180 -63.81 -0.36 26.45
C GLY H 180 -64.33 0.34 27.69
N LEU H 181 -65.62 0.70 27.67
CA LEU H 181 -66.22 1.39 28.80
C LEU H 181 -66.16 0.49 30.03
N ARG H 182 -66.28 -0.81 29.82
CA ARG H 182 -66.25 -1.77 30.91
C ARG H 182 -64.86 -1.92 31.52
N ARG H 183 -63.90 -2.34 30.70
CA ARG H 183 -62.52 -2.53 31.15
C ARG H 183 -61.92 -1.27 31.74
N GLY H 184 -62.25 -0.12 31.15
CA GLY H 184 -61.71 1.13 31.64
C GLY H 184 -62.57 1.76 32.71
N ARG H 185 -63.71 1.13 32.99
CA ARG H 185 -64.64 1.63 33.99
C ARG H 185 -64.97 3.08 33.66
N LEU H 186 -65.44 3.30 32.43
CA LEU H 186 -65.78 4.63 31.98
C LEU H 186 -67.29 4.77 31.82
N GLN H 187 -67.78 6.00 31.99
CA GLN H 187 -69.19 6.28 31.83
C GLN H 187 -69.41 6.74 30.40
N PRO H 188 -70.53 6.35 29.78
CA PRO H 188 -70.78 6.77 28.41
C PRO H 188 -70.94 8.29 28.32
N LEU H 189 -70.35 8.88 27.28
CA LEU H 189 -70.43 10.33 27.09
C LEU H 189 -71.85 10.78 26.81
N ASP H 190 -72.32 11.78 27.56
CA ASP H 190 -73.65 12.33 27.40
C ASP H 190 -73.56 13.79 26.98
N LEU H 191 -74.12 14.12 25.82
CA LEU H 191 -74.08 15.50 25.32
C LEU H 191 -75.41 16.22 25.49
N SER H 192 -76.12 15.92 26.58
CA SER H 192 -77.41 16.54 26.85
C SER H 192 -77.32 18.05 27.04
N HIS H 193 -76.14 18.54 27.42
CA HIS H 193 -75.96 19.97 27.64
C HIS H 193 -75.70 20.76 26.37
N ARG H 194 -75.74 20.08 25.22
CA ARG H 194 -75.52 20.72 23.93
C ARG H 194 -74.12 21.31 23.82
N ASP H 195 -73.15 20.61 24.40
CA ASP H 195 -71.76 21.06 24.39
C ASP H 195 -70.88 20.20 23.47
N ALA H 196 -71.48 19.66 22.42
CA ALA H 196 -70.77 18.81 21.47
C ALA H 196 -69.62 19.55 20.78
N LEU H 197 -69.82 20.83 20.51
CA LEU H 197 -68.78 21.62 19.84
C LEU H 197 -67.52 21.80 20.67
N ALA H 198 -67.61 21.49 21.95
CA ALA H 198 -66.45 21.62 22.83
C ALA H 198 -65.55 20.40 22.61
N LEU H 199 -66.11 19.36 22.01
CA LEU H 199 -65.38 18.12 21.75
C LEU H 199 -64.92 17.99 20.31
N VAL H 200 -65.77 18.44 19.39
CA VAL H 200 -65.46 18.39 17.96
C VAL H 200 -65.07 19.80 17.56
N ASN H 201 -63.80 20.13 17.79
CA ASN H 201 -63.32 21.47 17.50
C ASN H 201 -61.80 21.52 17.64
N GLY H 202 -61.22 22.62 17.15
CA GLY H 202 -59.79 22.82 17.27
C GLY H 202 -58.81 21.99 16.48
N THR H 203 -57.55 22.07 16.90
CA THR H 203 -56.44 21.38 16.26
C THR H 203 -55.89 20.26 17.14
N SER H 204 -56.78 19.61 17.89
CA SER H 204 -56.41 18.56 18.81
C SER H 204 -55.61 17.39 18.26
N ALA H 205 -55.97 16.89 17.09
CA ALA H 205 -55.27 15.74 16.53
C ALA H 205 -53.86 16.09 16.07
N MET H 206 -53.70 17.15 15.28
CA MET H 206 -52.37 17.50 14.82
C MET H 206 -51.48 17.90 15.99
N THR H 207 -52.07 18.53 17.01
CA THR H 207 -51.30 18.93 18.18
C THR H 207 -50.85 17.69 18.96
N GLY H 208 -51.73 16.70 19.08
CA GLY H 208 -51.37 15.48 19.77
C GLY H 208 -50.25 14.74 19.05
N ILE H 209 -50.40 14.62 17.73
CA ILE H 209 -49.39 13.93 16.92
C ILE H 209 -48.05 14.67 17.04
N ALA H 210 -48.10 16.00 16.98
CA ALA H 210 -46.89 16.81 17.07
C ALA H 210 -46.19 16.73 18.43
N LEU H 211 -46.95 16.62 19.52
CA LEU H 211 -46.31 16.56 20.82
C LEU H 211 -45.60 15.22 20.99
N VAL H 212 -46.11 14.18 20.35
CA VAL H 212 -45.47 12.87 20.40
C VAL H 212 -44.20 12.97 19.54
N ASN H 213 -44.31 13.69 18.42
CA ASN H 213 -43.15 13.88 17.55
C ASN H 213 -42.04 14.59 18.32
N ALA H 214 -42.41 15.63 19.06
CA ALA H 214 -41.45 16.42 19.82
C ALA H 214 -40.67 15.56 20.80
N HIS H 215 -41.38 14.70 21.52
CA HIS H 215 -40.77 13.83 22.49
C HIS H 215 -39.79 12.86 21.84
N ALA H 216 -40.23 12.22 20.76
CA ALA H 216 -39.39 11.27 20.04
C ALA H 216 -38.12 11.91 19.51
N CYS H 217 -38.25 13.12 18.96
CA CYS H 217 -37.09 13.82 18.43
C CYS H 217 -36.06 14.17 19.48
N ARG H 218 -36.50 14.43 20.71
CA ARG H 218 -35.57 14.75 21.78
C ARG H 218 -34.67 13.54 22.00
N HIS H 219 -35.28 12.36 22.09
CA HIS H 219 -34.50 11.15 22.31
C HIS H 219 -33.61 10.81 21.12
N LEU H 220 -34.16 10.90 19.91
CA LEU H 220 -33.35 10.59 18.73
C LEU H 220 -32.18 11.56 18.59
N GLY H 221 -32.41 12.82 19.00
CA GLY H 221 -31.34 13.81 18.93
C GLY H 221 -30.23 13.41 19.90
N ASN H 222 -30.61 12.90 21.07
CA ASN H 222 -29.59 12.47 22.03
C ASN H 222 -28.82 11.28 21.47
N TRP H 223 -29.50 10.40 20.73
CA TRP H 223 -28.80 9.28 20.12
C TRP H 223 -27.90 9.76 18.98
N ALA H 224 -28.36 10.75 18.23
CA ALA H 224 -27.58 11.29 17.12
C ALA H 224 -26.26 11.83 17.65
N VAL H 225 -26.33 12.49 18.81
CA VAL H 225 -25.14 13.05 19.44
C VAL H 225 -24.25 11.94 19.99
N ALA H 226 -24.84 11.01 20.76
CA ALA H 226 -24.06 9.91 21.35
C ALA H 226 -23.36 9.04 20.31
N LEU H 227 -24.03 8.79 19.19
CA LEU H 227 -23.43 7.95 18.16
C LEU H 227 -22.36 8.69 17.34
N THR H 228 -22.52 10.00 17.17
CA THR H 228 -21.52 10.78 16.46
C THR H 228 -20.26 10.73 17.31
N ALA H 229 -20.44 10.87 18.62
CA ALA H 229 -19.31 10.84 19.55
C ALA H 229 -18.62 9.48 19.52
N LEU H 230 -19.40 8.40 19.56
CA LEU H 230 -18.83 7.07 19.52
C LEU H 230 -18.13 6.85 18.18
N LEU H 231 -18.68 7.46 17.12
CA LEU H 231 -18.07 7.34 15.79
C LEU H 231 -16.64 7.92 15.84
N ALA H 232 -16.49 9.05 16.53
CA ALA H 232 -15.18 9.69 16.65
C ALA H 232 -14.21 8.76 17.37
N GLU H 233 -14.70 8.05 18.38
CA GLU H 233 -13.85 7.15 19.14
C GLU H 233 -13.46 5.92 18.31
N CYS H 234 -14.21 5.64 17.25
CA CYS H 234 -13.89 4.50 16.40
C CYS H 234 -13.04 4.87 15.19
N LEU H 235 -13.01 6.15 14.84
CA LEU H 235 -12.24 6.60 13.68
C LEU H 235 -11.19 7.67 14.00
N ARG H 236 -10.71 7.69 15.24
CA ARG H 236 -9.71 8.66 15.65
C ARG H 236 -10.13 10.08 15.27
N GLY H 237 -11.38 10.41 15.58
CA GLY H 237 -11.90 11.73 15.25
C GLY H 237 -11.21 12.86 16.00
N ARG H 238 -11.16 14.03 15.37
CA ARG H 238 -10.52 15.20 15.95
C ARG H 238 -11.50 16.07 16.74
N THR H 239 -11.30 16.16 18.04
CA THR H 239 -12.19 16.94 18.90
C THR H 239 -12.07 18.44 18.77
N GLU H 240 -10.98 18.94 18.16
CA GLU H 240 -10.85 20.38 18.07
C GLU H 240 -11.96 21.01 17.26
N ALA H 241 -12.57 20.24 16.37
CA ALA H 241 -13.67 20.74 15.55
C ALA H 241 -14.90 21.01 16.40
N TRP H 242 -14.94 20.40 17.59
CA TRP H 242 -16.08 20.57 18.48
C TRP H 242 -15.79 21.57 19.60
N ALA H 243 -14.72 22.34 19.44
CA ALA H 243 -14.31 23.32 20.45
C ALA H 243 -15.35 24.40 20.71
N ALA H 244 -15.48 24.79 21.97
CA ALA H 244 -16.43 25.83 22.37
C ALA H 244 -16.15 27.16 21.68
N ALA H 245 -14.87 27.44 21.41
CA ALA H 245 -14.49 28.68 20.76
C ALA H 245 -15.15 28.83 19.39
N LEU H 246 -15.34 27.71 18.70
CA LEU H 246 -15.96 27.76 17.38
C LEU H 246 -17.44 28.11 17.52
N SER H 247 -18.07 27.60 18.58
CA SER H 247 -19.48 27.88 18.84
C SER H 247 -19.66 29.38 19.08
N ASP H 248 -18.76 29.96 19.87
CA ASP H 248 -18.83 31.36 20.19
C ASP H 248 -18.71 32.26 18.96
N LEU H 249 -17.94 31.81 17.97
CA LEU H 249 -17.75 32.57 16.74
C LEU H 249 -18.98 32.57 15.84
N ARG H 250 -19.82 31.55 15.98
CA ARG H 250 -21.06 31.41 15.19
C ARG H 250 -22.09 30.92 16.21
N PRO H 251 -22.54 31.83 17.09
CA PRO H 251 -23.50 31.62 18.17
C PRO H 251 -24.93 31.14 17.99
N HIS H 252 -25.14 30.11 17.16
CA HIS H 252 -26.48 29.56 17.01
C HIS H 252 -26.64 28.67 18.26
N PRO H 253 -27.70 28.87 19.05
CA PRO H 253 -27.93 28.07 20.25
C PRO H 253 -27.83 26.57 20.05
N GLY H 254 -28.51 26.07 19.02
CA GLY H 254 -28.49 24.64 18.75
C GLY H 254 -27.10 24.09 18.48
N GLN H 255 -26.28 24.89 17.80
CA GLN H 255 -24.92 24.48 17.48
C GLN H 255 -24.06 24.43 18.74
N LYS H 256 -24.18 25.45 19.57
CA LYS H 256 -23.42 25.52 20.81
C LYS H 256 -23.76 24.32 21.68
N ASP H 257 -25.05 24.02 21.77
CA ASP H 257 -25.53 22.89 22.56
C ASP H 257 -25.01 21.57 22.00
N ALA H 258 -25.08 21.41 20.68
CA ALA H 258 -24.60 20.18 20.05
C ALA H 258 -23.12 19.97 20.32
N ALA H 259 -22.32 21.01 20.13
CA ALA H 259 -20.87 20.90 20.36
C ALA H 259 -20.57 20.56 21.81
N ALA H 260 -21.26 21.23 22.73
CA ALA H 260 -21.04 20.98 24.15
C ALA H 260 -21.39 19.54 24.51
N ARG H 261 -22.49 19.03 23.97
CA ARG H 261 -22.92 17.67 24.25
C ARG H 261 -21.95 16.65 23.66
N LEU H 262 -21.41 16.97 22.48
CA LEU H 262 -20.45 16.08 21.83
C LEU H 262 -19.17 16.01 22.68
N ARG H 263 -18.70 17.17 23.13
CA ARG H 263 -17.50 17.22 23.95
C ARG H 263 -17.70 16.39 25.22
N ALA H 264 -18.88 16.52 25.82
CA ALA H 264 -19.20 15.77 27.04
C ALA H 264 -19.17 14.26 26.81
N ARG H 265 -19.71 13.82 25.67
CA ARG H 265 -19.75 12.39 25.38
C ARG H 265 -18.37 11.74 25.26
N VAL H 266 -17.39 12.46 24.71
CA VAL H 266 -16.06 11.89 24.57
C VAL H 266 -15.09 12.24 25.69
N ASP H 267 -15.58 12.90 26.73
CA ASP H 267 -14.74 13.25 27.86
C ASP H 267 -14.19 11.94 28.44
N GLY H 268 -12.87 11.89 28.64
CA GLY H 268 -12.27 10.68 29.18
C GLY H 268 -11.79 9.70 28.14
N SER H 269 -12.08 9.97 26.87
CA SER H 269 -11.66 9.09 25.79
C SER H 269 -10.18 9.24 25.45
N ALA H 270 -9.52 8.12 25.17
CA ALA H 270 -8.12 8.12 24.78
C ALA H 270 -8.04 7.67 23.32
N ARG H 271 -9.21 7.55 22.69
CA ARG H 271 -9.31 7.12 21.30
C ARG H 271 -9.46 8.26 20.30
N VAL H 272 -9.86 9.43 20.79
CA VAL H 272 -10.03 10.59 19.93
C VAL H 272 -8.73 11.38 19.88
N VAL H 273 -8.59 12.22 18.86
CA VAL H 273 -7.41 13.06 18.70
C VAL H 273 -7.77 14.45 19.25
N ARG H 274 -7.08 14.89 20.30
CA ARG H 274 -7.38 16.17 20.92
C ARG H 274 -6.41 17.30 20.59
N HIS H 275 -5.34 16.98 19.88
CA HIS H 275 -4.35 18.01 19.55
C HIS H 275 -4.84 19.03 18.52
N VAL H 276 -4.55 20.30 18.77
CA VAL H 276 -4.94 21.37 17.87
C VAL H 276 -3.82 21.40 16.83
N ILE H 277 -4.14 21.13 15.57
CA ILE H 277 -3.09 21.07 14.56
C ILE H 277 -2.27 22.35 14.38
N ALA H 278 -2.90 23.50 14.57
CA ALA H 278 -2.21 24.77 14.40
C ALA H 278 -1.10 25.01 15.42
N GLU H 279 -1.02 24.17 16.44
CA GLU H 279 0.02 24.32 17.45
C GLU H 279 1.36 23.85 16.88
N ARG H 280 1.27 22.91 15.95
CA ARG H 280 2.45 22.33 15.31
C ARG H 280 3.18 23.33 14.41
N ARG H 281 4.49 23.44 14.62
CA ARG H 281 5.33 24.32 13.81
C ARG H 281 6.05 23.43 12.80
N LEU H 282 5.84 23.69 11.52
CA LEU H 282 6.45 22.89 10.46
C LEU H 282 7.83 23.37 10.09
N ASP H 283 8.68 22.45 9.66
CA ASP H 283 10.02 22.77 9.20
C ASP H 283 10.21 22.10 7.85
N ALA H 284 11.37 22.31 7.22
CA ALA H 284 11.65 21.74 5.91
C ALA H 284 11.38 20.23 5.81
N GLY H 285 11.74 19.49 6.85
CA GLY H 285 11.53 18.05 6.82
C GLY H 285 10.09 17.59 6.85
N ASP H 286 9.16 18.49 7.16
CA ASP H 286 7.75 18.13 7.22
C ASP H 286 7.02 18.25 5.88
N ILE H 287 7.59 18.98 4.94
CA ILE H 287 6.96 19.16 3.64
C ILE H 287 6.94 17.87 2.85
N GLY H 288 5.73 17.41 2.55
CA GLY H 288 5.54 16.18 1.80
C GLY H 288 4.10 15.75 1.98
N THR H 289 3.80 14.50 1.68
CA THR H 289 2.44 13.98 1.81
C THR H 289 2.27 13.16 3.08
N GLU H 290 1.30 13.55 3.90
CA GLU H 290 1.04 12.82 5.13
C GLU H 290 -0.05 11.78 4.89
N PRO H 291 -0.10 10.75 5.74
CA PRO H 291 -1.10 9.68 5.60
C PRO H 291 -2.53 10.19 5.58
N GLU H 292 -2.81 11.21 6.39
CA GLU H 292 -4.16 11.75 6.47
C GLU H 292 -4.19 13.26 6.59
N ALA H 293 -5.30 13.85 6.18
CA ALA H 293 -5.48 15.29 6.25
C ALA H 293 -5.62 15.69 7.72
N GLY H 294 -5.34 16.96 8.00
CA GLY H 294 -5.41 17.46 9.35
C GLY H 294 -6.82 17.74 9.88
N GLN H 295 -7.83 17.48 9.06
CA GLN H 295 -9.22 17.69 9.46
C GLN H 295 -10.06 16.49 9.01
N ASP H 296 -11.11 16.17 9.77
CA ASP H 296 -11.98 15.05 9.44
C ASP H 296 -12.97 15.41 8.33
N ALA H 297 -13.59 14.38 7.78
CA ALA H 297 -14.62 14.55 6.76
C ALA H 297 -15.79 15.22 7.47
N TYR H 298 -16.69 15.83 6.72
CA TYR H 298 -17.81 16.56 7.30
C TYR H 298 -18.73 15.80 8.27
N SER H 299 -18.92 14.50 8.06
CA SER H 299 -19.81 13.74 8.94
C SER H 299 -19.37 13.75 10.40
N LEU H 300 -18.13 14.19 10.64
CA LEU H 300 -17.61 14.33 12.00
C LEU H 300 -17.34 15.80 12.29
N ARG H 301 -16.52 16.41 11.43
CA ARG H 301 -16.16 17.81 11.61
C ARG H 301 -17.31 18.81 11.64
N CYS H 302 -18.34 18.58 10.83
CA CYS H 302 -19.47 19.50 10.79
C CYS H 302 -20.69 19.03 11.57
N ALA H 303 -20.48 18.06 12.46
CA ALA H 303 -21.59 17.53 13.25
C ALA H 303 -22.29 18.63 14.07
N PRO H 304 -21.52 19.51 14.73
CA PRO H 304 -22.16 20.57 15.52
C PRO H 304 -23.09 21.44 14.68
N GLN H 305 -22.65 21.75 13.46
CA GLN H 305 -23.41 22.61 12.56
C GLN H 305 -24.65 21.93 11.97
N VAL H 306 -24.53 20.66 11.60
CA VAL H 306 -25.68 19.94 11.05
C VAL H 306 -26.68 19.62 12.16
N LEU H 307 -26.21 18.99 13.22
CA LEU H 307 -27.09 18.65 14.35
C LEU H 307 -27.68 19.93 14.93
N GLY H 308 -26.84 20.96 15.06
CA GLY H 308 -27.29 22.23 15.62
C GLY H 308 -28.44 22.88 14.88
N ALA H 309 -28.40 22.81 13.55
CA ALA H 309 -29.47 23.40 12.74
C ALA H 309 -30.74 22.59 12.98
N GLY H 310 -30.59 21.28 13.13
CA GLY H 310 -31.74 20.44 13.38
C GLY H 310 -32.32 20.76 14.74
N PHE H 311 -31.46 20.97 15.73
CA PHE H 311 -31.92 21.29 17.08
C PHE H 311 -32.62 22.64 17.14
N ASP H 312 -32.13 23.61 16.37
CA ASP H 312 -32.79 24.91 16.37
C ASP H 312 -34.16 24.80 15.70
N THR H 313 -34.29 23.88 14.75
CA THR H 313 -35.58 23.69 14.09
C THR H 313 -36.53 23.08 15.10
N LEU H 314 -36.06 22.08 15.84
CA LEU H 314 -36.90 21.44 16.84
C LEU H 314 -37.31 22.45 17.91
N ALA H 315 -36.40 23.35 18.28
CA ALA H 315 -36.70 24.36 19.29
C ALA H 315 -37.84 25.27 18.82
N TRP H 316 -37.81 25.67 17.55
CA TRP H 316 -38.86 26.53 17.02
C TRP H 316 -40.18 25.76 17.03
N HIS H 317 -40.12 24.52 16.55
CA HIS H 317 -41.29 23.65 16.51
C HIS H 317 -41.92 23.53 17.90
N ASP H 318 -41.09 23.32 18.91
CA ASP H 318 -41.57 23.17 20.28
C ASP H 318 -42.13 24.47 20.85
N ARG H 319 -41.55 25.61 20.49
CA ARG H 319 -42.05 26.90 20.98
C ARG H 319 -43.46 27.13 20.46
N VAL H 320 -43.64 26.91 19.16
CA VAL H 320 -44.93 27.10 18.52
C VAL H 320 -45.95 26.08 19.02
N LEU H 321 -45.51 24.83 19.18
CA LEU H 321 -46.41 23.77 19.65
C LEU H 321 -46.87 24.03 21.09
N THR H 322 -45.97 24.55 21.92
CA THR H 322 -46.31 24.84 23.31
C THR H 322 -47.44 25.87 23.36
N ILE H 323 -47.37 26.86 22.50
CA ILE H 323 -48.42 27.88 22.45
C ILE H 323 -49.73 27.24 22.00
N GLU H 324 -49.66 26.45 20.93
CA GLU H 324 -50.83 25.78 20.38
C GLU H 324 -51.50 24.84 21.39
N LEU H 325 -50.68 24.05 22.08
CA LEU H 325 -51.21 23.10 23.06
C LEU H 325 -51.99 23.79 24.17
N ASN H 326 -51.48 24.93 24.63
CA ASN H 326 -52.12 25.68 25.72
C ASN H 326 -53.13 26.73 25.26
N ALA H 327 -53.45 26.75 23.97
CA ALA H 327 -54.38 27.73 23.45
C ALA H 327 -55.79 27.16 23.30
N VAL H 328 -56.73 28.05 22.98
CA VAL H 328 -58.11 27.67 22.74
C VAL H 328 -58.26 27.77 21.23
N THR H 329 -58.36 26.62 20.56
CA THR H 329 -58.50 26.60 19.11
C THR H 329 -59.95 26.32 18.70
N ASP H 330 -60.86 26.55 19.64
CA ASP H 330 -62.29 26.32 19.42
C ASP H 330 -62.99 27.41 18.63
N ASN H 331 -64.12 27.05 18.05
CA ASN H 331 -64.99 27.96 17.32
C ASN H 331 -66.38 27.36 17.28
N PRO H 332 -67.38 28.07 17.79
CA PRO H 332 -67.25 29.41 18.41
C PRO H 332 -66.61 29.34 19.79
N VAL H 333 -66.36 30.51 20.37
CA VAL H 333 -65.78 30.60 21.71
C VAL H 333 -66.61 31.56 22.55
N PHE H 334 -66.63 31.32 23.85
CA PHE H 334 -67.41 32.14 24.78
C PHE H 334 -66.48 32.93 25.70
N PRO H 335 -66.25 34.21 25.37
CA PRO H 335 -65.38 35.11 26.14
C PRO H 335 -65.62 35.08 27.64
N PRO H 336 -64.61 34.67 28.41
CA PRO H 336 -64.71 34.59 29.88
C PRO H 336 -65.05 35.94 30.50
N ASP H 337 -64.66 37.03 29.86
CA ASP H 337 -64.93 38.36 30.39
C ASP H 337 -66.39 38.77 30.22
N GLY H 338 -67.14 38.00 29.44
CA GLY H 338 -68.55 38.30 29.22
C GLY H 338 -68.81 39.50 28.32
N SER H 339 -67.76 39.97 27.64
CA SER H 339 -67.89 41.10 26.74
C SER H 339 -68.98 40.90 25.70
N VAL H 340 -68.97 39.73 25.05
CA VAL H 340 -69.98 39.38 24.06
C VAL H 340 -70.42 37.95 24.35
N PRO H 341 -71.63 37.57 23.90
CA PRO H 341 -72.13 36.22 24.13
C PRO H 341 -71.18 35.14 23.61
N ALA H 342 -70.65 35.36 22.40
CA ALA H 342 -69.74 34.42 21.79
C ALA H 342 -69.03 35.07 20.62
N LEU H 343 -67.89 34.50 20.24
CA LEU H 343 -67.13 35.02 19.12
C LEU H 343 -67.02 33.95 18.03
N HIS H 344 -67.09 34.38 16.79
CA HIS H 344 -66.97 33.46 15.67
C HIS H 344 -65.74 33.87 14.86
N GLY H 345 -64.83 32.91 14.68
CA GLY H 345 -63.61 33.19 13.94
C GLY H 345 -63.01 31.94 13.34
N GLY H 346 -61.68 31.88 13.28
CA GLY H 346 -61.03 30.72 12.72
C GLY H 346 -59.82 30.19 13.46
N ASN H 347 -59.87 30.15 14.79
CA ASN H 347 -58.73 29.65 15.56
C ASN H 347 -58.51 28.16 15.40
N PHE H 348 -59.36 27.51 14.60
CA PHE H 348 -59.25 26.08 14.33
C PHE H 348 -58.33 25.82 13.13
N MET H 349 -57.90 26.88 12.45
CA MET H 349 -57.02 26.73 11.29
C MET H 349 -55.62 26.36 11.77
N GLY H 350 -55.24 25.10 11.56
CA GLY H 350 -53.95 24.62 12.03
C GLY H 350 -52.72 24.91 11.19
N GLN H 351 -52.60 26.14 10.71
CA GLN H 351 -51.45 26.48 9.87
C GLN H 351 -50.12 26.47 10.63
N HIS H 352 -50.16 26.81 11.93
CA HIS H 352 -48.92 26.81 12.71
C HIS H 352 -48.29 25.44 12.85
N VAL H 353 -49.10 24.44 13.21
CA VAL H 353 -48.57 23.09 13.35
C VAL H 353 -48.19 22.54 11.98
N ALA H 354 -48.92 22.92 10.95
CA ALA H 354 -48.61 22.47 9.60
C ALA H 354 -47.22 22.91 9.16
N LEU H 355 -46.92 24.20 9.30
CA LEU H 355 -45.63 24.72 8.90
C LEU H 355 -44.47 24.23 9.78
N THR H 356 -44.68 24.12 11.09
CA THR H 356 -43.60 23.65 11.95
C THR H 356 -43.37 22.15 11.75
N SER H 357 -44.43 21.40 11.49
CA SER H 357 -44.27 19.97 11.25
C SER H 357 -43.49 19.74 9.97
N ASP H 358 -43.80 20.52 8.93
CA ASP H 358 -43.09 20.39 7.66
C ASP H 358 -41.63 20.76 7.82
N ALA H 359 -41.34 21.79 8.61
CA ALA H 359 -39.96 22.22 8.81
C ALA H 359 -39.18 21.17 9.60
N LEU H 360 -39.82 20.59 10.62
CA LEU H 360 -39.18 19.56 11.42
C LEU H 360 -38.91 18.33 10.55
N ALA H 361 -39.86 18.00 9.69
CA ALA H 361 -39.71 16.84 8.82
C ALA H 361 -38.47 16.99 7.96
N THR H 362 -38.25 18.19 7.44
CA THR H 362 -37.07 18.44 6.62
C THR H 362 -35.80 18.27 7.46
N ALA H 363 -35.82 18.82 8.67
CA ALA H 363 -34.68 18.71 9.57
C ALA H 363 -34.41 17.24 9.90
N VAL H 364 -35.47 16.49 10.16
CA VAL H 364 -35.31 15.06 10.47
C VAL H 364 -34.69 14.32 9.29
N THR H 365 -35.10 14.65 8.07
CA THR H 365 -34.54 14.00 6.89
C THR H 365 -33.05 14.35 6.72
N VAL H 366 -32.70 15.58 7.06
CA VAL H 366 -31.31 16.03 6.98
C VAL H 366 -30.44 15.29 8.01
N LEU H 367 -30.93 15.18 9.24
CA LEU H 367 -30.17 14.49 10.28
C LEU H 367 -30.09 12.98 10.03
N ALA H 368 -31.13 12.41 9.42
CA ALA H 368 -31.11 10.99 9.10
C ALA H 368 -30.05 10.80 8.01
N GLY H 369 -29.91 11.80 7.14
CA GLY H 369 -28.91 11.72 6.08
C GLY H 369 -27.52 11.68 6.68
N LEU H 370 -27.31 12.48 7.73
CA LEU H 370 -26.02 12.50 8.41
C LEU H 370 -25.72 11.12 9.00
N ALA H 371 -26.69 10.53 9.69
CA ALA H 371 -26.48 9.21 10.28
C ALA H 371 -26.19 8.16 9.19
N GLU H 372 -26.92 8.25 8.08
CA GLU H 372 -26.73 7.30 6.98
C GLU H 372 -25.31 7.41 6.40
N ARG H 373 -24.78 8.62 6.31
CA ARG H 373 -23.43 8.80 5.78
C ARG H 373 -22.38 8.36 6.81
N GLN H 374 -22.71 8.46 8.10
CA GLN H 374 -21.78 8.01 9.13
C GLN H 374 -21.66 6.49 9.02
N ILE H 375 -22.78 5.81 8.75
CA ILE H 375 -22.75 4.36 8.59
C ILE H 375 -21.94 4.02 7.33
N ALA H 376 -22.18 4.76 6.24
CA ALA H 376 -21.49 4.53 4.98
C ALA H 376 -19.98 4.65 5.11
N ARG H 377 -19.53 5.58 5.96
CA ARG H 377 -18.11 5.79 6.17
C ARG H 377 -17.51 4.70 7.07
N LEU H 378 -18.19 4.44 8.19
CA LEU H 378 -17.73 3.44 9.16
C LEU H 378 -17.58 2.04 8.58
N THR H 379 -18.46 1.68 7.65
CA THR H 379 -18.43 0.34 7.07
C THR H 379 -17.58 0.17 5.82
N ASP H 380 -17.02 1.27 5.32
CA ASP H 380 -16.20 1.26 4.10
C ASP H 380 -14.74 1.05 4.46
N GLU H 381 -14.17 -0.10 4.08
CA GLU H 381 -12.77 -0.40 4.40
C GLU H 381 -11.77 0.62 3.86
N ARG H 382 -12.15 1.38 2.85
CA ARG H 382 -11.25 2.38 2.29
C ARG H 382 -11.31 3.69 3.09
N LEU H 383 -12.37 3.85 3.88
CA LEU H 383 -12.56 5.07 4.66
C LEU H 383 -12.56 4.89 6.17
N ASN H 384 -12.69 3.66 6.66
CA ASN H 384 -12.77 3.43 8.10
C ASN H 384 -11.45 3.21 8.85
N ARG H 385 -10.35 3.65 8.25
CA ARG H 385 -9.03 3.58 8.86
C ARG H 385 -8.60 2.26 9.50
N GLY H 386 -8.65 1.18 8.73
CA GLY H 386 -8.19 -0.09 9.25
C GLY H 386 -9.20 -1.09 9.78
N LEU H 387 -10.47 -0.71 9.87
CA LEU H 387 -11.47 -1.65 10.35
C LEU H 387 -11.86 -2.60 9.21
N PRO H 388 -12.38 -3.80 9.55
CA PRO H 388 -12.77 -4.77 8.54
C PRO H 388 -13.89 -4.25 7.66
N PRO H 389 -13.95 -4.71 6.41
CA PRO H 389 -15.02 -4.25 5.52
C PRO H 389 -16.39 -4.62 6.10
N PHE H 390 -17.26 -3.62 6.24
CA PHE H 390 -18.60 -3.83 6.78
C PHE H 390 -18.59 -4.39 8.20
N LEU H 391 -17.46 -4.21 8.88
CA LEU H 391 -17.28 -4.64 10.26
C LEU H 391 -17.57 -6.11 10.51
N HIS H 392 -17.24 -6.96 9.55
CA HIS H 392 -17.51 -8.38 9.71
C HIS H 392 -16.50 -9.02 10.66
N ARG H 393 -16.87 -10.19 11.15
CA ARG H 393 -16.01 -11.00 11.98
C ARG H 393 -16.03 -12.34 11.27
N GLY H 394 -15.04 -13.18 11.52
CA GLY H 394 -14.98 -14.46 10.83
C GLY H 394 -14.25 -14.21 9.52
N PRO H 395 -14.01 -15.24 8.70
CA PRO H 395 -13.32 -15.02 7.43
C PRO H 395 -14.06 -14.08 6.48
N ALA H 396 -13.34 -13.15 5.88
CA ALA H 396 -13.93 -12.19 4.94
C ALA H 396 -14.41 -12.97 3.71
N GLY H 397 -15.49 -12.50 3.09
CA GLY H 397 -16.01 -13.18 1.93
C GLY H 397 -17.06 -14.18 2.42
N LEU H 398 -16.65 -15.08 3.29
CA LEU H 398 -17.58 -16.05 3.85
C LEU H 398 -18.55 -15.28 4.74
N ASN H 399 -18.09 -14.15 5.26
CA ASN H 399 -18.90 -13.28 6.11
C ASN H 399 -18.88 -11.86 5.55
N SER H 400 -20.04 -11.22 5.55
CA SER H 400 -20.16 -9.86 5.04
C SER H 400 -20.54 -8.85 6.12
N GLY H 401 -20.77 -9.34 7.34
CA GLY H 401 -21.11 -8.45 8.44
C GLY H 401 -22.37 -7.61 8.27
N PHE H 402 -22.19 -6.29 8.35
CA PHE H 402 -23.29 -5.35 8.23
C PHE H 402 -23.49 -4.83 6.81
N MET H 403 -22.97 -5.56 5.81
CA MET H 403 -23.10 -5.12 4.43
C MET H 403 -24.56 -4.92 4.02
N GLY H 404 -25.42 -5.84 4.43
CA GLY H 404 -26.83 -5.74 4.10
C GLY H 404 -27.51 -4.61 4.85
N ALA H 405 -27.21 -4.51 6.14
CA ALA H 405 -27.79 -3.47 7.00
C ALA H 405 -27.44 -2.06 6.50
N GLN H 406 -26.23 -1.90 5.97
CA GLN H 406 -25.79 -0.60 5.47
C GLN H 406 -26.66 -0.17 4.29
N VAL H 407 -26.96 -1.11 3.39
CA VAL H 407 -27.80 -0.81 2.25
C VAL H 407 -29.23 -0.51 2.72
N THR H 408 -29.68 -1.23 3.73
CA THR H 408 -31.01 -1.01 4.27
C THR H 408 -31.13 0.43 4.78
N ALA H 409 -30.10 0.93 5.45
CA ALA H 409 -30.13 2.31 5.94
C ALA H 409 -30.28 3.28 4.77
N THR H 410 -29.54 3.03 3.69
CA THR H 410 -29.63 3.89 2.52
C THR H 410 -31.05 3.87 1.95
N ALA H 411 -31.64 2.67 1.88
CA ALA H 411 -32.99 2.51 1.36
C ALA H 411 -34.02 3.27 2.21
N LEU H 412 -33.86 3.21 3.52
CA LEU H 412 -34.78 3.92 4.41
C LEU H 412 -34.69 5.42 4.19
N LEU H 413 -33.47 5.94 4.04
CA LEU H 413 -33.28 7.37 3.82
C LEU H 413 -33.86 7.79 2.46
N ALA H 414 -33.62 7.00 1.42
CA ALA H 414 -34.14 7.33 0.10
C ALA H 414 -35.65 7.45 0.15
N GLU H 415 -36.30 6.55 0.88
CA GLU H 415 -37.76 6.59 0.99
C GLU H 415 -38.22 7.86 1.70
N MET H 416 -37.50 8.25 2.75
CA MET H 416 -37.84 9.46 3.49
C MET H 416 -37.85 10.66 2.56
N ARG H 417 -36.86 10.72 1.69
CA ARG H 417 -36.72 11.84 0.77
C ARG H 417 -37.83 11.98 -0.26
N ALA H 418 -38.54 10.89 -0.53
CA ALA H 418 -39.60 10.93 -1.52
C ALA H 418 -40.81 11.75 -1.11
N THR H 419 -40.98 11.95 0.19
CA THR H 419 -42.13 12.71 0.69
C THR H 419 -41.72 14.11 1.14
N GLY H 420 -42.41 15.11 0.61
CA GLY H 420 -42.11 16.49 0.96
C GLY H 420 -43.14 17.11 1.88
N PRO H 421 -43.16 18.46 2.00
CA PRO H 421 -44.11 19.18 2.84
C PRO H 421 -45.57 18.92 2.47
N ALA H 422 -46.43 18.86 3.47
CA ALA H 422 -47.85 18.65 3.23
C ALA H 422 -48.58 19.97 3.03
N SER H 423 -48.11 21.02 3.71
CA SER H 423 -48.72 22.35 3.71
C SER H 423 -48.98 23.00 2.36
N ILE H 424 -48.14 22.72 1.38
CA ILE H 424 -48.29 23.35 0.07
C ILE H 424 -49.40 22.77 -0.80
N HIS H 425 -50.13 21.78 -0.30
CA HIS H 425 -51.16 21.15 -1.12
C HIS H 425 -52.60 21.52 -0.78
N SER H 426 -52.81 22.73 -0.28
CA SER H 426 -54.16 23.15 0.04
C SER H 426 -55.06 23.13 -1.21
N ILE H 427 -56.27 22.62 -1.03
CA ILE H 427 -57.24 22.53 -2.11
C ILE H 427 -58.57 23.06 -1.57
N SER H 428 -59.23 23.92 -2.35
CA SER H 428 -60.52 24.49 -1.95
C SER H 428 -61.54 23.37 -1.82
N THR H 429 -62.24 23.30 -0.70
CA THR H 429 -63.21 22.24 -0.49
C THR H 429 -64.43 22.73 0.29
N ASN H 430 -65.37 21.83 0.58
CA ASN H 430 -66.59 22.19 1.32
C ASN H 430 -67.37 23.25 0.54
N ALA H 431 -67.64 22.96 -0.74
CA ALA H 431 -68.35 23.88 -1.62
C ALA H 431 -67.68 25.26 -1.63
N ALA H 432 -66.35 25.23 -1.61
CA ALA H 432 -65.52 26.44 -1.63
C ALA H 432 -65.53 27.28 -0.35
N ASN H 433 -66.26 26.83 0.67
CA ASN H 433 -66.31 27.55 1.94
C ASN H 433 -64.95 27.45 2.62
N GLN H 434 -64.36 26.26 2.56
CA GLN H 434 -63.03 26.06 3.13
C GLN H 434 -62.09 26.21 1.94
N ASP H 435 -61.98 27.42 1.40
CA ASP H 435 -61.13 27.61 0.22
C ASP H 435 -59.63 27.49 0.44
N VAL H 436 -59.20 27.54 1.70
CA VAL H 436 -57.80 27.34 2.07
C VAL H 436 -57.84 26.44 3.31
N VAL H 437 -56.98 25.41 3.33
CA VAL H 437 -56.93 24.50 4.47
C VAL H 437 -55.47 24.28 4.87
N SER H 438 -55.25 23.96 6.14
CA SER H 438 -53.88 23.80 6.64
C SER H 438 -53.18 22.47 6.38
N LEU H 439 -53.95 21.38 6.40
CA LEU H 439 -53.39 20.03 6.23
C LEU H 439 -52.38 19.75 7.33
N GLY H 440 -52.56 20.41 8.48
CA GLY H 440 -51.66 20.25 9.60
C GLY H 440 -51.56 18.83 10.15
N THR H 441 -52.67 18.12 10.13
CA THR H 441 -52.70 16.76 10.64
C THR H 441 -51.85 15.86 9.74
N ILE H 442 -52.01 16.05 8.43
CA ILE H 442 -51.22 15.28 7.47
C ILE H 442 -49.74 15.61 7.65
N ALA H 443 -49.44 16.90 7.82
CA ALA H 443 -48.05 17.32 8.00
C ALA H 443 -47.42 16.66 9.22
N ALA H 444 -48.15 16.64 10.33
CA ALA H 444 -47.64 16.03 11.55
C ALA H 444 -47.44 14.52 11.37
N ARG H 445 -48.34 13.89 10.62
CA ARG H 445 -48.23 12.46 10.39
C ARG H 445 -47.07 12.11 9.47
N LEU H 446 -46.82 12.94 8.46
CA LEU H 446 -45.70 12.66 7.55
C LEU H 446 -44.39 12.83 8.31
N CYS H 447 -44.37 13.78 9.24
CA CYS H 447 -43.19 14.02 10.04
C CYS H 447 -42.94 12.80 10.94
N ARG H 448 -44.02 12.24 11.50
CA ARG H 448 -43.90 11.06 12.35
C ARG H 448 -43.27 9.90 11.59
N GLU H 449 -43.72 9.69 10.34
CA GLU H 449 -43.15 8.59 9.55
C GLU H 449 -41.65 8.78 9.36
N LYS H 450 -41.22 10.02 9.13
CA LYS H 450 -39.81 10.29 8.93
C LYS H 450 -39.03 10.04 10.23
N ILE H 451 -39.64 10.38 11.35
CA ILE H 451 -39.01 10.16 12.65
C ILE H 451 -38.81 8.65 12.85
N ASP H 452 -39.80 7.85 12.47
CA ASP H 452 -39.67 6.39 12.61
C ASP H 452 -38.55 5.84 11.74
N ARG H 453 -38.37 6.40 10.55
CA ARG H 453 -37.29 5.95 9.66
C ARG H 453 -35.95 6.37 10.26
N TRP H 454 -35.89 7.58 10.80
CA TRP H 454 -34.67 8.09 11.41
C TRP H 454 -34.25 7.16 12.55
N ALA H 455 -35.22 6.68 13.33
CA ALA H 455 -34.92 5.78 14.44
C ALA H 455 -34.29 4.47 13.96
N GLU H 456 -34.77 3.95 12.82
CA GLU H 456 -34.24 2.71 12.27
C GLU H 456 -32.83 2.93 11.76
N ILE H 457 -32.58 4.07 11.12
CA ILE H 457 -31.24 4.36 10.63
C ILE H 457 -30.27 4.49 11.81
N LEU H 458 -30.71 5.19 12.85
CA LEU H 458 -29.87 5.34 14.05
C LEU H 458 -29.62 3.99 14.70
N ALA H 459 -30.62 3.11 14.65
CA ALA H 459 -30.48 1.78 15.24
C ALA H 459 -29.37 1.01 14.52
N ILE H 460 -29.34 1.10 13.20
CA ILE H 460 -28.31 0.43 12.42
C ILE H 460 -26.94 1.00 12.77
N LEU H 461 -26.85 2.32 12.87
CA LEU H 461 -25.59 2.98 13.22
C LEU H 461 -25.11 2.52 14.60
N ALA H 462 -26.05 2.40 15.54
CA ALA H 462 -25.71 1.98 16.90
C ALA H 462 -25.15 0.56 16.91
N LEU H 463 -25.78 -0.35 16.18
CA LEU H 463 -25.31 -1.73 16.12
C LEU H 463 -23.95 -1.80 15.46
N CYS H 464 -23.75 -0.99 14.42
CA CYS H 464 -22.47 -0.95 13.74
C CYS H 464 -21.38 -0.44 14.67
N LEU H 465 -21.68 0.61 15.41
CA LEU H 465 -20.71 1.20 16.33
C LEU H 465 -20.32 0.29 17.49
N ALA H 466 -21.28 -0.48 18.00
CA ALA H 466 -20.97 -1.39 19.10
C ALA H 466 -19.92 -2.39 18.59
N GLN H 467 -20.13 -2.88 17.38
CA GLN H 467 -19.22 -3.83 16.76
C GLN H 467 -17.87 -3.17 16.46
N ALA H 468 -17.91 -1.97 15.87
CA ALA H 468 -16.68 -1.27 15.53
C ALA H 468 -15.83 -0.96 16.76
N ALA H 469 -16.49 -0.55 17.85
CA ALA H 469 -15.78 -0.21 19.08
C ALA H 469 -15.01 -1.42 19.61
N GLU H 470 -15.62 -2.60 19.51
CA GLU H 470 -14.98 -3.82 19.99
C GLU H 470 -13.86 -4.25 19.04
N LEU H 471 -14.06 -4.06 17.74
CA LEU H 471 -13.05 -4.42 16.76
C LEU H 471 -11.83 -3.53 16.90
N ARG H 472 -12.07 -2.25 17.16
CA ARG H 472 -10.99 -1.28 17.30
C ARG H 472 -10.29 -1.32 18.66
N CYS H 473 -11.06 -1.45 19.73
CA CYS H 473 -10.50 -1.40 21.08
C CYS H 473 -10.50 -2.69 21.87
N GLY H 474 -11.04 -3.76 21.29
CA GLY H 474 -11.10 -5.03 22.01
C GLY H 474 -12.40 -5.10 22.79
N SER H 475 -12.79 -6.31 23.20
CA SER H 475 -14.02 -6.49 23.96
C SER H 475 -14.04 -5.66 25.25
N GLY H 476 -12.85 -5.32 25.75
CA GLY H 476 -12.75 -4.54 26.96
C GLY H 476 -12.89 -3.04 26.70
N LEU H 477 -13.02 -2.67 25.43
CA LEU H 477 -13.17 -1.27 25.04
C LEU H 477 -12.09 -0.39 25.64
N ASP H 478 -10.84 -0.82 25.49
CA ASP H 478 -9.71 -0.08 26.04
C ASP H 478 -9.57 1.30 25.40
N GLY H 479 -9.56 2.34 26.24
CA GLY H 479 -9.42 3.69 25.74
C GLY H 479 -10.72 4.40 25.45
N VAL H 480 -11.83 3.65 25.44
CA VAL H 480 -13.12 4.26 25.18
C VAL H 480 -13.59 5.08 26.38
N SER H 481 -14.25 6.19 26.08
CA SER H 481 -14.77 7.09 27.12
C SER H 481 -15.77 6.38 28.02
N PRO H 482 -15.98 6.90 29.24
CA PRO H 482 -16.93 6.28 30.15
C PRO H 482 -18.32 6.22 29.54
N ALA H 483 -18.74 7.33 28.92
CA ALA H 483 -20.06 7.38 28.29
C ALA H 483 -20.17 6.37 27.16
N GLY H 484 -19.11 6.26 26.36
CA GLY H 484 -19.11 5.33 25.25
C GLY H 484 -19.18 3.89 25.75
N LYS H 485 -18.43 3.59 26.80
CA LYS H 485 -18.42 2.25 27.38
C LYS H 485 -19.82 1.90 27.90
N LYS H 486 -20.44 2.85 28.59
CA LYS H 486 -21.77 2.63 29.14
C LYS H 486 -22.78 2.33 28.04
N LEU H 487 -22.71 3.08 26.95
CA LEU H 487 -23.63 2.89 25.83
C LEU H 487 -23.48 1.51 25.20
N VAL H 488 -22.25 1.11 24.88
CA VAL H 488 -22.01 -0.18 24.27
C VAL H 488 -22.38 -1.33 25.20
N GLN H 489 -22.03 -1.19 26.48
CA GLN H 489 -22.35 -2.24 27.44
C GLN H 489 -23.88 -2.42 27.53
N ALA H 490 -24.60 -1.30 27.54
CA ALA H 490 -26.06 -1.36 27.60
C ALA H 490 -26.65 -2.04 26.37
N LEU H 491 -26.12 -1.72 25.20
CA LEU H 491 -26.59 -2.33 23.97
C LEU H 491 -26.33 -3.83 23.97
N ARG H 492 -25.14 -4.22 24.44
CA ARG H 492 -24.76 -5.62 24.49
C ARG H 492 -25.58 -6.46 25.46
N GLU H 493 -26.36 -5.83 26.33
CA GLU H 493 -27.20 -6.59 27.25
C GLU H 493 -28.31 -7.27 26.48
N GLN H 494 -28.75 -6.64 25.40
CA GLN H 494 -29.83 -7.18 24.57
C GLN H 494 -29.40 -7.58 23.17
N PHE H 495 -28.35 -6.94 22.66
CA PHE H 495 -27.86 -7.21 21.31
C PHE H 495 -26.45 -7.76 21.30
N PRO H 496 -26.30 -9.05 21.02
CA PRO H 496 -25.00 -9.74 20.97
C PRO H 496 -24.10 -9.27 19.83
N PRO H 497 -22.78 -9.46 19.98
CA PRO H 497 -21.88 -9.04 18.92
C PRO H 497 -22.10 -9.90 17.68
N LEU H 498 -21.68 -9.40 16.52
CA LEU H 498 -21.85 -10.15 15.28
C LEU H 498 -20.57 -10.95 15.02
N GLU H 499 -20.50 -12.16 15.55
CA GLU H 499 -19.32 -13.00 15.37
C GLU H 499 -19.32 -13.70 14.02
N THR H 500 -20.52 -13.91 13.49
CA THR H 500 -20.72 -14.54 12.19
C THR H 500 -22.02 -13.94 11.68
N ASP H 501 -22.21 -13.88 10.37
CA ASP H 501 -23.42 -13.29 9.81
C ASP H 501 -24.72 -13.92 10.33
N ARG H 502 -25.70 -13.06 10.56
CA ARG H 502 -27.03 -13.50 11.02
C ARG H 502 -28.05 -12.44 10.63
N PRO H 503 -29.34 -12.81 10.54
CA PRO H 503 -30.37 -11.83 10.18
C PRO H 503 -30.42 -10.73 11.24
N LEU H 504 -30.43 -9.48 10.78
CA LEU H 504 -30.44 -8.34 11.69
C LEU H 504 -31.74 -7.55 11.69
N GLY H 505 -32.63 -7.86 10.74
CA GLY H 505 -33.90 -7.15 10.65
C GLY H 505 -34.70 -6.98 11.93
N GLN H 506 -34.93 -8.07 12.65
CA GLN H 506 -35.71 -7.97 13.88
C GLN H 506 -34.99 -7.19 14.97
N GLU H 507 -33.67 -7.31 15.03
CA GLU H 507 -32.89 -6.58 16.02
C GLU H 507 -32.95 -5.08 15.73
N ILE H 508 -32.84 -4.72 14.45
CA ILE H 508 -32.92 -3.31 14.07
C ILE H 508 -34.27 -2.73 14.49
N ALA H 509 -35.35 -3.46 14.21
CA ALA H 509 -36.68 -3.00 14.57
C ALA H 509 -36.84 -2.87 16.09
N ALA H 510 -36.32 -3.85 16.82
CA ALA H 510 -36.42 -3.83 18.28
C ALA H 510 -35.66 -2.64 18.86
N LEU H 511 -34.46 -2.41 18.38
CA LEU H 511 -33.65 -1.30 18.88
C LEU H 511 -34.30 0.04 18.52
N ALA H 512 -34.82 0.16 17.30
CA ALA H 512 -35.46 1.41 16.89
C ALA H 512 -36.57 1.80 17.86
N THR H 513 -37.35 0.81 18.29
CA THR H 513 -38.45 1.06 19.21
C THR H 513 -37.93 1.66 20.51
N HIS H 514 -36.77 1.19 20.95
CA HIS H 514 -36.13 1.66 22.17
C HIS H 514 -35.63 3.10 22.04
N LEU H 515 -34.95 3.38 20.93
CA LEU H 515 -34.39 4.70 20.70
C LEU H 515 -35.43 5.81 20.74
N LEU H 516 -36.65 5.52 20.28
CA LEU H 516 -37.72 6.51 20.26
C LEU H 516 -38.24 6.88 21.64
N GLN H 517 -38.02 6.02 22.63
CA GLN H 517 -38.54 6.28 23.99
C GLN H 517 -37.52 6.52 25.08
N GLN H 518 -36.25 6.24 24.81
CA GLN H 518 -35.21 6.42 25.81
C GLN H 518 -33.90 6.93 25.23
N SER H 519 -33.18 7.72 26.00
CA SER H 519 -31.90 8.28 25.57
C SER H 519 -30.75 7.52 26.22
N PRO H 520 -29.54 7.60 25.64
CA PRO H 520 -28.37 6.92 26.20
C PRO H 520 -27.84 7.70 27.41
N VAL H 521 -27.86 7.06 28.59
CA VAL H 521 -27.36 7.67 29.81
C VAL H 521 -26.87 6.61 30.79
#